data_7KXJ
#
_entry.id   7KXJ
#
_cell.length_a   1.00
_cell.length_b   1.00
_cell.length_c   1.00
_cell.angle_alpha   90.00
_cell.angle_beta   90.00
_cell.angle_gamma   90.00
#
_symmetry.space_group_name_H-M   'P 1'
#
loop_
_entity.id
_entity.type
_entity.pdbx_description
1 polymer 'Spike glycoprotein'
2 polymer 'Fab 15033-7 light chain'
3 polymer 'Fab 15033-7 heavy chain'
4 branched beta-D-mannopyranose-(1-4)-2-acetamido-2-deoxy-beta-D-glucopyranose-(1-4)-2-acetamido-2-deoxy-beta-D-glucopyranose
5 branched 2-acetamido-2-deoxy-beta-D-glucopyranose-(1-4)-2-acetamido-2-deoxy-beta-D-glucopyranose
6 non-polymer 2-acetamido-2-deoxy-beta-D-glucopyranose
#
loop_
_entity_poly.entity_id
_entity_poly.type
_entity_poly.pdbx_seq_one_letter_code
_entity_poly.pdbx_strand_id
1 'polypeptide(L)'
;MFVFLVLLPLVSSQCVNLTTRTQLPPAYTNSFTRGVYYPDKVFRSSVLHSTQDLFLPFFSNVTWFHAIHVSGTNGTKRFD
NPVLPFNDGVYFASTEKSNIIRGWIFGTTLDSKTQSLLIVNNATNVVIKVCEFQFCNDPFLGVYYHKNNKSWMESEFRVY
SSANNCTFEYVSQPFLMDLEGKQGNFKNLREFVFKNIDGYFKIYSKHTPINLVRDLPQGFSALEPLVDLPIGINITRFQT
LLALHRSYLTPGDSSSGWTAGAAAYYVGYLQPRTFLLKYNENGTITDAVDCALDPLSETKCTLKSFTVEKGIYQTSNFRV
QPTESIVRFPNITNLCPFGEVFNATRFASVYAWNRKRISNCVADYSVLYNSASFSTFKCYGVSPTKLNDLCFTNVYADSF
VIRGDEVRQIAPGQTGKIADYNYKLPDDFTGCVIAWNSNNLDSKVGGNYNYLYRLFRKSNLKPFERDISTEIYQAGSTPC
NGVEGFNCYFPLQSYGFQPTNGVGYQPYRVVVLSFELLHAPATVCGPKKSTNLVKNKCVNFNFNGLTGTGVLTESNKKFL
PFQQFGRDIADTTDAVRDPQTLEILDITPCSFGGVSVITPGTNTSNQVAVLYQDVNCTEVPVAIHADQLTPTWRVYSTGS
NVFQTRAGCLIGAEHVNNSYECDIPIGAGICASYQTQTNSPSSASSVASQSIIAYTMSLGAENSVAYSNNSIAIPTNFTI
SVTTEILPVSMTKTSVDCTMYICGDSTECSNLLLQYGSFCTQLNRALTGIAVEQDKNTQEVFAQVKQIYKTPPIKDFGGF
NFSQILPDPSKPSKRSPIEDLLFNKVTLADAGFIKQYGDCLGDIAARDLICAQKFNGLTVLPPLLTDEMIAQYTSALLAG
TITSGWTFGAGPALQIPFPMQMAYRFNGIGVTQNVLYENQKLIANQFNSAIGKIQDSLSSTPSALGKLQDVVNQNAQALN
TLVKQLSSNFGAISSVLNDILSRLDPPEAEVQIDRLITGRLQSLQTYVTQQLIRAAEIRASANLAATKMSECVLGQSKRV
DFCGKGYHLMSFPQSAPHGVVFLHVTYVPAQEKNFTTAPAICHDGKAHFPREGVFVSNGTHWFVTQRNFYEPQIITTDNT
FVSGNCDVVIGIVNNTVYDPLQPELDSFKEELDKYFKNHTSPDVDLGDISGINASVVNIQKEIDRLNEVAKNLNESLIDL
QELGKYEQYIKSGGYIPEAPRDGQAYVRKDGEWVLLSTFLNSGRAHHHHHHGAGGLNDIFEAQKIEWHEDTAAA
;
A,B,C
2 'polypeptide(L)'
;DIQMTQSPSSLSASVGDRVTITCRASQSVSSAVAWYQQKPGKAPKLLIYSASDLYSGVPSRFSGSRSGTDFTLTISSLQP
EDFATYYCQQSHTYPITFGQGTKVEIKRTVAAPSVFIFPPSDEQLKSGTASVVCLLNNFYPREAKVQWKVDNALQSGNSQ
ESVTEQDSKDSTYSLSSTLTLSKADYEKHKVYACEVTHQGLSSPVTKSFNRGEC
;
L,M,N
3 'polypeptide(L)'
;EVQLVESGGGLVQPGGSLRLSCAASGFDLGGYSMHWVRQAPGKGLEWVAGIYASGGATAYADSVKGRFTISADTSKNTAY
LQMNSLRAEDTAVYYCARSYYYGGFGMDYWGQGTLVTVSSASTKGPSVFPLAPSSKSTSGGTAALGCLVKDYFPEPVTVS
WNSGALTSGVHTFPAVLQSSGLYSLSSVVTVPSSSLGTQTYICNVNHKPSNTKVDKKVEPKSCDK
;
H,I,J
#
loop_
_chem_comp.id
_chem_comp.type
_chem_comp.name
_chem_comp.formula
BMA D-saccharide, beta linking beta-D-mannopyranose 'C6 H12 O6'
NAG D-saccharide, beta linking 2-acetamido-2-deoxy-beta-D-glucopyranose 'C8 H15 N O6'
#
# COMPACT_ATOMS: atom_id res chain seq x y z
N GLN A 14 -36.07 -56.77 13.45
CA GLN A 14 -36.16 -57.56 12.21
C GLN A 14 -34.79 -58.21 11.79
N CYS A 15 -33.75 -58.08 12.65
CA CYS A 15 -32.38 -58.56 12.52
C CYS A 15 -32.25 -60.07 12.76
N VAL A 16 -31.23 -60.64 12.11
CA VAL A 16 -30.85 -62.05 12.33
C VAL A 16 -30.11 -62.28 13.67
N ASN A 17 -29.14 -61.36 14.03
CA ASN A 17 -28.25 -61.39 15.21
C ASN A 17 -27.43 -62.70 15.28
N LEU A 18 -26.92 -63.15 14.08
CA LEU A 18 -26.17 -64.40 13.88
C LEU A 18 -24.89 -64.45 14.70
N THR A 19 -24.27 -63.28 14.90
CA THR A 19 -23.07 -63.12 15.67
C THR A 19 -22.01 -64.11 15.22
N THR A 20 -21.63 -64.06 13.92
CA THR A 20 -20.70 -65.08 13.46
C THR A 20 -19.27 -64.74 13.83
N ARG A 21 -18.84 -63.51 13.54
CA ARG A 21 -17.49 -63.09 13.88
C ARG A 21 -16.45 -64.10 13.41
N THR A 22 -16.45 -64.52 12.13
CA THR A 22 -15.48 -65.54 11.75
C THR A 22 -14.08 -65.07 12.14
N GLN A 23 -13.33 -65.93 12.83
CA GLN A 23 -12.02 -65.54 13.31
C GLN A 23 -10.88 -65.72 12.33
N LEU A 24 -10.82 -64.84 11.36
CA LEU A 24 -9.74 -64.91 10.38
C LEU A 24 -8.66 -63.91 10.77
N PRO A 25 -7.40 -64.11 10.33
CA PRO A 25 -6.31 -63.17 10.47
C PRO A 25 -6.70 -61.87 9.75
N PRO A 26 -6.16 -60.71 10.15
CA PRO A 26 -6.39 -59.39 9.58
C PRO A 26 -5.85 -59.20 8.17
N ALA A 27 -5.03 -60.13 7.70
CA ALA A 27 -4.47 -60.00 6.37
C ALA A 27 -4.28 -61.36 5.73
N TYR A 28 -4.37 -61.34 4.41
CA TYR A 28 -4.25 -62.45 3.47
C TYR A 28 -3.48 -61.98 2.25
N THR A 29 -2.62 -62.80 1.68
CA THR A 29 -1.93 -62.31 0.51
C THR A 29 -2.70 -62.54 -0.78
N ASN A 30 -2.95 -61.42 -1.45
CA ASN A 30 -3.63 -61.35 -2.73
C ASN A 30 -3.12 -60.16 -3.52
N SER A 31 -2.20 -60.39 -4.43
CA SER A 31 -1.55 -59.30 -5.16
C SER A 31 -2.44 -58.60 -6.20
N PHE A 32 -2.34 -57.26 -6.26
CA PHE A 32 -3.03 -56.40 -7.22
C PHE A 32 -2.14 -55.86 -8.33
N THR A 33 -2.45 -56.18 -9.58
CA THR A 33 -1.59 -55.74 -10.66
C THR A 33 -2.21 -54.85 -11.71
N ARG A 34 -1.58 -53.70 -11.87
CA ARG A 34 -1.85 -52.66 -12.86
C ARG A 34 -3.29 -52.19 -13.04
N GLY A 35 -4.04 -52.03 -11.95
CA GLY A 35 -5.40 -51.52 -12.12
C GLY A 35 -5.51 -50.04 -11.81
N VAL A 36 -6.19 -49.31 -12.67
CA VAL A 36 -6.43 -47.89 -12.51
C VAL A 36 -7.88 -47.65 -12.83
N TYR A 37 -8.38 -46.48 -12.56
CA TYR A 37 -9.70 -46.08 -13.02
C TYR A 37 -9.44 -45.00 -14.03
N TYR A 38 -10.37 -44.76 -14.95
CA TYR A 38 -10.11 -43.66 -15.88
C TYR A 38 -10.13 -42.36 -15.08
N PRO A 39 -9.03 -41.58 -15.03
CA PRO A 39 -8.88 -40.38 -14.23
C PRO A 39 -9.60 -39.15 -14.76
N ASP A 40 -10.05 -39.17 -16.01
CA ASP A 40 -10.62 -37.97 -16.60
C ASP A 40 -11.61 -38.28 -17.73
N LYS A 41 -12.19 -37.20 -18.27
CA LYS A 41 -13.16 -37.19 -19.35
C LYS A 41 -12.54 -36.73 -20.67
N VAL A 42 -11.20 -36.69 -20.71
CA VAL A 42 -10.41 -36.28 -21.86
C VAL A 42 -9.78 -37.45 -22.64
N PHE A 43 -10.02 -37.48 -23.96
CA PHE A 43 -9.50 -38.51 -24.84
C PHE A 43 -8.09 -38.12 -25.20
N ARG A 44 -7.21 -39.09 -25.21
CA ARG A 44 -5.83 -38.86 -25.61
C ARG A 44 -5.35 -39.93 -26.56
N SER A 45 -4.47 -39.60 -27.48
CA SER A 45 -3.93 -40.58 -28.42
C SER A 45 -2.45 -40.43 -28.62
N SER A 46 -1.72 -41.51 -28.30
CA SER A 46 -0.26 -41.56 -28.32
C SER A 46 0.26 -40.49 -27.37
N VAL A 47 -0.42 -40.40 -26.24
CA VAL A 47 -0.06 -39.46 -25.19
C VAL A 47 0.16 -40.21 -23.91
N LEU A 48 1.30 -40.00 -23.33
CA LEU A 48 1.63 -40.64 -22.09
C LEU A 48 1.55 -39.56 -21.03
N HIS A 49 0.51 -39.65 -20.22
CA HIS A 49 0.15 -38.61 -19.27
C HIS A 49 0.22 -39.00 -17.81
N SER A 50 0.93 -38.22 -17.02
CA SER A 50 1.06 -38.50 -15.60
C SER A 50 0.03 -37.75 -14.75
N THR A 51 -0.65 -38.51 -13.90
CA THR A 51 -1.67 -37.97 -13.01
C THR A 51 -1.45 -38.34 -11.54
N GLN A 52 -1.81 -37.40 -10.66
CA GLN A 52 -1.70 -37.55 -9.20
C GLN A 52 -3.05 -37.79 -8.54
N ASP A 53 -3.28 -38.99 -8.04
CA ASP A 53 -4.57 -39.30 -7.43
C ASP A 53 -4.47 -40.50 -6.51
N LEU A 54 -5.58 -40.88 -5.90
CA LEU A 54 -5.58 -42.04 -5.04
C LEU A 54 -5.78 -43.35 -5.82
N PHE A 55 -4.76 -44.21 -5.78
CA PHE A 55 -4.74 -45.51 -6.47
C PHE A 55 -4.17 -46.59 -5.55
N LEU A 56 -4.55 -47.86 -5.73
CA LEU A 56 -3.93 -48.95 -4.96
C LEU A 56 -2.54 -49.16 -5.59
N PRO A 57 -1.41 -49.06 -4.85
CA PRO A 57 -0.07 -49.15 -5.39
C PRO A 57 0.08 -50.47 -6.11
N PHE A 58 0.83 -50.49 -7.20
CA PHE A 58 0.91 -51.74 -7.91
C PHE A 58 1.68 -52.72 -7.05
N PHE A 59 1.22 -53.96 -7.08
CA PHE A 59 1.74 -55.12 -6.38
C PHE A 59 1.53 -55.08 -4.87
N SER A 60 0.72 -54.13 -4.39
CA SER A 60 0.27 -54.13 -3.00
C SER A 60 -0.85 -55.16 -3.04
N ASN A 61 -1.39 -55.60 -1.86
CA ASN A 61 -2.44 -56.62 -1.80
C ASN A 61 -3.76 -56.14 -1.14
N VAL A 62 -4.81 -57.00 -1.32
CA VAL A 62 -6.17 -56.90 -0.77
C VAL A 62 -6.44 -58.08 0.17
N THR A 63 -7.10 -57.85 1.29
CA THR A 63 -7.39 -58.93 2.24
C THR A 63 -8.65 -59.68 1.88
N TRP A 64 -8.60 -61.01 1.91
CA TRP A 64 -9.76 -61.87 1.66
C TRP A 64 -10.53 -62.23 2.93
N PHE A 65 -11.86 -62.22 2.82
CA PHE A 65 -12.74 -62.57 3.91
C PHE A 65 -13.68 -63.73 3.55
N HIS A 66 -13.75 -64.70 4.46
CA HIS A 66 -14.55 -65.96 4.41
C HIS A 66 -16.04 -65.69 4.55
N ALA A 67 -16.88 -66.46 3.85
CA ALA A 67 -18.31 -66.27 3.96
C ALA A 67 -19.12 -67.54 3.68
N ILE A 68 -20.45 -67.44 3.89
CA ILE A 68 -21.40 -68.57 3.87
C ILE A 68 -21.55 -69.43 2.59
N ARG A 78 -19.99 -69.43 7.18
CA ARG A 78 -19.49 -68.77 8.38
C ARG A 78 -19.00 -67.36 7.94
N PHE A 79 -19.87 -66.33 8.10
CA PHE A 79 -19.66 -64.95 7.62
C PHE A 79 -18.66 -64.09 8.41
N ASP A 80 -17.57 -63.75 7.72
CA ASP A 80 -16.54 -62.93 8.29
C ASP A 80 -16.89 -61.51 7.88
N ASN A 81 -17.38 -60.71 8.81
CA ASN A 81 -17.84 -59.40 8.40
C ASN A 81 -17.42 -58.32 9.40
N PRO A 82 -16.13 -58.07 9.57
CA PRO A 82 -15.59 -57.11 10.47
C PRO A 82 -15.90 -55.74 9.94
N VAL A 83 -15.87 -54.76 10.82
CA VAL A 83 -16.03 -53.40 10.37
C VAL A 83 -14.60 -52.95 10.03
N LEU A 84 -14.35 -52.74 8.75
CA LEU A 84 -13.02 -52.49 8.21
C LEU A 84 -12.74 -51.02 7.97
N PRO A 85 -11.47 -50.55 8.05
CA PRO A 85 -11.05 -49.18 7.76
C PRO A 85 -11.26 -48.76 6.31
N PHE A 86 -11.49 -47.46 6.11
CA PHE A 86 -11.57 -46.84 4.80
C PHE A 86 -10.50 -45.73 4.82
N ASN A 87 -9.27 -46.11 4.52
CA ASN A 87 -8.15 -45.17 4.64
C ASN A 87 -7.99 -44.44 3.33
N ASP A 88 -8.28 -43.14 3.30
CA ASP A 88 -8.31 -42.42 2.04
C ASP A 88 -9.37 -43.13 1.20
N GLY A 89 -9.00 -43.78 0.10
CA GLY A 89 -10.04 -44.48 -0.67
C GLY A 89 -9.79 -45.99 -0.62
N VAL A 90 -10.72 -46.77 -1.18
CA VAL A 90 -10.56 -48.24 -1.16
C VAL A 90 -10.89 -49.02 -2.46
N TYR A 91 -10.35 -50.25 -2.54
CA TYR A 91 -10.74 -51.22 -3.58
C TYR A 91 -11.54 -52.36 -3.01
N PHE A 92 -12.52 -52.80 -3.77
CA PHE A 92 -13.30 -53.96 -3.40
C PHE A 92 -13.41 -54.97 -4.50
N ALA A 93 -13.47 -56.23 -4.13
CA ALA A 93 -13.69 -57.23 -5.17
C ALA A 93 -14.40 -58.47 -4.62
N SER A 94 -15.06 -59.22 -5.51
CA SER A 94 -15.71 -60.48 -5.11
C SER A 94 -16.13 -61.48 -6.21
N THR A 95 -15.95 -62.77 -5.94
CA THR A 95 -16.38 -63.84 -6.85
C THR A 95 -17.46 -64.74 -6.27
N GLU A 96 -18.60 -64.79 -6.97
CA GLU A 96 -19.75 -65.61 -6.60
C GLU A 96 -20.63 -65.88 -7.82
N LYS A 97 -21.42 -66.95 -7.78
CA LYS A 97 -22.38 -67.25 -8.85
C LYS A 97 -23.84 -67.22 -8.37
N SER A 98 -24.06 -67.54 -7.09
CA SER A 98 -25.41 -67.64 -6.52
C SER A 98 -25.98 -66.28 -6.10
N ASN A 99 -25.12 -65.28 -6.15
CA ASN A 99 -25.39 -63.91 -5.74
C ASN A 99 -25.90 -63.80 -4.30
N ILE A 100 -25.27 -64.53 -3.38
CA ILE A 100 -25.64 -64.39 -1.99
C ILE A 100 -25.16 -63.03 -1.47
N ILE A 101 -24.03 -62.54 -2.00
CA ILE A 101 -23.50 -61.24 -1.57
C ILE A 101 -24.01 -60.14 -2.50
N ARG A 102 -24.73 -59.20 -1.88
CA ARG A 102 -25.42 -58.13 -2.59
C ARG A 102 -25.03 -56.70 -2.25
N GLY A 103 -24.04 -56.47 -1.41
CA GLY A 103 -23.79 -55.06 -1.13
C GLY A 103 -22.83 -54.72 -0.01
N TRP A 104 -22.77 -53.41 0.26
CA TRP A 104 -21.89 -52.77 1.25
C TRP A 104 -22.52 -51.67 2.11
N ILE A 105 -21.97 -51.48 3.31
CA ILE A 105 -22.33 -50.40 4.23
C ILE A 105 -21.11 -49.51 4.53
N PHE A 106 -21.25 -48.18 4.35
CA PHE A 106 -20.17 -47.23 4.65
C PHE A 106 -20.56 -46.12 5.65
N GLY A 107 -19.62 -45.75 6.53
CA GLY A 107 -19.83 -44.68 7.52
C GLY A 107 -18.67 -44.71 8.53
N THR A 108 -18.76 -44.01 9.67
CA THR A 108 -17.64 -44.07 10.62
C THR A 108 -17.73 -45.20 11.63
N THR A 109 -18.95 -45.64 11.92
CA THR A 109 -19.21 -46.70 12.90
C THR A 109 -20.13 -47.77 12.34
N LEU A 110 -20.97 -47.33 11.41
CA LEU A 110 -22.02 -48.11 10.74
C LEU A 110 -23.11 -48.56 11.72
N ASP A 111 -23.38 -47.83 12.81
CA ASP A 111 -24.34 -48.28 13.80
C ASP A 111 -25.50 -47.34 14.15
N SER A 112 -25.83 -46.39 13.26
CA SER A 112 -26.91 -45.35 13.39
C SER A 112 -26.49 -44.04 14.07
N LYS A 113 -25.28 -43.93 14.64
CA LYS A 113 -24.91 -42.65 15.24
C LYS A 113 -24.93 -41.48 14.25
N THR A 114 -24.58 -41.74 12.99
CA THR A 114 -24.57 -40.76 11.92
C THR A 114 -25.30 -41.38 10.76
N GLN A 115 -25.57 -40.60 9.72
CA GLN A 115 -26.13 -41.22 8.55
C GLN A 115 -25.04 -42.06 7.93
N SER A 116 -25.44 -43.11 7.25
CA SER A 116 -24.52 -44.01 6.59
C SER A 116 -25.08 -44.50 5.27
N LEU A 117 -24.17 -44.98 4.44
CA LEU A 117 -24.43 -45.42 3.08
C LEU A 117 -24.61 -46.89 2.83
N LEU A 118 -25.77 -47.22 2.28
CA LEU A 118 -26.13 -48.58 1.96
C LEU A 118 -26.24 -48.80 0.44
N ILE A 119 -25.40 -49.69 -0.09
CA ILE A 119 -25.38 -49.99 -1.53
C ILE A 119 -25.85 -51.43 -1.78
N VAL A 120 -27.04 -51.61 -2.41
CA VAL A 120 -27.60 -52.96 -2.61
C VAL A 120 -28.00 -53.33 -4.05
N ASN A 121 -27.56 -54.52 -4.47
CA ASN A 121 -27.92 -55.07 -5.77
C ASN A 121 -29.19 -55.98 -5.61
N ASN A 122 -30.34 -55.55 -6.17
CA ASN A 122 -31.66 -56.19 -6.07
C ASN A 122 -32.47 -55.96 -7.36
N ALA A 123 -33.11 -57.03 -7.94
CA ALA A 123 -33.92 -56.99 -9.19
C ALA A 123 -33.11 -56.42 -10.36
N THR A 124 -31.90 -56.97 -10.48
CA THR A 124 -30.87 -56.67 -11.46
C THR A 124 -30.68 -55.18 -11.71
N ASN A 125 -30.48 -54.45 -10.63
CA ASN A 125 -30.08 -53.07 -10.65
C ASN A 125 -29.45 -52.78 -9.30
N VAL A 126 -28.89 -51.59 -9.15
CA VAL A 126 -28.30 -51.21 -7.88
C VAL A 126 -28.94 -49.95 -7.32
N VAL A 127 -29.36 -50.07 -6.07
CA VAL A 127 -30.00 -48.97 -5.40
C VAL A 127 -29.17 -48.48 -4.22
N ILE A 128 -28.89 -47.19 -4.23
CA ILE A 128 -28.09 -46.57 -3.21
C ILE A 128 -28.86 -45.58 -2.37
N LYS A 129 -28.81 -45.79 -1.06
CA LYS A 129 -29.48 -44.87 -0.13
C LYS A 129 -28.60 -44.50 1.06
N VAL A 130 -28.74 -43.26 1.52
CA VAL A 130 -28.04 -42.83 2.72
C VAL A 130 -29.02 -42.30 3.75
N CYS A 131 -29.04 -42.96 4.94
CA CYS A 131 -30.00 -42.72 6.03
C CYS A 131 -29.38 -43.09 7.36
N GLU A 132 -30.07 -42.75 8.42
CA GLU A 132 -29.65 -43.16 9.74
C GLU A 132 -30.24 -44.53 9.90
N PHE A 133 -29.50 -45.53 9.42
CA PHE A 133 -30.01 -46.87 9.40
C PHE A 133 -29.70 -47.56 10.70
N GLN A 134 -30.69 -48.24 11.23
CA GLN A 134 -30.53 -48.99 12.45
C GLN A 134 -29.99 -50.36 12.06
N PHE A 135 -28.72 -50.38 11.67
CA PHE A 135 -28.08 -51.56 11.13
C PHE A 135 -27.91 -52.68 12.16
N CYS A 136 -28.05 -53.92 11.67
CA CYS A 136 -27.91 -55.18 12.38
C CYS A 136 -26.40 -55.49 12.48
N ASN A 137 -25.98 -56.12 13.57
CA ASN A 137 -24.54 -56.48 13.74
C ASN A 137 -23.98 -57.33 12.59
N ASP A 138 -24.80 -58.23 12.05
CA ASP A 138 -24.46 -59.11 10.96
C ASP A 138 -25.52 -58.88 9.90
N PRO A 139 -25.42 -57.84 9.07
CA PRO A 139 -26.43 -57.48 8.10
C PRO A 139 -26.73 -58.59 7.10
N PHE A 140 -28.01 -58.86 6.93
CA PHE A 140 -28.48 -59.85 6.00
C PHE A 140 -29.66 -59.42 5.18
N LEU A 141 -29.85 -60.06 4.05
CA LEU A 141 -31.03 -59.83 3.25
C LEU A 141 -31.94 -61.05 3.41
N GLY A 142 -33.23 -60.85 3.26
CA GLY A 142 -34.13 -61.99 3.34
C GLY A 142 -34.10 -62.77 2.03
N VAL A 143 -34.85 -63.90 2.00
CA VAL A 143 -34.98 -64.79 0.85
C VAL A 143 -36.45 -65.15 0.82
N TRP A 152 -40.35 -67.20 -3.22
CA TRP A 152 -40.11 -66.58 -1.93
C TRP A 152 -40.30 -65.04 -2.05
N MET A 153 -40.12 -64.31 -0.91
CA MET A 153 -40.13 -62.84 -0.84
C MET A 153 -38.86 -62.38 -0.13
N GLU A 154 -38.21 -61.37 -0.70
CA GLU A 154 -36.96 -60.84 -0.16
C GLU A 154 -37.25 -59.62 0.72
N SER A 155 -36.34 -59.31 1.63
CA SER A 155 -36.50 -58.14 2.50
C SER A 155 -35.20 -57.48 2.93
N GLU A 156 -35.18 -56.15 2.92
CA GLU A 156 -34.03 -55.34 3.35
C GLU A 156 -33.96 -55.17 4.86
N PHE A 157 -34.97 -55.62 5.59
CA PHE A 157 -34.99 -55.31 7.01
C PHE A 157 -34.21 -56.25 7.90
N ARG A 158 -33.49 -57.16 7.28
CA ARG A 158 -32.58 -58.01 8.00
C ARG A 158 -31.18 -57.35 7.93
N VAL A 159 -31.09 -56.23 7.16
CA VAL A 159 -29.86 -55.46 7.02
C VAL A 159 -29.90 -54.44 8.14
N TYR A 160 -31.06 -53.81 8.27
CA TYR A 160 -31.34 -52.80 9.28
C TYR A 160 -32.79 -52.96 9.69
N SER A 161 -33.16 -52.57 10.91
CA SER A 161 -34.57 -52.73 11.28
C SER A 161 -35.50 -51.57 10.88
N SER A 162 -34.93 -50.38 10.76
CA SER A 162 -35.65 -49.16 10.37
C SER A 162 -34.64 -48.08 9.96
N ALA A 163 -35.10 -46.99 9.34
CA ALA A 163 -34.21 -45.88 9.03
C ALA A 163 -34.96 -44.56 8.94
N ASN A 164 -34.24 -43.46 9.23
CA ASN A 164 -34.80 -42.11 9.13
C ASN A 164 -33.67 -41.08 8.84
N ASN A 165 -33.99 -39.75 8.70
CA ASN A 165 -33.04 -38.64 8.44
C ASN A 165 -32.17 -38.90 7.17
N CYS A 166 -32.82 -39.38 6.08
CA CYS A 166 -32.23 -39.71 4.79
C CYS A 166 -31.75 -38.47 4.05
N THR A 167 -30.54 -38.55 3.48
CA THR A 167 -29.99 -37.42 2.75
C THR A 167 -29.84 -37.73 1.27
N PHE A 168 -29.81 -39.02 0.92
CA PHE A 168 -29.50 -39.35 -0.47
C PHE A 168 -30.14 -40.60 -1.07
N GLU A 169 -30.59 -40.50 -2.34
CA GLU A 169 -31.10 -41.66 -3.09
C GLU A 169 -30.59 -41.67 -4.55
N TYR A 170 -30.21 -42.86 -5.06
CA TYR A 170 -29.75 -43.05 -6.44
C TYR A 170 -29.94 -44.47 -7.01
N VAL A 171 -30.31 -44.58 -8.30
CA VAL A 171 -30.45 -45.90 -8.93
C VAL A 171 -29.62 -46.03 -10.22
N SER A 172 -28.93 -47.17 -10.38
CA SER A 172 -28.12 -47.45 -11.57
C SER A 172 -28.15 -48.91 -12.06
N GLN A 173 -27.58 -49.13 -13.25
CA GLN A 173 -27.53 -50.44 -13.89
C GLN A 173 -26.68 -51.42 -13.09
N PRO A 174 -26.95 -52.74 -13.16
CA PRO A 174 -26.16 -53.77 -12.53
C PRO A 174 -24.92 -53.93 -13.37
N PHE A 175 -23.84 -54.34 -12.74
CA PHE A 175 -22.64 -54.69 -13.47
C PHE A 175 -22.20 -56.14 -13.36
N LEU A 176 -22.96 -56.96 -12.65
CA LEU A 176 -22.46 -58.31 -12.41
C LEU A 176 -22.29 -59.14 -13.69
N MET A 177 -21.14 -59.84 -13.77
CA MET A 177 -20.72 -60.72 -14.87
C MET A 177 -21.20 -62.15 -14.56
N LYS A 187 -16.41 -68.78 -12.52
CA LYS A 187 -15.90 -67.86 -11.50
C LYS A 187 -15.54 -66.51 -12.16
N ASN A 188 -16.35 -65.47 -11.90
CA ASN A 188 -16.20 -64.10 -12.40
C ASN A 188 -15.81 -63.21 -11.24
N LEU A 189 -15.18 -62.07 -11.48
CA LEU A 189 -14.82 -61.18 -10.37
C LEU A 189 -15.29 -59.76 -10.56
N ARG A 190 -16.00 -59.24 -9.56
CA ARG A 190 -16.39 -57.85 -9.59
C ARG A 190 -15.23 -57.06 -9.01
N GLU A 191 -14.94 -55.87 -9.55
CA GLU A 191 -13.94 -54.95 -8.97
C GLU A 191 -14.44 -53.51 -8.94
N PHE A 192 -14.31 -52.87 -7.79
CA PHE A 192 -14.72 -51.49 -7.56
C PHE A 192 -13.72 -50.59 -6.87
N VAL A 193 -13.79 -49.30 -7.19
CA VAL A 193 -13.08 -48.26 -6.46
C VAL A 193 -14.02 -47.24 -5.90
N PHE A 194 -13.91 -47.08 -4.58
CA PHE A 194 -14.74 -46.17 -3.81
C PHE A 194 -13.91 -45.06 -3.15
N LYS A 195 -14.31 -43.81 -3.35
CA LYS A 195 -13.64 -42.66 -2.73
C LYS A 195 -14.66 -41.76 -2.06
N ASN A 196 -14.26 -40.91 -1.11
CA ASN A 196 -15.25 -40.00 -0.50
C ASN A 196 -14.66 -38.57 -0.44
N ILE A 197 -14.95 -37.77 -1.48
CA ILE A 197 -14.35 -36.44 -1.64
C ILE A 197 -15.36 -35.29 -1.61
N ASP A 198 -15.22 -34.40 -0.63
CA ASP A 198 -16.10 -33.22 -0.48
C ASP A 198 -17.57 -33.62 -0.43
N GLY A 199 -17.88 -34.70 0.25
CA GLY A 199 -19.26 -35.14 0.37
C GLY A 199 -19.72 -36.04 -0.76
N TYR A 200 -18.89 -36.21 -1.81
CA TYR A 200 -19.25 -37.04 -2.93
C TYR A 200 -18.59 -38.40 -2.91
N PHE A 201 -19.40 -39.44 -2.88
CA PHE A 201 -18.85 -40.78 -2.87
C PHE A 201 -18.68 -41.12 -4.33
N LYS A 202 -17.49 -41.51 -4.71
CA LYS A 202 -17.24 -41.78 -6.12
C LYS A 202 -17.08 -43.23 -6.37
N ILE A 203 -17.77 -43.71 -7.40
CA ILE A 203 -17.70 -45.11 -7.76
C ILE A 203 -17.22 -45.34 -9.19
N TYR A 204 -16.23 -46.24 -9.30
CA TYR A 204 -15.67 -46.73 -10.58
C TYR A 204 -15.76 -48.28 -10.57
N SER A 205 -15.94 -48.94 -11.73
CA SER A 205 -15.97 -50.41 -11.71
C SER A 205 -15.62 -51.15 -13.01
N LYS A 206 -15.30 -52.44 -12.86
CA LYS A 206 -15.05 -53.38 -13.96
C LYS A 206 -15.44 -54.79 -13.53
N HIS A 207 -16.02 -55.57 -14.43
CA HIS A 207 -16.33 -56.95 -14.11
C HIS A 207 -15.87 -57.87 -15.24
N THR A 208 -15.04 -58.85 -14.90
CA THR A 208 -14.50 -59.77 -15.92
C THR A 208 -14.54 -61.22 -15.40
N PRO A 209 -14.49 -62.26 -16.25
CA PRO A 209 -14.27 -63.65 -15.89
C PRO A 209 -12.86 -63.78 -15.33
N ILE A 210 -12.62 -64.70 -14.40
CA ILE A 210 -11.23 -64.87 -13.94
C ILE A 210 -10.73 -66.30 -13.97
N ASN A 211 -9.42 -66.45 -14.16
CA ASN A 211 -8.78 -67.76 -14.08
C ASN A 211 -8.03 -67.90 -12.76
N LEU A 212 -7.59 -66.76 -12.24
CA LEU A 212 -6.81 -66.66 -11.03
C LEU A 212 -7.68 -66.23 -9.86
N VAL A 213 -7.80 -67.11 -8.86
CA VAL A 213 -8.65 -66.84 -7.70
C VAL A 213 -7.85 -66.62 -6.41
N ARG A 214 -6.58 -67.03 -6.41
CA ARG A 214 -5.67 -66.91 -5.27
C ARG A 214 -5.20 -65.48 -5.03
N ASP A 215 -5.02 -64.78 -6.14
CA ASP A 215 -4.53 -63.43 -6.26
C ASP A 215 -5.49 -62.70 -7.20
N LEU A 216 -5.28 -61.42 -7.49
CA LEU A 216 -6.20 -60.76 -8.43
C LEU A 216 -5.62 -60.94 -9.83
N PRO A 217 -6.42 -60.86 -10.90
CA PRO A 217 -6.00 -60.99 -12.29
C PRO A 217 -4.90 -60.03 -12.64
N GLN A 218 -4.03 -60.48 -13.54
CA GLN A 218 -2.87 -59.72 -13.97
C GLN A 218 -3.13 -58.98 -15.28
N GLY A 219 -2.39 -57.91 -15.51
CA GLY A 219 -2.48 -57.15 -16.76
C GLY A 219 -3.20 -55.82 -16.56
N PHE A 220 -2.88 -54.84 -17.40
CA PHE A 220 -3.49 -53.51 -17.24
C PHE A 220 -4.99 -53.45 -17.50
N SER A 221 -5.70 -52.74 -16.62
CA SER A 221 -7.13 -52.51 -16.80
C SER A 221 -7.58 -51.17 -16.20
N ALA A 222 -8.43 -50.42 -16.95
CA ALA A 222 -8.98 -49.15 -16.46
C ALA A 222 -10.48 -49.28 -16.15
N LEU A 223 -10.87 -48.92 -14.92
CA LEU A 223 -12.25 -49.02 -14.44
C LEU A 223 -13.12 -47.88 -14.98
N GLU A 224 -14.37 -48.22 -15.29
CA GLU A 224 -15.35 -47.28 -15.81
C GLU A 224 -15.96 -46.43 -14.71
N PRO A 225 -16.06 -45.11 -14.83
CA PRO A 225 -16.71 -44.29 -13.84
C PRO A 225 -18.18 -44.57 -13.87
N LEU A 226 -18.82 -44.54 -12.72
CA LEU A 226 -20.25 -44.70 -12.64
C LEU A 226 -20.96 -43.49 -12.10
N VAL A 227 -20.57 -43.06 -10.90
CA VAL A 227 -21.31 -41.99 -10.26
C VAL A 227 -20.59 -41.16 -9.21
N ASP A 228 -20.99 -39.88 -9.15
CA ASP A 228 -20.62 -38.91 -8.12
C ASP A 228 -21.85 -38.75 -7.23
N LEU A 229 -21.80 -39.27 -6.01
CA LEU A 229 -22.98 -39.29 -5.15
C LEU A 229 -22.95 -38.20 -4.04
N PRO A 230 -23.77 -37.12 -4.10
CA PRO A 230 -23.82 -36.00 -3.15
C PRO A 230 -24.51 -36.42 -1.86
N ILE A 231 -23.77 -37.12 -1.03
CA ILE A 231 -24.26 -37.74 0.20
C ILE A 231 -24.08 -36.95 1.49
N GLY A 232 -22.88 -36.38 1.69
CA GLY A 232 -22.60 -35.65 2.92
C GLY A 232 -22.28 -36.48 4.19
N ILE A 233 -21.65 -37.66 4.08
CA ILE A 233 -21.35 -38.42 5.30
C ILE A 233 -19.85 -38.73 5.41
N ASN A 234 -19.40 -39.03 6.65
CA ASN A 234 -18.04 -39.42 7.05
C ASN A 234 -17.87 -40.94 6.94
N ILE A 235 -16.99 -41.42 6.04
CA ILE A 235 -16.73 -42.85 5.83
C ILE A 235 -15.30 -43.19 6.25
N THR A 236 -15.18 -43.96 7.32
CA THR A 236 -13.88 -44.34 7.84
C THR A 236 -13.91 -45.82 8.03
N ARG A 237 -15.13 -46.38 7.94
CA ARG A 237 -15.39 -47.80 8.13
C ARG A 237 -16.42 -48.46 7.16
N PHE A 238 -16.33 -49.81 7.02
CA PHE A 238 -17.32 -50.59 6.24
C PHE A 238 -17.54 -52.10 6.51
N GLN A 239 -18.73 -52.58 6.08
CA GLN A 239 -19.19 -54.00 6.10
C GLN A 239 -19.90 -54.48 4.84
N THR A 240 -19.96 -55.81 4.61
CA THR A 240 -20.73 -56.37 3.48
C THR A 240 -22.10 -56.94 3.86
N LEU A 241 -22.92 -57.20 2.83
CA LEU A 241 -24.26 -57.75 3.02
C LEU A 241 -24.52 -59.10 2.35
N LEU A 242 -24.97 -60.10 3.10
CA LEU A 242 -25.30 -61.39 2.47
C LEU A 242 -26.79 -61.70 2.59
N ALA A 243 -27.36 -62.46 1.67
CA ALA A 243 -28.71 -62.95 1.87
C ALA A 243 -28.64 -64.19 2.74
N LEU A 244 -29.61 -64.39 3.63
CA LEU A 244 -29.63 -65.59 4.45
C LEU A 244 -30.98 -66.32 4.39
N HIS A 245 -30.93 -67.64 4.15
CA HIS A 245 -32.07 -68.56 4.02
C HIS A 245 -32.51 -69.00 5.42
N ALA A 263 -20.02 -64.91 -1.99
CA ALA A 263 -20.20 -64.71 -0.57
C ALA A 263 -19.02 -63.94 0.04
N ALA A 264 -17.80 -64.44 -0.26
CA ALA A 264 -16.49 -63.96 0.19
C ALA A 264 -16.12 -62.69 -0.54
N TYR A 265 -15.23 -61.90 0.04
CA TYR A 265 -14.83 -60.64 -0.58
C TYR A 265 -13.41 -60.22 -0.30
N TYR A 266 -12.93 -59.24 -1.08
CA TYR A 266 -11.58 -58.72 -0.90
C TYR A 266 -11.59 -57.21 -0.62
N VAL A 267 -10.66 -56.73 0.26
CA VAL A 267 -10.51 -55.28 0.56
C VAL A 267 -9.08 -54.69 0.47
N GLY A 268 -8.92 -53.60 -0.31
CA GLY A 268 -7.62 -52.90 -0.44
C GLY A 268 -7.71 -51.40 -0.16
N TYR A 269 -6.54 -50.73 -0.20
CA TYR A 269 -6.45 -49.28 0.07
C TYR A 269 -5.69 -48.46 -0.96
N LEU A 270 -6.10 -47.22 -1.13
CA LEU A 270 -5.49 -46.30 -2.09
C LEU A 270 -4.53 -45.31 -1.45
N GLN A 271 -3.55 -44.87 -2.23
CA GLN A 271 -2.57 -43.88 -1.84
C GLN A 271 -2.44 -42.77 -2.90
N PRO A 272 -2.06 -41.54 -2.50
CA PRO A 272 -1.84 -40.38 -3.36
C PRO A 272 -0.53 -40.50 -4.12
N ARG A 273 -0.60 -41.25 -5.20
CA ARG A 273 0.57 -41.62 -6.00
C ARG A 273 0.44 -41.16 -7.44
N THR A 274 1.58 -41.08 -8.12
CA THR A 274 1.59 -40.66 -9.50
C THR A 274 1.70 -41.84 -10.43
N PHE A 275 0.84 -41.84 -11.44
CA PHE A 275 0.88 -42.87 -12.46
C PHE A 275 0.97 -42.30 -13.84
N LEU A 276 1.82 -42.90 -14.65
CA LEU A 276 1.95 -42.51 -16.05
C LEU A 276 1.02 -43.42 -16.80
N LEU A 277 0.08 -42.86 -17.52
CA LEU A 277 -0.88 -43.69 -18.23
C LEU A 277 -0.70 -43.57 -19.72
N LYS A 278 -0.65 -44.74 -20.38
CA LYS A 278 -0.47 -44.78 -21.83
C LYS A 278 -1.78 -44.80 -22.57
N TYR A 279 -2.08 -43.70 -23.28
CA TYR A 279 -3.30 -43.57 -24.04
C TYR A 279 -3.10 -43.83 -25.54
N ASN A 280 -3.86 -44.79 -26.06
CA ASN A 280 -3.79 -45.28 -27.44
C ASN A 280 -4.67 -44.55 -28.43
N GLU A 281 -4.68 -45.05 -29.68
CA GLU A 281 -5.45 -44.43 -30.76
C GLU A 281 -6.97 -44.31 -30.46
N ASN A 282 -7.53 -45.28 -29.68
CA ASN A 282 -8.93 -45.35 -29.24
C ASN A 282 -9.31 -44.22 -28.24
N GLY A 283 -8.34 -43.73 -27.43
CA GLY A 283 -8.59 -42.79 -26.34
C GLY A 283 -8.63 -43.54 -25.01
N THR A 284 -8.28 -44.84 -25.02
CA THR A 284 -8.30 -45.64 -23.80
C THR A 284 -6.91 -45.83 -23.31
N ILE A 285 -6.79 -46.47 -22.17
CA ILE A 285 -5.52 -46.66 -21.53
C ILE A 285 -5.14 -48.09 -21.75
N THR A 286 -3.94 -48.32 -22.26
CA THR A 286 -3.50 -49.68 -22.49
C THR A 286 -2.44 -50.09 -21.51
N ASP A 287 -1.80 -49.12 -20.87
CA ASP A 287 -0.78 -49.47 -19.89
C ASP A 287 -0.64 -48.42 -18.79
N ALA A 288 0.24 -48.69 -17.81
CA ALA A 288 0.50 -47.75 -16.72
C ALA A 288 1.84 -47.96 -15.99
N VAL A 289 2.44 -46.87 -15.49
CA VAL A 289 3.64 -46.95 -14.67
C VAL A 289 3.43 -46.36 -13.29
N ASP A 290 3.71 -47.13 -12.25
CA ASP A 290 3.60 -46.61 -10.89
C ASP A 290 4.93 -45.89 -10.66
N CYS A 291 4.92 -44.55 -10.68
CA CYS A 291 6.07 -43.67 -10.67
C CYS A 291 6.87 -43.82 -9.39
N ALA A 292 8.15 -43.99 -9.53
CA ALA A 292 9.13 -44.20 -8.48
C ALA A 292 8.89 -45.46 -7.66
N LEU A 293 8.24 -46.49 -8.25
CA LEU A 293 8.09 -47.78 -7.58
C LEU A 293 9.36 -48.62 -7.81
N ASP A 294 10.12 -48.20 -8.82
CA ASP A 294 11.34 -48.82 -9.32
C ASP A 294 12.09 -47.74 -10.09
N PRO A 295 13.43 -47.64 -10.06
CA PRO A 295 14.18 -46.68 -10.86
C PRO A 295 13.83 -46.76 -12.34
N LEU A 296 13.39 -47.93 -12.82
CA LEU A 296 13.02 -47.98 -14.22
C LEU A 296 11.73 -47.20 -14.41
N SER A 297 10.84 -47.24 -13.41
CA SER A 297 9.57 -46.56 -13.46
C SER A 297 9.86 -45.07 -13.35
N GLU A 298 10.90 -44.71 -12.58
CA GLU A 298 11.27 -43.31 -12.45
C GLU A 298 11.68 -42.79 -13.82
N THR A 299 12.41 -43.62 -14.56
CA THR A 299 12.85 -43.25 -15.88
C THR A 299 11.67 -43.14 -16.83
N LYS A 300 10.77 -44.11 -16.80
CA LYS A 300 9.61 -44.01 -17.69
C LYS A 300 8.80 -42.71 -17.43
N CYS A 301 8.62 -42.30 -16.13
CA CYS A 301 7.88 -41.12 -15.71
C CYS A 301 8.66 -39.80 -15.95
N THR A 302 10.00 -39.85 -16.05
CA THR A 302 10.76 -38.63 -16.35
C THR A 302 10.68 -38.40 -17.86
N LEU A 303 10.66 -39.49 -18.62
CA LEU A 303 10.60 -39.46 -20.07
C LEU A 303 9.20 -39.38 -20.64
N LYS A 304 8.19 -39.83 -19.88
CA LYS A 304 6.82 -39.93 -20.35
C LYS A 304 6.83 -40.88 -21.53
N SER A 305 7.48 -42.02 -21.31
CA SER A 305 7.65 -43.08 -22.29
C SER A 305 7.54 -44.45 -21.63
N PHE A 306 7.02 -45.43 -22.37
CA PHE A 306 6.98 -46.80 -21.84
C PHE A 306 8.13 -47.61 -22.41
N THR A 307 8.92 -46.93 -23.24
CA THR A 307 10.11 -47.49 -23.83
C THR A 307 11.28 -46.62 -23.45
N VAL A 308 12.25 -47.25 -22.87
CA VAL A 308 13.42 -46.52 -22.45
C VAL A 308 14.58 -47.11 -23.21
N GLU A 309 15.34 -46.26 -23.85
CA GLU A 309 16.51 -46.69 -24.61
C GLU A 309 17.69 -46.79 -23.66
N LYS A 310 18.69 -47.59 -24.02
CA LYS A 310 19.86 -47.64 -23.15
C LYS A 310 20.40 -46.24 -22.98
N GLY A 311 20.64 -45.85 -21.73
CA GLY A 311 21.15 -44.51 -21.47
C GLY A 311 21.03 -44.07 -20.03
N ILE A 312 21.45 -42.85 -19.79
CA ILE A 312 21.39 -42.26 -18.46
C ILE A 312 20.28 -41.23 -18.43
N TYR A 313 19.40 -41.33 -17.44
CA TYR A 313 18.32 -40.38 -17.37
C TYR A 313 18.27 -39.68 -16.03
N GLN A 314 17.88 -38.42 -16.03
CA GLN A 314 17.77 -37.67 -14.78
C GLN A 314 16.35 -37.75 -14.28
N THR A 315 16.16 -38.40 -13.14
CA THR A 315 14.81 -38.61 -12.66
C THR A 315 14.49 -37.92 -11.36
N SER A 316 15.52 -37.59 -10.58
CA SER A 316 15.26 -37.02 -9.27
C SER A 316 16.44 -36.18 -8.76
N ASN A 317 16.41 -35.91 -7.47
CA ASN A 317 17.41 -35.11 -6.77
C ASN A 317 17.49 -35.60 -5.34
N PHE A 318 18.69 -35.90 -4.91
CA PHE A 318 18.91 -36.42 -3.57
C PHE A 318 19.59 -35.41 -2.70
N ARG A 319 19.05 -35.23 -1.52
CA ARG A 319 19.60 -34.28 -0.60
C ARG A 319 19.74 -34.89 0.77
N VAL A 320 20.85 -34.60 1.43
CA VAL A 320 21.01 -34.96 2.82
C VAL A 320 20.31 -33.89 3.64
N GLN A 321 19.42 -34.31 4.52
CA GLN A 321 18.69 -33.37 5.34
C GLN A 321 19.22 -33.35 6.74
N PRO A 322 19.14 -32.21 7.45
CA PRO A 322 19.53 -32.11 8.82
C PRO A 322 18.58 -32.87 9.68
N THR A 323 19.12 -33.50 10.71
CA THR A 323 18.31 -34.19 11.67
C THR A 323 18.41 -33.55 13.04
N GLU A 324 19.47 -32.76 13.24
CA GLU A 324 19.73 -32.11 14.52
C GLU A 324 20.16 -30.68 14.28
N SER A 325 20.43 -29.95 15.35
CA SER A 325 20.88 -28.58 15.25
C SER A 325 21.90 -28.28 16.32
N ILE A 326 22.75 -27.31 16.02
CA ILE A 326 23.76 -26.81 16.93
C ILE A 326 23.58 -25.34 17.23
N VAL A 327 23.34 -25.05 18.50
CA VAL A 327 23.15 -23.68 18.94
C VAL A 327 24.38 -23.27 19.75
N ARG A 328 25.17 -22.35 19.20
CA ARG A 328 26.38 -21.94 19.89
C ARG A 328 26.45 -20.44 20.08
N PHE A 329 26.68 -20.03 21.32
CA PHE A 329 26.79 -18.63 21.71
C PHE A 329 27.96 -18.36 22.64
N PRO A 330 28.45 -17.10 22.74
CA PRO A 330 29.59 -16.61 23.51
C PRO A 330 29.41 -16.81 25.00
N ASN A 331 30.52 -16.68 25.76
CA ASN A 331 30.58 -16.83 27.22
C ASN A 331 29.60 -15.86 27.93
N ILE A 332 28.77 -16.42 28.82
CA ILE A 332 27.72 -15.71 29.59
C ILE A 332 28.29 -15.32 30.95
N THR A 333 29.61 -15.37 31.01
CA THR A 333 30.42 -14.98 32.14
C THR A 333 30.76 -13.50 32.01
N ASN A 334 30.52 -12.92 30.83
CA ASN A 334 30.80 -11.50 30.66
C ASN A 334 29.58 -10.81 31.22
N LEU A 335 29.70 -10.31 32.46
CA LEU A 335 28.52 -9.84 33.16
C LEU A 335 27.81 -8.65 32.52
N CYS A 336 26.49 -8.81 32.37
CA CYS A 336 25.52 -7.85 31.87
C CYS A 336 25.15 -6.87 32.98
N PRO A 337 25.05 -5.55 32.70
CA PRO A 337 24.74 -4.48 33.64
C PRO A 337 23.40 -4.63 34.34
N PHE A 338 22.50 -5.52 33.89
CA PHE A 338 21.24 -5.68 34.62
C PHE A 338 21.62 -6.19 36.03
N GLY A 339 22.80 -6.82 36.15
CA GLY A 339 23.34 -7.37 37.38
C GLY A 339 23.77 -6.28 38.35
N GLU A 340 23.86 -5.05 37.86
CA GLU A 340 24.25 -3.88 38.62
C GLU A 340 23.02 -2.99 38.90
N VAL A 341 22.06 -2.98 37.96
CA VAL A 341 20.83 -2.20 38.08
C VAL A 341 19.91 -2.78 39.13
N PHE A 342 19.74 -4.10 39.07
CA PHE A 342 18.96 -4.81 40.04
C PHE A 342 19.88 -4.99 41.22
N ASN A 343 19.31 -4.98 42.46
CA ASN A 343 20.03 -5.13 43.74
C ASN A 343 21.02 -3.98 44.03
N ALA A 344 20.80 -2.77 43.44
CA ALA A 344 21.58 -1.55 43.68
C ALA A 344 21.27 -1.03 45.07
N THR A 345 22.23 -0.34 45.69
CA THR A 345 22.02 0.18 47.02
C THR A 345 21.23 1.49 47.03
N ARG A 346 21.20 2.17 45.88
CA ARG A 346 20.47 3.42 45.75
C ARG A 346 19.69 3.47 44.44
N PHE A 347 18.43 3.83 44.61
CA PHE A 347 17.38 4.01 43.61
C PHE A 347 16.85 5.44 43.64
N ALA A 348 16.24 5.89 42.56
CA ALA A 348 15.65 7.23 42.49
C ALA A 348 14.19 7.22 42.95
N SER A 349 13.63 8.40 43.13
CA SER A 349 12.21 8.49 43.39
C SER A 349 11.55 8.11 42.09
N VAL A 350 10.26 7.83 42.07
CA VAL A 350 9.68 7.45 40.80
C VAL A 350 9.72 8.59 39.85
N TYR A 351 9.37 9.78 40.31
CA TYR A 351 9.31 10.93 39.42
C TYR A 351 10.62 11.10 38.67
N ALA A 352 11.71 11.01 39.44
CA ALA A 352 13.06 11.16 38.95
C ALA A 352 13.70 9.81 38.71
N TRP A 353 12.92 8.85 38.22
CA TRP A 353 13.42 7.51 38.00
C TRP A 353 14.66 7.48 37.16
N ASN A 354 15.57 6.56 37.46
CA ASN A 354 16.79 6.48 36.69
C ASN A 354 16.58 5.65 35.45
N ARG A 355 16.92 6.22 34.31
CA ARG A 355 16.75 5.48 33.07
C ARG A 355 17.95 4.61 32.85
N LYS A 356 17.72 3.31 32.71
CA LYS A 356 18.84 2.41 32.55
C LYS A 356 18.72 1.58 31.31
N ARG A 357 19.73 1.68 30.45
CA ARG A 357 19.71 0.92 29.20
C ARG A 357 20.78 -0.15 29.20
N ILE A 358 20.32 -1.36 28.99
CA ILE A 358 21.09 -2.58 28.95
C ILE A 358 21.34 -2.97 27.49
N SER A 359 22.61 -3.12 27.17
CA SER A 359 23.03 -3.44 25.80
C SER A 359 24.33 -4.23 25.79
N ASN A 360 24.63 -4.84 24.65
CA ASN A 360 25.88 -5.58 24.40
C ASN A 360 26.22 -6.62 25.49
N CYS A 361 25.24 -7.49 25.86
CA CYS A 361 25.39 -8.46 26.97
C CYS A 361 24.38 -9.62 26.97
N VAL A 362 24.58 -10.51 27.96
CA VAL A 362 23.68 -11.63 28.23
C VAL A 362 22.97 -11.48 29.59
N ALA A 363 21.65 -11.26 29.56
CA ALA A 363 20.83 -11.01 30.75
C ALA A 363 19.78 -12.07 31.03
N ASP A 364 19.99 -12.87 32.06
CA ASP A 364 19.03 -13.92 32.37
C ASP A 364 17.98 -13.38 33.32
N TYR A 365 16.74 -13.23 32.86
CA TYR A 365 15.73 -12.63 33.75
C TYR A 365 14.78 -13.71 34.29
N SER A 366 15.04 -14.98 33.92
CA SER A 366 14.18 -16.09 34.33
C SER A 366 14.59 -16.46 35.72
N VAL A 367 15.87 -16.25 35.97
CA VAL A 367 16.44 -16.49 37.28
C VAL A 367 15.81 -15.59 38.31
N LEU A 368 15.58 -14.33 37.97
CA LEU A 368 15.01 -13.41 38.93
C LEU A 368 13.60 -13.84 39.31
N TYR A 369 12.81 -14.27 38.31
CA TYR A 369 11.47 -14.73 38.62
C TYR A 369 11.48 -15.93 39.54
N ASN A 370 12.32 -16.91 39.18
CA ASN A 370 12.42 -18.15 39.91
C ASN A 370 13.06 -18.03 41.29
N SER A 371 14.00 -17.10 41.49
CA SER A 371 14.60 -16.95 42.82
C SER A 371 13.51 -16.42 43.73
N ALA A 372 12.61 -15.64 43.12
CA ALA A 372 11.43 -15.09 43.75
C ALA A 372 11.72 -14.35 45.04
N SER A 373 12.79 -13.55 45.06
CA SER A 373 13.12 -12.76 46.24
C SER A 373 12.22 -11.52 46.30
N PHE A 374 11.57 -11.26 45.17
CA PHE A 374 10.73 -10.12 44.93
C PHE A 374 9.39 -10.35 45.58
N SER A 375 8.78 -9.30 46.13
CA SER A 375 7.47 -9.47 46.73
C SER A 375 6.42 -9.56 45.65
N THR A 376 6.69 -8.85 44.56
CA THR A 376 5.82 -8.84 43.40
C THR A 376 6.62 -9.00 42.14
N PHE A 377 6.18 -9.88 41.25
CA PHE A 377 6.85 -10.02 39.98
C PHE A 377 5.78 -10.31 38.97
N LYS A 378 5.39 -9.28 38.22
CA LYS A 378 4.31 -9.41 37.26
C LYS A 378 4.86 -9.05 35.89
N CYS A 379 4.35 -9.72 34.81
CA CYS A 379 4.85 -9.51 33.45
C CYS A 379 3.72 -9.24 32.49
N TYR A 380 3.96 -8.26 31.64
CA TYR A 380 3.01 -7.78 30.68
C TYR A 380 3.52 -7.87 29.25
N GLY A 381 2.98 -8.80 28.48
CA GLY A 381 3.40 -8.99 27.09
C GLY A 381 4.64 -9.88 26.93
N VAL A 382 5.22 -10.27 28.05
CA VAL A 382 6.40 -11.10 28.10
C VAL A 382 6.14 -12.20 29.10
N SER A 383 6.91 -13.27 29.03
CA SER A 383 6.84 -14.30 30.02
C SER A 383 7.84 -13.95 31.13
N PRO A 384 7.56 -14.23 32.42
CA PRO A 384 8.52 -14.11 33.49
C PRO A 384 9.71 -15.02 33.28
N THR A 385 9.52 -16.11 32.51
CA THR A 385 10.61 -17.04 32.25
C THR A 385 10.70 -17.50 30.79
N LYS A 386 11.88 -17.97 30.43
CA LYS A 386 12.19 -18.57 29.15
C LYS A 386 11.98 -17.65 27.93
N LEU A 387 12.25 -16.34 28.09
CA LEU A 387 12.18 -15.41 26.97
C LEU A 387 13.59 -14.93 26.70
N ASN A 388 14.53 -15.66 27.31
CA ASN A 388 15.93 -15.35 27.22
C ASN A 388 16.48 -15.51 25.81
N ASP A 389 15.89 -16.39 25.00
CA ASP A 389 16.42 -16.57 23.67
C ASP A 389 15.86 -15.58 22.61
N LEU A 390 15.03 -14.63 23.03
CA LEU A 390 14.53 -13.62 22.08
C LEU A 390 15.41 -12.40 22.33
N CYS A 391 16.29 -12.04 21.37
CA CYS A 391 17.25 -10.93 21.50
C CYS A 391 16.58 -9.60 21.14
N PHE A 392 16.87 -8.59 21.94
CA PHE A 392 16.34 -7.25 21.78
C PHE A 392 17.39 -6.23 21.42
N THR A 393 16.96 -5.13 20.78
CA THR A 393 17.93 -4.12 20.44
C THR A 393 18.42 -3.60 21.74
N ASN A 394 17.48 -3.27 22.61
CA ASN A 394 17.78 -2.75 23.94
C ASN A 394 16.82 -3.31 24.97
N VAL A 395 17.32 -3.42 26.19
CA VAL A 395 16.45 -3.75 27.31
C VAL A 395 16.60 -2.64 28.31
N TYR A 396 15.51 -2.10 28.78
CA TYR A 396 15.63 -1.05 29.76
C TYR A 396 15.30 -1.69 31.07
N ALA A 397 15.83 -1.12 32.15
CA ALA A 397 15.60 -1.59 33.51
C ALA A 397 15.51 -0.41 34.45
N ASP A 398 14.45 0.36 34.30
CA ASP A 398 14.33 1.64 34.97
C ASP A 398 14.28 1.47 36.47
N SER A 399 15.03 2.30 37.20
CA SER A 399 15.17 2.14 38.66
C SER A 399 14.68 3.24 39.63
N PHE A 400 13.72 2.84 40.47
CA PHE A 400 13.06 3.72 41.45
C PHE A 400 12.45 3.04 42.70
N VAL A 401 12.13 3.83 43.74
CA VAL A 401 11.48 3.23 44.93
C VAL A 401 10.07 3.76 45.16
N ILE A 402 9.15 2.80 45.33
CA ILE A 402 7.71 3.05 45.56
C ILE A 402 7.07 2.34 46.72
N ARG A 403 5.87 2.79 47.07
CA ARG A 403 5.07 2.13 48.11
C ARG A 403 4.41 0.87 47.53
N GLY A 404 4.01 -0.07 48.37
CA GLY A 404 3.36 -1.28 47.87
C GLY A 404 2.11 -1.09 46.99
N ASP A 405 1.28 -0.08 47.24
CA ASP A 405 0.06 0.09 46.45
C ASP A 405 0.29 0.80 45.13
N GLU A 406 1.54 1.13 44.87
CA GLU A 406 2.01 1.77 43.68
C GLU A 406 2.60 0.74 42.69
N VAL A 407 2.90 -0.48 43.18
CA VAL A 407 3.58 -1.48 42.35
C VAL A 407 2.66 -1.91 41.22
N ARG A 408 1.38 -2.06 41.56
CA ARG A 408 0.33 -2.45 40.64
C ARG A 408 0.04 -1.41 39.57
N GLN A 409 0.23 -0.11 39.91
CA GLN A 409 -0.03 1.00 39.01
C GLN A 409 0.98 1.02 37.88
N ILE A 410 2.20 0.60 38.18
CA ILE A 410 3.18 0.67 37.12
C ILE A 410 3.21 -0.57 36.28
N ALA A 411 2.51 -0.51 35.18
CA ALA A 411 2.47 -1.61 34.22
C ALA A 411 1.87 -1.05 32.92
N PRO A 412 2.15 -1.64 31.75
CA PRO A 412 1.54 -1.24 30.51
C PRO A 412 0.06 -1.47 30.69
N GLY A 413 -0.78 -0.54 30.24
CA GLY A 413 -2.22 -0.71 30.34
C GLY A 413 -2.83 -0.30 31.69
N GLN A 414 -1.99 0.10 32.65
CA GLN A 414 -2.51 0.48 33.95
C GLN A 414 -2.60 1.97 34.14
N THR A 415 -3.43 2.37 35.09
CA THR A 415 -3.63 3.75 35.44
C THR A 415 -3.42 3.93 36.93
N GLY A 416 -3.34 5.19 37.36
CA GLY A 416 -3.15 5.53 38.75
C GLY A 416 -2.35 6.81 38.79
N LYS A 417 -2.15 7.35 39.99
CA LYS A 417 -1.45 8.62 40.11
C LYS A 417 -0.05 8.54 39.51
N ILE A 418 0.63 7.40 39.68
CA ILE A 418 1.95 7.28 39.08
C ILE A 418 1.88 7.21 37.59
N ALA A 419 0.96 6.41 37.08
CA ALA A 419 0.87 6.25 35.66
C ALA A 419 0.62 7.60 35.00
N ASP A 420 -0.11 8.49 35.66
CA ASP A 420 -0.32 9.79 35.05
C ASP A 420 0.76 10.85 35.34
N TYR A 421 1.37 10.89 36.54
CA TYR A 421 2.31 11.98 36.82
C TYR A 421 3.75 11.64 37.27
N ASN A 422 4.06 10.38 37.59
CA ASN A 422 5.40 10.02 38.11
C ASN A 422 6.19 9.12 37.17
N TYR A 423 5.51 8.19 36.52
CA TYR A 423 6.12 7.21 35.62
C TYR A 423 5.09 6.49 34.79
N LYS A 424 4.90 6.99 33.60
CA LYS A 424 3.95 6.37 32.72
C LYS A 424 4.69 5.33 31.93
N LEU A 425 4.29 4.08 32.08
CA LEU A 425 4.94 3.05 31.33
C LEU A 425 4.04 2.91 30.10
N PRO A 426 4.55 3.04 28.85
CA PRO A 426 3.75 3.01 27.64
C PRO A 426 2.96 1.74 27.53
N ASP A 427 1.77 1.87 27.01
CA ASP A 427 0.84 0.77 26.85
C ASP A 427 1.27 -0.19 25.77
N ASP A 428 2.15 0.25 24.87
CA ASP A 428 2.66 -0.57 23.81
C ASP A 428 4.01 -1.20 24.15
N PHE A 429 4.45 -1.03 25.40
CA PHE A 429 5.68 -1.67 25.85
C PHE A 429 5.36 -3.00 26.43
N THR A 430 6.30 -3.90 26.33
CA THR A 430 6.16 -5.18 26.96
C THR A 430 7.36 -5.33 27.88
N GLY A 431 7.18 -6.04 28.97
CA GLY A 431 8.23 -6.27 29.96
C GLY A 431 7.66 -6.61 31.33
N CYS A 432 8.56 -6.83 32.31
CA CYS A 432 8.24 -7.22 33.69
C CYS A 432 8.49 -6.09 34.69
N VAL A 433 7.61 -6.04 35.69
CA VAL A 433 7.67 -5.08 36.77
C VAL A 433 8.07 -5.86 38.02
N ILE A 434 9.31 -5.65 38.44
CA ILE A 434 9.91 -6.45 39.47
C ILE A 434 10.16 -5.68 40.77
N ALA A 435 9.44 -6.06 41.86
CA ALA A 435 9.48 -5.30 43.13
C ALA A 435 9.98 -6.07 44.34
N TRP A 436 11.08 -5.61 44.93
CA TRP A 436 11.68 -6.22 46.12
C TRP A 436 11.32 -5.44 47.38
N ASN A 437 11.01 -6.12 48.48
CA ASN A 437 10.66 -5.41 49.72
C ASN A 437 11.92 -4.91 50.41
N SER A 438 12.02 -3.59 50.55
CA SER A 438 13.21 -2.95 51.05
C SER A 438 13.11 -2.34 52.42
N ASN A 439 12.27 -2.87 53.29
CA ASN A 439 12.19 -2.27 54.61
C ASN A 439 13.54 -2.17 55.31
N ASN A 440 14.42 -3.13 55.08
CA ASN A 440 15.72 -3.13 55.73
C ASN A 440 16.67 -2.04 55.22
N LEU A 441 16.39 -1.47 54.05
CA LEU A 441 17.27 -0.44 53.51
C LEU A 441 16.63 0.95 53.55
N ASP A 442 15.37 1.01 53.11
CA ASP A 442 14.64 2.26 52.95
C ASP A 442 13.71 2.68 54.08
N SER A 443 13.28 1.78 54.96
CA SER A 443 12.31 2.19 55.95
C SER A 443 12.91 2.71 57.23
N LYS A 444 12.52 3.92 57.60
CA LYS A 444 12.99 4.58 58.81
C LYS A 444 11.81 5.19 59.51
N VAL A 445 11.78 5.21 60.82
CA VAL A 445 10.63 5.84 61.44
C VAL A 445 10.76 7.34 61.19
N GLY A 446 9.66 7.95 60.72
CA GLY A 446 9.61 9.35 60.37
C GLY A 446 9.61 9.54 58.84
N GLY A 447 9.96 8.49 58.09
CA GLY A 447 9.98 8.54 56.64
C GLY A 447 11.37 8.62 56.05
N ASN A 448 11.45 8.51 54.73
CA ASN A 448 12.72 8.48 54.03
C ASN A 448 12.90 9.74 53.19
N TYR A 449 13.82 10.57 53.62
CA TYR A 449 13.97 11.88 53.03
C TYR A 449 14.89 11.91 51.83
N ASN A 450 15.31 10.73 51.37
CA ASN A 450 16.13 10.62 50.17
C ASN A 450 15.24 10.34 48.96
N TYR A 451 13.94 10.16 49.18
CA TYR A 451 13.04 9.93 48.05
C TYR A 451 11.81 10.80 48.21
N LEU A 452 11.37 11.43 47.15
CA LEU A 452 10.14 12.21 47.23
C LEU A 452 9.19 11.82 46.11
N TYR A 453 7.92 11.70 46.45
CA TYR A 453 6.87 11.32 45.52
C TYR A 453 6.20 12.52 44.89
N ARG A 454 5.99 12.54 43.57
CA ARG A 454 5.41 13.75 43.03
C ARG A 454 3.91 13.80 43.25
N LEU A 455 3.49 14.83 43.98
CA LEU A 455 2.11 15.05 44.31
C LEU A 455 1.48 16.02 43.36
N PHE A 456 2.24 17.06 43.05
CA PHE A 456 1.73 18.12 42.23
C PHE A 456 2.43 18.29 40.89
N ARG A 457 1.75 17.97 39.81
CA ARG A 457 2.35 18.12 38.49
C ARG A 457 1.35 18.84 37.60
N LYS A 458 1.86 19.80 36.85
CA LYS A 458 1.08 20.66 35.97
C LYS A 458 0.30 19.94 34.87
N SER A 459 0.86 18.87 34.32
CA SER A 459 0.24 18.12 33.24
C SER A 459 0.68 16.68 33.27
N ASN A 460 -0.01 15.82 32.54
CA ASN A 460 0.35 14.41 32.49
C ASN A 460 1.75 14.18 31.92
N LEU A 461 2.48 13.26 32.54
CA LEU A 461 3.82 12.87 32.16
C LEU A 461 3.72 11.99 30.91
N LYS A 462 4.62 12.18 29.94
CA LYS A 462 4.55 11.35 28.75
C LYS A 462 5.04 9.93 29.06
N PRO A 463 4.62 8.92 28.29
CA PRO A 463 5.10 7.57 28.39
C PRO A 463 6.61 7.57 28.24
N PHE A 464 7.25 6.87 29.19
CA PHE A 464 8.68 6.68 29.34
C PHE A 464 9.48 8.01 29.48
N GLU A 465 8.82 9.05 29.99
CA GLU A 465 9.45 10.35 30.27
C GLU A 465 9.89 10.38 31.73
N ARG A 466 11.06 10.98 32.00
CA ARG A 466 11.57 11.17 33.37
C ARG A 466 11.75 12.63 33.59
N ASP A 467 11.66 13.07 34.84
CA ASP A 467 11.91 14.47 35.15
C ASP A 467 12.47 14.68 36.53
N ILE A 468 13.28 15.71 36.67
CA ILE A 468 13.89 16.01 37.95
C ILE A 468 13.59 17.40 38.52
N SER A 469 12.58 18.11 38.03
CA SER A 469 12.32 19.44 38.56
C SER A 469 11.97 19.49 40.04
N THR A 470 12.57 20.49 40.68
CA THR A 470 12.45 20.84 42.09
C THR A 470 11.76 22.19 42.28
N GLU A 471 11.20 22.72 41.20
CA GLU A 471 10.52 24.02 41.23
C GLU A 471 9.36 23.95 42.21
N ILE A 472 9.19 24.94 43.10
CA ILE A 472 8.08 24.80 44.06
C ILE A 472 6.77 24.88 43.29
N TYR A 473 5.86 23.92 43.53
CA TYR A 473 4.62 23.86 42.79
C TYR A 473 3.65 24.94 43.17
N GLN A 474 3.11 25.57 42.14
CA GLN A 474 2.13 26.61 42.27
C GLN A 474 0.71 26.07 42.16
N ALA A 475 -0.02 26.00 43.29
CA ALA A 475 -1.38 25.47 43.25
C ALA A 475 -2.39 26.60 43.25
N GLY A 476 -2.07 27.66 44.00
CA GLY A 476 -2.97 28.80 44.18
C GLY A 476 -2.63 29.97 43.28
N SER A 477 -3.18 31.15 43.61
CA SER A 477 -2.99 32.36 42.79
C SER A 477 -1.77 33.21 43.11
N THR A 478 -1.22 33.07 44.31
CA THR A 478 -0.07 33.88 44.73
C THR A 478 1.23 33.17 44.38
N PRO A 479 2.14 33.75 43.56
CA PRO A 479 3.37 33.10 43.10
C PRO A 479 4.24 32.67 44.27
N CYS A 480 4.76 31.41 44.17
CA CYS A 480 5.64 30.77 45.15
C CYS A 480 6.97 31.48 45.32
N ASN A 481 7.54 31.94 44.22
CA ASN A 481 8.83 32.62 44.25
C ASN A 481 9.91 31.80 44.95
N GLY A 482 9.90 30.47 44.77
CA GLY A 482 10.91 29.60 45.36
C GLY A 482 10.64 29.09 46.79
N VAL A 483 9.57 29.52 47.46
CA VAL A 483 9.31 29.06 48.83
C VAL A 483 7.92 28.49 49.03
N GLU A 484 7.74 27.70 50.08
CA GLU A 484 6.46 27.08 50.41
C GLU A 484 5.53 27.99 51.23
N GLY A 485 4.22 27.70 51.15
CA GLY A 485 3.17 28.43 51.87
C GLY A 485 1.82 27.84 51.48
N PHE A 486 0.70 28.40 51.96
CA PHE A 486 -0.55 27.73 51.59
C PHE A 486 -0.74 27.78 50.10
N ASN A 487 -1.13 26.64 49.52
CA ASN A 487 -1.28 26.48 48.05
C ASN A 487 0.02 26.66 47.24
N CYS A 488 1.16 26.34 47.88
CA CYS A 488 2.51 26.38 47.35
C CYS A 488 3.37 25.34 48.09
N TYR A 489 3.83 24.33 47.36
CA TYR A 489 4.56 23.27 48.04
C TYR A 489 5.56 22.61 47.11
N PHE A 490 6.72 22.18 47.64
CA PHE A 490 7.67 21.48 46.81
C PHE A 490 6.78 20.46 46.12
N PRO A 491 6.88 20.23 44.82
CA PRO A 491 5.99 19.36 44.13
C PRO A 491 5.96 17.95 44.66
N LEU A 492 7.01 17.54 45.36
CA LEU A 492 7.10 16.20 45.83
C LEU A 492 7.16 16.13 47.35
N GLN A 493 6.60 15.08 47.91
CA GLN A 493 6.64 14.89 49.36
C GLN A 493 7.43 13.66 49.71
N SER A 494 8.25 13.75 50.75
CA SER A 494 9.06 12.63 51.12
C SER A 494 8.20 11.41 51.32
N TYR A 495 8.66 10.29 50.83
CA TYR A 495 7.85 9.10 50.99
C TYR A 495 7.90 8.71 52.44
N GLY A 496 6.74 8.43 53.01
CA GLY A 496 6.62 8.02 54.41
C GLY A 496 6.92 6.54 54.59
N PHE A 497 8.14 6.14 54.23
CA PHE A 497 8.61 4.75 54.26
C PHE A 497 9.16 4.44 55.63
N GLN A 498 8.41 3.64 56.39
CA GLN A 498 8.69 3.32 57.79
C GLN A 498 8.52 1.80 58.02
N PRO A 499 9.21 1.19 59.00
CA PRO A 499 9.12 -0.22 59.34
C PRO A 499 7.77 -0.56 59.97
N THR A 500 7.02 0.48 60.31
CA THR A 500 5.72 0.39 60.95
C THR A 500 4.59 0.44 59.93
N ASN A 501 4.92 0.57 58.65
CA ASN A 501 3.93 0.66 57.57
C ASN A 501 3.28 -0.66 57.21
N GLY A 502 2.07 -0.59 56.68
CA GLY A 502 1.40 -1.79 56.17
C GLY A 502 2.01 -2.16 54.83
N VAL A 503 1.61 -3.29 54.26
CA VAL A 503 2.25 -3.74 53.03
C VAL A 503 2.13 -2.76 51.87
N GLY A 504 1.02 -2.02 51.81
CA GLY A 504 0.74 -1.06 50.75
C GLY A 504 1.51 0.26 50.91
N TYR A 505 2.13 0.43 52.07
CA TYR A 505 2.90 1.61 52.41
C TYR A 505 4.40 1.34 52.55
N GLN A 506 4.80 0.07 52.61
CA GLN A 506 6.21 -0.27 52.73
C GLN A 506 6.87 0.06 51.40
N PRO A 507 8.17 0.46 51.37
CA PRO A 507 8.97 0.69 50.18
C PRO A 507 9.33 -0.57 49.44
N TYR A 508 9.38 -0.47 48.13
CA TYR A 508 9.84 -1.52 47.29
C TYR A 508 10.82 -1.00 46.26
N ARG A 509 11.85 -1.80 46.01
CA ARG A 509 12.84 -1.48 45.01
C ARG A 509 12.33 -2.03 43.72
N VAL A 510 11.96 -1.13 42.82
CA VAL A 510 11.33 -1.58 41.62
C VAL A 510 12.14 -1.28 40.41
N VAL A 511 12.33 -2.32 39.64
CA VAL A 511 13.02 -2.21 38.40
C VAL A 511 12.04 -2.60 37.32
N VAL A 512 11.84 -1.70 36.37
CA VAL A 512 10.90 -1.96 35.31
C VAL A 512 11.57 -2.25 34.01
N LEU A 513 11.31 -3.44 33.50
CA LEU A 513 11.90 -3.85 32.28
C LEU A 513 11.06 -3.45 31.10
N SER A 514 11.76 -3.17 30.02
CA SER A 514 11.15 -2.90 28.73
C SER A 514 12.01 -3.53 27.67
N PHE A 515 11.42 -4.37 26.86
CA PHE A 515 12.18 -5.08 25.85
C PHE A 515 11.87 -4.49 24.47
N GLU A 516 12.84 -3.75 23.92
CA GLU A 516 12.67 -2.96 22.70
C GLU A 516 13.28 -3.53 21.42
N LEU A 517 12.44 -3.64 20.38
CA LEU A 517 12.88 -4.07 19.05
C LEU A 517 12.88 -2.93 18.05
N LEU A 518 14.07 -2.57 17.60
CA LEU A 518 14.30 -1.50 16.64
C LEU A 518 14.79 -2.13 15.37
N HIS A 519 14.79 -1.40 14.27
CA HIS A 519 15.34 -1.93 13.02
C HIS A 519 16.87 -1.81 13.08
N ALA A 520 17.46 -2.63 13.93
CA ALA A 520 18.86 -2.65 14.26
C ALA A 520 19.26 -4.03 14.79
N PRO A 521 20.52 -4.46 14.68
CA PRO A 521 21.01 -5.70 15.24
C PRO A 521 20.76 -5.73 16.73
N ALA A 522 20.32 -6.88 17.24
CA ALA A 522 20.06 -6.97 18.65
C ALA A 522 21.36 -6.89 19.43
N THR A 523 21.37 -6.22 20.59
CA THR A 523 22.63 -6.21 21.33
C THR A 523 22.50 -6.92 22.67
N VAL A 524 21.27 -7.12 23.16
CA VAL A 524 21.08 -7.77 24.45
C VAL A 524 20.13 -8.97 24.34
N CYS A 525 20.66 -10.15 24.72
CA CYS A 525 20.05 -11.48 24.67
C CYS A 525 20.07 -12.00 26.09
N GLY A 526 19.23 -12.95 26.44
CA GLY A 526 19.43 -13.66 27.68
C GLY A 526 20.26 -14.83 27.22
N PRO A 527 20.58 -15.82 28.06
CA PRO A 527 21.32 -16.97 27.63
C PRO A 527 20.54 -17.59 26.48
N LYS A 528 21.24 -18.04 25.46
CA LYS A 528 20.61 -18.62 24.29
C LYS A 528 20.36 -20.10 24.38
N LYS A 529 20.69 -20.67 25.53
CA LYS A 529 20.50 -22.08 25.79
C LYS A 529 21.21 -22.94 24.76
N SER A 530 22.52 -22.72 24.71
CA SER A 530 23.42 -23.38 23.80
C SER A 530 23.32 -24.88 24.02
N THR A 531 23.47 -25.61 22.93
CA THR A 531 23.35 -27.06 22.89
C THR A 531 24.69 -27.70 22.69
N ASN A 532 24.73 -29.02 22.77
CA ASN A 532 25.99 -29.71 22.57
C ASN A 532 26.37 -29.63 21.12
N LEU A 533 27.66 -29.64 20.86
CA LEU A 533 28.12 -29.62 19.49
C LEU A 533 28.12 -31.03 18.97
N VAL A 534 27.66 -31.18 17.74
CA VAL A 534 27.57 -32.46 17.09
C VAL A 534 28.47 -32.52 15.87
N LYS A 535 29.28 -33.56 15.81
CA LYS A 535 30.17 -33.76 14.67
C LYS A 535 29.67 -34.93 13.84
N ASN A 536 30.02 -34.88 12.56
CA ASN A 536 29.75 -35.94 11.57
C ASN A 536 28.26 -36.29 11.39
N LYS A 537 27.40 -35.29 11.51
CA LYS A 537 25.97 -35.43 11.30
C LYS A 537 25.51 -34.16 10.60
N CYS A 538 24.45 -34.23 9.76
CA CYS A 538 23.88 -33.05 9.10
C CYS A 538 22.97 -32.33 10.10
N VAL A 539 23.34 -31.09 10.35
CA VAL A 539 22.67 -30.26 11.28
C VAL A 539 22.36 -28.86 10.76
N ASN A 540 21.44 -28.21 11.45
CA ASN A 540 21.18 -26.80 11.26
C ASN A 540 22.13 -26.06 12.17
N PHE A 541 22.66 -24.93 11.74
CA PHE A 541 23.55 -24.19 12.60
C PHE A 541 23.12 -22.79 12.93
N ASN A 542 23.54 -22.37 14.12
CA ASN A 542 23.48 -20.97 14.53
C ASN A 542 24.72 -20.65 15.39
N PHE A 543 25.72 -20.02 14.78
CA PHE A 543 26.95 -19.66 15.49
C PHE A 543 27.02 -18.18 15.69
N ASN A 544 26.70 -17.72 16.88
CA ASN A 544 26.68 -16.30 17.20
C ASN A 544 25.86 -15.48 16.19
N GLY A 545 24.73 -16.00 15.73
CA GLY A 545 23.88 -15.30 14.77
C GLY A 545 24.09 -15.76 13.31
N LEU A 546 25.17 -16.50 13.04
CA LEU A 546 25.43 -17.01 11.68
C LEU A 546 24.71 -18.30 11.45
N THR A 547 23.88 -18.34 10.42
CA THR A 547 23.13 -19.55 10.20
C THR A 547 23.42 -20.20 8.86
N GLY A 548 23.06 -21.48 8.79
CA GLY A 548 23.23 -22.29 7.58
C GLY A 548 23.17 -23.76 7.94
N THR A 549 23.50 -24.65 7.01
CA THR A 549 23.47 -26.08 7.27
C THR A 549 24.80 -26.73 6.89
N GLY A 550 25.04 -27.91 7.44
CA GLY A 550 26.26 -28.66 7.14
C GLY A 550 26.61 -29.66 8.23
N VAL A 551 27.79 -30.26 8.09
CA VAL A 551 28.33 -31.28 8.95
C VAL A 551 29.66 -30.82 9.56
N LEU A 552 29.80 -30.84 10.87
CA LEU A 552 31.08 -30.39 11.41
C LEU A 552 32.10 -31.47 11.50
N THR A 553 33.34 -31.09 11.19
CA THR A 553 34.48 -31.96 11.36
C THR A 553 35.61 -31.15 11.98
N GLU A 554 36.59 -31.78 12.59
CA GLU A 554 37.71 -31.02 13.15
C GLU A 554 38.38 -30.23 12.04
N SER A 555 38.74 -28.97 12.32
CA SER A 555 39.34 -28.11 11.31
C SER A 555 40.70 -28.54 10.80
N ASN A 556 40.89 -28.33 9.49
CA ASN A 556 42.14 -28.63 8.82
C ASN A 556 42.99 -27.37 8.57
N LYS A 557 42.57 -26.25 9.16
CA LYS A 557 43.26 -24.97 9.01
C LYS A 557 43.34 -24.19 10.33
N LYS A 558 44.40 -23.42 10.49
CA LYS A 558 44.52 -22.56 11.67
C LYS A 558 43.88 -21.22 11.41
N PHE A 559 43.37 -20.59 12.46
CA PHE A 559 42.88 -19.23 12.37
C PHE A 559 43.78 -18.30 13.11
N LEU A 560 43.88 -17.10 12.58
CA LEU A 560 44.58 -16.06 13.27
C LEU A 560 43.67 -15.68 14.43
N PRO A 561 44.19 -15.16 15.56
CA PRO A 561 43.50 -14.80 16.82
C PRO A 561 42.44 -13.73 16.65
N PHE A 562 42.48 -13.08 15.52
CA PHE A 562 41.58 -12.04 15.13
C PHE A 562 40.21 -12.55 14.78
N GLN A 563 40.09 -13.82 14.37
CA GLN A 563 38.80 -14.22 13.84
C GLN A 563 38.16 -15.44 14.43
N GLN A 564 36.84 -15.40 14.41
CA GLN A 564 35.98 -16.50 14.72
C GLN A 564 35.50 -17.20 13.45
N PHE A 565 35.26 -16.42 12.40
CA PHE A 565 34.70 -16.99 11.18
C PHE A 565 35.65 -16.93 10.01
N GLY A 566 35.97 -18.10 9.45
CA GLY A 566 36.86 -18.20 8.30
C GLY A 566 36.02 -18.36 7.05
N ARG A 567 36.49 -17.85 5.90
CA ARG A 567 35.72 -17.91 4.65
C ARG A 567 36.47 -18.34 3.38
N ASP A 568 35.71 -18.97 2.48
CA ASP A 568 36.08 -19.37 1.13
C ASP A 568 35.74 -18.29 0.11
N ILE A 569 36.05 -18.57 -1.16
CA ILE A 569 35.83 -17.65 -2.26
C ILE A 569 34.37 -17.22 -2.33
N ALA A 570 34.18 -15.91 -2.58
CA ALA A 570 32.89 -15.22 -2.62
C ALA A 570 32.23 -15.16 -1.23
N ASP A 571 33.06 -14.93 -0.21
CA ASP A 571 32.68 -14.72 1.20
C ASP A 571 31.78 -15.77 1.80
N THR A 572 32.10 -17.04 1.59
CA THR A 572 31.24 -18.08 2.14
C THR A 572 31.87 -18.70 3.38
N THR A 573 31.10 -18.87 4.45
CA THR A 573 31.72 -19.43 5.65
C THR A 573 32.25 -20.83 5.41
N ASP A 574 33.50 -21.02 5.79
CA ASP A 574 34.19 -22.30 5.68
C ASP A 574 34.29 -23.01 7.00
N ALA A 575 34.59 -22.24 8.06
CA ALA A 575 34.83 -22.83 9.36
C ALA A 575 34.51 -21.84 10.47
N VAL A 576 34.17 -22.36 11.64
CA VAL A 576 33.88 -21.48 12.78
C VAL A 576 34.60 -21.89 14.06
N ARG A 577 35.25 -20.92 14.72
CA ARG A 577 35.86 -21.20 16.01
C ARG A 577 34.69 -21.31 16.99
N ASP A 578 34.65 -22.37 17.77
CA ASP A 578 33.54 -22.55 18.71
C ASP A 578 33.48 -21.42 19.76
N PRO A 579 32.32 -20.76 19.98
CA PRO A 579 32.12 -19.72 20.97
C PRO A 579 32.47 -20.07 22.43
N GLN A 580 32.45 -21.37 22.81
CA GLN A 580 32.78 -21.79 24.19
C GLN A 580 34.13 -22.47 24.32
N THR A 581 34.49 -23.27 23.32
CA THR A 581 35.70 -24.08 23.39
C THR A 581 36.72 -23.56 22.40
N LEU A 582 37.96 -23.40 22.82
CA LEU A 582 38.94 -22.86 21.89
C LEU A 582 39.52 -23.92 20.93
N GLU A 583 38.67 -24.33 20.01
CA GLU A 583 38.88 -25.30 18.95
C GLU A 583 38.11 -24.80 17.73
N ILE A 584 38.52 -25.22 16.55
CA ILE A 584 37.87 -24.78 15.32
C ILE A 584 37.37 -25.96 14.53
N LEU A 585 36.14 -25.86 14.03
CA LEU A 585 35.58 -26.91 13.20
C LEU A 585 35.22 -26.42 11.81
N ASP A 586 35.46 -27.25 10.80
CA ASP A 586 35.13 -26.96 9.41
C ASP A 586 33.69 -27.33 9.15
N ILE A 587 33.00 -26.56 8.32
CA ILE A 587 31.63 -26.92 7.99
C ILE A 587 31.53 -27.50 6.60
N THR A 588 31.21 -28.77 6.53
CA THR A 588 31.08 -29.45 5.26
C THR A 588 29.61 -29.26 4.88
N PRO A 589 29.25 -28.81 3.69
CA PRO A 589 27.87 -28.66 3.30
C PRO A 589 27.28 -30.05 3.38
N CYS A 590 25.96 -30.19 3.69
CA CYS A 590 25.28 -31.49 3.71
C CYS A 590 25.26 -31.91 2.23
N SER A 591 25.75 -33.09 1.97
CA SER A 591 25.95 -33.51 0.60
C SER A 591 24.67 -33.55 -0.21
N PHE A 592 24.81 -33.19 -1.48
CA PHE A 592 23.67 -33.19 -2.37
C PHE A 592 24.11 -33.39 -3.81
N GLY A 593 23.15 -33.79 -4.64
CA GLY A 593 23.41 -33.90 -6.07
C GLY A 593 22.20 -34.48 -6.78
N GLY A 594 22.28 -34.63 -8.10
CA GLY A 594 21.15 -35.14 -8.83
C GLY A 594 21.06 -36.65 -8.72
N VAL A 595 19.93 -37.18 -9.16
CA VAL A 595 19.76 -38.61 -9.18
C VAL A 595 19.42 -39.06 -10.57
N SER A 596 20.22 -40.00 -11.05
CA SER A 596 20.01 -40.50 -12.37
C SER A 596 19.97 -42.00 -12.43
N VAL A 597 19.27 -42.51 -13.42
CA VAL A 597 19.11 -43.93 -13.56
C VAL A 597 19.89 -44.43 -14.75
N ILE A 598 20.70 -45.43 -14.49
CA ILE A 598 21.52 -46.06 -15.48
C ILE A 598 20.71 -47.26 -15.91
N THR A 599 20.29 -47.27 -17.17
CA THR A 599 19.41 -48.34 -17.61
C THR A 599 19.75 -48.89 -18.99
N PRO A 600 19.52 -50.19 -19.23
CA PRO A 600 19.58 -50.87 -20.50
C PRO A 600 18.32 -50.47 -21.18
N GLY A 601 18.17 -50.84 -22.43
CA GLY A 601 16.87 -50.54 -22.99
C GLY A 601 15.84 -51.50 -22.39
N THR A 602 14.57 -51.14 -22.51
CA THR A 602 13.44 -51.95 -22.02
C THR A 602 13.12 -53.08 -22.97
N ASN A 603 13.82 -53.06 -24.08
CA ASN A 603 13.77 -54.07 -25.11
C ASN A 603 14.83 -55.15 -24.84
N THR A 604 15.52 -54.99 -23.70
CA THR A 604 16.55 -55.88 -23.23
C THR A 604 16.16 -56.45 -21.86
N SER A 605 16.01 -55.57 -20.86
CA SER A 605 15.65 -56.01 -19.51
C SER A 605 15.12 -54.87 -18.67
N ASN A 606 14.66 -55.20 -17.46
CA ASN A 606 14.20 -54.17 -16.54
C ASN A 606 15.19 -53.91 -15.40
N GLN A 607 16.44 -54.37 -15.55
CA GLN A 607 17.44 -54.21 -14.48
C GLN A 607 18.19 -52.89 -14.61
N VAL A 608 18.03 -52.06 -13.58
CA VAL A 608 18.58 -50.72 -13.55
C VAL A 608 19.32 -50.40 -12.27
N ALA A 609 20.16 -49.37 -12.30
CA ALA A 609 20.85 -48.87 -11.09
C ALA A 609 20.66 -47.39 -10.92
N VAL A 610 20.69 -46.93 -9.70
CA VAL A 610 20.55 -45.50 -9.49
C VAL A 610 21.80 -44.87 -8.94
N LEU A 611 22.23 -43.81 -9.60
CA LEU A 611 23.37 -43.01 -9.22
C LEU A 611 22.95 -41.78 -8.45
N TYR A 612 23.44 -41.71 -7.22
CA TYR A 612 23.18 -40.59 -6.36
C TYR A 612 24.48 -39.82 -6.32
N GLN A 613 24.48 -38.63 -6.90
CA GLN A 613 25.72 -37.88 -7.03
C GLN A 613 26.21 -37.29 -5.72
N ASP A 614 27.55 -37.33 -5.55
CA ASP A 614 28.28 -36.74 -4.43
C ASP A 614 27.82 -37.11 -3.01
N VAL A 615 27.32 -38.32 -2.80
CA VAL A 615 26.86 -38.75 -1.47
C VAL A 615 27.35 -40.14 -1.09
N ASN A 616 27.29 -40.47 0.22
CA ASN A 616 27.56 -41.79 0.78
C ASN A 616 26.33 -42.69 0.62
N CYS A 617 26.54 -44.00 0.42
CA CYS A 617 25.52 -45.04 0.33
C CYS A 617 24.83 -45.22 1.68
N THR A 618 25.48 -44.71 2.73
CA THR A 618 25.00 -44.77 4.10
C THR A 618 24.02 -43.64 4.38
N GLU A 619 24.01 -42.61 3.53
CA GLU A 619 23.08 -41.48 3.65
C GLU A 619 21.82 -41.71 2.79
N VAL A 620 21.98 -42.42 1.64
CA VAL A 620 20.95 -42.78 0.67
C VAL A 620 20.09 -43.90 1.30
N THR A 638 18.03 -49.06 -1.25
CA THR A 638 19.27 -49.71 -0.90
C THR A 638 19.04 -51.25 -0.90
N GLY A 639 19.46 -51.92 -2.01
CA GLY A 639 19.35 -53.36 -2.24
C GLY A 639 20.66 -54.05 -1.86
N SER A 640 20.88 -55.24 -2.41
CA SER A 640 22.09 -56.00 -2.08
C SER A 640 23.32 -55.59 -2.91
N ASN A 641 23.08 -55.05 -4.09
CA ASN A 641 24.18 -54.65 -4.97
C ASN A 641 24.47 -53.16 -4.80
N VAL A 642 25.25 -52.82 -3.78
CA VAL A 642 25.49 -51.41 -3.54
C VAL A 642 26.97 -51.07 -3.64
N PHE A 643 27.27 -50.18 -4.57
CA PHE A 643 28.64 -49.76 -4.84
C PHE A 643 28.94 -48.29 -4.61
N GLN A 644 29.99 -48.03 -3.84
CA GLN A 644 30.38 -46.65 -3.54
C GLN A 644 31.62 -46.19 -4.30
N THR A 645 31.51 -45.07 -5.01
CA THR A 645 32.67 -44.48 -5.65
C THR A 645 32.77 -43.01 -5.25
N ARG A 646 33.78 -42.32 -5.78
CA ARG A 646 33.99 -40.92 -5.44
C ARG A 646 32.98 -39.98 -6.09
N ALA A 647 32.49 -40.36 -7.26
CA ALA A 647 31.51 -39.56 -7.99
C ALA A 647 30.09 -39.67 -7.39
N GLY A 648 29.80 -40.78 -6.71
CA GLY A 648 28.48 -41.02 -6.13
C GLY A 648 28.23 -42.49 -5.78
N CYS A 649 27.01 -42.79 -5.27
CA CYS A 649 26.57 -44.12 -4.85
C CYS A 649 25.71 -44.79 -5.94
N LEU A 650 26.05 -46.03 -6.31
CA LEU A 650 25.25 -46.78 -7.28
C LEU A 650 24.49 -47.93 -6.63
N ILE A 651 23.16 -47.88 -6.68
CA ILE A 651 22.35 -48.95 -6.10
C ILE A 651 21.70 -49.79 -7.19
N GLY A 652 22.02 -51.10 -7.20
CA GLY A 652 21.63 -52.03 -8.25
C GLY A 652 22.85 -52.18 -9.17
N ALA A 653 24.03 -51.99 -8.56
CA ALA A 653 25.30 -52.00 -9.27
C ALA A 653 26.50 -52.54 -8.50
N GLU A 654 27.49 -52.93 -9.29
CA GLU A 654 28.79 -53.48 -8.93
C GLU A 654 29.93 -52.73 -9.62
N HIS A 655 31.19 -53.15 -9.38
CA HIS A 655 32.36 -52.50 -9.99
C HIS A 655 33.48 -53.46 -10.35
N VAL A 656 34.09 -53.19 -11.51
CA VAL A 656 35.21 -53.91 -12.11
C VAL A 656 36.39 -52.95 -12.33
N ASN A 657 37.64 -53.39 -12.02
CA ASN A 657 38.86 -52.54 -12.10
C ASN A 657 39.48 -52.44 -13.52
N ASN A 658 38.87 -53.07 -14.54
CA ASN A 658 39.30 -53.07 -15.94
C ASN A 658 38.69 -51.88 -16.65
N SER A 659 39.31 -51.46 -17.76
CA SER A 659 38.74 -50.37 -18.51
C SER A 659 38.14 -50.86 -19.80
N TYR A 660 37.05 -50.19 -20.18
CA TYR A 660 36.27 -50.48 -21.38
C TYR A 660 35.81 -49.21 -22.09
N GLU A 661 35.51 -49.30 -23.37
CA GLU A 661 34.80 -48.20 -24.02
C GLU A 661 33.43 -48.25 -23.33
N CYS A 662 32.73 -47.10 -23.12
CA CYS A 662 31.44 -47.10 -22.44
C CYS A 662 30.43 -46.15 -23.07
N ASP A 663 29.16 -46.46 -22.85
CA ASP A 663 28.06 -45.66 -23.31
C ASP A 663 27.58 -44.66 -22.27
N ILE A 664 27.66 -45.01 -20.98
CA ILE A 664 27.15 -44.12 -19.97
C ILE A 664 28.25 -43.61 -19.06
N PRO A 665 28.44 -42.29 -18.91
CA PRO A 665 29.40 -41.73 -18.00
C PRO A 665 28.86 -41.71 -16.58
N ILE A 666 29.76 -41.79 -15.62
CA ILE A 666 29.52 -41.42 -14.23
C ILE A 666 30.25 -40.09 -14.01
N GLY A 667 31.50 -40.03 -14.50
CA GLY A 667 32.36 -38.84 -14.44
C GLY A 667 33.75 -39.13 -13.89
N ALA A 668 34.71 -38.26 -14.20
CA ALA A 668 36.09 -38.34 -13.73
C ALA A 668 36.75 -39.68 -14.03
N GLY A 669 36.60 -40.17 -15.26
CA GLY A 669 37.20 -41.42 -15.69
C GLY A 669 36.35 -42.64 -15.35
N ILE A 670 35.22 -42.42 -14.68
CA ILE A 670 34.35 -43.51 -14.26
C ILE A 670 33.14 -43.63 -15.24
N CYS A 671 32.99 -44.82 -15.81
CA CYS A 671 32.00 -45.34 -16.75
C CYS A 671 30.94 -46.24 -16.13
N ALA A 672 29.84 -46.43 -16.88
CA ALA A 672 28.83 -47.41 -16.54
C ALA A 672 28.30 -48.11 -17.80
N SER A 673 27.93 -49.36 -17.59
CA SER A 673 27.27 -50.17 -18.61
C SER A 673 26.46 -51.33 -18.02
N TYR A 674 25.63 -51.90 -18.86
CA TYR A 674 24.83 -53.07 -18.52
C TYR A 674 25.52 -54.35 -18.99
N GLN A 675 26.07 -55.10 -18.04
CA GLN A 675 26.87 -56.29 -18.38
C GLN A 675 26.69 -57.42 -17.36
N THR A 676 26.87 -58.70 -17.78
CA THR A 676 26.78 -59.90 -16.94
C THR A 676 27.69 -59.79 -15.69
N SER A 689 21.49 -61.27 -13.24
CA SER A 689 22.93 -61.41 -13.46
C SER A 689 23.56 -60.14 -14.09
N GLN A 690 22.86 -59.51 -15.06
CA GLN A 690 23.34 -58.34 -15.82
C GLN A 690 23.08 -57.04 -15.09
N SER A 691 23.85 -56.84 -14.05
CA SER A 691 23.78 -55.69 -13.16
C SER A 691 24.44 -54.49 -13.82
N ILE A 692 24.25 -53.31 -13.26
CA ILE A 692 24.98 -52.19 -13.81
C ILE A 692 26.35 -52.23 -13.20
N ILE A 693 27.35 -52.15 -14.03
CA ILE A 693 28.70 -52.21 -13.53
C ILE A 693 29.48 -50.96 -13.84
N ALA A 694 30.12 -50.43 -12.80
CA ALA A 694 30.99 -49.29 -12.91
C ALA A 694 32.35 -49.79 -13.42
N TYR A 695 32.87 -49.06 -14.40
CA TYR A 695 34.13 -49.36 -15.10
C TYR A 695 35.05 -48.15 -15.30
N THR A 696 36.31 -48.40 -15.61
CA THR A 696 37.22 -47.31 -15.97
C THR A 696 37.10 -47.02 -17.48
N MET A 697 37.23 -45.75 -17.89
CA MET A 697 37.20 -45.46 -19.33
C MET A 697 38.50 -45.91 -20.02
N SER A 698 38.38 -46.70 -21.11
CA SER A 698 39.56 -47.22 -21.84
C SER A 698 40.20 -46.36 -22.91
N LEU A 699 39.44 -45.44 -23.49
CA LEU A 699 39.87 -44.59 -24.61
C LEU A 699 40.13 -45.42 -25.90
N GLY A 700 39.53 -46.59 -25.97
CA GLY A 700 39.63 -47.46 -27.12
C GLY A 700 40.75 -48.47 -26.99
N ALA A 701 40.83 -49.38 -27.95
CA ALA A 701 41.89 -50.36 -27.94
C ALA A 701 43.20 -49.62 -28.07
N GLU A 702 44.24 -50.12 -27.41
CA GLU A 702 45.53 -49.44 -27.50
C GLU A 702 46.33 -49.88 -28.69
N ASN A 703 46.44 -48.99 -29.65
CA ASN A 703 47.10 -49.32 -30.88
C ASN A 703 48.59 -49.06 -30.80
N SER A 704 49.24 -50.03 -30.19
CA SER A 704 50.68 -50.02 -29.98
C SER A 704 51.34 -50.51 -31.25
N VAL A 705 51.27 -49.66 -32.26
CA VAL A 705 51.79 -49.85 -33.60
C VAL A 705 53.29 -49.74 -33.52
N ALA A 706 53.97 -50.66 -34.17
CA ALA A 706 55.41 -50.67 -34.19
C ALA A 706 55.89 -49.65 -35.18
N TYR A 707 57.05 -49.06 -34.92
CA TYR A 707 57.60 -48.13 -35.88
C TYR A 707 59.07 -48.39 -36.07
N SER A 708 59.58 -48.00 -37.23
CA SER A 708 60.97 -48.14 -37.57
C SER A 708 61.41 -47.00 -38.48
N ASN A 709 62.71 -46.62 -38.41
CA ASN A 709 63.30 -45.57 -39.25
C ASN A 709 63.90 -46.10 -40.59
N ASN A 710 63.69 -47.40 -40.92
CA ASN A 710 64.11 -48.03 -42.17
C ASN A 710 62.94 -48.73 -42.88
N SER A 711 61.69 -48.38 -42.53
CA SER A 711 60.54 -49.05 -43.14
C SER A 711 59.30 -48.19 -43.41
N ILE A 712 58.80 -48.25 -44.67
CA ILE A 712 57.60 -47.50 -45.08
C ILE A 712 56.46 -48.34 -45.60
N ALA A 713 55.30 -48.11 -45.00
CA ALA A 713 54.07 -48.77 -45.41
C ALA A 713 53.48 -48.03 -46.59
N ILE A 714 53.34 -48.75 -47.71
CA ILE A 714 52.82 -48.21 -48.96
C ILE A 714 51.51 -48.88 -49.32
N PRO A 715 50.38 -48.16 -49.26
CA PRO A 715 49.07 -48.67 -49.60
C PRO A 715 49.01 -49.23 -50.99
N THR A 716 48.43 -50.41 -51.08
CA THR A 716 48.23 -51.14 -52.33
C THR A 716 46.73 -51.36 -52.63
N ASN A 717 45.97 -51.79 -51.59
CA ASN A 717 44.55 -52.12 -51.61
C ASN A 717 43.79 -50.97 -50.94
N PHE A 718 42.94 -50.26 -51.72
CA PHE A 718 42.10 -49.10 -51.30
C PHE A 718 40.64 -49.34 -51.49
N THR A 719 39.86 -48.68 -50.64
CA THR A 719 38.43 -48.74 -50.80
C THR A 719 37.81 -47.36 -50.82
N ILE A 720 36.60 -47.32 -51.37
CA ILE A 720 35.80 -46.13 -51.37
C ILE A 720 34.69 -46.30 -50.39
N SER A 721 34.67 -45.43 -49.41
CA SER A 721 33.70 -45.46 -48.35
C SER A 721 32.78 -44.29 -48.51
N VAL A 722 31.56 -44.40 -48.01
CA VAL A 722 30.70 -43.25 -48.08
C VAL A 722 30.18 -43.02 -46.67
N THR A 723 30.27 -41.80 -46.19
CA THR A 723 29.78 -41.52 -44.85
C THR A 723 28.71 -40.46 -44.90
N THR A 724 28.09 -40.21 -43.77
CA THR A 724 27.03 -39.21 -43.76
C THR A 724 27.14 -38.16 -42.69
N GLU A 725 26.56 -37.02 -43.03
CA GLU A 725 26.41 -35.92 -42.11
C GLU A 725 25.18 -35.09 -42.45
N ILE A 726 24.43 -34.69 -41.43
CA ILE A 726 23.28 -33.85 -41.67
C ILE A 726 23.53 -32.54 -40.97
N LEU A 727 23.42 -31.47 -41.71
CA LEU A 727 23.63 -30.17 -41.16
C LEU A 727 22.33 -29.39 -41.01
N PRO A 728 22.15 -28.60 -39.93
CA PRO A 728 21.08 -27.64 -39.76
C PRO A 728 21.24 -26.57 -40.80
N VAL A 729 20.14 -26.09 -41.36
CA VAL A 729 20.17 -24.95 -42.29
C VAL A 729 19.20 -23.88 -41.83
N SER A 730 18.02 -24.29 -41.37
CA SER A 730 17.00 -23.30 -41.01
C SER A 730 16.06 -23.74 -39.88
N MET A 731 15.56 -22.76 -39.14
CA MET A 731 14.58 -22.97 -38.08
C MET A 731 13.17 -22.62 -38.49
N THR A 732 12.24 -23.03 -37.64
CA THR A 732 10.83 -22.75 -37.77
C THR A 732 10.61 -21.23 -37.77
N LYS A 733 9.83 -20.74 -38.72
CA LYS A 733 9.58 -19.31 -38.87
C LYS A 733 8.51 -18.88 -37.91
N THR A 734 8.89 -18.92 -36.65
CA THR A 734 8.00 -18.71 -35.54
C THR A 734 7.52 -17.28 -35.49
N SER A 735 6.22 -17.14 -35.33
CA SER A 735 5.56 -15.86 -35.22
C SER A 735 4.65 -15.92 -34.02
N VAL A 736 4.92 -15.05 -33.07
CA VAL A 736 4.24 -15.07 -31.80
C VAL A 736 3.27 -13.92 -31.60
N ASP A 737 1.99 -14.20 -31.68
CA ASP A 737 1.04 -13.13 -31.53
C ASP A 737 0.76 -12.94 -30.06
N CYS A 738 1.67 -12.20 -29.37
CA CYS A 738 1.74 -11.91 -27.93
C CYS A 738 0.38 -11.52 -27.37
N THR A 739 -0.33 -10.64 -28.08
CA THR A 739 -1.61 -10.16 -27.60
C THR A 739 -2.71 -11.23 -27.69
N MET A 740 -2.54 -12.27 -28.54
CA MET A 740 -3.57 -13.30 -28.61
C MET A 740 -3.27 -14.32 -27.52
N TYR A 741 -1.99 -14.58 -27.26
CA TYR A 741 -1.63 -15.55 -26.24
C TYR A 741 -2.20 -15.16 -24.91
N ILE A 742 -2.10 -13.88 -24.63
CA ILE A 742 -2.57 -13.37 -23.38
C ILE A 742 -4.11 -13.06 -23.27
N CYS A 743 -4.79 -12.52 -24.33
CA CYS A 743 -6.20 -12.08 -24.29
C CYS A 743 -7.19 -12.93 -25.09
N GLY A 744 -6.77 -13.69 -26.09
CA GLY A 744 -7.77 -14.38 -26.89
C GLY A 744 -8.60 -13.35 -27.69
N ASP A 745 -7.96 -12.23 -28.02
CA ASP A 745 -8.52 -11.07 -28.71
C ASP A 745 -9.62 -10.29 -27.95
N SER A 746 -9.73 -10.45 -26.62
CA SER A 746 -10.70 -9.66 -25.86
C SER A 746 -10.38 -8.15 -25.91
N THR A 747 -11.42 -7.31 -26.07
CA THR A 747 -11.26 -5.85 -26.23
C THR A 747 -10.73 -5.11 -25.01
N GLU A 748 -11.32 -5.36 -23.85
CA GLU A 748 -10.89 -4.66 -22.63
C GLU A 748 -9.44 -5.03 -22.24
N CYS A 749 -9.10 -6.32 -22.47
CA CYS A 749 -7.83 -6.94 -22.22
C CYS A 749 -6.77 -6.27 -23.09
N SER A 750 -7.06 -6.13 -24.39
CA SER A 750 -6.18 -5.50 -25.34
C SER A 750 -5.90 -4.05 -24.97
N ASN A 751 -6.94 -3.32 -24.53
CA ASN A 751 -6.75 -1.93 -24.17
C ASN A 751 -5.78 -1.77 -23.00
N LEU A 752 -5.75 -2.76 -22.10
CA LEU A 752 -4.82 -2.72 -20.99
C LEU A 752 -3.47 -3.36 -21.36
N LEU A 753 -3.42 -4.19 -22.40
CA LEU A 753 -2.13 -4.76 -22.79
C LEU A 753 -1.24 -3.66 -23.30
N LEU A 754 -1.84 -2.65 -23.89
CA LEU A 754 -1.10 -1.53 -24.46
C LEU A 754 -0.25 -0.80 -23.43
N GLN A 755 -0.47 -1.06 -22.14
CA GLN A 755 0.29 -0.46 -21.07
C GLN A 755 1.76 -0.93 -21.07
N TYR A 756 2.09 -2.03 -21.78
CA TYR A 756 3.49 -2.48 -21.84
C TYR A 756 4.20 -1.90 -23.06
N GLY A 757 3.49 -1.08 -23.84
CA GLY A 757 4.09 -0.45 -25.00
C GLY A 757 4.59 -1.43 -26.05
N SER A 758 5.86 -1.26 -26.39
CA SER A 758 6.56 -2.03 -27.41
C SER A 758 7.33 -3.26 -26.93
N PHE A 759 7.24 -3.64 -25.66
CA PHE A 759 8.06 -4.79 -25.24
C PHE A 759 7.92 -6.08 -26.08
N CYS A 760 6.69 -6.51 -26.47
CA CYS A 760 6.48 -7.71 -27.32
C CYS A 760 6.72 -7.37 -28.80
N THR A 761 6.73 -6.09 -29.14
CA THR A 761 6.93 -5.68 -30.52
C THR A 761 8.36 -5.91 -30.89
N GLN A 762 9.26 -5.56 -29.96
CA GLN A 762 10.68 -5.72 -30.19
C GLN A 762 11.05 -7.19 -30.38
N LEU A 763 10.37 -8.07 -29.63
CA LEU A 763 10.61 -9.50 -29.72
C LEU A 763 10.09 -10.06 -31.04
N ASN A 764 8.93 -9.59 -31.50
CA ASN A 764 8.47 -10.08 -32.78
C ASN A 764 9.30 -9.56 -33.94
N ARG A 765 9.86 -8.35 -33.81
CA ARG A 765 10.71 -7.85 -34.86
C ARG A 765 11.96 -8.71 -34.95
N ALA A 766 12.50 -9.11 -33.79
CA ALA A 766 13.66 -9.97 -33.77
C ALA A 766 13.34 -11.31 -34.41
N LEU A 767 12.15 -11.87 -34.14
CA LEU A 767 11.80 -13.15 -34.73
C LEU A 767 11.62 -13.06 -36.22
N THR A 768 11.03 -11.96 -36.70
CA THR A 768 10.85 -11.80 -38.12
C THR A 768 12.21 -11.72 -38.78
N GLY A 769 13.13 -10.95 -38.18
CA GLY A 769 14.45 -10.80 -38.73
C GLY A 769 15.17 -12.14 -38.78
N ILE A 770 15.00 -12.96 -37.75
CA ILE A 770 15.63 -14.26 -37.73
C ILE A 770 15.05 -15.10 -38.83
N ALA A 771 13.73 -15.13 -39.00
CA ALA A 771 13.12 -15.95 -40.04
C ALA A 771 13.68 -15.56 -41.42
N VAL A 772 13.93 -14.27 -41.64
CA VAL A 772 14.52 -13.81 -42.89
C VAL A 772 15.94 -14.35 -43.03
N GLU A 773 16.70 -14.29 -41.95
CA GLU A 773 18.06 -14.80 -41.96
C GLU A 773 18.07 -16.30 -42.22
N GLN A 774 17.07 -17.03 -41.72
CA GLN A 774 16.99 -18.46 -41.93
C GLN A 774 16.72 -18.74 -43.42
N ASP A 775 15.98 -17.84 -44.10
CA ASP A 775 15.76 -17.97 -45.55
C ASP A 775 17.05 -17.70 -46.27
N LYS A 776 17.84 -16.77 -45.75
CA LYS A 776 19.12 -16.47 -46.36
C LYS A 776 20.06 -17.67 -46.24
N ASN A 777 19.99 -18.41 -45.11
CA ASN A 777 20.83 -19.59 -44.95
C ASN A 777 20.44 -20.63 -45.99
N THR A 778 19.13 -20.76 -46.22
CA THR A 778 18.60 -21.72 -47.19
C THR A 778 19.11 -21.33 -48.57
N GLN A 779 19.10 -20.04 -48.88
CA GLN A 779 19.58 -19.61 -50.18
C GLN A 779 21.07 -19.88 -50.34
N GLU A 780 21.86 -19.66 -49.28
CA GLU A 780 23.31 -19.85 -49.35
C GLU A 780 23.66 -21.31 -49.64
N VAL A 781 22.89 -22.23 -49.06
CA VAL A 781 23.11 -23.65 -49.23
C VAL A 781 22.54 -24.19 -50.54
N PHE A 782 21.30 -23.82 -50.90
CA PHE A 782 20.73 -24.45 -52.08
C PHE A 782 20.67 -23.59 -53.34
N ALA A 783 20.50 -22.28 -53.22
CA ALA A 783 20.35 -21.43 -54.41
C ALA A 783 21.74 -21.00 -54.87
N GLN A 784 22.52 -21.98 -55.29
CA GLN A 784 23.91 -21.82 -55.68
C GLN A 784 24.06 -21.91 -57.17
N VAL A 785 22.94 -21.83 -57.83
CA VAL A 785 22.83 -21.94 -59.26
C VAL A 785 22.44 -20.60 -59.81
N LYS A 786 23.03 -20.19 -60.92
CA LYS A 786 22.63 -18.94 -61.54
C LYS A 786 21.20 -19.06 -62.03
N GLN A 787 20.90 -20.24 -62.53
CA GLN A 787 19.60 -20.64 -63.02
C GLN A 787 19.50 -22.10 -62.67
N ILE A 788 18.32 -22.63 -62.49
CA ILE A 788 18.22 -24.06 -62.26
C ILE A 788 18.76 -24.85 -63.45
N TYR A 789 19.54 -25.88 -63.16
CA TYR A 789 20.16 -26.76 -64.15
C TYR A 789 19.49 -28.10 -64.03
N LYS A 790 19.47 -28.88 -65.09
CA LYS A 790 18.89 -30.22 -64.99
C LYS A 790 19.88 -31.34 -65.25
N THR A 791 19.55 -32.54 -64.78
CA THR A 791 20.33 -33.74 -64.99
C THR A 791 20.06 -34.15 -66.43
N PRO A 792 20.85 -35.04 -67.05
CA PRO A 792 20.56 -35.55 -68.35
C PRO A 792 19.21 -36.28 -68.25
N PRO A 793 18.41 -36.37 -69.33
CA PRO A 793 17.11 -37.04 -69.42
C PRO A 793 17.21 -38.55 -69.22
N ILE A 794 18.41 -39.07 -69.41
CA ILE A 794 18.74 -40.47 -69.25
C ILE A 794 19.58 -40.53 -68.02
N LYS A 795 19.24 -41.38 -67.08
CA LYS A 795 19.95 -41.40 -65.79
C LYS A 795 21.32 -42.08 -65.82
N ASP A 796 22.22 -41.46 -66.56
CA ASP A 796 23.55 -42.00 -66.68
C ASP A 796 24.41 -41.48 -65.56
N PHE A 797 24.45 -42.27 -64.51
CA PHE A 797 25.21 -41.92 -63.33
C PHE A 797 26.38 -42.90 -63.21
N GLY A 798 26.73 -43.54 -64.34
CA GLY A 798 27.87 -44.45 -64.37
C GLY A 798 27.62 -45.78 -63.71
N GLY A 799 26.36 -46.16 -63.54
CA GLY A 799 26.03 -47.40 -62.86
C GLY A 799 25.88 -47.18 -61.36
N PHE A 800 26.03 -45.94 -60.90
CA PHE A 800 25.88 -45.64 -59.49
C PHE A 800 24.38 -45.56 -59.14
N ASN A 801 24.05 -45.95 -57.85
CA ASN A 801 22.67 -45.99 -57.37
C ASN A 801 22.22 -44.60 -56.83
N PHE A 802 21.99 -43.73 -57.90
CA PHE A 802 21.67 -42.30 -57.82
C PHE A 802 20.15 -42.04 -57.71
N SER A 803 19.35 -43.01 -58.04
CA SER A 803 17.89 -42.87 -58.05
C SER A 803 17.36 -42.75 -56.65
N GLN A 804 18.20 -43.09 -55.70
CA GLN A 804 17.90 -43.07 -54.28
C GLN A 804 18.31 -41.74 -53.66
N ILE A 805 18.96 -40.92 -54.47
CA ILE A 805 19.47 -39.62 -54.10
C ILE A 805 18.53 -38.54 -54.65
N LEU A 806 18.16 -38.67 -55.93
CA LEU A 806 17.24 -37.76 -56.61
C LEU A 806 15.80 -37.90 -56.11
N PRO A 807 14.99 -36.83 -56.13
CA PRO A 807 13.59 -36.84 -55.73
C PRO A 807 12.75 -37.65 -56.69
N ASP A 808 11.71 -38.32 -56.18
CA ASP A 808 10.79 -39.10 -56.99
C ASP A 808 9.61 -38.25 -57.49
N PRO A 809 9.53 -37.90 -58.78
CA PRO A 809 8.56 -37.00 -59.37
C PRO A 809 7.14 -37.57 -59.44
N SER A 810 7.01 -38.89 -59.21
CA SER A 810 5.70 -39.52 -59.34
C SER A 810 4.88 -39.46 -58.05
N LYS A 811 5.49 -39.03 -56.96
CA LYS A 811 4.80 -39.03 -55.68
C LYS A 811 4.13 -37.68 -55.40
N PRO A 812 3.10 -37.62 -54.51
CA PRO A 812 2.44 -36.40 -54.02
C PRO A 812 3.42 -35.43 -53.36
N SER A 813 4.55 -35.96 -52.92
CA SER A 813 5.60 -35.22 -52.28
C SER A 813 6.88 -35.67 -52.98
N LYS A 814 7.48 -34.76 -53.73
CA LYS A 814 8.62 -35.11 -54.58
C LYS A 814 9.93 -35.13 -53.81
N ARG A 815 10.10 -36.21 -53.07
CA ARG A 815 11.23 -36.44 -52.19
C ARG A 815 11.96 -37.73 -52.58
N SER A 816 13.25 -37.79 -52.30
CA SER A 816 14.07 -38.98 -52.56
C SER A 816 13.85 -39.91 -51.39
N PRO A 817 14.17 -41.20 -51.47
CA PRO A 817 14.14 -42.12 -50.33
C PRO A 817 14.97 -41.62 -49.14
N ILE A 818 16.08 -40.93 -49.36
CA ILE A 818 16.87 -40.41 -48.24
C ILE A 818 16.07 -39.31 -47.57
N GLU A 819 15.51 -38.45 -48.39
CA GLU A 819 14.72 -37.35 -47.90
C GLU A 819 13.50 -37.87 -47.15
N ASP A 820 12.83 -38.93 -47.63
CA ASP A 820 11.66 -39.47 -46.93
C ASP A 820 12.03 -39.98 -45.55
N LEU A 821 13.21 -40.55 -45.41
CA LEU A 821 13.58 -41.05 -44.10
C LEU A 821 13.69 -39.93 -43.10
N LEU A 822 14.14 -38.75 -43.50
CA LEU A 822 14.13 -37.67 -42.51
C LEU A 822 12.78 -36.97 -42.42
N PHE A 823 12.13 -36.71 -43.54
CA PHE A 823 10.91 -35.92 -43.49
C PHE A 823 9.79 -36.62 -42.73
N ASN A 824 9.73 -37.95 -42.80
CA ASN A 824 8.67 -38.66 -42.11
C ASN A 824 9.08 -39.14 -40.70
N LYS A 825 10.29 -38.83 -40.25
CA LYS A 825 10.78 -39.27 -38.95
C LYS A 825 11.13 -38.13 -37.97
N VAL A 826 11.63 -37.04 -38.50
CA VAL A 826 12.06 -35.93 -37.64
C VAL A 826 10.82 -35.02 -37.47
N THR A 827 10.47 -34.61 -36.23
CA THR A 827 9.30 -33.75 -35.92
C THR A 827 9.74 -32.39 -35.35
N LYS A 854 -1.93 -21.63 -32.38
CA LYS A 854 -3.31 -21.94 -32.72
C LYS A 854 -4.21 -20.83 -32.09
N PHE A 855 -5.11 -21.17 -31.13
CA PHE A 855 -6.02 -20.23 -30.41
C PHE A 855 -5.20 -19.33 -29.48
N ASN A 856 -3.95 -19.73 -29.28
CA ASN A 856 -3.00 -19.02 -28.47
C ASN A 856 -2.18 -18.04 -29.31
N GLY A 857 -2.38 -17.97 -30.62
CA GLY A 857 -1.57 -17.03 -31.39
C GLY A 857 -0.23 -17.58 -31.87
N LEU A 858 -0.05 -18.89 -31.89
CA LEU A 858 1.22 -19.42 -32.35
C LEU A 858 1.13 -19.89 -33.78
N THR A 859 1.92 -19.28 -34.66
CA THR A 859 1.90 -19.75 -36.02
C THR A 859 3.30 -19.83 -36.57
N VAL A 860 3.39 -20.36 -37.77
CA VAL A 860 4.63 -20.48 -38.49
C VAL A 860 4.39 -19.84 -39.84
N LEU A 861 5.26 -18.92 -40.21
CA LEU A 861 5.08 -18.26 -41.47
C LEU A 861 5.36 -19.27 -42.57
N PRO A 862 4.67 -19.22 -43.71
CA PRO A 862 4.91 -20.12 -44.80
C PRO A 862 6.25 -19.72 -45.38
N PRO A 863 7.01 -20.64 -45.94
CA PRO A 863 8.23 -20.37 -46.64
C PRO A 863 7.87 -19.79 -47.96
N LEU A 864 8.76 -18.99 -48.51
CA LEU A 864 8.62 -18.53 -49.87
C LEU A 864 9.14 -19.65 -50.74
N LEU A 865 10.23 -20.26 -50.27
CA LEU A 865 10.89 -21.37 -50.96
C LEU A 865 10.53 -22.68 -50.27
N THR A 866 9.75 -23.47 -50.97
CA THR A 866 9.21 -24.74 -50.48
C THR A 866 10.13 -25.91 -50.67
N ASP A 867 9.78 -27.03 -50.03
CA ASP A 867 10.56 -28.26 -50.09
C ASP A 867 10.73 -28.78 -51.50
N GLU A 868 9.71 -28.62 -52.34
CA GLU A 868 9.80 -29.14 -53.68
C GLU A 868 10.84 -28.36 -54.46
N MET A 869 10.83 -27.04 -54.29
CA MET A 869 11.76 -26.16 -54.97
C MET A 869 13.18 -26.29 -54.43
N ILE A 870 13.31 -26.65 -53.15
CA ILE A 870 14.62 -26.88 -52.57
C ILE A 870 15.17 -28.14 -53.22
N ALA A 871 14.33 -29.18 -53.34
CA ALA A 871 14.74 -30.41 -54.00
C ALA A 871 15.12 -30.14 -55.45
N GLN A 872 14.43 -29.21 -56.13
CA GLN A 872 14.76 -28.86 -57.51
C GLN A 872 16.13 -28.17 -57.60
N TYR A 873 16.45 -27.31 -56.63
CA TYR A 873 17.79 -26.70 -56.63
C TYR A 873 18.82 -27.77 -56.35
N THR A 874 18.47 -28.71 -55.46
CA THR A 874 19.38 -29.77 -55.09
C THR A 874 19.64 -30.63 -56.32
N SER A 875 18.60 -30.91 -57.11
CA SER A 875 18.73 -31.70 -58.31
C SER A 875 19.71 -31.02 -59.26
N ALA A 876 19.61 -29.69 -59.41
CA ALA A 876 20.56 -28.98 -60.25
C ALA A 876 21.99 -29.15 -59.75
N LEU A 877 22.18 -29.12 -58.44
CA LEU A 877 23.52 -29.29 -57.89
C LEU A 877 24.00 -30.72 -58.13
N LEU A 878 23.09 -31.68 -58.06
CA LEU A 878 23.42 -33.08 -58.32
C LEU A 878 23.79 -33.24 -59.79
N ALA A 879 23.09 -32.54 -60.69
CA ALA A 879 23.40 -32.59 -62.11
C ALA A 879 24.81 -32.12 -62.34
N GLY A 880 25.20 -31.06 -61.63
CA GLY A 880 26.54 -30.53 -61.73
C GLY A 880 27.55 -31.55 -61.25
N THR A 881 27.26 -32.15 -60.12
CA THR A 881 28.18 -33.10 -59.53
C THR A 881 28.52 -34.21 -60.52
N ILE A 882 27.48 -34.71 -61.18
CA ILE A 882 27.62 -35.77 -62.15
C ILE A 882 28.22 -35.36 -63.50
N THR A 883 27.78 -34.26 -64.13
CA THR A 883 28.25 -33.95 -65.47
C THR A 883 29.10 -32.68 -65.70
N SER A 884 29.32 -31.83 -64.68
CA SER A 884 30.10 -30.59 -64.90
C SER A 884 31.21 -30.34 -63.85
N GLY A 885 31.00 -30.80 -62.64
CA GLY A 885 31.92 -30.54 -61.54
C GLY A 885 32.05 -29.05 -61.28
N TRP A 886 33.27 -28.57 -61.17
CA TRP A 886 33.56 -27.15 -60.88
C TRP A 886 33.12 -26.20 -61.98
N THR A 887 32.90 -26.70 -63.20
CA THR A 887 32.58 -25.81 -64.30
C THR A 887 31.13 -25.39 -64.21
N PHE A 888 30.39 -26.05 -63.33
CA PHE A 888 28.98 -25.78 -63.15
C PHE A 888 28.78 -24.29 -62.82
N GLY A 889 29.59 -23.81 -61.86
CA GLY A 889 29.56 -22.40 -61.45
C GLY A 889 30.61 -21.53 -62.16
N ALA A 890 31.75 -22.11 -62.56
CA ALA A 890 32.82 -21.33 -63.18
C ALA A 890 32.57 -21.11 -64.65
N GLY A 891 31.68 -20.18 -64.94
CA GLY A 891 31.31 -19.90 -66.31
C GLY A 891 30.14 -20.79 -66.67
N PRO A 892 29.76 -20.89 -67.93
CA PRO A 892 28.65 -21.70 -68.39
C PRO A 892 28.99 -23.12 -67.98
N ALA A 893 27.99 -23.93 -67.62
CA ALA A 893 28.33 -25.30 -67.27
C ALA A 893 28.89 -26.00 -68.49
N LEU A 894 29.93 -26.77 -68.26
CA LEU A 894 30.58 -27.50 -69.32
C LEU A 894 30.26 -28.95 -69.20
N GLN A 895 30.33 -29.64 -70.31
CA GLN A 895 29.98 -31.03 -70.35
C GLN A 895 31.20 -31.91 -70.31
N ILE A 896 31.19 -32.91 -69.45
CA ILE A 896 32.27 -33.89 -69.44
C ILE A 896 31.62 -35.28 -69.33
N PRO A 897 32.10 -36.34 -69.99
CA PRO A 897 31.58 -37.68 -69.84
C PRO A 897 31.62 -38.07 -68.40
N PHE A 898 30.62 -38.76 -67.91
CA PHE A 898 30.67 -39.12 -66.51
C PHE A 898 31.96 -39.87 -66.10
N PRO A 899 32.43 -40.93 -66.81
CA PRO A 899 33.64 -41.65 -66.48
C PRO A 899 34.91 -40.80 -66.62
N MET A 900 34.86 -39.67 -67.34
CA MET A 900 36.06 -38.88 -67.45
C MET A 900 36.04 -37.95 -66.26
N GLN A 901 34.84 -37.53 -65.83
CA GLN A 901 34.82 -36.71 -64.64
C GLN A 901 35.35 -37.56 -63.51
N MET A 902 34.99 -38.86 -63.48
CA MET A 902 35.49 -39.74 -62.44
C MET A 902 37.01 -39.85 -62.54
N ALA A 903 37.55 -39.89 -63.76
CA ALA A 903 39.00 -39.96 -63.91
C ALA A 903 39.68 -38.79 -63.25
N TYR A 904 39.06 -37.61 -63.37
CA TYR A 904 39.66 -36.44 -62.77
C TYR A 904 39.42 -36.41 -61.30
N ARG A 905 38.32 -37.02 -60.84
CA ARG A 905 38.08 -37.07 -59.42
C ARG A 905 39.19 -37.89 -58.76
N PHE A 906 39.65 -38.94 -59.44
CA PHE A 906 40.76 -39.74 -58.91
C PHE A 906 42.09 -38.98 -59.00
N ASN A 907 42.35 -38.29 -60.11
CA ASN A 907 43.61 -37.55 -60.21
C ASN A 907 43.65 -36.44 -59.15
N GLY A 908 42.48 -35.90 -58.84
CA GLY A 908 42.28 -34.82 -57.88
C GLY A 908 42.56 -35.22 -56.44
N ILE A 909 42.66 -36.53 -56.17
CA ILE A 909 42.94 -37.03 -54.84
C ILE A 909 44.31 -37.69 -54.81
N GLY A 910 45.12 -37.42 -55.83
CA GLY A 910 46.46 -37.96 -55.89
C GLY A 910 46.54 -39.40 -56.37
N VAL A 911 45.56 -39.86 -57.12
CA VAL A 911 45.55 -41.23 -57.62
C VAL A 911 45.49 -41.24 -59.14
N THR A 912 46.43 -41.89 -59.79
CA THR A 912 46.40 -41.90 -61.24
C THR A 912 45.11 -42.57 -61.70
N GLN A 913 44.42 -41.92 -62.66
CA GLN A 913 43.13 -42.33 -63.24
C GLN A 913 43.11 -43.72 -63.85
N ASN A 914 44.27 -44.31 -64.07
CA ASN A 914 44.31 -45.66 -64.59
C ASN A 914 43.50 -46.56 -63.67
N VAL A 915 43.44 -46.21 -62.36
CA VAL A 915 42.71 -47.01 -61.39
C VAL A 915 41.25 -47.04 -61.76
N LEU A 916 40.71 -45.97 -62.34
CA LEU A 916 39.33 -45.96 -62.68
C LEU A 916 39.02 -46.97 -63.70
N TYR A 917 39.92 -47.12 -64.64
CA TYR A 917 39.60 -48.01 -65.71
C TYR A 917 39.82 -49.47 -65.32
N GLU A 918 40.92 -49.76 -64.64
CA GLU A 918 41.19 -51.14 -64.26
C GLU A 918 40.18 -51.63 -63.24
N ASN A 919 39.74 -50.73 -62.38
CA ASN A 919 38.83 -51.02 -61.31
C ASN A 919 37.47 -50.36 -61.55
N GLN A 920 37.07 -50.13 -62.81
CA GLN A 920 35.79 -49.44 -63.02
C GLN A 920 34.63 -50.16 -62.33
N LYS A 921 34.64 -51.50 -62.36
CA LYS A 921 33.57 -52.26 -61.74
C LYS A 921 33.66 -52.20 -60.21
N LEU A 922 34.89 -52.25 -59.69
CA LEU A 922 35.10 -52.21 -58.25
C LEU A 922 34.66 -50.89 -57.66
N ILE A 923 34.95 -49.81 -58.36
CA ILE A 923 34.62 -48.47 -57.94
C ILE A 923 33.11 -48.32 -57.93
N ALA A 924 32.44 -48.79 -59.00
CA ALA A 924 30.99 -48.73 -59.05
C ALA A 924 30.38 -49.50 -57.89
N ASN A 925 30.97 -50.66 -57.57
CA ASN A 925 30.46 -51.51 -56.52
C ASN A 925 30.74 -50.99 -55.12
N GLN A 926 31.90 -50.37 -54.88
CA GLN A 926 32.18 -49.88 -53.54
C GLN A 926 31.25 -48.73 -53.20
N PHE A 927 30.99 -47.83 -54.16
CA PHE A 927 30.07 -46.74 -53.88
C PHE A 927 28.68 -47.28 -53.63
N ASN A 928 28.18 -48.17 -54.52
CA ASN A 928 26.83 -48.66 -54.36
C ASN A 928 26.65 -49.47 -53.11
N SER A 929 27.69 -50.21 -52.70
CA SER A 929 27.62 -50.99 -51.49
C SER A 929 27.44 -50.04 -50.33
N ALA A 930 28.24 -48.96 -50.32
CA ALA A 930 28.16 -47.97 -49.27
C ALA A 930 26.79 -47.27 -49.25
N ILE A 931 26.21 -46.96 -50.41
CA ILE A 931 24.91 -46.29 -50.44
C ILE A 931 23.87 -47.20 -49.88
N GLY A 932 23.92 -48.48 -50.24
CA GLY A 932 22.99 -49.44 -49.71
C GLY A 932 23.11 -49.44 -48.19
N LYS A 933 24.34 -49.56 -47.67
CA LYS A 933 24.55 -49.57 -46.23
C LYS A 933 24.00 -48.32 -45.57
N ILE A 934 24.16 -47.17 -46.21
CA ILE A 934 23.65 -45.94 -45.67
C ILE A 934 22.15 -45.93 -45.62
N GLN A 935 21.48 -46.33 -46.69
CA GLN A 935 20.03 -46.34 -46.66
C GLN A 935 19.51 -47.35 -45.64
N ASP A 936 20.19 -48.50 -45.55
CA ASP A 936 19.76 -49.55 -44.66
C ASP A 936 19.93 -49.13 -43.22
N SER A 937 21.01 -48.40 -42.92
CA SER A 937 21.25 -47.88 -41.59
C SER A 937 20.23 -46.81 -41.23
N LEU A 938 20.03 -45.85 -42.13
CA LEU A 938 19.14 -44.73 -41.83
C LEU A 938 17.70 -45.23 -41.57
N SER A 939 17.27 -46.23 -42.32
CA SER A 939 15.92 -46.80 -42.20
C SER A 939 15.73 -47.82 -41.08
N SER A 940 16.82 -48.30 -40.45
CA SER A 940 16.67 -49.35 -39.44
C SER A 940 17.15 -48.93 -38.06
N THR A 941 17.92 -47.84 -38.02
CA THR A 941 18.49 -47.28 -36.84
C THR A 941 18.06 -45.83 -36.74
N PRO A 942 16.90 -45.50 -36.16
CA PRO A 942 16.34 -44.15 -36.12
C PRO A 942 17.34 -43.12 -35.58
N SER A 943 18.25 -43.53 -34.69
CA SER A 943 19.23 -42.59 -34.15
C SER A 943 20.18 -42.06 -35.23
N ALA A 944 20.26 -42.75 -36.36
CA ALA A 944 21.11 -42.38 -37.50
C ALA A 944 20.63 -41.07 -38.13
N LEU A 945 19.37 -40.73 -37.88
CA LEU A 945 18.70 -39.54 -38.37
C LEU A 945 18.81 -38.42 -37.32
N GLY A 946 19.42 -38.75 -36.16
CA GLY A 946 19.56 -37.94 -34.95
C GLY A 946 20.19 -36.59 -35.17
N LYS A 947 21.09 -36.52 -36.15
CA LYS A 947 21.75 -35.27 -36.44
C LYS A 947 20.71 -34.20 -36.79
N LEU A 948 19.57 -34.60 -37.37
CA LEU A 948 18.53 -33.64 -37.66
C LEU A 948 17.39 -33.75 -36.64
N GLN A 949 17.15 -34.96 -36.11
CA GLN A 949 16.02 -35.12 -35.19
C GLN A 949 16.20 -34.20 -34.01
N ASP A 950 17.43 -34.03 -33.54
CA ASP A 950 17.63 -33.14 -32.41
C ASP A 950 17.29 -31.70 -32.77
N VAL A 951 17.55 -31.27 -33.99
CA VAL A 951 17.31 -29.88 -34.36
C VAL A 951 15.84 -29.59 -34.36
N VAL A 952 15.09 -30.47 -34.99
CA VAL A 952 13.68 -30.24 -35.14
C VAL A 952 12.97 -30.48 -33.82
N ASN A 953 13.44 -31.44 -33.03
CA ASN A 953 12.78 -31.72 -31.79
C ASN A 953 13.02 -30.59 -30.83
N GLN A 954 14.21 -29.99 -30.84
CA GLN A 954 14.48 -28.88 -29.95
C GLN A 954 13.62 -27.69 -30.33
N ASN A 955 13.42 -27.45 -31.63
CA ASN A 955 12.61 -26.32 -32.02
C ASN A 955 11.14 -26.58 -31.72
N ALA A 956 10.67 -27.83 -31.93
CA ALA A 956 9.29 -28.17 -31.65
C ALA A 956 9.01 -28.06 -30.18
N GLN A 957 9.97 -28.49 -29.36
CA GLN A 957 9.84 -28.42 -27.93
C GLN A 957 9.85 -27.00 -27.48
N ALA A 958 10.67 -26.15 -28.07
CA ALA A 958 10.70 -24.76 -27.66
C ALA A 958 9.34 -24.11 -27.90
N LEU A 959 8.68 -24.45 -29.01
CA LEU A 959 7.36 -23.88 -29.28
C LEU A 959 6.28 -24.50 -28.39
N ASN A 960 6.40 -25.79 -28.11
CA ASN A 960 5.43 -26.44 -27.25
C ASN A 960 5.60 -25.93 -25.82
N THR A 961 6.83 -25.58 -25.45
CA THR A 961 7.15 -25.02 -24.14
C THR A 961 6.51 -23.67 -24.01
N LEU A 962 6.58 -22.83 -25.06
CA LEU A 962 5.95 -21.54 -24.94
C LEU A 962 4.45 -21.73 -24.70
N VAL A 963 3.86 -22.75 -25.33
CA VAL A 963 2.45 -23.05 -25.11
C VAL A 963 2.16 -23.62 -23.70
N LYS A 964 2.96 -24.57 -23.22
CA LYS A 964 2.69 -25.16 -21.90
C LYS A 964 2.80 -24.12 -20.79
N GLN A 965 3.71 -23.18 -20.96
CA GLN A 965 3.98 -22.12 -20.01
C GLN A 965 2.83 -21.14 -19.87
N LEU A 966 1.86 -21.19 -20.77
CA LEU A 966 0.77 -20.24 -20.75
C LEU A 966 -0.18 -20.56 -19.61
N SER A 967 -0.06 -21.75 -19.05
CA SER A 967 -0.91 -22.14 -17.94
C SER A 967 -0.34 -21.66 -16.62
N SER A 968 0.91 -21.17 -16.63
CA SER A 968 1.53 -20.70 -15.42
C SER A 968 0.95 -19.35 -15.10
N ASN A 969 0.75 -19.06 -13.82
CA ASN A 969 0.27 -17.74 -13.50
C ASN A 969 1.42 -16.82 -13.13
N PHE A 970 2.64 -17.34 -13.13
CA PHE A 970 3.82 -16.56 -12.80
C PHE A 970 3.69 -15.87 -11.42
N GLY A 971 2.90 -16.49 -10.53
CA GLY A 971 2.61 -16.05 -9.17
C GLY A 971 1.38 -15.14 -9.06
N ALA A 972 0.72 -14.88 -10.18
CA ALA A 972 -0.49 -14.07 -10.26
C ALA A 972 -1.66 -14.83 -9.68
N ILE A 973 -2.71 -14.11 -9.33
CA ILE A 973 -3.95 -14.68 -8.77
C ILE A 973 -4.63 -15.70 -9.71
N SER A 974 -4.39 -15.58 -11.00
CA SER A 974 -4.94 -16.47 -12.02
C SER A 974 -4.05 -16.49 -13.22
N SER A 975 -3.98 -17.62 -13.92
CA SER A 975 -3.17 -17.77 -15.13
C SER A 975 -3.78 -17.17 -16.39
N VAL A 976 -5.07 -16.89 -16.35
CA VAL A 976 -5.76 -16.39 -17.53
C VAL A 976 -6.07 -14.92 -17.40
N LEU A 977 -5.57 -14.12 -18.33
CA LEU A 977 -5.77 -12.69 -18.22
C LEU A 977 -7.25 -12.31 -18.29
N ASN A 978 -8.05 -13.07 -19.03
CA ASN A 978 -9.46 -12.78 -19.11
C ASN A 978 -10.15 -13.05 -17.78
N ASP A 979 -9.59 -13.97 -16.97
CA ASP A 979 -10.14 -14.29 -15.67
C ASP A 979 -9.81 -13.14 -14.74
N ILE A 980 -8.61 -12.57 -14.92
CA ILE A 980 -8.17 -11.45 -14.08
C ILE A 980 -9.10 -10.27 -14.28
N LEU A 981 -9.46 -10.02 -15.52
CA LEU A 981 -10.33 -8.92 -15.86
C LEU A 981 -11.74 -9.08 -15.32
N SER A 982 -12.29 -10.30 -15.34
CA SER A 982 -13.62 -10.49 -14.77
C SER A 982 -13.60 -10.55 -13.24
N ARG A 983 -12.50 -11.05 -12.68
CA ARG A 983 -12.28 -11.23 -11.24
C ARG A 983 -11.99 -9.95 -10.46
N LEU A 984 -11.12 -9.09 -10.99
CA LEU A 984 -10.71 -7.91 -10.26
C LEU A 984 -11.17 -6.60 -10.89
N ASP A 985 -11.57 -5.66 -10.06
CA ASP A 985 -11.90 -4.33 -10.56
C ASP A 985 -10.63 -3.81 -11.24
N PRO A 986 -10.70 -3.06 -12.36
CA PRO A 986 -9.54 -2.54 -13.10
C PRO A 986 -8.35 -2.03 -12.26
N PRO A 987 -8.49 -1.21 -11.19
CA PRO A 987 -7.36 -0.71 -10.41
C PRO A 987 -6.53 -1.82 -9.74
N GLU A 988 -7.13 -3.00 -9.58
CA GLU A 988 -6.48 -4.14 -8.97
C GLU A 988 -6.05 -5.10 -10.07
N ALA A 989 -6.87 -5.15 -11.11
CA ALA A 989 -6.62 -6.02 -12.24
C ALA A 989 -5.33 -5.60 -12.86
N GLU A 990 -5.03 -4.31 -12.88
CA GLU A 990 -3.80 -3.82 -13.50
C GLU A 990 -2.54 -4.43 -12.89
N VAL A 991 -2.56 -4.74 -11.60
CA VAL A 991 -1.37 -5.30 -11.01
C VAL A 991 -1.18 -6.72 -11.54
N GLN A 992 -2.28 -7.47 -11.58
CA GLN A 992 -2.21 -8.86 -12.01
C GLN A 992 -2.06 -8.97 -13.54
N ILE A 993 -2.58 -7.99 -14.27
CA ILE A 993 -2.50 -7.94 -15.72
C ILE A 993 -1.06 -7.78 -16.09
N ASP A 994 -0.40 -6.83 -15.45
CA ASP A 994 0.98 -6.57 -15.76
C ASP A 994 1.84 -7.76 -15.35
N ARG A 995 1.50 -8.44 -14.23
CA ARG A 995 2.29 -9.57 -13.81
C ARG A 995 2.21 -10.73 -14.79
N LEU A 996 1.02 -11.05 -15.31
CA LEU A 996 0.94 -12.14 -16.26
C LEU A 996 1.64 -11.81 -17.55
N ILE A 997 1.54 -10.56 -17.98
CA ILE A 997 2.17 -10.15 -19.21
C ILE A 997 3.66 -10.23 -19.08
N THR A 998 4.19 -9.74 -17.96
CA THR A 998 5.62 -9.75 -17.74
C THR A 998 6.14 -11.18 -17.73
N GLY A 999 5.42 -12.10 -17.08
CA GLY A 999 5.88 -13.47 -17.05
C GLY A 999 5.93 -14.06 -18.46
N ARG A 1000 4.87 -13.83 -19.26
CA ARG A 1000 4.82 -14.33 -20.62
C ARG A 1000 5.90 -13.67 -21.48
N LEU A 1001 6.15 -12.39 -21.22
CA LEU A 1001 7.14 -11.61 -21.93
C LEU A 1001 8.50 -12.18 -21.68
N GLN A 1002 8.83 -12.49 -20.43
CA GLN A 1002 10.14 -13.05 -20.10
C GLN A 1002 10.34 -14.41 -20.72
N SER A 1003 9.29 -15.24 -20.79
CA SER A 1003 9.43 -16.54 -21.40
C SER A 1003 9.77 -16.36 -22.88
N LEU A 1004 9.12 -15.37 -23.51
CA LEU A 1004 9.40 -15.10 -24.90
C LEU A 1004 10.80 -14.49 -25.04
N GLN A 1005 11.21 -13.61 -24.13
CA GLN A 1005 12.54 -13.01 -24.27
C GLN A 1005 13.61 -14.09 -24.24
N THR A 1006 13.41 -15.09 -23.38
CA THR A 1006 14.38 -16.18 -23.30
C THR A 1006 14.38 -16.94 -24.62
N TYR A 1007 13.19 -17.26 -25.12
CA TYR A 1007 13.04 -17.96 -26.38
C TYR A 1007 13.70 -17.29 -27.54
N VAL A 1008 13.44 -15.98 -27.70
CA VAL A 1008 13.94 -15.21 -28.81
C VAL A 1008 15.44 -15.09 -28.72
N THR A 1009 15.97 -14.86 -27.51
CA THR A 1009 17.41 -14.75 -27.31
C THR A 1009 18.08 -16.05 -27.71
N GLN A 1010 17.53 -17.17 -27.26
CA GLN A 1010 18.11 -18.45 -27.59
C GLN A 1010 18.00 -18.72 -29.06
N GLN A 1011 16.89 -18.30 -29.68
CA GLN A 1011 16.69 -18.50 -31.09
C GLN A 1011 17.74 -17.73 -31.87
N LEU A 1012 18.09 -16.51 -31.43
CA LEU A 1012 19.09 -15.75 -32.15
C LEU A 1012 20.46 -16.44 -32.03
N ILE A 1013 20.76 -16.99 -30.85
CA ILE A 1013 22.02 -17.69 -30.66
C ILE A 1013 22.04 -18.93 -31.57
N ARG A 1014 20.92 -19.66 -31.61
CA ARG A 1014 20.81 -20.82 -32.46
C ARG A 1014 20.95 -20.40 -33.91
N ALA A 1015 20.37 -19.26 -34.29
CA ALA A 1015 20.46 -18.78 -35.65
C ALA A 1015 21.90 -18.58 -36.05
N ALA A 1016 22.72 -18.08 -35.13
CA ALA A 1016 24.11 -17.86 -35.44
C ALA A 1016 24.84 -19.18 -35.71
N GLU A 1017 24.48 -20.21 -34.94
CA GLU A 1017 25.10 -21.53 -35.05
C GLU A 1017 24.65 -22.26 -36.29
N ILE A 1018 23.38 -22.06 -36.62
CA ILE A 1018 22.77 -22.65 -37.78
C ILE A 1018 23.35 -22.00 -39.00
N ARG A 1019 23.54 -20.68 -38.98
CA ARG A 1019 24.16 -20.02 -40.10
C ARG A 1019 25.55 -20.58 -40.32
N ALA A 1020 26.33 -20.79 -39.24
CA ALA A 1020 27.66 -21.34 -39.42
C ALA A 1020 27.56 -22.72 -40.08
N SER A 1021 26.55 -23.50 -39.70
CA SER A 1021 26.31 -24.80 -40.31
C SER A 1021 25.96 -24.67 -41.79
N ALA A 1022 25.08 -23.73 -42.11
CA ALA A 1022 24.68 -23.49 -43.49
C ALA A 1022 25.89 -23.08 -44.33
N ASN A 1023 26.79 -22.31 -43.73
CA ASN A 1023 27.98 -21.88 -44.43
C ASN A 1023 28.90 -23.08 -44.64
N LEU A 1024 28.92 -23.99 -43.67
CA LEU A 1024 29.73 -25.19 -43.78
C LEU A 1024 29.18 -26.06 -44.88
N ALA A 1025 27.86 -26.17 -44.99
CA ALA A 1025 27.26 -26.98 -46.04
C ALA A 1025 27.63 -26.45 -47.40
N ALA A 1026 27.61 -25.12 -47.54
CA ALA A 1026 28.00 -24.52 -48.80
C ALA A 1026 29.47 -24.77 -49.11
N THR A 1027 30.30 -24.73 -48.05
CA THR A 1027 31.73 -25.00 -48.18
C THR A 1027 31.98 -26.42 -48.62
N LYS A 1028 31.28 -27.39 -48.02
CA LYS A 1028 31.45 -28.79 -48.39
C LYS A 1028 31.03 -29.00 -49.83
N MET A 1029 30.00 -28.30 -50.28
CA MET A 1029 29.67 -28.49 -51.66
C MET A 1029 30.83 -28.06 -52.57
N SER A 1030 31.46 -26.94 -52.26
CA SER A 1030 32.62 -26.53 -53.04
C SER A 1030 33.82 -27.50 -52.95
N GLU A 1031 34.16 -27.90 -51.72
CA GLU A 1031 35.30 -28.76 -51.39
C GLU A 1031 35.22 -30.27 -51.73
N CYS A 1032 34.02 -30.89 -51.60
CA CYS A 1032 33.80 -32.34 -51.76
C CYS A 1032 32.80 -32.66 -52.87
N VAL A 1033 31.81 -31.80 -53.15
CA VAL A 1033 30.83 -32.18 -54.18
C VAL A 1033 31.33 -31.85 -55.58
N LEU A 1034 31.75 -30.60 -55.81
CA LEU A 1034 32.19 -30.18 -57.14
C LEU A 1034 33.71 -30.17 -57.33
N GLY A 1035 34.43 -30.70 -56.35
CA GLY A 1035 35.89 -30.72 -56.38
C GLY A 1035 36.44 -31.77 -55.43
N GLN A 1036 37.79 -31.83 -55.34
CA GLN A 1036 38.47 -32.85 -54.52
C GLN A 1036 39.36 -32.30 -53.45
N SER A 1037 38.80 -32.01 -52.31
CA SER A 1037 39.54 -31.49 -51.20
C SER A 1037 40.52 -32.48 -50.61
N LYS A 1038 41.65 -31.94 -50.20
CA LYS A 1038 42.71 -32.70 -49.56
C LYS A 1038 42.81 -32.33 -48.09
N ARG A 1039 41.84 -31.54 -47.61
CA ARG A 1039 41.83 -31.14 -46.21
C ARG A 1039 41.72 -32.43 -45.44
N VAL A 1040 42.52 -32.59 -44.41
CA VAL A 1040 42.47 -33.90 -43.80
C VAL A 1040 41.19 -34.14 -43.05
N ASP A 1041 40.54 -35.20 -43.53
CA ASP A 1041 39.29 -35.77 -43.12
C ASP A 1041 38.15 -34.76 -43.02
N PHE A 1042 38.15 -33.75 -43.88
CA PHE A 1042 37.15 -32.69 -43.81
C PHE A 1042 35.68 -33.11 -43.91
N CYS A 1043 35.36 -33.95 -44.91
CA CYS A 1043 34.02 -34.49 -45.19
C CYS A 1043 33.99 -35.97 -44.75
N GLY A 1044 34.91 -36.37 -43.88
CA GLY A 1044 35.00 -37.75 -43.43
C GLY A 1044 36.40 -38.28 -43.70
N LYS A 1045 36.74 -39.40 -43.09
CA LYS A 1045 38.08 -39.97 -43.24
C LYS A 1045 38.48 -40.27 -44.67
N GLY A 1046 39.69 -39.81 -45.06
CA GLY A 1046 40.24 -40.06 -46.41
C GLY A 1046 40.22 -38.84 -47.32
N TYR A 1047 40.61 -39.06 -48.59
CA TYR A 1047 40.64 -37.98 -49.59
C TYR A 1047 39.25 -37.78 -50.12
N HIS A 1048 38.88 -36.57 -50.51
CA HIS A 1048 37.52 -36.40 -51.00
C HIS A 1048 37.41 -36.57 -52.49
N LEU A 1049 36.67 -37.60 -52.90
CA LEU A 1049 36.54 -37.95 -54.30
C LEU A 1049 35.33 -37.23 -54.88
N MET A 1050 34.23 -37.32 -54.13
CA MET A 1050 32.94 -36.74 -54.51
C MET A 1050 32.02 -36.68 -53.31
N SER A 1051 30.89 -36.04 -53.49
CA SER A 1051 29.87 -35.94 -52.47
C SER A 1051 28.56 -35.58 -53.10
N PHE A 1052 27.45 -35.89 -52.43
CA PHE A 1052 26.15 -35.48 -52.97
C PHE A 1052 25.20 -34.92 -51.89
N PRO A 1053 24.57 -33.73 -52.07
CA PRO A 1053 23.53 -33.16 -51.22
C PRO A 1053 22.13 -33.77 -51.43
N GLN A 1054 21.33 -33.81 -50.37
CA GLN A 1054 19.89 -34.15 -50.39
C GLN A 1054 19.18 -33.13 -49.47
N SER A 1055 17.89 -32.91 -49.68
CA SER A 1055 17.12 -31.99 -48.83
C SER A 1055 16.74 -32.62 -47.50
N ALA A 1056 16.32 -31.78 -46.57
CA ALA A 1056 15.83 -32.24 -45.28
C ALA A 1056 15.00 -31.12 -44.71
N PRO A 1057 14.01 -31.37 -43.86
CA PRO A 1057 13.27 -30.29 -43.28
C PRO A 1057 14.29 -29.64 -42.41
N HIS A 1058 14.37 -28.33 -42.38
CA HIS A 1058 15.31 -27.64 -41.51
C HIS A 1058 16.81 -27.93 -41.76
N GLY A 1059 17.18 -28.58 -42.88
CA GLY A 1059 18.60 -28.89 -43.07
C GLY A 1059 19.01 -29.43 -44.44
N VAL A 1060 20.26 -29.88 -44.49
CA VAL A 1060 20.85 -30.46 -45.71
C VAL A 1060 21.57 -31.76 -45.36
N VAL A 1061 21.44 -32.75 -46.23
CA VAL A 1061 22.04 -34.05 -45.99
C VAL A 1061 23.13 -34.35 -46.96
N PHE A 1062 24.27 -34.81 -46.47
CA PHE A 1062 25.30 -35.17 -47.40
C PHE A 1062 25.78 -36.61 -47.31
N LEU A 1063 26.09 -37.12 -48.49
CA LEU A 1063 26.74 -38.39 -48.72
C LEU A 1063 28.14 -38.10 -49.14
N HIS A 1064 29.10 -38.34 -48.28
CA HIS A 1064 30.48 -37.95 -48.58
C HIS A 1064 31.30 -39.15 -48.99
N VAL A 1065 31.88 -39.09 -50.19
CA VAL A 1065 32.58 -40.23 -50.74
C VAL A 1065 34.09 -40.03 -50.64
N THR A 1066 34.75 -40.94 -49.91
CA THR A 1066 36.17 -40.79 -49.66
C THR A 1066 37.03 -41.99 -50.05
N TYR A 1067 38.30 -41.70 -50.30
CA TYR A 1067 39.28 -42.73 -50.65
C TYR A 1067 40.22 -43.00 -49.47
N VAL A 1068 40.12 -44.22 -48.94
CA VAL A 1068 40.81 -44.66 -47.73
C VAL A 1068 41.61 -45.96 -47.92
N PRO A 1069 42.90 -46.05 -47.51
CA PRO A 1069 43.72 -47.26 -47.60
C PRO A 1069 43.10 -48.40 -46.79
N ALA A 1070 43.19 -49.62 -47.32
CA ALA A 1070 42.72 -50.81 -46.61
C ALA A 1070 43.88 -51.72 -46.23
N GLN A 1071 44.83 -51.92 -47.17
CA GLN A 1071 45.97 -52.80 -46.92
C GLN A 1071 47.26 -52.23 -47.49
N GLU A 1072 48.33 -52.32 -46.70
CA GLU A 1072 49.64 -51.80 -47.09
C GLU A 1072 50.72 -52.79 -46.78
N LYS A 1073 51.81 -52.71 -47.52
CA LYS A 1073 52.98 -53.52 -47.21
C LYS A 1073 54.10 -52.59 -46.74
N ASN A 1074 54.84 -52.97 -45.67
CA ASN A 1074 55.96 -52.20 -45.11
C ASN A 1074 57.30 -52.67 -45.73
N PHE A 1075 57.85 -51.82 -46.62
CA PHE A 1075 59.03 -52.02 -47.45
C PHE A 1075 60.27 -51.47 -46.76
N THR A 1076 61.42 -52.02 -47.11
CA THR A 1076 62.69 -51.50 -46.60
C THR A 1076 62.92 -50.18 -47.29
N THR A 1077 63.33 -49.13 -46.59
CA THR A 1077 63.45 -47.86 -47.30
C THR A 1077 64.74 -47.10 -47.20
N ALA A 1078 64.86 -46.09 -48.07
CA ALA A 1078 66.01 -45.20 -48.08
C ALA A 1078 65.61 -43.84 -48.63
N PRO A 1079 66.18 -42.73 -48.16
CA PRO A 1079 65.93 -41.40 -48.73
C PRO A 1079 66.46 -41.20 -50.14
N ALA A 1080 67.41 -42.02 -50.59
CA ALA A 1080 68.00 -41.87 -51.91
C ALA A 1080 68.62 -43.16 -52.40
N ILE A 1081 68.83 -43.21 -53.70
CA ILE A 1081 69.53 -44.28 -54.36
C ILE A 1081 70.89 -43.77 -54.91
N CYS A 1082 71.97 -44.53 -54.62
CA CYS A 1082 73.35 -44.25 -54.94
C CYS A 1082 73.68 -44.73 -56.36
N HIS A 1083 74.18 -43.80 -57.15
CA HIS A 1083 74.57 -44.13 -58.52
C HIS A 1083 75.87 -43.42 -58.87
N ASP A 1084 76.92 -44.20 -59.09
CA ASP A 1084 78.24 -43.69 -59.40
C ASP A 1084 78.71 -42.65 -58.37
N GLY A 1085 78.40 -42.87 -57.10
CA GLY A 1085 78.81 -41.99 -56.01
C GLY A 1085 77.87 -40.81 -55.72
N LYS A 1086 76.84 -40.60 -56.54
CA LYS A 1086 75.93 -39.48 -56.35
C LYS A 1086 74.62 -39.86 -55.68
N ALA A 1087 74.01 -38.90 -54.98
CA ALA A 1087 72.72 -39.17 -54.35
C ALA A 1087 71.55 -38.73 -55.19
N HIS A 1088 70.79 -39.71 -55.67
CA HIS A 1088 69.63 -39.49 -56.50
C HIS A 1088 68.38 -39.59 -55.66
N PHE A 1089 67.62 -38.51 -55.60
CA PHE A 1089 66.39 -38.46 -54.82
C PHE A 1089 65.26 -38.65 -55.79
N PRO A 1090 64.09 -39.15 -55.39
CA PRO A 1090 62.99 -39.30 -56.31
C PRO A 1090 62.60 -37.92 -56.76
N ARG A 1091 62.19 -37.75 -58.02
CA ARG A 1091 61.66 -36.45 -58.42
C ARG A 1091 60.23 -36.34 -57.89
N GLU A 1092 59.65 -37.51 -57.61
CA GLU A 1092 58.33 -37.69 -57.07
C GLU A 1092 58.34 -39.02 -56.33
N GLY A 1093 57.52 -39.14 -55.30
CA GLY A 1093 57.40 -40.42 -54.60
C GLY A 1093 58.51 -40.68 -53.60
N VAL A 1094 58.62 -41.94 -53.19
CA VAL A 1094 59.56 -42.43 -52.18
C VAL A 1094 60.26 -43.72 -52.64
N PHE A 1095 61.55 -43.90 -52.27
CA PHE A 1095 62.25 -45.13 -52.61
C PHE A 1095 62.07 -46.20 -51.55
N VAL A 1096 61.55 -47.33 -51.99
CA VAL A 1096 61.26 -48.45 -51.11
C VAL A 1096 61.82 -49.77 -51.70
N SER A 1097 61.93 -50.83 -50.90
CA SER A 1097 62.40 -52.14 -51.36
C SER A 1097 61.64 -53.35 -50.78
N ASN A 1098 61.44 -54.36 -51.65
CA ASN A 1098 60.75 -55.62 -51.39
C ASN A 1098 61.69 -56.75 -50.87
N GLY A 1099 62.97 -56.41 -50.59
CA GLY A 1099 64.03 -57.29 -50.09
C GLY A 1099 65.07 -57.62 -51.15
N THR A 1100 64.77 -57.42 -52.45
CA THR A 1100 65.82 -57.69 -53.44
C THR A 1100 66.07 -56.47 -54.32
N HIS A 1101 65.03 -55.68 -54.60
CA HIS A 1101 65.19 -54.52 -55.47
C HIS A 1101 64.47 -53.29 -54.99
N TRP A 1102 65.07 -52.17 -55.35
CA TRP A 1102 64.59 -50.83 -55.06
C TRP A 1102 63.76 -50.26 -56.18
N PHE A 1103 62.71 -49.54 -55.81
CA PHE A 1103 61.78 -48.93 -56.74
C PHE A 1103 61.04 -47.72 -56.15
N VAL A 1104 60.38 -46.95 -57.02
CA VAL A 1104 59.63 -45.78 -56.55
C VAL A 1104 58.14 -46.01 -56.45
N THR A 1105 57.57 -45.67 -55.30
CA THR A 1105 56.13 -45.75 -55.07
C THR A 1105 55.62 -44.42 -54.58
N GLN A 1106 54.30 -44.25 -54.58
CA GLN A 1106 53.75 -43.02 -54.10
C GLN A 1106 53.20 -43.19 -52.71
N ARG A 1107 53.11 -42.08 -51.99
CA ARG A 1107 52.59 -42.10 -50.65
C ARG A 1107 51.15 -42.58 -50.61
N ASN A 1108 50.39 -42.33 -51.68
CA ASN A 1108 49.01 -42.77 -51.72
C ASN A 1108 48.76 -43.92 -52.71
N PHE A 1109 49.80 -44.68 -53.11
CA PHE A 1109 49.59 -45.85 -53.97
C PHE A 1109 50.86 -46.65 -54.36
N TYR A 1110 50.74 -47.96 -54.22
CA TYR A 1110 51.81 -48.84 -54.64
C TYR A 1110 51.74 -49.09 -56.13
N GLU A 1111 52.75 -48.62 -56.83
CA GLU A 1111 52.87 -48.74 -58.27
C GLU A 1111 54.31 -48.54 -58.65
N PRO A 1112 55.19 -49.52 -58.42
CA PRO A 1112 56.63 -49.41 -58.54
C PRO A 1112 57.10 -48.89 -59.89
N GLN A 1113 57.96 -47.88 -59.84
CA GLN A 1113 58.56 -47.36 -61.05
C GLN A 1113 60.02 -47.74 -61.01
N ILE A 1114 60.60 -47.91 -62.17
CA ILE A 1114 62.04 -48.14 -62.26
C ILE A 1114 62.76 -46.81 -62.10
N ILE A 1115 63.87 -46.82 -61.38
CA ILE A 1115 64.63 -45.59 -61.22
C ILE A 1115 65.46 -45.33 -62.47
N THR A 1116 65.30 -44.13 -62.99
CA THR A 1116 65.97 -43.66 -64.19
C THR A 1116 66.46 -42.27 -63.92
N THR A 1117 67.32 -41.75 -64.77
CA THR A 1117 67.76 -40.37 -64.55
C THR A 1117 66.60 -39.39 -64.71
N ASP A 1118 65.60 -39.78 -65.50
CA ASP A 1118 64.42 -38.94 -65.74
C ASP A 1118 63.45 -38.99 -64.56
N ASN A 1119 63.70 -39.87 -63.60
CA ASN A 1119 62.86 -40.00 -62.44
C ASN A 1119 63.54 -39.50 -61.17
N THR A 1120 64.71 -38.88 -61.31
CA THR A 1120 65.45 -38.42 -60.13
C THR A 1120 65.99 -37.00 -60.20
N PHE A 1121 66.43 -36.53 -59.02
CA PHE A 1121 67.13 -35.26 -58.88
C PHE A 1121 68.39 -35.49 -58.06
N VAL A 1122 69.54 -35.02 -58.53
CA VAL A 1122 70.77 -35.27 -57.77
C VAL A 1122 71.19 -34.10 -56.89
N SER A 1123 71.44 -34.43 -55.63
CA SER A 1123 71.91 -33.42 -54.69
C SER A 1123 72.80 -34.03 -53.63
N GLY A 1124 74.05 -33.61 -53.60
CA GLY A 1124 74.94 -34.22 -52.65
C GLY A 1124 75.38 -35.58 -53.17
N ASN A 1125 75.84 -36.42 -52.27
CA ASN A 1125 76.45 -37.68 -52.64
C ASN A 1125 76.06 -38.80 -51.66
N CYS A 1126 76.61 -40.00 -51.89
CA CYS A 1126 76.31 -41.23 -51.16
C CYS A 1126 76.80 -41.22 -49.70
N ASP A 1127 77.66 -40.25 -49.35
CA ASP A 1127 78.11 -40.12 -47.98
C ASP A 1127 77.19 -39.17 -47.21
N VAL A 1128 76.61 -38.21 -47.96
CA VAL A 1128 75.67 -37.21 -47.41
C VAL A 1128 74.34 -37.83 -47.01
N VAL A 1129 73.79 -38.71 -47.85
CA VAL A 1129 72.51 -39.28 -47.46
C VAL A 1129 72.65 -40.46 -46.51
N ILE A 1130 72.03 -40.30 -45.35
CA ILE A 1130 72.08 -41.34 -44.36
C ILE A 1130 71.16 -42.44 -44.82
N GLY A 1131 71.64 -43.67 -44.80
CA GLY A 1131 70.81 -44.76 -45.23
C GLY A 1131 70.70 -44.89 -46.74
N ILE A 1132 71.61 -44.30 -47.53
CA ILE A 1132 71.50 -44.39 -48.98
C ILE A 1132 71.75 -45.83 -49.42
N VAL A 1133 71.01 -46.31 -50.43
CA VAL A 1133 71.15 -47.69 -50.91
C VAL A 1133 71.51 -47.74 -52.40
N ASN A 1134 72.05 -48.90 -52.86
CA ASN A 1134 72.53 -49.13 -54.23
C ASN A 1134 71.49 -49.81 -55.16
N ASN A 1135 71.17 -49.14 -56.29
CA ASN A 1135 70.25 -49.56 -57.36
C ASN A 1135 70.55 -48.75 -58.62
N THR A 1136 70.90 -49.43 -59.69
CA THR A 1136 71.30 -48.76 -60.93
C THR A 1136 70.22 -47.83 -61.46
N VAL A 1137 70.65 -46.61 -61.81
CA VAL A 1137 69.76 -45.63 -62.38
C VAL A 1137 69.87 -45.72 -63.91
N GLN B 14 -30.71 39.34 -33.69
CA GLN B 14 -30.67 40.14 -34.93
C GLN B 14 -30.51 39.25 -36.21
N CYS B 15 -31.03 37.98 -36.18
CA CYS B 15 -30.93 37.01 -37.27
C CYS B 15 -31.86 37.38 -38.42
N VAL B 16 -31.36 37.13 -39.62
CA VAL B 16 -32.07 37.36 -40.88
C VAL B 16 -33.31 36.47 -41.17
N ASN B 17 -33.46 35.34 -40.44
CA ASN B 17 -34.59 34.38 -40.51
C ASN B 17 -34.76 33.80 -41.94
N LEU B 18 -33.68 33.45 -42.64
CA LEU B 18 -33.68 32.86 -43.99
C LEU B 18 -33.93 31.35 -43.92
N THR B 19 -33.42 30.72 -42.86
CA THR B 19 -33.49 29.27 -42.64
C THR B 19 -33.51 28.54 -43.97
N THR B 20 -32.42 28.68 -44.73
CA THR B 20 -32.39 28.22 -46.11
C THR B 20 -32.57 26.72 -46.18
N ARG B 21 -31.87 26.02 -45.31
CA ARG B 21 -31.97 24.57 -45.25
C ARG B 21 -31.76 23.89 -46.61
N THR B 22 -30.69 24.21 -47.33
CA THR B 22 -30.43 23.59 -48.64
C THR B 22 -30.23 22.10 -48.38
N GLN B 23 -30.83 21.24 -49.20
CA GLN B 23 -30.66 19.80 -48.97
C GLN B 23 -29.76 19.05 -49.95
N LEU B 24 -28.50 18.85 -49.60
CA LEU B 24 -27.55 18.15 -50.47
C LEU B 24 -26.99 17.00 -49.61
N PRO B 25 -26.58 15.85 -50.18
CA PRO B 25 -25.95 14.77 -49.44
C PRO B 25 -24.68 15.28 -48.77
N PRO B 26 -24.34 14.85 -47.55
CA PRO B 26 -23.14 15.23 -46.81
C PRO B 26 -21.93 14.43 -47.26
N ALA B 27 -21.61 14.49 -48.55
CA ALA B 27 -20.47 13.77 -49.12
C ALA B 27 -20.02 14.43 -50.40
N TYR B 28 -18.75 14.29 -50.74
CA TYR B 28 -18.24 14.85 -51.99
C TYR B 28 -16.94 14.21 -52.41
N THR B 29 -16.78 13.94 -53.69
CA THR B 29 -15.49 13.44 -54.10
C THR B 29 -14.58 14.64 -54.24
N ASN B 30 -13.48 14.59 -53.52
CA ASN B 30 -12.50 15.64 -53.47
C ASN B 30 -11.11 15.09 -53.48
N SER B 31 -10.34 15.42 -54.50
CA SER B 31 -8.99 14.92 -54.49
C SER B 31 -8.28 15.66 -53.38
N PHE B 32 -7.54 14.96 -52.54
CA PHE B 32 -6.80 15.55 -51.43
C PHE B 32 -5.57 14.79 -51.04
N THR B 33 -4.44 15.46 -50.97
CA THR B 33 -3.26 14.73 -50.57
C THR B 33 -2.29 15.60 -49.84
N ARG B 34 -1.46 14.96 -49.05
CA ARG B 34 -0.37 15.60 -48.36
C ARG B 34 -0.74 16.82 -47.52
N GLY B 35 -1.89 16.79 -46.85
CA GLY B 35 -2.28 17.91 -46.01
C GLY B 35 -2.01 17.51 -44.58
N VAL B 36 -0.99 18.11 -44.01
CA VAL B 36 -0.57 17.80 -42.65
C VAL B 36 -0.38 19.09 -41.89
N TYR B 37 -0.20 18.99 -40.61
CA TYR B 37 0.12 20.12 -39.78
C TYR B 37 1.40 19.76 -39.08
N TYR B 38 2.17 20.74 -38.64
CA TYR B 38 3.36 20.37 -37.88
C TYR B 38 2.93 19.84 -36.51
N PRO B 39 3.24 18.56 -36.17
CA PRO B 39 2.82 17.88 -34.95
C PRO B 39 3.52 18.35 -33.69
N ASP B 40 4.62 19.06 -33.86
CA ASP B 40 5.44 19.48 -32.73
C ASP B 40 6.17 20.76 -33.08
N LYS B 41 6.95 21.26 -32.13
CA LYS B 41 7.75 22.47 -32.26
C LYS B 41 9.22 22.12 -32.41
N VAL B 42 9.48 20.85 -32.71
CA VAL B 42 10.82 20.31 -32.89
C VAL B 42 11.30 20.28 -34.35
N PHE B 43 12.47 20.86 -34.54
CA PHE B 43 13.17 21.05 -35.80
C PHE B 43 14.12 19.90 -36.12
N ARG B 44 13.90 19.24 -37.24
CA ARG B 44 14.76 18.12 -37.61
C ARG B 44 15.25 18.28 -39.04
N SER B 45 16.54 18.09 -39.26
CA SER B 45 17.10 18.25 -40.59
C SER B 45 17.29 16.92 -41.29
N SER B 46 16.66 16.79 -42.45
CA SER B 46 16.69 15.60 -43.28
C SER B 46 16.31 14.33 -42.54
N VAL B 47 15.21 14.39 -41.80
CA VAL B 47 14.72 13.26 -41.03
C VAL B 47 13.31 12.87 -41.44
N LEU B 48 13.13 11.58 -41.63
CA LEU B 48 11.79 11.09 -41.88
C LEU B 48 11.22 10.80 -40.51
N HIS B 49 10.14 11.47 -40.19
CA HIS B 49 9.53 11.38 -38.87
C HIS B 49 8.20 10.67 -38.86
N SER B 50 8.11 9.63 -38.03
CA SER B 50 6.87 8.85 -37.91
C SER B 50 6.04 9.37 -36.74
N THR B 51 4.89 9.96 -37.04
CA THR B 51 4.05 10.58 -36.01
C THR B 51 2.67 9.96 -35.92
N GLN B 52 2.24 9.63 -34.70
CA GLN B 52 0.91 9.04 -34.51
C GLN B 52 -0.05 10.07 -33.96
N ASP B 53 -0.91 10.56 -34.82
CA ASP B 53 -1.81 11.64 -34.45
C ASP B 53 -3.03 11.66 -35.35
N LEU B 54 -3.92 12.61 -35.12
CA LEU B 54 -5.10 12.73 -35.94
C LEU B 54 -4.87 13.64 -37.15
N PHE B 55 -4.91 13.05 -38.33
CA PHE B 55 -4.71 13.76 -39.60
C PHE B 55 -5.81 13.33 -40.58
N LEU B 56 -6.12 14.17 -41.56
CA LEU B 56 -7.12 13.81 -42.57
C LEU B 56 -6.52 12.77 -43.50
N PRO B 57 -7.08 11.56 -43.64
CA PRO B 57 -6.50 10.55 -44.48
C PRO B 57 -6.46 11.11 -45.88
N PHE B 58 -5.45 10.75 -46.62
CA PHE B 58 -5.33 11.30 -47.93
C PHE B 58 -6.42 10.67 -48.77
N PHE B 59 -7.01 11.45 -49.64
CA PHE B 59 -8.08 11.03 -50.54
C PHE B 59 -9.33 10.54 -49.81
N SER B 60 -9.52 11.00 -48.57
CA SER B 60 -10.69 10.75 -47.74
C SER B 60 -11.85 11.63 -48.20
N ASN B 61 -13.07 11.39 -47.64
CA ASN B 61 -14.29 12.15 -47.93
C ASN B 61 -14.24 13.56 -47.29
N VAL B 62 -14.21 14.60 -48.16
CA VAL B 62 -14.18 16.02 -47.78
C VAL B 62 -15.41 16.64 -48.40
N THR B 63 -16.40 16.97 -47.59
CA THR B 63 -17.68 17.38 -48.12
C THR B 63 -17.69 18.83 -48.55
N TRP B 64 -18.17 19.09 -49.76
CA TRP B 64 -18.27 20.42 -50.33
C TRP B 64 -19.70 20.93 -50.23
N PHE B 65 -19.85 22.03 -49.51
CA PHE B 65 -21.13 22.64 -49.26
C PHE B 65 -21.36 23.90 -50.04
N HIS B 66 -22.46 23.93 -50.81
CA HIS B 66 -22.89 25.08 -51.62
C HIS B 66 -23.38 26.22 -50.73
N ALA B 67 -23.13 27.47 -51.09
CA ALA B 67 -23.66 28.52 -50.23
C ALA B 67 -23.98 29.87 -50.91
N ILE B 68 -24.88 30.60 -50.24
CA ILE B 68 -25.53 31.88 -50.61
C ILE B 68 -24.76 33.23 -50.78
N ARG B 78 -27.88 29.89 -51.90
CA ARG B 78 -28.75 29.03 -51.12
C ARG B 78 -27.75 28.23 -50.17
N PHE B 79 -27.80 28.53 -48.82
CA PHE B 79 -26.82 28.00 -47.83
C PHE B 79 -27.03 26.57 -47.30
N ASP B 80 -26.12 25.71 -47.74
CA ASP B 80 -26.10 24.32 -47.34
C ASP B 80 -25.22 24.23 -46.13
N ASN B 81 -25.83 24.10 -44.97
CA ASN B 81 -25.06 24.15 -43.76
C ASN B 81 -25.68 23.33 -42.64
N PRO B 82 -25.78 22.02 -42.81
CA PRO B 82 -26.35 21.09 -41.86
C PRO B 82 -25.34 20.96 -40.77
N VAL B 83 -25.77 20.49 -39.63
CA VAL B 83 -24.79 20.25 -38.61
C VAL B 83 -24.16 18.90 -38.95
N LEU B 84 -22.84 18.89 -39.11
CA LEU B 84 -22.11 17.71 -39.57
C LEU B 84 -21.28 17.10 -38.40
N PRO B 85 -21.10 15.76 -38.31
CA PRO B 85 -20.24 15.06 -37.33
C PRO B 85 -18.76 15.43 -37.36
N PHE B 86 -18.18 15.55 -36.15
CA PHE B 86 -16.78 15.83 -35.91
C PHE B 86 -16.13 14.51 -35.56
N ASN B 87 -15.55 13.85 -36.54
CA ASN B 87 -15.02 12.53 -36.28
C ASN B 87 -13.57 12.67 -35.90
N ASP B 88 -13.30 12.64 -34.59
CA ASP B 88 -12.00 12.87 -33.94
C ASP B 88 -11.50 14.33 -34.04
N GLY B 89 -11.65 14.91 -35.21
CA GLY B 89 -11.38 16.31 -35.55
C GLY B 89 -11.69 16.49 -37.03
N VAL B 90 -11.62 17.72 -37.51
CA VAL B 90 -11.92 18.00 -38.92
C VAL B 90 -10.99 18.99 -39.63
N TYR B 91 -11.01 18.98 -40.95
CA TYR B 91 -10.32 20.03 -41.73
C TYR B 91 -11.29 20.85 -42.50
N PHE B 92 -11.06 22.16 -42.59
CA PHE B 92 -11.93 23.01 -43.41
C PHE B 92 -11.16 23.85 -44.38
N ALA B 93 -11.79 24.16 -45.49
CA ALA B 93 -11.16 25.10 -46.40
C ALA B 93 -12.14 25.84 -47.29
N SER B 94 -11.75 27.06 -47.68
CA SER B 94 -12.57 27.84 -48.62
C SER B 94 -11.75 28.74 -49.52
N THR B 95 -12.35 29.17 -50.65
CA THR B 95 -11.67 30.01 -51.65
C THR B 95 -12.44 31.27 -52.07
N GLU B 96 -12.37 32.32 -51.27
CA GLU B 96 -13.12 33.55 -51.57
C GLU B 96 -12.33 34.83 -51.24
N LYS B 97 -12.22 35.73 -52.24
CA LYS B 97 -11.47 36.99 -52.13
C LYS B 97 -11.98 37.94 -51.05
N SER B 98 -13.29 37.98 -50.87
CA SER B 98 -13.92 38.89 -49.92
C SER B 98 -13.98 38.36 -48.51
N ASN B 99 -13.50 37.13 -48.27
CA ASN B 99 -13.60 36.54 -46.93
C ASN B 99 -15.02 36.54 -46.42
N ILE B 100 -15.95 36.07 -47.21
CA ILE B 100 -17.32 36.06 -46.78
C ILE B 100 -17.56 35.03 -45.66
N ILE B 101 -16.88 33.87 -45.67
CA ILE B 101 -17.10 32.92 -44.56
C ILE B 101 -16.35 33.47 -43.39
N ARG B 102 -17.02 33.63 -42.25
CA ARG B 102 -16.33 34.24 -41.13
C ARG B 102 -16.08 33.32 -39.98
N GLY B 103 -16.64 32.14 -39.96
CA GLY B 103 -16.38 31.36 -38.78
C GLY B 103 -16.90 29.96 -38.75
N TRP B 104 -16.70 29.32 -37.60
CA TRP B 104 -17.10 27.94 -37.42
C TRP B 104 -17.71 27.79 -36.01
N ILE B 105 -18.64 26.85 -35.86
CA ILE B 105 -19.28 26.58 -34.58
C ILE B 105 -19.08 25.10 -34.20
N PHE B 106 -18.50 24.80 -33.04
CA PHE B 106 -18.29 23.40 -32.67
C PHE B 106 -18.77 23.01 -31.26
N GLY B 107 -19.41 21.86 -31.12
CA GLY B 107 -19.88 21.43 -29.79
C GLY B 107 -20.67 20.13 -29.91
N THR B 108 -21.23 19.64 -28.81
CA THR B 108 -22.00 18.40 -28.87
C THR B 108 -23.32 18.55 -29.64
N THR B 109 -24.07 19.63 -29.39
CA THR B 109 -25.36 19.76 -30.10
C THR B 109 -25.52 21.03 -30.93
N LEU B 110 -24.88 22.11 -30.48
CA LEU B 110 -24.92 23.46 -31.06
C LEU B 110 -26.33 24.11 -31.04
N ASP B 111 -27.21 23.67 -30.15
CA ASP B 111 -28.59 24.17 -30.11
C ASP B 111 -28.96 24.89 -28.82
N SER B 112 -27.95 25.37 -28.09
CA SER B 112 -28.01 26.07 -26.79
C SER B 112 -28.09 25.11 -25.60
N LYS B 113 -28.21 23.80 -25.84
CA LYS B 113 -28.27 22.85 -24.72
C LYS B 113 -26.89 22.52 -24.16
N THR B 114 -25.83 22.71 -24.96
CA THR B 114 -24.47 22.43 -24.54
C THR B 114 -23.61 23.63 -24.91
N GLN B 115 -22.39 23.68 -24.41
CA GLN B 115 -21.46 24.71 -24.87
C GLN B 115 -20.92 24.40 -26.22
N SER B 116 -20.57 25.45 -26.90
CA SER B 116 -19.94 25.35 -28.17
C SER B 116 -18.90 26.44 -28.32
N LEU B 117 -18.02 26.19 -29.23
CA LEU B 117 -16.91 27.00 -29.60
C LEU B 117 -17.22 27.83 -30.81
N LEU B 118 -17.29 29.13 -30.61
CA LEU B 118 -17.60 30.03 -31.70
C LEU B 118 -16.33 30.73 -32.14
N ILE B 119 -15.93 30.42 -33.36
CA ILE B 119 -14.70 30.93 -33.92
C ILE B 119 -15.02 31.89 -35.00
N VAL B 120 -14.63 33.15 -34.87
CA VAL B 120 -14.96 34.09 -35.91
C VAL B 120 -13.77 34.91 -36.41
N ASN B 121 -13.92 35.43 -37.61
CA ASN B 121 -12.95 36.31 -38.20
C ASN B 121 -13.61 37.61 -38.69
N ASN B 122 -13.25 38.72 -38.05
CA ASN B 122 -13.76 40.07 -38.28
C ASN B 122 -12.70 41.04 -37.78
N ALA B 123 -12.78 42.37 -38.12
CA ALA B 123 -11.88 43.45 -37.62
C ALA B 123 -10.40 43.06 -37.73
N THR B 124 -10.05 42.46 -38.85
CA THR B 124 -8.73 41.90 -39.12
C THR B 124 -8.11 41.22 -37.88
N ASN B 125 -8.88 40.35 -37.21
CA ASN B 125 -8.38 39.46 -36.17
C ASN B 125 -9.20 38.15 -36.03
N VAL B 126 -8.69 37.24 -35.20
CA VAL B 126 -9.35 35.96 -34.96
C VAL B 126 -9.81 35.90 -33.53
N VAL B 127 -11.10 35.74 -33.36
CA VAL B 127 -11.68 35.76 -32.03
C VAL B 127 -12.45 34.51 -31.69
N ILE B 128 -12.10 33.89 -30.58
CA ILE B 128 -12.76 32.68 -30.16
C ILE B 128 -13.39 32.77 -28.77
N LYS B 129 -14.66 32.38 -28.69
CA LYS B 129 -15.39 32.34 -27.42
C LYS B 129 -16.06 30.98 -27.20
N VAL B 130 -15.86 30.40 -26.01
CA VAL B 130 -16.46 29.12 -25.68
C VAL B 130 -17.54 29.35 -24.65
N CYS B 131 -18.83 29.17 -25.05
CA CYS B 131 -19.98 29.52 -24.22
C CYS B 131 -21.24 28.79 -24.68
N GLU B 132 -22.38 28.94 -23.96
CA GLU B 132 -23.64 28.31 -24.37
C GLU B 132 -24.48 29.33 -25.14
N PHE B 133 -24.44 29.25 -26.47
CA PHE B 133 -25.01 30.28 -27.32
C PHE B 133 -26.37 29.95 -27.92
N GLN B 134 -27.22 30.96 -27.97
CA GLN B 134 -28.54 30.85 -28.58
C GLN B 134 -28.42 31.08 -30.08
N PHE B 135 -27.86 30.10 -30.78
CA PHE B 135 -27.58 30.23 -32.21
C PHE B 135 -28.85 30.15 -33.07
N CYS B 136 -28.85 30.91 -34.19
CA CYS B 136 -29.88 30.92 -35.22
C CYS B 136 -29.61 29.70 -36.12
N ASN B 137 -30.68 29.07 -36.60
CA ASN B 137 -30.58 27.87 -37.45
C ASN B 137 -29.82 28.10 -38.76
N ASP B 138 -29.71 29.35 -39.18
CA ASP B 138 -28.97 29.72 -40.39
C ASP B 138 -28.28 31.04 -40.03
N PRO B 139 -27.18 30.97 -39.22
CA PRO B 139 -26.44 32.08 -38.62
C PRO B 139 -25.61 32.86 -39.62
N PHE B 140 -25.68 34.17 -39.51
CA PHE B 140 -24.90 35.03 -40.35
C PHE B 140 -24.23 36.14 -39.60
N LEU B 141 -23.10 36.58 -40.07
CA LEU B 141 -22.51 37.74 -39.44
C LEU B 141 -23.12 38.97 -40.11
N GLY B 142 -23.48 39.98 -39.33
CA GLY B 142 -23.99 41.21 -39.92
C GLY B 142 -22.82 41.92 -40.55
N VAL B 143 -23.08 42.71 -41.62
CA VAL B 143 -22.08 43.53 -42.33
C VAL B 143 -22.68 44.93 -42.44
N TRP B 152 -20.05 50.57 -42.87
CA TRP B 152 -21.03 49.69 -42.26
C TRP B 152 -20.55 49.35 -40.82
N MET B 153 -21.36 48.54 -40.10
CA MET B 153 -21.06 47.98 -38.77
C MET B 153 -21.29 46.48 -38.90
N GLU B 154 -20.44 45.69 -38.26
CA GLU B 154 -20.59 44.24 -38.28
C GLU B 154 -21.27 43.79 -36.99
N SER B 155 -21.93 42.64 -37.00
CA SER B 155 -22.59 42.17 -35.77
C SER B 155 -22.73 40.68 -35.56
N GLU B 156 -22.42 40.25 -34.33
CA GLU B 156 -22.50 38.85 -33.88
C GLU B 156 -23.91 38.46 -33.47
N PHE B 157 -24.84 39.40 -33.43
CA PHE B 157 -26.14 39.07 -32.90
C PHE B 157 -27.05 38.46 -33.95
N ARG B 158 -26.51 38.37 -35.15
CA ARG B 158 -27.15 37.77 -36.29
C ARG B 158 -26.69 36.32 -36.38
N VAL B 159 -25.84 35.92 -35.41
CA VAL B 159 -25.29 34.60 -35.32
C VAL B 159 -26.01 33.93 -34.16
N TYR B 160 -26.03 34.62 -33.02
CA TYR B 160 -26.71 34.15 -31.83
C TYR B 160 -27.32 35.35 -31.12
N SER B 161 -28.38 35.17 -30.36
CA SER B 161 -28.97 36.33 -29.66
C SER B 161 -28.39 36.64 -28.28
N SER B 162 -27.89 35.61 -27.58
CA SER B 162 -27.34 35.71 -26.24
C SER B 162 -26.50 34.46 -25.92
N ALA B 163 -25.76 34.49 -24.81
CA ALA B 163 -25.03 33.31 -24.37
C ALA B 163 -24.84 33.33 -22.87
N ASN B 164 -24.71 32.15 -22.26
CA ASN B 164 -24.42 32.09 -20.81
C ASN B 164 -23.56 30.86 -20.48
N ASN B 165 -23.18 30.63 -19.16
CA ASN B 165 -22.29 29.58 -18.68
C ASN B 165 -21.00 29.49 -19.53
N CYS B 166 -20.27 30.66 -19.68
CA CYS B 166 -19.04 30.79 -20.50
C CYS B 166 -17.77 30.21 -19.79
N THR B 167 -16.90 29.58 -20.60
CA THR B 167 -15.65 29.00 -20.08
C THR B 167 -14.37 29.70 -20.54
N PHE B 168 -14.31 30.15 -21.80
CA PHE B 168 -13.01 30.70 -22.26
C PHE B 168 -13.06 31.70 -23.42
N GLU B 169 -12.08 32.61 -23.47
CA GLU B 169 -11.93 33.56 -24.57
C GLU B 169 -10.47 33.64 -25.07
N TYR B 170 -10.30 33.76 -26.40
CA TYR B 170 -8.99 33.84 -27.05
C TYR B 170 -8.93 34.80 -28.24
N VAL B 171 -7.86 35.59 -28.35
CA VAL B 171 -7.70 36.47 -29.52
C VAL B 171 -6.32 36.33 -30.16
N SER B 172 -6.28 36.23 -31.49
CA SER B 172 -5.03 36.12 -32.24
C SER B 172 -5.05 36.87 -33.60
N GLN B 173 -3.88 36.91 -34.24
CA GLN B 173 -3.67 37.59 -35.51
C GLN B 173 -4.60 37.03 -36.60
N PRO B 174 -4.95 37.81 -37.63
CA PRO B 174 -5.76 37.41 -38.75
C PRO B 174 -4.99 36.43 -39.60
N PHE B 175 -5.70 35.57 -40.28
CA PHE B 175 -5.15 34.59 -41.20
C PHE B 175 -5.41 34.95 -42.66
N LEU B 176 -5.85 36.17 -42.90
CA LEU B 176 -6.24 36.58 -44.23
C LEU B 176 -5.09 37.05 -45.12
N MET B 177 -5.28 36.86 -46.45
CA MET B 177 -4.39 37.23 -47.54
C MET B 177 -5.27 37.71 -48.69
N LYS B 187 -8.87 34.66 -55.90
CA LYS B 187 -9.43 33.71 -54.94
C LYS B 187 -8.26 32.99 -54.26
N ASN B 188 -8.04 33.25 -52.95
CA ASN B 188 -7.00 32.61 -52.14
C ASN B 188 -7.64 31.49 -51.36
N LEU B 189 -6.92 30.39 -51.18
CA LEU B 189 -7.38 29.23 -50.43
C LEU B 189 -6.89 29.30 -49.01
N ARG B 190 -7.81 29.13 -48.09
CA ARG B 190 -7.47 29.13 -46.69
C ARG B 190 -7.78 27.78 -46.07
N GLU B 191 -6.73 26.98 -45.82
CA GLU B 191 -6.88 25.61 -45.30
C GLU B 191 -6.54 25.53 -43.81
N PHE B 192 -7.45 24.96 -43.02
CA PHE B 192 -7.31 24.85 -41.57
C PHE B 192 -7.57 23.45 -41.00
N VAL B 193 -6.91 23.08 -39.92
CA VAL B 193 -7.29 21.82 -39.22
C VAL B 193 -7.72 22.17 -37.82
N PHE B 194 -8.86 21.60 -37.42
CA PHE B 194 -9.51 21.77 -36.13
C PHE B 194 -9.49 20.51 -35.29
N LYS B 195 -8.80 20.56 -34.16
CA LYS B 195 -8.68 19.39 -33.27
C LYS B 195 -9.17 19.69 -31.89
N ASN B 196 -9.62 18.66 -31.17
CA ASN B 196 -10.02 18.82 -29.77
C ASN B 196 -9.56 17.64 -28.93
N ILE B 197 -8.42 17.76 -28.27
CA ILE B 197 -7.85 16.66 -27.53
C ILE B 197 -7.97 16.88 -26.03
N ASP B 198 -8.75 16.06 -25.37
CA ASP B 198 -8.95 16.16 -23.92
C ASP B 198 -9.32 17.56 -23.45
N GLY B 199 -10.17 18.23 -24.20
CA GLY B 199 -10.60 19.59 -23.87
C GLY B 199 -9.74 20.70 -24.47
N TYR B 200 -8.63 20.36 -25.14
CA TYR B 200 -7.78 21.36 -25.76
C TYR B 200 -7.92 21.44 -27.26
N PHE B 201 -8.31 22.63 -27.67
CA PHE B 201 -8.60 22.94 -29.05
C PHE B 201 -7.47 23.60 -29.77
N LYS B 202 -7.16 23.07 -30.94
CA LYS B 202 -6.07 23.63 -31.71
C LYS B 202 -6.49 23.89 -33.14
N ILE B 203 -5.92 24.95 -33.71
CA ILE B 203 -6.11 25.24 -35.13
C ILE B 203 -4.77 25.44 -35.75
N TYR B 204 -4.54 24.80 -36.87
CA TYR B 204 -3.31 25.03 -37.64
C TYR B 204 -3.77 25.50 -39.02
N SER B 205 -3.01 26.37 -39.70
CA SER B 205 -3.44 26.81 -41.03
C SER B 205 -2.32 27.13 -42.07
N LYS B 206 -2.70 27.12 -43.37
CA LYS B 206 -1.84 27.48 -44.52
C LYS B 206 -2.63 28.25 -45.58
N HIS B 207 -2.03 29.31 -46.15
CA HIS B 207 -2.77 30.09 -47.13
C HIS B 207 -2.00 30.29 -48.43
N THR B 208 -2.59 29.86 -49.53
CA THR B 208 -1.97 29.97 -50.86
C THR B 208 -3.00 30.48 -51.88
N PRO B 209 -2.62 31.17 -52.97
CA PRO B 209 -3.50 31.52 -54.08
C PRO B 209 -3.97 30.25 -54.75
N ILE B 210 -5.20 30.20 -55.26
CA ILE B 210 -5.60 28.98 -55.94
C ILE B 210 -6.34 29.22 -57.27
N ASN B 211 -6.00 28.45 -58.30
CA ASN B 211 -6.73 28.57 -59.57
C ASN B 211 -7.88 27.58 -59.70
N LEU B 212 -7.76 26.43 -59.04
CA LEU B 212 -8.75 25.38 -59.09
C LEU B 212 -9.61 25.39 -57.86
N VAL B 213 -10.90 25.64 -58.01
CA VAL B 213 -11.74 25.73 -56.81
C VAL B 213 -12.76 24.59 -56.71
N ARG B 214 -12.64 23.62 -57.62
CA ARG B 214 -13.56 22.46 -57.66
C ARG B 214 -13.07 21.31 -56.78
N ASP B 215 -11.80 21.37 -56.41
CA ASP B 215 -11.09 20.39 -55.62
C ASP B 215 -10.05 21.11 -54.78
N LEU B 216 -9.65 20.50 -53.68
CA LEU B 216 -8.52 21.09 -52.97
C LEU B 216 -7.31 20.95 -53.91
N PRO B 217 -6.29 21.83 -53.81
CA PRO B 217 -5.10 21.81 -54.62
C PRO B 217 -4.30 20.63 -54.19
N GLN B 218 -3.48 20.10 -55.07
CA GLN B 218 -2.64 18.99 -54.69
C GLN B 218 -1.22 19.49 -54.53
N GLY B 219 -0.42 18.76 -53.77
CA GLY B 219 0.96 19.12 -53.52
C GLY B 219 1.15 19.16 -52.02
N PHE B 220 2.38 19.20 -51.55
CA PHE B 220 2.55 19.21 -50.11
C PHE B 220 2.16 20.51 -49.43
N SER B 221 1.43 20.39 -48.31
CA SER B 221 1.06 21.55 -47.52
C SER B 221 1.10 21.27 -46.02
N ALA B 222 1.90 22.04 -45.27
CA ALA B 222 1.98 21.87 -43.82
C ALA B 222 1.44 23.11 -43.13
N LEU B 223 0.52 22.89 -42.22
CA LEU B 223 -0.16 23.96 -41.51
C LEU B 223 0.59 24.45 -40.23
N GLU B 224 0.52 25.77 -39.98
CA GLU B 224 1.12 26.48 -38.84
C GLU B 224 0.13 26.72 -37.71
N PRO B 225 0.45 26.45 -36.43
CA PRO B 225 -0.48 26.65 -35.34
C PRO B 225 -0.90 28.12 -35.20
N LEU B 226 -2.21 28.31 -35.05
CA LEU B 226 -2.87 29.60 -34.89
C LEU B 226 -3.46 29.73 -33.48
N VAL B 227 -4.14 28.67 -33.01
CA VAL B 227 -4.75 28.83 -31.70
C VAL B 227 -4.45 27.59 -30.88
N ASP B 228 -4.53 27.73 -29.54
CA ASP B 228 -4.41 26.63 -28.59
C ASP B 228 -5.26 26.99 -27.35
N LEU B 229 -6.48 26.46 -27.25
CA LEU B 229 -7.40 26.85 -26.18
C LEU B 229 -7.87 25.73 -25.24
N PRO B 230 -7.96 25.98 -23.92
CA PRO B 230 -8.56 25.10 -22.92
C PRO B 230 -10.07 25.26 -22.95
N ILE B 231 -10.69 24.86 -24.06
CA ILE B 231 -12.13 25.09 -24.22
C ILE B 231 -12.94 24.25 -23.24
N GLY B 232 -12.48 23.03 -22.94
CA GLY B 232 -13.14 22.17 -21.97
C GLY B 232 -14.47 21.57 -22.42
N ILE B 233 -14.70 21.41 -23.71
CA ILE B 233 -16.00 20.89 -24.14
C ILE B 233 -15.89 19.68 -25.09
N ASN B 234 -17.02 18.95 -25.19
CA ASN B 234 -17.28 17.83 -26.09
C ASN B 234 -17.80 18.35 -27.43
N ILE B 235 -17.04 18.09 -28.53
CA ILE B 235 -17.39 18.48 -29.90
C ILE B 235 -17.71 17.21 -30.64
N THR B 236 -18.94 17.08 -31.09
CA THR B 236 -19.33 15.86 -31.76
C THR B 236 -19.94 16.30 -33.06
N ARG B 237 -20.29 17.59 -33.09
CA ARG B 237 -20.97 18.24 -34.20
C ARG B 237 -20.45 19.65 -34.53
N PHE B 238 -20.59 20.07 -35.80
CA PHE B 238 -20.26 21.45 -36.17
C PHE B 238 -21.09 22.09 -37.30
N GLN B 239 -21.05 23.42 -37.34
CA GLN B 239 -21.76 24.22 -38.33
C GLN B 239 -20.92 25.44 -38.77
N THR B 240 -21.10 25.92 -39.99
CA THR B 240 -20.34 27.09 -40.49
C THR B 240 -21.06 28.45 -40.34
N LEU B 241 -20.30 29.49 -39.98
CA LEU B 241 -20.79 30.88 -39.93
C LEU B 241 -20.44 31.67 -41.17
N LEU B 242 -21.46 32.23 -41.81
CA LEU B 242 -21.25 33.00 -43.03
C LEU B 242 -21.62 34.48 -42.88
N ALA B 243 -20.85 35.42 -43.40
CA ALA B 243 -21.31 36.79 -43.37
C ALA B 243 -22.33 36.96 -44.49
N LEU B 244 -23.34 37.80 -44.29
CA LEU B 244 -24.28 38.01 -45.38
C LEU B 244 -24.10 39.39 -46.01
N HIS B 245 -24.15 39.48 -47.37
CA HIS B 245 -24.09 40.74 -48.13
C HIS B 245 -25.36 41.56 -47.88
N ALA B 263 -18.92 31.75 -50.32
CA ALA B 263 -19.55 31.18 -49.12
C ALA B 263 -19.44 29.65 -48.98
N ALA B 264 -19.17 28.92 -50.08
CA ALA B 264 -19.08 27.47 -50.10
C ALA B 264 -17.83 26.98 -49.36
N TYR B 265 -17.91 25.81 -48.75
CA TYR B 265 -16.73 25.29 -48.03
C TYR B 265 -16.54 23.78 -48.07
N TYR B 266 -15.30 23.36 -47.85
CA TYR B 266 -14.93 21.95 -47.78
C TYR B 266 -14.73 21.51 -46.34
N VAL B 267 -15.22 20.32 -45.97
CA VAL B 267 -14.86 19.76 -44.66
C VAL B 267 -14.55 18.25 -44.62
N GLY B 268 -13.40 17.88 -44.05
CA GLY B 268 -12.99 16.47 -43.91
C GLY B 268 -12.94 16.02 -42.45
N TYR B 269 -12.46 14.81 -42.19
CA TYR B 269 -12.37 14.20 -40.84
C TYR B 269 -11.00 13.63 -40.55
N LEU B 270 -10.66 13.48 -39.28
CA LEU B 270 -9.32 12.96 -38.96
C LEU B 270 -9.31 11.51 -38.47
N GLN B 271 -8.18 10.83 -38.65
CA GLN B 271 -8.01 9.49 -38.07
C GLN B 271 -6.66 9.37 -37.35
N PRO B 272 -6.57 8.56 -36.28
CA PRO B 272 -5.37 8.28 -35.48
C PRO B 272 -4.44 7.33 -36.18
N ARG B 273 -3.71 7.86 -37.14
CA ARG B 273 -2.85 7.06 -37.98
C ARG B 273 -1.43 7.60 -37.96
N THR B 274 -0.48 6.72 -38.28
CA THR B 274 0.89 7.16 -38.43
C THR B 274 1.08 7.92 -39.73
N PHE B 275 1.72 9.05 -39.65
CA PHE B 275 2.10 9.76 -40.85
C PHE B 275 3.57 9.84 -40.94
N LEU B 276 4.09 9.70 -42.13
CA LEU B 276 5.51 9.87 -42.29
C LEU B 276 5.71 11.24 -42.83
N LEU B 277 6.39 12.07 -42.09
CA LEU B 277 6.60 13.44 -42.53
C LEU B 277 8.02 13.56 -43.03
N LYS B 278 8.18 13.96 -44.27
CA LYS B 278 9.52 14.07 -44.81
C LYS B 278 10.03 15.46 -44.58
N TYR B 279 11.05 15.60 -43.74
CA TYR B 279 11.64 16.89 -43.45
C TYR B 279 12.83 17.18 -44.34
N ASN B 280 13.00 18.44 -44.66
CA ASN B 280 14.07 18.95 -45.48
C ASN B 280 15.31 19.23 -44.66
N GLU B 281 16.35 19.68 -45.34
CA GLU B 281 17.66 19.99 -44.75
C GLU B 281 17.63 21.11 -43.68
N ASN B 282 16.61 22.00 -43.70
CA ASN B 282 16.41 23.11 -42.75
C ASN B 282 15.04 23.04 -42.02
N GLY B 283 14.50 21.83 -41.77
CA GLY B 283 13.31 21.60 -40.92
C GLY B 283 11.91 21.79 -41.50
N THR B 284 11.75 22.01 -42.79
CA THR B 284 10.39 22.18 -43.28
C THR B 284 9.92 20.82 -43.72
N ILE B 285 8.63 20.67 -43.88
CA ILE B 285 8.13 19.39 -44.36
C ILE B 285 7.92 19.52 -45.86
N THR B 286 8.46 18.58 -46.64
CA THR B 286 8.35 18.63 -48.09
C THR B 286 7.39 17.57 -48.63
N ASP B 287 7.11 16.54 -47.85
CA ASP B 287 6.20 15.49 -48.31
C ASP B 287 5.50 14.78 -47.13
N ALA B 288 4.60 13.83 -47.43
CA ALA B 288 3.93 13.04 -46.39
C ALA B 288 3.32 11.72 -46.90
N VAL B 289 3.31 10.70 -46.02
CA VAL B 289 2.64 9.40 -46.24
C VAL B 289 1.59 9.09 -45.20
N ASP B 290 0.41 8.73 -45.67
CA ASP B 290 -0.71 8.33 -44.80
C ASP B 290 -0.67 6.81 -44.58
N CYS B 291 -0.21 6.33 -43.37
CA CYS B 291 0.00 4.91 -43.07
C CYS B 291 -1.27 4.10 -43.21
N ALA B 292 -1.13 3.08 -44.02
CA ALA B 292 -2.16 2.12 -44.30
C ALA B 292 -3.43 2.72 -44.86
N LEU B 293 -3.32 3.75 -45.70
CA LEU B 293 -4.49 4.26 -46.38
C LEU B 293 -4.96 3.20 -47.36
N ASP B 294 -3.97 2.59 -48.02
CA ASP B 294 -4.15 1.57 -49.02
C ASP B 294 -2.89 0.66 -48.96
N PRO B 295 -2.82 -0.46 -49.71
CA PRO B 295 -1.69 -1.40 -49.65
C PRO B 295 -0.28 -0.76 -49.88
N LEU B 296 -0.13 0.22 -50.76
CA LEU B 296 1.20 0.78 -50.95
C LEU B 296 1.60 1.60 -49.77
N SER B 297 0.65 2.34 -49.21
CA SER B 297 0.92 3.17 -48.06
C SER B 297 1.01 2.34 -46.77
N GLU B 298 0.48 1.09 -46.77
CA GLU B 298 0.70 0.21 -45.62
C GLU B 298 2.19 -0.11 -45.65
N THR B 299 2.69 -0.35 -46.86
CA THR B 299 4.08 -0.69 -47.03
C THR B 299 4.98 0.50 -46.75
N LYS B 300 4.63 1.68 -47.24
CA LYS B 300 5.49 2.84 -46.97
C LYS B 300 5.71 3.10 -45.48
N CYS B 301 4.65 2.98 -44.59
CA CYS B 301 4.81 3.19 -43.14
C CYS B 301 5.54 1.99 -42.47
N THR B 302 5.47 0.82 -43.10
CA THR B 302 6.21 -0.37 -42.67
C THR B 302 7.71 -0.13 -42.89
N LEU B 303 8.03 0.44 -44.05
CA LEU B 303 9.40 0.71 -44.44
C LEU B 303 9.96 2.06 -44.01
N LYS B 304 9.09 3.01 -43.62
CA LYS B 304 9.50 4.35 -43.25
C LYS B 304 10.20 4.98 -44.44
N SER B 305 9.52 4.89 -45.57
CA SER B 305 10.02 5.42 -46.83
C SER B 305 8.94 6.00 -47.71
N PHE B 306 9.34 6.94 -48.57
CA PHE B 306 8.43 7.53 -49.54
C PHE B 306 8.44 6.79 -50.85
N THR B 307 9.37 5.88 -50.97
CA THR B 307 9.50 5.02 -52.13
C THR B 307 9.57 3.58 -51.65
N VAL B 308 8.74 2.74 -52.21
CA VAL B 308 8.76 1.35 -51.86
C VAL B 308 9.58 0.62 -52.90
N GLU B 309 10.52 -0.18 -52.45
CA GLU B 309 11.33 -0.96 -53.37
C GLU B 309 10.60 -2.25 -53.67
N LYS B 310 10.88 -2.87 -54.80
CA LYS B 310 10.20 -4.12 -55.10
C LYS B 310 10.43 -5.14 -54.01
N GLY B 311 9.36 -5.76 -53.57
CA GLY B 311 9.47 -6.77 -52.53
C GLY B 311 8.14 -7.04 -51.86
N ILE B 312 8.15 -8.02 -50.96
CA ILE B 312 6.94 -8.35 -50.23
C ILE B 312 7.20 -8.02 -48.78
N TYR B 313 6.30 -7.26 -48.16
CA TYR B 313 6.56 -6.83 -46.79
C TYR B 313 5.43 -7.15 -45.84
N GLN B 314 5.75 -7.41 -44.57
CA GLN B 314 4.70 -7.70 -43.58
C GLN B 314 4.23 -6.40 -42.97
N THR B 315 3.04 -5.96 -43.37
CA THR B 315 2.59 -4.64 -42.97
C THR B 315 1.45 -4.66 -41.96
N SER B 316 0.74 -5.78 -41.90
CA SER B 316 -0.41 -5.85 -41.01
C SER B 316 -0.68 -7.26 -40.53
N ASN B 317 -1.85 -7.45 -39.94
CA ASN B 317 -2.29 -8.72 -39.37
C ASN B 317 -3.75 -8.95 -39.63
N PHE B 318 -4.11 -10.18 -39.97
CA PHE B 318 -5.51 -10.50 -40.19
C PHE B 318 -5.97 -11.61 -39.29
N ARG B 319 -7.13 -11.39 -38.68
CA ARG B 319 -7.66 -12.34 -37.73
C ARG B 319 -9.11 -12.67 -38.05
N VAL B 320 -9.45 -13.96 -38.09
CA VAL B 320 -10.83 -14.33 -38.27
C VAL B 320 -11.53 -14.17 -36.93
N GLN B 321 -12.62 -13.43 -36.91
CA GLN B 321 -13.33 -13.20 -35.66
C GLN B 321 -14.59 -14.03 -35.59
N PRO B 322 -15.08 -14.37 -34.38
CA PRO B 322 -16.33 -15.05 -34.18
C PRO B 322 -17.47 -14.27 -34.78
N THR B 323 -18.36 -15.01 -35.42
CA THR B 323 -19.55 -14.48 -36.04
C THR B 323 -20.74 -14.92 -35.22
N GLU B 324 -20.52 -15.97 -34.41
CA GLU B 324 -21.55 -16.57 -33.58
C GLU B 324 -20.95 -16.99 -32.22
N SER B 325 -21.82 -17.10 -31.22
CA SER B 325 -21.44 -17.52 -29.87
C SER B 325 -22.31 -18.69 -29.43
N ILE B 326 -21.67 -19.83 -29.21
CA ILE B 326 -22.40 -21.04 -28.89
C ILE B 326 -22.10 -21.64 -27.57
N VAL B 327 -23.15 -21.72 -26.79
CA VAL B 327 -23.13 -22.32 -25.48
C VAL B 327 -24.08 -23.49 -25.48
N ARG B 328 -23.57 -24.60 -24.95
CA ARG B 328 -24.33 -25.83 -24.89
C ARG B 328 -24.28 -26.44 -23.48
N PHE B 329 -25.37 -27.08 -23.12
CA PHE B 329 -25.57 -27.75 -21.86
C PHE B 329 -26.32 -29.06 -22.21
N PRO B 330 -26.65 -29.99 -21.28
CA PRO B 330 -27.53 -31.15 -21.47
C PRO B 330 -29.00 -30.75 -21.72
N ASN B 331 -29.88 -31.73 -22.08
CA ASN B 331 -31.32 -31.50 -22.32
C ASN B 331 -32.03 -31.24 -20.98
N ILE B 332 -33.22 -30.58 -21.03
CA ILE B 332 -34.06 -30.26 -19.87
C ILE B 332 -35.08 -31.36 -19.58
N THR B 333 -35.29 -31.62 -18.29
CA THR B 333 -36.30 -32.61 -17.87
C THR B 333 -37.53 -31.83 -17.37
N ASN B 334 -38.58 -31.75 -18.18
CA ASN B 334 -39.79 -30.96 -17.81
C ASN B 334 -40.39 -31.56 -16.53
N LEU B 335 -40.36 -32.89 -16.42
CA LEU B 335 -40.90 -33.57 -15.21
C LEU B 335 -39.83 -33.52 -14.12
N CYS B 336 -39.73 -32.37 -13.45
CA CYS B 336 -38.74 -32.20 -12.35
C CYS B 336 -39.54 -31.95 -11.07
N PRO B 337 -39.25 -32.64 -9.93
CA PRO B 337 -40.04 -32.55 -8.69
C PRO B 337 -41.01 -31.38 -8.43
N PHE B 338 -40.62 -30.14 -8.74
CA PHE B 338 -41.50 -28.98 -8.55
C PHE B 338 -42.85 -29.25 -9.27
N GLY B 339 -42.82 -30.15 -10.26
CA GLY B 339 -43.98 -30.55 -11.06
C GLY B 339 -45.00 -31.33 -10.25
N GLU B 340 -44.60 -31.82 -9.07
CA GLU B 340 -45.48 -32.57 -8.17
C GLU B 340 -46.07 -31.68 -7.10
N VAL B 341 -45.63 -30.41 -7.08
CA VAL B 341 -45.99 -29.47 -6.04
C VAL B 341 -46.93 -28.40 -6.60
N PHE B 342 -46.54 -27.80 -7.71
CA PHE B 342 -47.42 -26.83 -8.34
C PHE B 342 -48.49 -27.70 -8.95
N ASN B 343 -49.75 -27.20 -9.01
CA ASN B 343 -50.92 -27.92 -9.55
C ASN B 343 -51.22 -29.24 -8.79
N ALA B 344 -50.98 -29.27 -7.44
CA ALA B 344 -51.24 -30.41 -6.55
C ALA B 344 -52.73 -30.56 -6.30
N THR B 345 -53.15 -31.78 -6.00
CA THR B 345 -54.56 -32.04 -5.71
C THR B 345 -54.96 -31.27 -4.46
N ARG B 346 -54.09 -31.32 -3.45
CA ARG B 346 -54.29 -30.60 -2.21
C ARG B 346 -53.03 -29.92 -1.77
N PHE B 347 -53.22 -28.75 -1.19
CA PHE B 347 -52.20 -27.90 -0.62
C PHE B 347 -52.32 -27.91 0.90
N ALA B 348 -51.19 -27.73 1.58
CA ALA B 348 -51.04 -27.75 3.02
C ALA B 348 -51.54 -26.58 3.83
N SER B 349 -51.57 -26.84 5.14
CA SER B 349 -51.85 -25.86 6.16
C SER B 349 -50.71 -24.84 6.17
N VAL B 350 -51.00 -23.64 6.63
CA VAL B 350 -50.06 -22.52 6.51
C VAL B 350 -48.81 -22.52 7.36
N TYR B 351 -48.74 -23.41 8.31
CA TYR B 351 -47.63 -23.54 9.23
C TYR B 351 -46.96 -24.89 9.08
N ALA B 352 -47.46 -25.69 8.13
CA ALA B 352 -46.98 -27.02 7.92
C ALA B 352 -47.02 -27.34 6.46
N TRP B 353 -46.19 -26.65 5.72
CA TRP B 353 -46.22 -26.68 4.27
C TRP B 353 -45.83 -28.07 3.81
N ASN B 354 -46.39 -28.55 2.71
CA ASN B 354 -45.99 -29.87 2.30
C ASN B 354 -44.68 -29.74 1.61
N ARG B 355 -43.64 -29.91 2.41
CA ARG B 355 -42.31 -29.66 1.94
C ARG B 355 -41.84 -30.74 1.01
N LYS B 356 -41.18 -30.33 -0.05
CA LYS B 356 -40.67 -31.24 -1.06
C LYS B 356 -39.31 -30.86 -1.58
N ARG B 357 -38.38 -31.81 -1.60
CA ARG B 357 -37.06 -31.55 -2.14
C ARG B 357 -36.96 -31.82 -3.63
N ILE B 358 -36.47 -30.84 -4.35
CA ILE B 358 -36.25 -30.95 -5.77
C ILE B 358 -34.80 -31.38 -5.91
N SER B 359 -34.58 -32.47 -6.63
CA SER B 359 -33.26 -33.04 -6.84
C SER B 359 -33.27 -33.88 -8.10
N ASN B 360 -32.09 -34.23 -8.58
CA ASN B 360 -31.95 -35.15 -9.72
C ASN B 360 -32.76 -34.81 -11.00
N CYS B 361 -32.77 -33.52 -11.39
CA CYS B 361 -33.49 -32.99 -12.56
C CYS B 361 -32.82 -31.75 -13.15
N VAL B 362 -33.29 -31.39 -14.33
CA VAL B 362 -32.84 -30.19 -15.02
C VAL B 362 -34.08 -29.41 -15.39
N ALA B 363 -34.27 -28.18 -14.96
CA ALA B 363 -35.52 -27.58 -15.33
C ALA B 363 -35.52 -26.09 -15.54
N ASP B 364 -36.42 -25.68 -16.40
CA ASP B 364 -36.65 -24.29 -16.73
C ASP B 364 -37.74 -23.68 -15.85
N TYR B 365 -37.29 -22.90 -14.87
CA TYR B 365 -38.16 -22.25 -13.91
C TYR B 365 -38.59 -20.89 -14.46
N SER B 366 -37.82 -20.38 -15.44
CA SER B 366 -38.04 -19.08 -16.07
C SER B 366 -39.42 -19.12 -16.69
N VAL B 367 -39.84 -20.30 -17.14
CA VAL B 367 -41.16 -20.54 -17.67
C VAL B 367 -42.26 -20.24 -16.67
N LEU B 368 -42.09 -20.52 -15.39
CA LEU B 368 -43.17 -20.27 -14.44
C LEU B 368 -43.45 -18.77 -14.41
N TYR B 369 -42.37 -18.00 -14.46
CA TYR B 369 -42.42 -16.54 -14.39
C TYR B 369 -42.85 -15.91 -15.71
N ASN B 370 -42.42 -16.53 -16.81
CA ASN B 370 -42.75 -16.02 -18.13
C ASN B 370 -44.18 -16.36 -18.52
N SER B 371 -44.66 -17.52 -18.06
CA SER B 371 -46.02 -17.96 -18.33
C SER B 371 -46.95 -17.00 -17.63
N ALA B 372 -46.62 -16.67 -16.39
CA ALA B 372 -47.36 -15.73 -15.58
C ALA B 372 -48.83 -16.11 -15.46
N SER B 373 -49.08 -17.41 -15.25
CA SER B 373 -50.42 -17.94 -15.03
C SER B 373 -50.78 -17.75 -13.56
N PHE B 374 -49.76 -17.37 -12.79
CA PHE B 374 -49.83 -17.15 -11.37
C PHE B 374 -49.73 -15.64 -11.16
N SER B 375 -50.28 -15.10 -10.08
CA SER B 375 -50.28 -13.64 -9.92
C SER B 375 -49.07 -13.07 -9.23
N THR B 376 -48.44 -13.87 -8.39
CA THR B 376 -47.34 -13.40 -7.59
C THR B 376 -46.07 -14.15 -7.83
N PHE B 377 -45.00 -13.41 -8.07
CA PHE B 377 -43.65 -13.93 -8.23
C PHE B 377 -42.64 -13.08 -7.46
N LYS B 378 -42.51 -13.29 -6.15
CA LYS B 378 -41.61 -12.45 -5.35
C LYS B 378 -40.25 -13.13 -5.08
N CYS B 379 -39.19 -12.70 -5.83
CA CYS B 379 -37.85 -13.30 -5.78
C CYS B 379 -36.81 -12.37 -5.18
N TYR B 380 -36.01 -12.94 -4.27
CA TYR B 380 -34.92 -12.24 -3.62
C TYR B 380 -33.64 -13.06 -3.67
N GLY B 381 -32.58 -12.43 -4.15
CA GLY B 381 -31.24 -13.01 -4.28
C GLY B 381 -31.05 -13.63 -5.67
N VAL B 382 -32.19 -13.89 -6.29
CA VAL B 382 -32.31 -14.46 -7.60
C VAL B 382 -33.27 -13.65 -8.46
N SER B 383 -32.84 -13.19 -9.62
CA SER B 383 -33.77 -12.50 -10.49
C SER B 383 -34.71 -13.63 -10.89
N PRO B 384 -36.02 -13.42 -11.02
CA PRO B 384 -36.99 -14.46 -11.35
C PRO B 384 -36.76 -15.19 -12.67
N THR B 385 -36.11 -14.56 -13.64
CA THR B 385 -35.89 -15.26 -14.91
C THR B 385 -34.46 -15.19 -15.38
N LYS B 386 -34.14 -16.10 -16.31
CA LYS B 386 -32.86 -16.25 -17.01
C LYS B 386 -31.71 -16.67 -16.11
N LEU B 387 -32.06 -17.11 -14.90
CA LEU B 387 -31.13 -17.61 -13.88
C LEU B 387 -31.52 -19.02 -13.47
N ASN B 388 -32.12 -19.74 -14.40
CA ASN B 388 -32.54 -21.11 -14.16
C ASN B 388 -31.46 -22.13 -14.49
N ASP B 389 -30.28 -21.65 -14.84
CA ASP B 389 -29.20 -22.51 -15.21
C ASP B 389 -28.40 -23.07 -14.05
N LEU B 390 -28.34 -22.30 -12.98
CA LEU B 390 -27.60 -22.60 -11.76
C LEU B 390 -28.14 -23.86 -11.05
N CYS B 391 -27.21 -24.78 -10.68
CA CYS B 391 -27.47 -26.07 -10.02
C CYS B 391 -27.64 -25.90 -8.50
N PHE B 392 -28.54 -26.70 -7.95
CA PHE B 392 -28.80 -26.80 -6.53
C PHE B 392 -29.10 -28.25 -6.13
N THR B 393 -28.51 -28.77 -5.07
CA THR B 393 -28.83 -30.17 -4.71
C THR B 393 -30.11 -30.34 -3.93
N ASN B 394 -30.65 -29.26 -3.42
CA ASN B 394 -31.84 -29.32 -2.59
C ASN B 394 -32.69 -28.06 -2.69
N VAL B 395 -33.56 -27.99 -3.68
CA VAL B 395 -34.38 -26.78 -3.75
C VAL B 395 -35.74 -27.17 -3.26
N TYR B 396 -36.24 -26.51 -2.27
CA TYR B 396 -37.52 -26.95 -1.82
C TYR B 396 -38.62 -26.26 -2.57
N ALA B 397 -39.68 -27.00 -2.83
CA ALA B 397 -40.92 -26.53 -3.43
C ALA B 397 -42.00 -26.88 -2.46
N ASP B 398 -42.31 -25.94 -1.59
CA ASP B 398 -43.21 -26.21 -0.49
C ASP B 398 -44.61 -25.67 -0.74
N SER B 399 -45.64 -26.55 -0.74
CA SER B 399 -47.01 -26.10 -1.09
C SER B 399 -48.05 -25.99 0.04
N PHE B 400 -48.80 -24.86 0.01
CA PHE B 400 -49.82 -24.52 1.02
C PHE B 400 -50.91 -23.51 0.53
N VAL B 401 -52.01 -23.36 1.30
CA VAL B 401 -53.06 -22.38 0.97
C VAL B 401 -53.19 -21.24 1.98
N ILE B 402 -53.16 -20.01 1.46
CA ILE B 402 -53.26 -18.79 2.27
C ILE B 402 -54.31 -17.81 1.77
N ARG B 403 -54.66 -16.84 2.62
CA ARG B 403 -55.56 -15.76 2.21
C ARG B 403 -54.80 -14.73 1.37
N GLY B 404 -55.50 -14.01 0.51
CA GLY B 404 -54.86 -12.94 -0.28
C GLY B 404 -54.08 -11.91 0.53
N ASP B 405 -54.51 -11.60 1.74
CA ASP B 405 -53.81 -10.61 2.56
C ASP B 405 -52.57 -11.18 3.28
N GLU B 406 -52.27 -12.46 3.02
CA GLU B 406 -51.12 -13.18 3.52
C GLU B 406 -50.09 -13.38 2.39
N VAL B 407 -50.48 -13.05 1.15
CA VAL B 407 -49.62 -13.26 -0.03
C VAL B 407 -48.39 -12.37 0.04
N ARG B 408 -48.59 -11.15 0.50
CA ARG B 408 -47.50 -10.20 0.63
C ARG B 408 -46.59 -10.54 1.80
N GLN B 409 -47.14 -11.19 2.84
CA GLN B 409 -46.35 -11.50 4.02
C GLN B 409 -45.30 -12.55 3.67
N ILE B 410 -45.65 -13.52 2.84
CA ILE B 410 -44.64 -14.52 2.61
C ILE B 410 -43.69 -14.13 1.51
N ALA B 411 -42.55 -13.64 1.94
CA ALA B 411 -41.47 -13.29 1.05
C ALA B 411 -40.23 -13.09 1.92
N PRO B 412 -39.03 -13.27 1.39
CA PRO B 412 -37.80 -12.90 2.05
C PRO B 412 -37.93 -11.41 2.32
N GLY B 413 -37.48 -10.95 3.48
CA GLY B 413 -37.52 -9.54 3.81
C GLY B 413 -38.86 -9.07 4.39
N GLN B 414 -39.87 -9.95 4.44
CA GLN B 414 -41.17 -9.55 4.93
C GLN B 414 -41.48 -10.07 6.31
N THR B 415 -42.42 -9.41 6.97
CA THR B 415 -42.88 -9.75 8.31
C THR B 415 -44.36 -10.04 8.35
N GLY B 416 -44.82 -10.59 9.48
CA GLY B 416 -46.23 -10.90 9.67
C GLY B 416 -46.42 -12.22 10.37
N LYS B 417 -47.65 -12.60 10.69
CA LYS B 417 -47.85 -13.84 11.40
C LYS B 417 -47.38 -15.03 10.59
N ILE B 418 -47.68 -15.01 9.29
CA ILE B 418 -47.32 -16.16 8.51
C ILE B 418 -45.83 -16.14 8.20
N ALA B 419 -45.30 -14.95 7.95
CA ALA B 419 -43.90 -14.77 7.60
C ALA B 419 -42.94 -15.01 8.75
N ASP B 420 -43.30 -14.60 9.96
CA ASP B 420 -42.40 -14.74 11.08
C ASP B 420 -42.66 -15.94 12.00
N TYR B 421 -43.92 -16.35 12.21
CA TYR B 421 -44.15 -17.42 13.17
C TYR B 421 -44.52 -18.74 12.54
N ASN B 422 -45.33 -18.72 11.48
CA ASN B 422 -45.77 -19.99 10.90
C ASN B 422 -44.65 -20.65 10.09
N TYR B 423 -44.00 -19.89 9.20
CA TYR B 423 -42.89 -20.44 8.43
C TYR B 423 -41.91 -19.34 8.07
N LYS B 424 -40.79 -19.30 8.77
CA LYS B 424 -39.83 -18.26 8.53
C LYS B 424 -38.90 -18.64 7.40
N LEU B 425 -38.38 -17.65 6.71
CA LEU B 425 -37.35 -17.82 5.73
C LEU B 425 -36.31 -16.73 6.05
N PRO B 426 -34.98 -17.00 6.10
CA PRO B 426 -33.93 -16.03 6.41
C PRO B 426 -33.90 -14.92 5.38
N ASP B 427 -33.54 -13.72 5.79
CA ASP B 427 -33.56 -12.62 4.81
C ASP B 427 -32.31 -12.58 3.93
N ASP B 428 -31.36 -13.45 4.25
CA ASP B 428 -30.14 -13.60 3.51
C ASP B 428 -30.19 -14.91 2.70
N PHE B 429 -31.39 -15.48 2.56
CA PHE B 429 -31.57 -16.72 1.84
C PHE B 429 -32.20 -16.50 0.47
N THR B 430 -31.66 -17.20 -0.53
CA THR B 430 -32.14 -17.08 -1.90
C THR B 430 -33.43 -17.87 -2.11
N GLY B 431 -34.44 -17.22 -2.68
CA GLY B 431 -35.72 -17.89 -2.94
C GLY B 431 -36.76 -17.03 -3.64
N CYS B 432 -37.87 -17.70 -4.09
CA CYS B 432 -39.00 -17.13 -4.81
C CYS B 432 -40.35 -17.63 -4.28
N VAL B 433 -41.27 -16.71 -4.11
CA VAL B 433 -42.60 -17.09 -3.67
C VAL B 433 -43.58 -16.96 -4.81
N ILE B 434 -44.19 -18.08 -5.18
CA ILE B 434 -45.12 -18.07 -6.29
C ILE B 434 -46.53 -18.36 -5.85
N ALA B 435 -47.47 -17.46 -6.18
CA ALA B 435 -48.84 -17.67 -5.70
C ALA B 435 -49.90 -17.36 -6.74
N TRP B 436 -51.02 -18.07 -6.62
CA TRP B 436 -52.11 -17.82 -7.51
C TRP B 436 -53.46 -18.06 -6.89
N ASN B 437 -54.45 -17.37 -7.43
CA ASN B 437 -55.80 -17.47 -6.94
C ASN B 437 -56.41 -18.83 -7.24
N SER B 438 -57.03 -19.42 -6.21
CA SER B 438 -57.69 -20.71 -6.29
C SER B 438 -59.16 -20.58 -5.88
N ASN B 439 -59.73 -19.40 -6.12
CA ASN B 439 -61.12 -19.17 -5.74
C ASN B 439 -62.07 -20.10 -6.49
N ASN B 440 -61.70 -20.53 -7.70
CA ASN B 440 -62.54 -21.45 -8.44
C ASN B 440 -62.09 -22.91 -8.29
N LEU B 441 -61.18 -23.17 -7.35
CA LEU B 441 -60.66 -24.51 -7.13
C LEU B 441 -60.88 -24.96 -5.70
N ASP B 442 -60.37 -24.17 -4.75
CA ASP B 442 -60.46 -24.50 -3.34
C ASP B 442 -61.65 -23.88 -2.66
N SER B 443 -62.06 -22.68 -3.04
CA SER B 443 -63.15 -22.08 -2.25
C SER B 443 -64.43 -22.89 -2.32
N LYS B 444 -65.14 -22.95 -1.18
CA LYS B 444 -66.41 -23.68 -1.11
C LYS B 444 -67.45 -22.83 -0.41
N VAL B 445 -68.72 -23.00 -0.75
CA VAL B 445 -69.70 -22.25 0.02
C VAL B 445 -69.79 -22.94 1.35
N GLY B 446 -69.66 -22.17 2.43
CA GLY B 446 -69.65 -22.69 3.78
C GLY B 446 -68.22 -22.78 4.31
N GLY B 447 -67.23 -22.69 3.39
CA GLY B 447 -65.80 -22.72 3.68
C GLY B 447 -65.09 -24.05 3.39
N ASN B 448 -63.89 -23.94 2.81
CA ASN B 448 -63.01 -25.07 2.51
C ASN B 448 -62.12 -25.38 3.70
N TYR B 449 -62.32 -26.53 4.35
CA TYR B 449 -61.57 -26.82 5.57
C TYR B 449 -60.57 -27.98 5.48
N ASN B 450 -59.86 -28.10 4.36
CA ASN B 450 -58.86 -29.16 4.17
C ASN B 450 -57.45 -28.71 4.53
N TYR B 451 -57.35 -27.53 5.10
CA TYR B 451 -56.11 -26.90 5.56
C TYR B 451 -56.44 -25.87 6.66
N LEU B 452 -55.50 -25.65 7.58
CA LEU B 452 -55.75 -24.72 8.70
C LEU B 452 -54.83 -23.50 8.86
N TYR B 453 -55.38 -22.50 9.55
CA TYR B 453 -54.79 -21.23 9.97
C TYR B 453 -54.16 -21.30 11.36
N ARG B 454 -52.91 -20.93 11.55
CA ARG B 454 -52.40 -21.01 12.93
C ARG B 454 -52.65 -19.72 13.70
N LEU B 455 -53.33 -19.86 14.85
CA LEU B 455 -53.66 -18.74 15.75
C LEU B 455 -52.72 -18.70 16.93
N PHE B 456 -52.33 -19.88 17.40
CA PHE B 456 -51.52 -19.97 18.59
C PHE B 456 -50.30 -20.82 18.37
N ARG B 457 -49.29 -20.58 19.17
CA ARG B 457 -48.10 -21.38 19.15
C ARG B 457 -47.42 -21.29 20.50
N LYS B 458 -46.67 -22.33 20.89
CA LYS B 458 -45.89 -22.26 22.12
C LYS B 458 -44.67 -21.36 21.92
N SER B 459 -44.09 -21.46 20.72
CA SER B 459 -42.91 -20.70 20.34
C SER B 459 -42.96 -20.43 18.85
N ASN B 460 -42.24 -19.42 18.41
CA ASN B 460 -42.18 -19.09 16.98
C ASN B 460 -41.45 -20.22 16.31
N LEU B 461 -41.87 -20.59 15.10
CA LEU B 461 -41.21 -21.66 14.40
C LEU B 461 -39.95 -21.15 13.73
N LYS B 462 -38.98 -22.04 13.59
CA LYS B 462 -37.68 -21.75 13.01
C LYS B 462 -37.78 -21.67 11.50
N PRO B 463 -36.78 -21.07 10.82
CA PRO B 463 -36.77 -21.00 9.40
C PRO B 463 -36.92 -22.37 8.83
N PHE B 464 -37.80 -22.45 7.86
CA PHE B 464 -38.16 -23.64 7.10
C PHE B 464 -38.80 -24.76 7.90
N GLU B 465 -39.23 -24.49 9.13
CA GLU B 465 -39.86 -25.51 9.96
C GLU B 465 -41.31 -25.81 9.58
N ARG B 466 -41.64 -27.10 9.61
CA ARG B 466 -42.96 -27.63 9.33
C ARG B 466 -43.57 -28.22 10.62
N ASP B 467 -44.48 -27.49 11.26
CA ASP B 467 -45.00 -27.93 12.56
C ASP B 467 -46.34 -28.63 12.42
N ILE B 468 -46.37 -29.94 12.59
CA ILE B 468 -47.61 -30.66 12.37
C ILE B 468 -48.30 -31.07 13.66
N SER B 469 -47.91 -30.43 14.76
CA SER B 469 -48.57 -30.69 16.03
C SER B 469 -49.99 -30.16 16.02
N THR B 470 -50.88 -30.97 16.58
CA THR B 470 -52.29 -30.66 16.74
C THR B 470 -52.64 -30.58 18.22
N GLU B 471 -51.61 -30.57 19.06
CA GLU B 471 -51.79 -30.51 20.50
C GLU B 471 -52.62 -29.29 20.80
N ILE B 472 -53.64 -29.44 21.63
CA ILE B 472 -54.51 -28.32 21.92
C ILE B 472 -53.70 -27.26 22.67
N TYR B 473 -53.89 -25.97 22.34
CA TYR B 473 -53.09 -24.92 22.94
C TYR B 473 -53.64 -24.42 24.27
N GLN B 474 -52.73 -24.33 25.22
CA GLN B 474 -53.03 -23.86 26.56
C GLN B 474 -52.80 -22.37 26.69
N ALA B 475 -53.87 -21.58 26.85
CA ALA B 475 -53.69 -20.13 26.93
C ALA B 475 -53.73 -19.66 28.39
N GLY B 476 -54.62 -20.26 29.18
CA GLY B 476 -54.79 -19.86 30.58
C GLY B 476 -54.07 -20.78 31.54
N SER B 477 -54.42 -20.70 32.83
CA SER B 477 -53.78 -21.51 33.87
C SER B 477 -54.39 -22.90 34.12
N THR B 478 -55.64 -23.10 33.76
CA THR B 478 -56.32 -24.38 33.99
C THR B 478 -56.01 -25.32 32.84
N PRO B 479 -55.42 -26.50 33.07
CA PRO B 479 -54.97 -27.39 32.01
C PRO B 479 -56.13 -27.83 31.14
N CYS B 480 -55.88 -27.85 29.81
CA CYS B 480 -56.81 -28.25 28.75
C CYS B 480 -57.21 -29.71 28.87
N ASN B 481 -56.23 -30.57 29.13
CA ASN B 481 -56.44 -32.01 29.17
C ASN B 481 -57.06 -32.49 27.85
N GLY B 482 -56.66 -31.84 26.75
CA GLY B 482 -57.14 -32.15 25.40
C GLY B 482 -58.50 -31.52 25.04
N VAL B 483 -59.12 -30.74 25.94
CA VAL B 483 -60.44 -30.20 25.67
C VAL B 483 -60.58 -28.69 25.53
N GLU B 484 -61.12 -28.32 24.38
CA GLU B 484 -61.40 -26.96 23.94
C GLU B 484 -62.43 -26.25 24.83
N GLY B 485 -62.18 -24.99 25.15
CA GLY B 485 -63.04 -24.23 26.04
C GLY B 485 -62.50 -22.84 26.30
N PHE B 486 -63.02 -22.14 27.29
CA PHE B 486 -62.46 -20.82 27.50
C PHE B 486 -61.06 -21.04 28.01
N ASN B 487 -60.12 -20.23 27.51
CA ASN B 487 -58.68 -20.33 27.77
C ASN B 487 -57.95 -21.59 27.20
N CYS B 488 -58.60 -22.31 26.23
CA CYS B 488 -58.03 -23.48 25.57
C CYS B 488 -58.60 -23.61 24.14
N TYR B 489 -57.72 -23.71 23.18
CA TYR B 489 -58.16 -23.85 21.80
C TYR B 489 -57.10 -24.52 20.97
N PHE B 490 -57.46 -25.28 19.99
CA PHE B 490 -56.44 -25.88 19.17
C PHE B 490 -55.61 -24.77 18.59
N PRO B 491 -54.30 -24.92 18.41
CA PRO B 491 -53.52 -23.85 17.90
C PRO B 491 -53.96 -23.46 16.50
N LEU B 492 -54.73 -24.32 15.83
CA LEU B 492 -55.16 -24.01 14.50
C LEU B 492 -56.67 -23.77 14.41
N GLN B 493 -57.04 -22.84 13.54
CA GLN B 493 -58.40 -22.44 13.22
C GLN B 493 -58.76 -22.74 11.78
N SER B 494 -59.97 -23.18 11.56
CA SER B 494 -60.48 -23.41 10.22
C SER B 494 -60.57 -22.10 9.43
N TYR B 495 -60.21 -22.12 8.13
CA TYR B 495 -60.35 -20.92 7.29
C TYR B 495 -61.64 -20.91 6.50
N GLY B 496 -62.41 -19.85 6.64
CA GLY B 496 -63.67 -19.73 5.92
C GLY B 496 -63.48 -19.28 4.47
N PHE B 497 -62.82 -20.11 3.65
CA PHE B 497 -62.60 -19.75 2.26
C PHE B 497 -63.77 -20.11 1.40
N GLN B 498 -64.42 -19.06 0.89
CA GLN B 498 -65.65 -19.10 0.14
C GLN B 498 -65.56 -18.29 -1.15
N PRO B 499 -66.35 -18.61 -2.19
CA PRO B 499 -66.44 -17.90 -3.45
C PRO B 499 -67.04 -16.50 -3.29
N THR B 500 -67.59 -16.24 -2.11
CA THR B 500 -68.22 -15.00 -1.75
C THR B 500 -67.23 -14.02 -1.12
N ASN B 501 -66.00 -14.46 -0.90
CA ASN B 501 -64.96 -13.63 -0.28
C ASN B 501 -64.36 -12.60 -1.23
N GLY B 502 -63.86 -11.49 -0.68
CA GLY B 502 -63.16 -10.50 -1.50
C GLY B 502 -61.76 -10.99 -1.79
N VAL B 503 -61.02 -10.25 -2.59
CA VAL B 503 -59.71 -10.70 -3.04
C VAL B 503 -58.70 -10.99 -1.92
N GLY B 504 -58.78 -10.26 -0.81
CA GLY B 504 -57.88 -10.46 0.32
C GLY B 504 -58.17 -11.74 1.09
N TYR B 505 -59.38 -12.28 0.91
CA TYR B 505 -59.78 -13.50 1.61
C TYR B 505 -60.02 -14.66 0.68
N GLN B 506 -59.82 -14.48 -0.61
CA GLN B 506 -59.91 -15.61 -1.50
C GLN B 506 -58.67 -16.43 -1.21
N PRO B 507 -58.70 -17.75 -1.36
CA PRO B 507 -57.57 -18.61 -1.17
C PRO B 507 -56.62 -18.47 -2.31
N TYR B 508 -55.35 -18.61 -1.98
CA TYR B 508 -54.30 -18.66 -2.95
C TYR B 508 -53.44 -19.88 -2.70
N ARG B 509 -53.09 -20.52 -3.79
CA ARG B 509 -52.20 -21.65 -3.77
C ARG B 509 -50.82 -21.11 -3.88
N VAL B 510 -49.96 -21.53 -2.99
CA VAL B 510 -48.63 -20.99 -3.00
C VAL B 510 -47.59 -22.07 -2.99
N VAL B 511 -46.58 -21.91 -3.81
CA VAL B 511 -45.44 -22.78 -3.78
C VAL B 511 -44.20 -21.94 -3.57
N VAL B 512 -43.42 -22.26 -2.57
CA VAL B 512 -42.22 -21.50 -2.31
C VAL B 512 -40.98 -22.26 -2.74
N LEU B 513 -40.14 -21.59 -3.54
CA LEU B 513 -38.90 -22.14 -4.04
C LEU B 513 -37.75 -21.64 -3.19
N SER B 514 -37.16 -22.55 -2.45
CA SER B 514 -36.09 -22.24 -1.50
C SER B 514 -34.80 -22.88 -1.96
N PHE B 515 -33.83 -22.07 -2.36
CA PHE B 515 -32.63 -22.60 -2.99
C PHE B 515 -31.51 -23.06 -2.06
N GLU B 516 -30.81 -24.08 -2.50
CA GLU B 516 -29.69 -24.63 -1.76
C GLU B 516 -28.50 -23.67 -1.68
N LEU B 517 -27.81 -23.70 -0.53
CA LEU B 517 -26.65 -22.85 -0.25
C LEU B 517 -25.30 -23.61 -0.25
N LEU B 518 -25.31 -24.81 -0.78
CA LEU B 518 -24.16 -25.71 -0.83
C LEU B 518 -23.07 -25.13 -1.73
N HIS B 519 -21.82 -25.25 -1.29
CA HIS B 519 -20.64 -24.77 -2.01
C HIS B 519 -20.22 -25.67 -3.18
N ALA B 520 -20.82 -26.84 -3.24
CA ALA B 520 -20.56 -27.86 -4.23
C ALA B 520 -21.87 -28.45 -4.78
N PRO B 521 -22.71 -27.65 -5.48
CA PRO B 521 -24.01 -28.00 -6.00
C PRO B 521 -23.95 -28.92 -7.21
N ALA B 522 -25.04 -29.64 -7.41
CA ALA B 522 -25.29 -30.50 -8.55
C ALA B 522 -26.79 -30.64 -8.67
N THR B 523 -27.28 -31.01 -9.85
CA THR B 523 -28.70 -31.26 -10.13
C THR B 523 -29.59 -30.03 -9.93
N VAL B 524 -30.85 -30.14 -10.38
CA VAL B 524 -31.82 -29.01 -10.41
C VAL B 524 -31.15 -27.81 -11.10
N CYS B 525 -30.68 -28.07 -12.33
CA CYS B 525 -29.85 -27.21 -13.19
C CYS B 525 -30.64 -26.78 -14.40
N GLY B 526 -30.02 -26.07 -15.32
CA GLY B 526 -30.75 -25.70 -16.52
C GLY B 526 -29.82 -25.12 -17.59
N PRO B 527 -30.33 -24.87 -18.78
CA PRO B 527 -29.57 -24.41 -19.91
C PRO B 527 -28.97 -23.06 -19.65
N LYS B 528 -27.69 -22.94 -19.98
CA LYS B 528 -26.97 -21.68 -19.83
C LYS B 528 -27.15 -20.86 -21.08
N LYS B 529 -28.39 -20.45 -21.33
CA LYS B 529 -28.77 -19.74 -22.54
C LYS B 529 -28.35 -20.55 -23.77
N SER B 530 -28.62 -21.86 -23.70
CA SER B 530 -28.25 -22.80 -24.74
C SER B 530 -28.80 -22.43 -26.09
N THR B 531 -27.95 -22.62 -27.09
CA THR B 531 -28.25 -22.34 -28.49
C THR B 531 -27.88 -23.50 -29.40
N ASN B 532 -28.06 -23.29 -30.70
CA ASN B 532 -27.80 -24.31 -31.71
C ASN B 532 -26.37 -24.35 -32.19
N LEU B 533 -25.95 -25.50 -32.70
CA LEU B 533 -24.62 -25.65 -33.23
C LEU B 533 -24.53 -25.02 -34.60
N VAL B 534 -23.44 -24.34 -34.88
CA VAL B 534 -23.18 -23.76 -36.18
C VAL B 534 -21.84 -24.22 -36.70
N LYS B 535 -21.85 -24.81 -37.88
CA LYS B 535 -20.63 -25.34 -38.46
C LYS B 535 -20.12 -24.51 -39.61
N ASN B 536 -18.81 -24.62 -39.84
CA ASN B 536 -18.05 -23.94 -40.89
C ASN B 536 -18.04 -22.41 -40.76
N LYS B 537 -18.18 -21.93 -39.52
CA LYS B 537 -18.12 -20.52 -39.15
C LYS B 537 -17.27 -20.39 -37.90
N CYS B 538 -16.60 -19.23 -37.67
CA CYS B 538 -15.84 -18.97 -36.43
C CYS B 538 -16.82 -18.67 -35.30
N VAL B 539 -16.69 -19.45 -34.24
CA VAL B 539 -17.55 -19.37 -33.10
C VAL B 539 -16.82 -19.28 -31.76
N ASN B 540 -17.37 -18.43 -30.88
CA ASN B 540 -16.89 -18.32 -29.52
C ASN B 540 -17.68 -19.38 -28.72
N PHE B 541 -16.99 -20.43 -28.28
CA PHE B 541 -17.64 -21.58 -27.67
C PHE B 541 -17.62 -21.67 -26.15
N ASN B 542 -18.66 -22.34 -25.63
CA ASN B 542 -18.75 -22.77 -24.23
C ASN B 542 -19.52 -24.11 -24.16
N PHE B 543 -18.83 -25.24 -24.17
CA PHE B 543 -19.52 -26.53 -24.17
C PHE B 543 -19.40 -27.24 -22.85
N ASN B 544 -20.43 -27.16 -22.03
CA ASN B 544 -20.37 -27.79 -20.70
C ASN B 544 -19.10 -27.36 -19.95
N GLY B 545 -18.74 -26.08 -20.04
CA GLY B 545 -17.57 -25.52 -19.38
C GLY B 545 -16.32 -25.38 -20.27
N LEU B 546 -16.27 -26.02 -21.44
CA LEU B 546 -15.11 -25.88 -22.31
C LEU B 546 -15.18 -24.64 -23.15
N THR B 547 -14.18 -23.77 -23.07
CA THR B 547 -14.27 -22.56 -23.86
C THR B 547 -13.11 -22.37 -24.83
N GLY B 548 -13.36 -21.52 -25.84
CA GLY B 548 -12.35 -21.14 -26.83
C GLY B 548 -12.96 -20.71 -28.17
N THR B 549 -12.12 -20.37 -29.16
CA THR B 549 -12.66 -19.96 -30.46
C THR B 549 -12.20 -20.85 -31.60
N GLY B 550 -13.17 -21.24 -32.42
CA GLY B 550 -12.90 -22.12 -33.54
C GLY B 550 -14.11 -22.44 -34.38
N VAL B 551 -13.93 -23.34 -35.31
CA VAL B 551 -14.94 -23.72 -36.27
C VAL B 551 -15.37 -25.16 -36.12
N LEU B 552 -16.66 -25.40 -35.97
CA LEU B 552 -17.11 -26.77 -35.82
C LEU B 552 -17.24 -27.45 -37.15
N THR B 553 -16.81 -28.70 -37.19
CA THR B 553 -17.00 -29.56 -38.33
C THR B 553 -17.40 -30.95 -37.84
N GLU B 554 -18.04 -31.76 -38.66
CA GLU B 554 -18.33 -33.11 -38.20
C GLU B 554 -17.02 -33.81 -37.88
N SER B 555 -16.95 -34.55 -36.77
CA SER B 555 -15.68 -35.17 -36.41
C SER B 555 -15.18 -36.23 -37.37
N ASN B 556 -13.86 -36.25 -37.53
CA ASN B 556 -13.19 -37.21 -38.41
C ASN B 556 -12.50 -38.38 -37.68
N LYS B 557 -12.79 -38.59 -36.40
CA LYS B 557 -12.17 -39.68 -35.66
C LYS B 557 -13.18 -40.41 -34.76
N LYS B 558 -12.82 -41.63 -34.35
CA LYS B 558 -13.70 -42.43 -33.48
C LYS B 558 -13.43 -42.18 -32.00
N PHE B 559 -14.49 -42.34 -31.20
CA PHE B 559 -14.41 -42.11 -29.76
C PHE B 559 -15.04 -43.16 -28.86
N LEU B 560 -14.51 -43.23 -27.65
CA LEU B 560 -14.98 -44.09 -26.55
C LEU B 560 -16.06 -43.43 -25.66
N PRO B 561 -16.92 -44.22 -25.00
CA PRO B 561 -17.99 -43.80 -24.10
C PRO B 561 -17.53 -43.25 -22.76
N PHE B 562 -16.25 -43.30 -22.48
CA PHE B 562 -15.76 -42.91 -21.17
C PHE B 562 -15.39 -41.43 -21.12
N GLN B 563 -15.37 -40.76 -22.28
CA GLN B 563 -14.93 -39.36 -22.34
C GLN B 563 -15.84 -38.41 -23.16
N GLN B 564 -15.77 -37.11 -22.81
CA GLN B 564 -16.52 -36.04 -23.49
C GLN B 564 -15.68 -35.18 -24.44
N PHE B 565 -14.41 -34.93 -24.10
CA PHE B 565 -13.60 -34.01 -24.91
C PHE B 565 -12.31 -34.67 -25.32
N GLY B 566 -11.76 -34.34 -26.48
CA GLY B 566 -10.44 -34.89 -26.81
C GLY B 566 -9.40 -33.80 -26.92
N ARG B 567 -8.14 -34.15 -26.62
CA ARG B 567 -7.03 -33.20 -26.73
C ARG B 567 -5.81 -33.74 -27.49
N ASP B 568 -5.03 -32.82 -28.06
CA ASP B 568 -3.82 -33.08 -28.84
C ASP B 568 -2.49 -32.67 -28.13
N ILE B 569 -1.48 -32.31 -28.96
CA ILE B 569 -0.16 -31.95 -28.50
C ILE B 569 -0.26 -30.65 -27.75
N ALA B 570 0.32 -30.63 -26.56
CA ALA B 570 0.29 -29.50 -25.65
C ALA B 570 -1.15 -29.21 -25.17
N ASP B 571 -1.97 -30.27 -25.14
CA ASP B 571 -3.31 -30.31 -24.59
C ASP B 571 -4.38 -29.34 -25.10
N THR B 572 -4.49 -29.12 -26.41
CA THR B 572 -5.55 -28.26 -26.94
C THR B 572 -6.76 -29.13 -27.21
N THR B 573 -7.96 -28.70 -26.82
CA THR B 573 -9.11 -29.53 -27.14
C THR B 573 -9.35 -29.44 -28.62
N ASP B 574 -9.47 -30.58 -29.29
CA ASP B 574 -9.72 -30.53 -30.72
C ASP B 574 -10.99 -31.27 -31.06
N ALA B 575 -11.70 -31.78 -30.04
CA ALA B 575 -12.97 -32.47 -30.29
C ALA B 575 -13.91 -32.33 -29.11
N VAL B 576 -15.17 -32.06 -29.44
CA VAL B 576 -16.22 -31.96 -28.42
C VAL B 576 -17.44 -32.82 -28.61
N ARG B 577 -17.77 -33.59 -27.58
CA ARG B 577 -19.00 -34.32 -27.59
C ARG B 577 -20.05 -33.35 -27.13
N ASP B 578 -21.05 -33.18 -27.97
CA ASP B 578 -22.10 -32.24 -27.69
C ASP B 578 -22.70 -32.53 -26.33
N PRO B 579 -22.82 -31.54 -25.44
CA PRO B 579 -23.42 -31.70 -24.14
C PRO B 579 -24.83 -32.34 -24.15
N GLN B 580 -25.64 -32.19 -25.23
CA GLN B 580 -26.96 -32.81 -25.19
C GLN B 580 -26.98 -34.18 -25.86
N THR B 581 -26.25 -34.33 -26.97
CA THR B 581 -26.36 -35.59 -27.71
C THR B 581 -25.07 -36.33 -28.04
N LEU B 582 -25.23 -37.52 -28.59
CA LEU B 582 -24.09 -38.36 -28.93
C LEU B 582 -23.56 -38.07 -30.33
N GLU B 583 -23.10 -36.85 -30.49
CA GLU B 583 -22.51 -36.35 -31.71
C GLU B 583 -21.25 -35.61 -31.36
N ILE B 584 -20.18 -35.89 -32.09
CA ILE B 584 -18.92 -35.23 -31.83
C ILE B 584 -18.48 -34.41 -33.01
N LEU B 585 -18.13 -33.18 -32.73
CA LEU B 585 -17.65 -32.26 -33.73
C LEU B 585 -16.24 -31.83 -33.40
N ASP B 586 -15.41 -31.70 -34.41
CA ASP B 586 -14.03 -31.28 -34.21
C ASP B 586 -14.01 -29.78 -34.15
N ILE B 587 -13.05 -29.19 -33.44
CA ILE B 587 -12.91 -27.74 -33.47
C ILE B 587 -11.63 -27.29 -34.13
N THR B 588 -11.76 -26.60 -35.24
CA THR B 588 -10.58 -26.08 -35.92
C THR B 588 -10.34 -24.68 -35.34
N PRO B 589 -9.17 -24.33 -34.81
CA PRO B 589 -8.92 -23.01 -34.26
C PRO B 589 -9.23 -22.01 -35.36
N CYS B 590 -9.79 -20.81 -35.02
CA CYS B 590 -10.12 -19.77 -36.03
C CYS B 590 -8.81 -19.29 -36.66
N SER B 591 -8.77 -19.31 -37.99
CA SER B 591 -7.56 -19.00 -38.73
C SER B 591 -7.10 -17.57 -38.61
N PHE B 592 -5.79 -17.42 -38.65
CA PHE B 592 -5.14 -16.13 -38.60
C PHE B 592 -3.81 -16.21 -39.29
N GLY B 593 -3.25 -15.06 -39.60
CA GLY B 593 -1.93 -15.02 -40.18
C GLY B 593 -1.50 -13.59 -40.41
N GLY B 594 -0.31 -13.38 -40.95
CA GLY B 594 0.14 -12.03 -41.18
C GLY B 594 -0.45 -11.51 -42.48
N VAL B 595 -0.31 -10.21 -42.68
CA VAL B 595 -0.73 -9.64 -43.93
C VAL B 595 0.44 -8.97 -44.59
N SER B 596 0.74 -9.44 -45.78
CA SER B 596 1.87 -8.92 -46.49
C SER B 596 1.47 -8.23 -47.75
N VAL B 597 2.26 -7.26 -48.17
CA VAL B 597 1.90 -6.54 -49.36
C VAL B 597 2.97 -6.71 -50.40
N ILE B 598 2.53 -7.05 -51.61
CA ILE B 598 3.42 -7.24 -52.74
C ILE B 598 3.47 -5.90 -53.42
N THR B 599 4.64 -5.28 -53.48
CA THR B 599 4.68 -3.96 -54.08
C THR B 599 5.68 -3.83 -55.23
N PRO B 600 5.35 -3.01 -56.24
CA PRO B 600 6.14 -2.66 -57.39
C PRO B 600 7.12 -1.65 -56.92
N GLY B 601 8.12 -1.32 -57.68
CA GLY B 601 8.84 -0.17 -57.20
C GLY B 601 7.82 0.95 -57.39
N THR B 602 7.74 1.90 -56.46
CA THR B 602 6.74 2.99 -56.60
C THR B 602 7.29 4.14 -57.38
N ASN B 603 8.51 3.95 -57.83
CA ASN B 603 9.18 4.85 -58.70
C ASN B 603 8.96 4.39 -60.15
N THR B 604 8.18 3.31 -60.31
CA THR B 604 7.85 2.70 -61.60
C THR B 604 6.33 2.58 -61.82
N SER B 605 5.61 1.97 -60.86
CA SER B 605 4.18 1.70 -61.02
C SER B 605 3.45 1.60 -59.67
N ASN B 606 2.12 1.53 -59.71
CA ASN B 606 1.34 1.44 -58.46
C ASN B 606 0.41 0.22 -58.42
N GLN B 607 0.87 -0.89 -58.98
CA GLN B 607 0.17 -2.17 -59.01
C GLN B 607 0.56 -3.04 -57.82
N VAL B 608 -0.33 -3.05 -56.85
CA VAL B 608 -0.11 -3.65 -55.55
C VAL B 608 -1.19 -4.64 -55.18
N ALA B 609 -0.81 -5.67 -54.42
CA ALA B 609 -1.79 -6.64 -53.94
C ALA B 609 -1.45 -7.09 -52.52
N VAL B 610 -2.47 -7.47 -51.76
CA VAL B 610 -2.24 -7.85 -50.37
C VAL B 610 -2.60 -9.30 -50.07
N LEU B 611 -1.64 -10.04 -49.49
CA LEU B 611 -1.83 -11.43 -49.13
C LEU B 611 -2.23 -11.60 -47.67
N TYR B 612 -3.37 -12.22 -47.46
CA TYR B 612 -3.87 -12.48 -46.14
C TYR B 612 -3.63 -13.95 -45.86
N GLN B 613 -2.62 -14.22 -45.04
CA GLN B 613 -2.15 -15.57 -44.88
C GLN B 613 -3.15 -16.47 -44.20
N ASP B 614 -3.22 -17.69 -44.72
CA ASP B 614 -4.05 -18.78 -44.20
C ASP B 614 -5.55 -18.54 -44.15
N VAL B 615 -6.06 -17.50 -44.80
CA VAL B 615 -7.50 -17.24 -44.69
C VAL B 615 -8.19 -17.17 -46.05
N ASN B 616 -9.53 -17.29 -46.04
CA ASN B 616 -10.39 -17.21 -47.21
C ASN B 616 -10.69 -15.74 -47.58
N CYS B 617 -10.91 -15.47 -48.86
CA CYS B 617 -11.28 -14.21 -49.44
C CYS B 617 -12.67 -13.76 -48.95
N THR B 618 -13.44 -14.73 -48.48
CA THR B 618 -14.77 -14.51 -47.95
C THR B 618 -14.72 -14.09 -46.47
N GLU B 619 -13.58 -14.30 -45.81
CA GLU B 619 -13.36 -13.89 -44.42
C GLU B 619 -12.77 -12.46 -44.36
N VAL B 620 -11.95 -12.10 -45.37
CA VAL B 620 -11.23 -10.85 -45.56
C VAL B 620 -12.24 -9.82 -46.13
N THR B 638 -12.15 -5.26 -50.43
CA THR B 638 -11.91 -6.25 -51.47
C THR B 638 -12.02 -5.57 -52.87
N GLY B 639 -10.98 -5.73 -53.72
CA GLY B 639 -10.90 -5.20 -55.09
C GLY B 639 -11.49 -6.17 -56.11
N SER B 640 -11.33 -5.86 -57.39
CA SER B 640 -11.88 -6.71 -58.45
C SER B 640 -11.00 -7.90 -58.82
N ASN B 641 -9.69 -7.80 -58.56
CA ASN B 641 -8.77 -8.88 -58.89
C ASN B 641 -8.48 -9.70 -57.65
N VAL B 642 -9.10 -10.87 -57.54
CA VAL B 642 -8.91 -11.64 -56.33
C VAL B 642 -8.43 -13.05 -56.61
N PHE B 643 -7.30 -13.39 -56.01
CA PHE B 643 -6.68 -14.69 -56.15
C PHE B 643 -6.67 -15.51 -54.86
N GLN B 644 -7.44 -16.58 -54.84
CA GLN B 644 -7.46 -17.39 -53.64
C GLN B 644 -6.48 -18.52 -53.80
N THR B 645 -5.52 -18.61 -52.91
CA THR B 645 -4.55 -19.67 -52.98
C THR B 645 -4.32 -20.27 -51.61
N ARG B 646 -3.36 -21.19 -51.55
CA ARG B 646 -3.01 -21.90 -50.32
C ARG B 646 -2.18 -21.04 -49.38
N ALA B 647 -1.39 -20.12 -49.92
CA ALA B 647 -0.60 -19.24 -49.08
C ALA B 647 -1.55 -18.36 -48.25
N GLY B 648 -2.66 -17.98 -48.86
CA GLY B 648 -3.67 -17.10 -48.31
C GLY B 648 -4.46 -16.46 -49.46
N CYS B 649 -5.25 -15.41 -49.15
CA CYS B 649 -6.06 -14.65 -50.14
C CYS B 649 -5.26 -13.45 -50.63
N LEU B 650 -5.04 -13.37 -51.93
CA LEU B 650 -4.31 -12.25 -52.46
C LEU B 650 -5.23 -11.27 -53.23
N ILE B 651 -5.40 -10.09 -52.67
CA ILE B 651 -6.32 -9.13 -53.25
C ILE B 651 -5.62 -7.97 -53.93
N GLY B 652 -5.94 -7.83 -55.19
CA GLY B 652 -5.38 -6.85 -56.11
C GLY B 652 -4.66 -7.56 -57.24
N ALA B 653 -4.30 -8.83 -57.04
CA ALA B 653 -3.60 -9.54 -58.08
C ALA B 653 -4.46 -10.50 -58.85
N GLU B 654 -4.11 -10.61 -60.09
CA GLU B 654 -4.66 -11.54 -61.05
C GLU B 654 -3.78 -12.77 -60.96
N HIS B 655 -4.06 -13.82 -61.72
CA HIS B 655 -3.20 -14.99 -61.68
C HIS B 655 -3.07 -15.71 -63.02
N VAL B 656 -1.82 -16.11 -63.26
CA VAL B 656 -1.39 -16.88 -64.41
C VAL B 656 -0.71 -18.17 -63.91
N ASN B 657 -1.11 -19.34 -64.44
CA ASN B 657 -0.63 -20.67 -63.98
C ASN B 657 0.78 -21.05 -64.52
N ASN B 658 1.40 -20.23 -65.39
CA ASN B 658 2.73 -20.45 -65.97
C ASN B 658 3.81 -19.99 -64.99
N SER B 659 5.01 -20.55 -65.13
CA SER B 659 6.09 -20.12 -64.29
C SER B 659 6.93 -19.08 -64.99
N TYR B 660 7.45 -18.16 -64.19
CA TYR B 660 8.29 -17.06 -64.65
C TYR B 660 9.44 -16.81 -63.69
N GLU B 661 10.48 -16.12 -64.17
CA GLU B 661 11.56 -15.78 -63.25
C GLU B 661 10.88 -14.97 -62.14
N CYS B 662 11.22 -15.28 -60.86
CA CYS B 662 10.61 -14.64 -59.70
C CYS B 662 11.10 -13.21 -59.49
N ASP B 663 10.15 -12.31 -59.31
CA ASP B 663 10.40 -10.92 -59.04
C ASP B 663 10.10 -10.71 -57.55
N ILE B 664 8.81 -10.79 -57.18
CA ILE B 664 8.43 -10.60 -55.79
C ILE B 664 7.72 -11.83 -55.20
N PRO B 665 8.37 -12.64 -54.36
CA PRO B 665 7.82 -13.84 -53.78
C PRO B 665 6.52 -13.57 -53.03
N ILE B 666 5.56 -14.47 -53.13
CA ILE B 666 4.29 -14.37 -52.42
C ILE B 666 4.25 -15.31 -51.22
N GLY B 667 4.58 -16.57 -51.48
CA GLY B 667 4.57 -17.62 -50.48
C GLY B 667 4.22 -18.96 -51.08
N ALA B 668 4.73 -20.03 -50.48
CA ALA B 668 4.45 -21.38 -50.91
C ALA B 668 4.79 -21.64 -52.39
N GLY B 669 5.89 -21.06 -52.90
CA GLY B 669 6.32 -21.30 -54.27
C GLY B 669 5.63 -20.41 -55.31
N ILE B 670 4.78 -19.51 -54.83
CA ILE B 670 4.01 -18.59 -55.63
C ILE B 670 4.77 -17.25 -55.57
N CYS B 671 4.97 -16.57 -56.72
CA CYS B 671 5.70 -15.30 -56.87
C CYS B 671 5.06 -14.35 -57.89
N ALA B 672 4.99 -13.08 -57.53
CA ALA B 672 4.43 -12.03 -58.37
C ALA B 672 5.41 -11.45 -59.37
N SER B 673 4.83 -10.87 -60.41
CA SER B 673 5.54 -10.08 -61.39
C SER B 673 4.56 -9.15 -62.09
N TYR B 674 5.07 -8.35 -63.02
CA TYR B 674 4.21 -7.39 -63.69
C TYR B 674 4.21 -7.56 -65.19
N GLN B 675 3.01 -7.74 -65.74
CA GLN B 675 2.84 -7.96 -67.19
C GLN B 675 1.59 -7.23 -67.70
N THR B 676 1.57 -6.81 -68.99
CA THR B 676 0.49 -6.11 -69.71
C THR B 676 -0.93 -6.63 -69.32
N SER B 689 -0.35 -1.32 -69.48
CA SER B 689 -1.17 -1.77 -68.37
C SER B 689 -0.47 -2.97 -67.67
N GLN B 690 0.71 -2.72 -67.03
CA GLN B 690 1.54 -3.76 -66.41
C GLN B 690 1.04 -4.11 -65.04
N SER B 691 -0.07 -4.82 -65.01
CA SER B 691 -0.77 -5.15 -63.77
C SER B 691 -0.06 -6.15 -62.90
N ILE B 692 -0.49 -6.20 -61.64
CA ILE B 692 0.10 -7.16 -60.71
C ILE B 692 -0.58 -8.50 -60.82
N ILE B 693 0.25 -9.50 -61.09
CA ILE B 693 -0.17 -10.86 -61.31
C ILE B 693 0.63 -11.85 -60.46
N ALA B 694 -0.04 -12.83 -59.87
CA ALA B 694 0.63 -13.91 -59.17
C ALA B 694 0.98 -15.00 -60.19
N TYR B 695 2.19 -15.55 -60.09
CA TYR B 695 2.70 -16.60 -60.95
C TYR B 695 3.39 -17.71 -60.17
N THR B 696 3.83 -18.75 -60.87
CA THR B 696 4.62 -19.80 -60.25
C THR B 696 6.11 -19.45 -60.34
N MET B 697 6.89 -19.71 -59.29
CA MET B 697 8.33 -19.45 -59.41
C MET B 697 8.96 -20.46 -60.37
N SER B 698 9.73 -19.99 -61.36
CA SER B 698 10.42 -20.89 -62.29
C SER B 698 11.78 -21.39 -61.83
N LEU B 699 12.40 -20.66 -60.89
CA LEU B 699 13.76 -20.91 -60.41
C LEU B 699 14.78 -20.68 -61.53
N GLY B 700 14.40 -19.85 -62.51
CA GLY B 700 15.23 -19.44 -63.62
C GLY B 700 14.98 -20.29 -64.86
N ALA B 701 15.57 -19.90 -65.98
CA ALA B 701 15.38 -20.70 -67.19
C ALA B 701 16.01 -22.04 -66.90
N GLU B 702 15.46 -23.13 -67.41
CA GLU B 702 16.08 -24.41 -67.12
C GLU B 702 17.29 -24.65 -68.03
N ASN B 703 18.43 -24.99 -67.42
CA ASN B 703 19.60 -25.21 -68.23
C ASN B 703 19.60 -26.66 -68.70
N SER B 704 18.77 -26.88 -69.73
CA SER B 704 18.56 -28.21 -70.30
C SER B 704 19.70 -28.54 -71.25
N VAL B 705 20.85 -28.79 -70.65
CA VAL B 705 22.09 -29.07 -71.34
C VAL B 705 22.12 -30.49 -71.89
N ALA B 706 22.56 -30.62 -73.13
CA ALA B 706 22.73 -31.93 -73.74
C ALA B 706 24.02 -32.50 -73.23
N TYR B 707 24.06 -33.79 -72.99
CA TYR B 707 25.28 -34.42 -72.57
C TYR B 707 25.54 -35.67 -73.38
N SER B 708 26.80 -36.05 -73.48
CA SER B 708 27.21 -37.26 -74.15
C SER B 708 28.43 -37.77 -73.39
N ASN B 709 28.79 -39.07 -73.58
CA ASN B 709 29.96 -39.68 -72.90
C ASN B 709 31.23 -39.79 -73.78
N ASN B 710 31.31 -39.05 -74.91
CA ASN B 710 32.48 -38.99 -75.79
C ASN B 710 32.94 -37.57 -76.11
N SER B 711 32.44 -36.55 -75.41
CA SER B 711 32.82 -35.17 -75.72
C SER B 711 32.92 -34.27 -74.49
N ILE B 712 33.99 -33.46 -74.47
CA ILE B 712 34.27 -32.53 -73.38
C ILE B 712 34.24 -31.08 -73.83
N ALA B 713 33.58 -30.21 -73.04
CA ALA B 713 33.59 -28.79 -73.34
C ALA B 713 34.73 -28.13 -72.59
N ILE B 714 35.62 -27.53 -73.36
CA ILE B 714 36.82 -26.87 -72.87
C ILE B 714 36.88 -25.40 -73.28
N PRO B 715 37.08 -24.46 -72.34
CA PRO B 715 37.20 -23.05 -72.56
C PRO B 715 38.31 -22.70 -73.51
N THR B 716 38.05 -21.73 -74.34
CA THR B 716 38.98 -21.23 -75.33
C THR B 716 39.44 -19.86 -74.78
N ASN B 717 38.61 -18.80 -74.99
CA ASN B 717 38.82 -17.44 -74.47
C ASN B 717 38.13 -17.33 -73.07
N PHE B 718 38.80 -16.56 -72.17
CA PHE B 718 38.44 -16.24 -70.77
C PHE B 718 38.42 -14.77 -70.49
N THR B 719 37.66 -14.41 -69.48
CA THR B 719 37.64 -13.05 -68.97
C THR B 719 37.91 -13.02 -67.48
N ILE B 720 38.21 -11.83 -66.99
CA ILE B 720 38.45 -11.62 -65.59
C ILE B 720 37.30 -10.86 -64.96
N SER B 721 36.67 -11.50 -64.00
CA SER B 721 35.52 -10.99 -63.31
C SER B 721 35.95 -10.34 -62.02
N VAL B 722 35.46 -9.13 -61.76
CA VAL B 722 35.82 -8.53 -60.48
C VAL B 722 34.52 -8.23 -59.78
N THR B 723 34.39 -8.67 -58.54
CA THR B 723 33.15 -8.43 -57.82
C THR B 723 33.39 -7.77 -56.49
N THR B 724 32.32 -7.37 -55.82
CA THR B 724 32.48 -6.70 -54.54
C THR B 724 31.77 -7.41 -53.42
N GLU B 725 32.52 -7.60 -52.34
CA GLU B 725 31.91 -8.17 -51.16
C GLU B 725 32.22 -7.26 -50.00
N ILE B 726 31.17 -6.94 -49.27
CA ILE B 726 31.28 -6.04 -48.13
C ILE B 726 31.01 -6.84 -46.88
N LEU B 727 31.95 -6.82 -45.97
CA LEU B 727 31.80 -7.58 -44.74
C LEU B 727 31.83 -6.62 -43.54
N PRO B 728 31.07 -6.89 -42.48
CA PRO B 728 31.16 -6.20 -41.20
C PRO B 728 32.49 -6.52 -40.54
N VAL B 729 33.07 -5.56 -39.85
CA VAL B 729 34.28 -5.80 -39.05
C VAL B 729 34.05 -5.49 -37.61
N SER B 730 33.37 -4.38 -37.35
CA SER B 730 33.24 -3.97 -35.98
C SER B 730 31.92 -3.32 -35.69
N MET B 731 31.57 -3.36 -34.44
CA MET B 731 30.39 -2.71 -33.94
C MET B 731 30.82 -1.43 -33.28
N THR B 732 29.89 -0.52 -33.12
CA THR B 732 30.15 0.72 -32.43
C THR B 732 30.68 0.42 -31.04
N LYS B 733 31.76 1.11 -30.63
CA LYS B 733 32.33 0.90 -29.31
C LYS B 733 31.52 1.61 -28.24
N THR B 734 30.34 1.07 -28.03
CA THR B 734 29.35 1.56 -27.11
C THR B 734 29.80 1.37 -25.70
N SER B 735 29.61 2.39 -24.91
CA SER B 735 29.87 2.35 -23.48
C SER B 735 28.72 3.05 -22.81
N VAL B 736 28.06 2.37 -21.87
CA VAL B 736 26.92 3.00 -21.25
C VAL B 736 27.06 3.19 -19.77
N ASP B 737 26.92 4.43 -19.40
CA ASP B 737 26.95 4.82 -18.02
C ASP B 737 25.50 4.80 -17.55
N CYS B 738 25.11 3.75 -16.78
CA CYS B 738 23.74 3.50 -16.34
C CYS B 738 23.30 4.52 -15.29
N THR B 739 24.25 5.26 -14.69
CA THR B 739 23.85 6.25 -13.72
C THR B 739 23.54 7.50 -14.50
N MET B 740 24.31 7.76 -15.53
CA MET B 740 23.99 8.93 -16.34
C MET B 740 22.67 8.67 -17.10
N TYR B 741 22.51 7.47 -17.68
CA TYR B 741 21.30 7.09 -18.42
C TYR B 741 20.06 7.11 -17.54
N ILE B 742 20.11 6.45 -16.37
CA ILE B 742 18.92 6.38 -15.54
C ILE B 742 18.67 7.63 -14.65
N CYS B 743 19.72 8.17 -14.00
CA CYS B 743 19.62 9.23 -13.00
C CYS B 743 19.91 10.63 -13.54
N GLY B 744 20.62 10.75 -14.67
CA GLY B 744 21.03 12.08 -15.07
C GLY B 744 22.08 12.54 -14.05
N ASP B 745 22.79 11.57 -13.46
CA ASP B 745 23.77 11.77 -12.40
C ASP B 745 23.20 12.32 -11.08
N SER B 746 21.87 12.26 -10.88
CA SER B 746 21.24 12.70 -9.63
C SER B 746 21.64 11.85 -8.41
N THR B 747 21.87 12.52 -7.26
CA THR B 747 22.30 11.88 -6.02
C THR B 747 21.30 10.91 -5.41
N GLU B 748 20.04 11.34 -5.30
CA GLU B 748 19.03 10.49 -4.67
C GLU B 748 18.76 9.21 -5.48
N CYS B 749 18.75 9.30 -6.82
CA CYS B 749 18.59 8.20 -7.75
C CYS B 749 19.77 7.23 -7.60
N SER B 750 21.00 7.75 -7.57
CA SER B 750 22.15 6.87 -7.46
C SER B 750 22.03 6.06 -6.17
N ASN B 751 21.60 6.71 -5.08
CA ASN B 751 21.46 5.99 -3.82
C ASN B 751 20.43 4.85 -3.96
N LEU B 752 19.42 5.03 -4.82
CA LEU B 752 18.45 3.98 -5.05
C LEU B 752 18.95 2.94 -6.09
N LEU B 753 19.84 3.31 -7.02
CA LEU B 753 20.35 2.33 -7.99
C LEU B 753 21.16 1.30 -7.24
N LEU B 754 21.82 1.76 -6.19
CA LEU B 754 22.70 0.92 -5.39
C LEU B 754 21.96 -0.17 -4.62
N GLN B 755 20.62 -0.10 -4.58
CA GLN B 755 19.84 -1.07 -3.84
C GLN B 755 19.87 -2.41 -4.59
N TYR B 756 20.24 -2.34 -5.87
CA TYR B 756 20.30 -3.48 -6.75
C TYR B 756 21.75 -3.93 -7.02
N GLY B 757 22.71 -3.40 -6.24
CA GLY B 757 24.09 -3.82 -6.40
C GLY B 757 24.71 -3.51 -7.77
N SER B 758 25.20 -4.57 -8.42
CA SER B 758 25.90 -4.54 -9.72
C SER B 758 25.01 -4.84 -10.93
N PHE B 759 23.70 -4.80 -10.72
CA PHE B 759 22.70 -5.06 -11.76
C PHE B 759 22.85 -4.30 -13.11
N CYS B 760 23.38 -3.04 -13.13
CA CYS B 760 23.62 -2.27 -14.36
C CYS B 760 25.14 -2.08 -14.55
N THR B 761 25.91 -2.32 -13.48
CA THR B 761 27.36 -2.20 -13.50
C THR B 761 27.89 -3.24 -14.47
N GLN B 762 27.26 -4.41 -14.44
CA GLN B 762 27.64 -5.52 -15.29
C GLN B 762 27.44 -5.23 -16.77
N LEU B 763 26.62 -4.24 -17.12
CA LEU B 763 26.36 -3.93 -18.50
C LEU B 763 27.46 -3.00 -18.94
N ASN B 764 27.89 -2.11 -18.04
CA ASN B 764 29.01 -1.26 -18.40
C ASN B 764 30.22 -2.16 -18.66
N ARG B 765 30.36 -3.22 -17.85
CA ARG B 765 31.46 -4.15 -17.99
C ARG B 765 31.33 -4.98 -19.26
N ALA B 766 30.12 -5.45 -19.58
CA ALA B 766 29.91 -6.24 -20.78
C ALA B 766 30.21 -5.43 -22.01
N LEU B 767 29.81 -4.17 -22.01
CA LEU B 767 30.03 -3.28 -23.13
C LEU B 767 31.48 -2.98 -23.29
N THR B 768 32.20 -2.82 -22.19
CA THR B 768 33.62 -2.56 -22.30
C THR B 768 34.26 -3.77 -22.97
N GLY B 769 33.88 -4.97 -22.53
CA GLY B 769 34.45 -6.17 -23.09
C GLY B 769 34.15 -6.29 -24.58
N ILE B 770 32.94 -5.90 -24.99
CA ILE B 770 32.59 -5.95 -26.39
C ILE B 770 33.46 -4.98 -27.15
N ALA B 771 33.59 -3.74 -26.68
CA ALA B 771 34.37 -2.72 -27.37
C ALA B 771 35.83 -3.15 -27.52
N VAL B 772 36.37 -3.84 -26.51
CA VAL B 772 37.75 -4.31 -26.59
C VAL B 772 37.88 -5.34 -27.68
N GLU B 773 36.91 -6.26 -27.74
CA GLU B 773 36.97 -7.27 -28.77
C GLU B 773 36.78 -6.63 -30.14
N GLN B 774 36.00 -5.55 -30.24
CA GLN B 774 35.81 -4.96 -31.56
C GLN B 774 37.14 -4.39 -32.09
N ASP B 775 37.99 -3.83 -31.20
CA ASP B 775 39.28 -3.38 -31.72
C ASP B 775 40.14 -4.57 -32.09
N LYS B 776 40.05 -5.67 -31.34
CA LYS B 776 40.85 -6.85 -31.69
C LYS B 776 40.44 -7.40 -33.04
N ASN B 777 39.15 -7.38 -33.35
CA ASN B 777 38.63 -7.91 -34.59
C ASN B 777 39.14 -7.07 -35.75
N THR B 778 39.21 -5.76 -35.52
CA THR B 778 39.70 -4.82 -36.51
C THR B 778 41.18 -5.09 -36.78
N GLN B 779 41.94 -5.34 -35.72
CA GLN B 779 43.34 -5.63 -35.88
C GLN B 779 43.59 -6.95 -36.61
N GLU B 780 42.78 -7.99 -36.34
CA GLU B 780 43.00 -9.27 -37.02
C GLU B 780 42.79 -9.16 -38.52
N VAL B 781 41.76 -8.40 -38.92
CA VAL B 781 41.49 -8.22 -40.31
C VAL B 781 42.45 -7.24 -41.00
N PHE B 782 42.88 -6.15 -40.37
CA PHE B 782 43.74 -5.25 -41.13
C PHE B 782 45.24 -5.25 -40.79
N ALA B 783 45.60 -5.44 -39.53
CA ALA B 783 46.99 -5.33 -39.11
C ALA B 783 47.70 -6.66 -39.31
N GLN B 784 47.92 -7.00 -40.58
CA GLN B 784 48.43 -8.31 -40.98
C GLN B 784 49.91 -8.34 -41.33
N VAL B 785 50.59 -7.29 -40.96
CA VAL B 785 52.01 -7.14 -41.19
C VAL B 785 52.70 -6.93 -39.87
N LYS B 786 53.94 -7.41 -39.75
CA LYS B 786 54.68 -7.21 -38.51
C LYS B 786 54.97 -5.74 -38.25
N GLN B 787 55.15 -4.98 -39.34
CA GLN B 787 55.39 -3.55 -39.37
C GLN B 787 54.68 -3.06 -40.61
N ILE B 788 54.22 -1.82 -40.63
CA ILE B 788 53.56 -1.31 -41.83
C ILE B 788 54.43 -1.37 -43.09
N TYR B 789 53.87 -1.89 -44.19
CA TYR B 789 54.57 -2.00 -45.46
C TYR B 789 53.98 -0.98 -46.41
N LYS B 790 54.73 -0.55 -47.42
CA LYS B 790 54.19 0.40 -48.38
C LYS B 790 54.17 -0.15 -49.81
N THR B 791 53.36 0.47 -50.66
CA THR B 791 53.31 0.12 -52.07
C THR B 791 54.59 0.67 -52.66
N PRO B 792 55.00 0.26 -53.86
CA PRO B 792 56.17 0.81 -54.51
C PRO B 792 55.92 2.31 -54.68
N PRO B 793 56.97 3.17 -54.63
CA PRO B 793 56.91 4.62 -54.80
C PRO B 793 56.53 5.01 -56.23
N ILE B 794 56.73 4.07 -57.14
CA ILE B 794 56.42 4.23 -58.54
C ILE B 794 55.33 3.25 -58.83
N LYS B 795 54.23 3.73 -59.39
CA LYS B 795 53.11 2.85 -59.64
C LYS B 795 53.27 1.99 -60.88
N ASP B 796 54.20 1.04 -60.77
CA ASP B 796 54.51 0.13 -61.86
C ASP B 796 53.49 -0.98 -61.82
N PHE B 797 52.31 -0.63 -62.27
CA PHE B 797 51.15 -1.49 -62.20
C PHE B 797 50.83 -2.18 -63.52
N GLY B 798 51.68 -2.10 -64.53
CA GLY B 798 51.41 -2.87 -65.76
C GLY B 798 50.18 -2.44 -66.55
N GLY B 799 49.81 -1.15 -66.49
CA GLY B 799 48.62 -0.67 -67.21
C GLY B 799 47.38 -0.67 -66.33
N PHE B 800 47.47 -1.27 -65.16
CA PHE B 800 46.37 -1.34 -64.23
C PHE B 800 46.41 -0.07 -63.39
N ASN B 801 45.25 0.45 -62.93
CA ASN B 801 45.21 1.58 -61.98
C ASN B 801 44.59 1.14 -60.65
N PHE B 802 45.46 0.80 -59.67
CA PHE B 802 45.07 0.30 -58.35
C PHE B 802 44.97 1.54 -57.47
N SER B 803 45.20 2.69 -58.11
CA SER B 803 45.10 4.02 -57.56
C SER B 803 43.64 4.35 -57.33
N GLN B 804 42.76 3.55 -57.94
CA GLN B 804 41.31 3.67 -57.80
C GLN B 804 40.82 2.85 -56.61
N ILE B 805 41.75 2.12 -56.01
CA ILE B 805 41.47 1.26 -54.88
C ILE B 805 42.04 1.92 -53.62
N LEU B 806 43.27 2.42 -53.78
CA LEU B 806 44.06 3.13 -52.78
C LEU B 806 43.40 4.46 -52.41
N PRO B 807 43.59 4.97 -51.17
CA PRO B 807 43.05 6.22 -50.70
C PRO B 807 43.70 7.38 -51.40
N ASP B 808 42.97 8.49 -51.57
CA ASP B 808 43.56 9.69 -52.15
C ASP B 808 44.16 10.59 -51.05
N PRO B 809 45.50 10.71 -50.93
CA PRO B 809 46.20 11.40 -49.87
C PRO B 809 46.01 12.91 -49.86
N SER B 810 45.46 13.47 -50.95
CA SER B 810 45.30 14.91 -51.01
C SER B 810 44.00 15.39 -50.38
N LYS B 811 43.09 14.46 -50.07
CA LYS B 811 41.79 14.84 -49.57
C LYS B 811 41.79 15.05 -48.05
N PRO B 812 40.83 15.85 -47.48
CA PRO B 812 40.58 16.01 -46.04
C PRO B 812 40.25 14.70 -45.34
N SER B 813 39.78 13.75 -46.14
CA SER B 813 39.41 12.41 -45.73
C SER B 813 40.12 11.52 -46.75
N LYS B 814 41.14 10.81 -46.31
CA LYS B 814 41.98 10.04 -47.21
C LYS B 814 41.37 8.71 -47.55
N ARG B 815 40.42 8.76 -48.46
CA ARG B 815 39.63 7.62 -48.89
C ARG B 815 39.64 7.48 -50.42
N SER B 816 39.41 6.26 -50.90
CA SER B 816 39.27 5.90 -52.30
C SER B 816 37.80 6.13 -52.67
N PRO B 817 37.40 6.16 -53.95
CA PRO B 817 36.00 6.28 -54.36
C PRO B 817 35.02 5.31 -53.68
N ILE B 818 35.48 4.08 -53.40
CA ILE B 818 34.63 3.07 -52.78
C ILE B 818 34.46 3.39 -51.30
N GLU B 819 35.58 3.76 -50.69
CA GLU B 819 35.63 4.12 -49.30
C GLU B 819 34.78 5.36 -49.05
N ASP B 820 34.75 6.31 -50.03
CA ASP B 820 33.92 7.50 -49.92
C ASP B 820 32.44 7.15 -49.98
N LEU B 821 32.08 6.18 -50.83
CA LEU B 821 30.68 5.81 -50.92
C LEU B 821 30.19 5.22 -49.62
N LEU B 822 30.96 4.37 -48.97
CA LEU B 822 30.42 3.88 -47.72
C LEU B 822 30.52 4.94 -46.63
N PHE B 823 31.59 5.72 -46.61
CA PHE B 823 31.76 6.72 -45.58
C PHE B 823 30.60 7.70 -45.48
N ASN B 824 30.15 8.22 -46.62
CA ASN B 824 29.09 9.21 -46.61
C ASN B 824 27.68 8.63 -46.76
N LYS B 825 27.54 7.30 -46.78
CA LYS B 825 26.23 6.67 -46.94
C LYS B 825 25.84 5.86 -45.70
N VAL B 826 26.83 5.30 -45.02
CA VAL B 826 26.61 4.50 -43.83
C VAL B 826 26.45 5.48 -42.63
N THR B 827 25.30 5.40 -41.92
CA THR B 827 24.95 6.25 -40.77
C THR B 827 24.73 5.37 -39.54
N LYS B 854 24.53 10.49 -25.41
CA LYS B 854 25.47 11.57 -25.17
C LYS B 854 25.33 11.91 -23.67
N PHE B 855 24.42 12.84 -23.29
CA PHE B 855 24.14 13.22 -21.89
C PHE B 855 23.10 12.26 -21.34
N ASN B 856 22.72 11.34 -22.22
CA ASN B 856 21.79 10.28 -21.93
C ASN B 856 22.58 9.04 -21.50
N GLY B 857 23.91 9.16 -21.37
CA GLY B 857 24.72 8.05 -20.87
C GLY B 857 25.20 7.10 -21.93
N LEU B 858 24.78 7.31 -23.17
CA LEU B 858 25.19 6.40 -24.22
C LEU B 858 26.30 7.06 -25.01
N THR B 859 27.51 6.53 -24.93
CA THR B 859 28.58 7.18 -25.67
C THR B 859 29.29 6.19 -26.55
N VAL B 860 30.17 6.72 -27.38
CA VAL B 860 30.97 5.90 -28.24
C VAL B 860 32.43 6.24 -28.00
N LEU B 861 33.20 5.23 -27.72
CA LEU B 861 34.60 5.42 -27.45
C LEU B 861 35.33 5.52 -28.78
N PRO B 862 36.41 6.29 -28.88
CA PRO B 862 37.21 6.38 -30.07
C PRO B 862 37.99 5.09 -30.22
N PRO B 863 38.38 4.71 -31.43
CA PRO B 863 39.27 3.63 -31.76
C PRO B 863 40.69 4.03 -31.46
N LEU B 864 41.55 3.05 -31.26
CA LEU B 864 42.97 3.35 -31.28
C LEU B 864 43.43 3.40 -32.72
N LEU B 865 42.92 2.42 -33.46
CA LEU B 865 43.23 2.22 -34.86
C LEU B 865 42.14 2.84 -35.69
N THR B 866 42.48 3.99 -36.25
CA THR B 866 41.58 4.84 -36.99
C THR B 866 41.49 4.41 -38.42
N ASP B 867 40.51 4.96 -39.14
CA ASP B 867 40.32 4.63 -40.53
C ASP B 867 41.49 4.99 -41.41
N GLU B 868 42.19 6.07 -41.09
CA GLU B 868 43.34 6.47 -41.90
C GLU B 868 44.46 5.46 -41.74
N MET B 869 44.70 5.01 -40.51
CA MET B 869 45.75 4.04 -40.29
C MET B 869 45.36 2.68 -40.85
N ILE B 870 44.06 2.39 -40.89
CA ILE B 870 43.56 1.18 -41.50
C ILE B 870 43.85 1.27 -42.96
N ALA B 871 43.59 2.42 -43.58
CA ALA B 871 43.86 2.59 -44.99
C ALA B 871 45.34 2.34 -45.26
N GLN B 872 46.23 2.74 -44.33
CA GLN B 872 47.65 2.47 -44.50
C GLN B 872 47.94 0.96 -44.42
N TYR B 873 47.27 0.23 -43.52
CA TYR B 873 47.50 -1.22 -43.47
C TYR B 873 46.91 -1.88 -44.69
N THR B 874 45.84 -1.32 -45.21
CA THR B 874 45.19 -1.80 -46.38
C THR B 874 46.16 -1.61 -47.54
N SER B 875 46.82 -0.45 -47.57
CA SER B 875 47.81 -0.13 -48.58
C SER B 875 48.93 -1.16 -48.52
N ALA B 876 49.34 -1.57 -47.31
CA ALA B 876 50.35 -2.63 -47.18
C ALA B 876 49.85 -3.93 -47.81
N LEU B 877 48.58 -4.28 -47.58
CA LEU B 877 48.02 -5.49 -48.16
C LEU B 877 47.92 -5.41 -49.67
N LEU B 878 47.59 -4.22 -50.17
CA LEU B 878 47.49 -3.95 -51.60
C LEU B 878 48.89 -4.07 -52.19
N ALA B 879 49.92 -3.60 -51.45
CA ALA B 879 51.30 -3.71 -51.91
C ALA B 879 51.61 -5.17 -52.12
N GLY B 880 51.08 -6.01 -51.23
CA GLY B 880 51.22 -7.46 -51.31
C GLY B 880 50.57 -7.98 -52.58
N THR B 881 49.32 -7.63 -52.80
CA THR B 881 48.59 -8.10 -53.96
C THR B 881 49.32 -7.81 -55.26
N ILE B 882 49.90 -6.63 -55.34
CA ILE B 882 50.53 -6.19 -56.56
C ILE B 882 51.99 -6.71 -56.71
N THR B 883 52.87 -6.55 -55.69
CA THR B 883 54.27 -6.93 -55.85
C THR B 883 54.92 -8.05 -54.97
N SER B 884 54.17 -8.79 -54.12
CA SER B 884 54.87 -9.84 -53.34
C SER B 884 54.02 -11.11 -53.17
N GLY B 885 52.71 -10.94 -53.29
CA GLY B 885 51.76 -12.03 -53.20
C GLY B 885 51.83 -12.81 -51.89
N TRP B 886 51.93 -14.13 -52.06
CA TRP B 886 51.99 -15.15 -51.02
C TRP B 886 53.18 -15.07 -50.09
N THR B 887 54.19 -14.29 -50.45
CA THR B 887 55.39 -14.21 -49.63
C THR B 887 55.21 -13.18 -48.52
N PHE B 888 54.17 -12.37 -48.64
CA PHE B 888 53.90 -11.26 -47.74
C PHE B 888 53.86 -11.74 -46.29
N GLY B 889 53.16 -12.85 -46.10
CA GLY B 889 52.95 -13.51 -44.81
C GLY B 889 53.73 -14.85 -44.64
N ALA B 890 54.77 -15.05 -45.45
CA ALA B 890 55.49 -16.33 -45.42
C ALA B 890 56.99 -16.10 -45.56
N GLY B 891 57.59 -15.55 -44.51
CA GLY B 891 59.00 -15.18 -44.55
C GLY B 891 59.04 -13.72 -44.86
N PRO B 892 60.21 -13.14 -45.15
CA PRO B 892 60.34 -11.76 -45.49
C PRO B 892 59.52 -11.63 -46.74
N ALA B 893 58.85 -10.52 -46.96
CA ALA B 893 58.14 -10.45 -48.22
C ALA B 893 59.21 -10.45 -49.30
N LEU B 894 58.95 -11.14 -50.36
CA LEU B 894 59.92 -11.21 -51.46
C LEU B 894 59.48 -10.15 -52.46
N GLN B 895 60.38 -9.65 -53.21
CA GLN B 895 60.01 -8.71 -54.23
C GLN B 895 59.88 -9.51 -55.50
N ILE B 896 58.75 -9.36 -56.17
CA ILE B 896 58.48 -10.07 -57.47
C ILE B 896 58.06 -9.01 -58.53
N PRO B 897 58.62 -9.00 -59.72
CA PRO B 897 58.21 -8.11 -60.84
C PRO B 897 56.78 -8.21 -61.04
N PHE B 898 56.07 -7.11 -61.23
CA PHE B 898 54.65 -7.26 -61.43
C PHE B 898 54.36 -8.24 -62.58
N PRO B 899 54.98 -8.19 -63.74
CA PRO B 899 54.77 -9.15 -64.83
C PRO B 899 55.01 -10.61 -64.43
N MET B 900 55.88 -10.90 -63.46
CA MET B 900 56.14 -12.25 -63.04
C MET B 900 55.17 -12.69 -61.99
N GLN B 901 54.66 -11.74 -61.19
CA GLN B 901 53.68 -11.99 -60.15
C GLN B 901 52.40 -12.40 -60.86
N MET B 902 52.17 -11.77 -62.00
CA MET B 902 51.03 -12.09 -62.82
C MET B 902 51.23 -13.41 -63.56
N ALA B 903 52.44 -13.63 -64.10
CA ALA B 903 52.66 -14.91 -64.77
C ALA B 903 52.39 -16.04 -63.78
N TYR B 904 52.80 -15.80 -62.53
CA TYR B 904 52.60 -16.72 -61.44
C TYR B 904 51.14 -16.90 -61.10
N ARG B 905 50.36 -15.82 -60.95
CA ARG B 905 48.99 -16.02 -60.50
C ARG B 905 48.22 -16.84 -61.53
N PHE B 906 48.55 -16.70 -62.82
CA PHE B 906 47.84 -17.52 -63.79
C PHE B 906 48.30 -18.98 -63.71
N ASN B 907 49.61 -19.21 -63.55
CA ASN B 907 50.07 -20.60 -63.47
C ASN B 907 49.54 -21.25 -62.21
N GLY B 908 49.34 -20.42 -61.17
CA GLY B 908 48.85 -20.80 -59.85
C GLY B 908 47.41 -21.29 -59.87
N ILE B 909 46.67 -21.05 -60.96
CA ILE B 909 45.31 -21.52 -61.07
C ILE B 909 45.19 -22.54 -62.21
N GLY B 910 46.33 -23.03 -62.72
CA GLY B 910 46.30 -23.99 -63.80
C GLY B 910 46.18 -23.39 -65.19
N VAL B 911 46.57 -22.13 -65.38
CA VAL B 911 46.51 -21.43 -66.65
C VAL B 911 47.87 -20.96 -67.12
N THR B 912 48.29 -21.35 -68.31
CA THR B 912 49.61 -20.98 -68.80
C THR B 912 49.76 -19.46 -68.88
N GLN B 913 50.89 -18.98 -68.35
CA GLN B 913 51.28 -17.56 -68.27
C GLN B 913 51.37 -16.82 -69.59
N ASN B 914 51.35 -17.54 -70.70
CA ASN B 914 51.38 -16.89 -72.00
C ASN B 914 50.12 -16.06 -72.18
N VAL B 915 49.05 -16.37 -71.43
CA VAL B 915 47.85 -15.57 -71.53
C VAL B 915 48.17 -14.17 -71.06
N LEU B 916 49.06 -14.02 -70.08
CA LEU B 916 49.40 -12.71 -69.61
C LEU B 916 50.08 -11.90 -70.64
N TYR B 917 51.02 -12.49 -71.32
CA TYR B 917 51.75 -11.65 -72.21
C TYR B 917 50.94 -11.31 -73.45
N GLU B 918 50.23 -12.29 -73.99
CA GLU B 918 49.46 -12.05 -75.20
C GLU B 918 48.32 -11.06 -74.95
N ASN B 919 47.73 -11.14 -73.75
CA ASN B 919 46.62 -10.30 -73.38
C ASN B 919 47.02 -9.30 -72.31
N GLN B 920 48.28 -8.89 -72.22
CA GLN B 920 48.66 -7.97 -71.13
C GLN B 920 47.82 -6.70 -71.07
N LYS B 921 47.50 -6.14 -72.24
CA LYS B 921 46.70 -4.92 -72.27
C LYS B 921 45.25 -5.21 -71.94
N LEU B 922 44.75 -6.36 -72.39
CA LEU B 922 43.37 -6.75 -72.18
C LEU B 922 43.11 -7.01 -70.71
N ILE B 923 44.05 -7.67 -70.07
CA ILE B 923 43.96 -8.02 -68.69
C ILE B 923 43.93 -6.76 -67.83
N ALA B 924 44.83 -5.82 -68.08
CA ALA B 924 44.78 -4.60 -67.31
C ALA B 924 43.52 -3.81 -67.57
N ASN B 925 43.07 -3.79 -68.84
CA ASN B 925 41.91 -3.00 -69.16
C ASN B 925 40.63 -3.57 -68.62
N GLN B 926 40.45 -4.89 -68.66
CA GLN B 926 39.20 -5.42 -68.16
C GLN B 926 39.14 -5.35 -66.64
N PHE B 927 40.30 -5.40 -65.97
CA PHE B 927 40.30 -5.23 -64.54
C PHE B 927 39.85 -3.83 -64.20
N ASN B 928 40.47 -2.86 -64.87
CA ASN B 928 40.21 -1.46 -64.61
C ASN B 928 38.75 -1.14 -64.89
N SER B 929 38.23 -1.74 -65.95
CA SER B 929 36.85 -1.54 -66.35
C SER B 929 35.93 -2.05 -65.29
N ALA B 930 36.20 -3.27 -64.79
CA ALA B 930 35.35 -3.86 -63.79
C ALA B 930 35.36 -3.06 -62.48
N ILE B 931 36.52 -2.53 -62.05
CA ILE B 931 36.48 -1.76 -60.80
C ILE B 931 35.73 -0.46 -61.01
N GLY B 932 35.80 0.08 -62.24
CA GLY B 932 35.03 1.25 -62.60
C GLY B 932 33.55 0.91 -62.46
N LYS B 933 33.13 -0.22 -63.04
CA LYS B 933 31.74 -0.65 -62.96
C LYS B 933 31.30 -0.79 -61.52
N ILE B 934 32.17 -1.29 -60.65
CA ILE B 934 31.84 -1.41 -59.25
C ILE B 934 31.58 -0.05 -58.63
N GLN B 935 32.45 0.93 -58.91
CA GLN B 935 32.23 2.27 -58.34
C GLN B 935 30.92 2.86 -58.86
N ASP B 936 30.62 2.62 -60.15
CA ASP B 936 29.43 3.15 -60.82
C ASP B 936 28.16 2.49 -60.34
N SER B 937 28.25 1.20 -60.03
CA SER B 937 27.11 0.45 -59.54
C SER B 937 26.78 0.90 -58.12
N LEU B 938 27.79 0.94 -57.26
CA LEU B 938 27.53 1.27 -55.87
C LEU B 938 27.00 2.70 -55.71
N SER B 939 27.49 3.64 -56.54
CA SER B 939 27.07 5.03 -56.47
C SER B 939 25.73 5.31 -57.13
N SER B 940 25.17 4.36 -57.90
CA SER B 940 23.92 4.61 -58.62
C SER B 940 22.79 3.78 -58.03
N THR B 941 23.16 2.74 -57.29
CA THR B 941 22.24 1.83 -56.65
C THR B 941 22.59 1.77 -55.17
N PRO B 942 22.15 2.73 -54.33
CA PRO B 942 22.52 2.84 -52.92
C PRO B 942 22.29 1.57 -52.13
N SER B 943 21.32 0.74 -52.54
CA SER B 943 21.06 -0.50 -51.81
C SER B 943 22.25 -1.46 -51.88
N ALA B 944 23.13 -1.26 -52.86
CA ALA B 944 24.30 -2.08 -53.09
C ALA B 944 25.34 -1.92 -51.97
N LEU B 945 25.22 -0.82 -51.21
CA LEU B 945 26.07 -0.47 -50.09
C LEU B 945 25.45 -1.02 -48.77
N GLY B 946 24.23 -1.59 -48.89
CA GLY B 946 23.38 -2.07 -47.81
C GLY B 946 24.03 -3.09 -46.92
N LYS B 947 24.95 -3.86 -47.47
CA LYS B 947 25.65 -4.86 -46.69
C LYS B 947 26.29 -4.26 -45.44
N LEU B 948 26.77 -3.01 -45.52
CA LEU B 948 27.34 -2.39 -44.34
C LEU B 948 26.39 -1.36 -43.76
N GLN B 949 25.59 -0.70 -44.61
CA GLN B 949 24.73 0.35 -44.10
C GLN B 949 23.74 -0.22 -43.11
N ASP B 950 23.23 -1.41 -43.38
CA ASP B 950 22.26 -1.99 -42.49
C ASP B 950 22.88 -2.34 -41.16
N VAL B 951 24.13 -2.75 -41.15
CA VAL B 951 24.76 -3.15 -39.89
C VAL B 951 24.91 -1.97 -38.99
N VAL B 952 25.42 -0.89 -39.56
CA VAL B 952 25.67 0.28 -38.75
C VAL B 952 24.37 0.94 -38.36
N ASN B 953 23.42 1.02 -39.31
CA ASN B 953 22.17 1.65 -39.00
C ASN B 953 21.43 0.86 -37.94
N GLN B 954 21.52 -0.47 -37.94
CA GLN B 954 20.86 -1.27 -36.93
C GLN B 954 21.49 -1.06 -35.58
N ASN B 955 22.81 -0.91 -35.53
CA ASN B 955 23.44 -0.69 -34.25
C ASN B 955 23.04 0.70 -33.74
N ALA B 956 22.94 1.67 -34.66
CA ALA B 956 22.52 3.02 -34.31
C ALA B 956 21.08 3.01 -33.83
N GLN B 957 20.23 2.20 -34.46
CA GLN B 957 18.82 2.09 -34.09
C GLN B 957 18.68 1.49 -32.72
N ALA B 958 19.51 0.52 -32.38
CA ALA B 958 19.45 -0.08 -31.06
C ALA B 958 19.76 0.98 -29.99
N LEU B 959 20.73 1.87 -30.27
CA LEU B 959 21.04 2.95 -29.32
C LEU B 959 19.94 4.01 -29.33
N ASN B 960 19.34 4.26 -30.49
CA ASN B 960 18.30 5.26 -30.58
C ASN B 960 17.10 4.77 -29.79
N THR B 961 16.88 3.45 -29.81
CA THR B 961 15.82 2.81 -29.07
C THR B 961 16.05 2.98 -27.59
N LEU B 962 17.29 2.80 -27.12
CA LEU B 962 17.51 2.99 -25.71
C LEU B 962 17.18 4.42 -25.31
N VAL B 963 17.49 5.40 -26.15
CA VAL B 963 17.14 6.76 -25.77
C VAL B 963 15.63 6.94 -25.80
N LYS B 964 14.95 6.46 -26.83
CA LYS B 964 13.50 6.64 -26.95
C LYS B 964 12.74 5.98 -25.80
N GLN B 965 13.23 4.84 -25.34
CA GLN B 965 12.56 4.14 -24.26
C GLN B 965 12.92 4.75 -22.91
N LEU B 966 13.81 5.73 -22.88
CA LEU B 966 14.21 6.38 -21.65
C LEU B 966 13.10 7.33 -21.25
N SER B 967 12.23 7.64 -22.22
CA SER B 967 11.10 8.53 -22.01
C SER B 967 9.84 7.75 -21.65
N SER B 968 9.93 6.41 -21.57
CA SER B 968 8.78 5.61 -21.23
C SER B 968 8.72 5.46 -19.73
N ASN B 969 7.51 5.41 -19.21
CA ASN B 969 7.33 5.20 -17.78
C ASN B 969 7.29 3.73 -17.45
N PHE B 970 7.07 2.89 -18.45
CA PHE B 970 6.98 1.45 -18.25
C PHE B 970 5.95 1.07 -17.18
N GLY B 971 4.85 1.81 -17.08
CA GLY B 971 3.80 1.60 -16.08
C GLY B 971 3.93 2.46 -14.80
N ALA B 972 5.04 3.18 -14.65
CA ALA B 972 5.32 4.05 -13.50
C ALA B 972 4.48 5.33 -13.53
N ILE B 973 4.35 5.99 -12.38
CA ILE B 973 3.60 7.25 -12.24
C ILE B 973 4.11 8.36 -13.16
N SER B 974 5.39 8.28 -13.51
CA SER B 974 6.04 9.26 -14.36
C SER B 974 7.21 8.63 -15.10
N SER B 975 7.48 9.15 -16.29
CA SER B 975 8.59 8.69 -17.12
C SER B 975 9.92 9.25 -16.71
N VAL B 976 9.89 10.28 -15.87
CA VAL B 976 11.12 10.90 -15.45
C VAL B 976 11.36 10.58 -14.00
N LEU B 977 12.45 9.90 -13.76
CA LEU B 977 12.81 9.44 -12.44
C LEU B 977 12.94 10.60 -11.48
N ASN B 978 13.54 11.67 -11.96
CA ASN B 978 13.78 12.83 -11.13
C ASN B 978 12.47 13.55 -10.80
N ASP B 979 11.44 13.37 -11.63
CA ASP B 979 10.13 13.95 -11.42
C ASP B 979 9.48 13.17 -10.31
N ILE B 980 9.69 11.85 -10.31
CA ILE B 980 9.13 10.98 -9.29
C ILE B 980 9.74 11.36 -7.93
N LEU B 981 11.06 11.58 -7.92
CA LEU B 981 11.73 11.91 -6.67
C LEU B 981 11.20 13.23 -6.09
N SER B 982 10.91 14.23 -6.93
CA SER B 982 10.35 15.48 -6.40
C SER B 982 8.83 15.42 -6.14
N ARG B 983 8.11 14.60 -6.93
CA ARG B 983 6.66 14.43 -6.87
C ARG B 983 6.15 13.67 -5.65
N LEU B 984 6.79 12.57 -5.31
CA LEU B 984 6.33 11.75 -4.21
C LEU B 984 7.23 11.79 -2.99
N ASP B 985 6.65 11.70 -1.81
CA ASP B 985 7.45 11.63 -0.60
C ASP B 985 8.30 10.37 -0.76
N PRO B 986 9.58 10.33 -0.32
CA PRO B 986 10.48 9.20 -0.44
C PRO B 986 9.86 7.79 -0.26
N PRO B 987 9.05 7.48 0.78
CA PRO B 987 8.48 6.14 0.97
C PRO B 987 7.59 5.67 -0.21
N GLU B 988 7.09 6.64 -1.00
CA GLU B 988 6.23 6.36 -2.14
C GLU B 988 7.05 6.45 -3.41
N ALA B 989 8.02 7.38 -3.40
CA ALA B 989 8.89 7.58 -4.55
C ALA B 989 9.70 6.34 -4.76
N GLU B 990 10.14 5.70 -3.69
CA GLU B 990 10.97 4.52 -3.85
C GLU B 990 10.28 3.44 -4.64
N VAL B 991 8.97 3.31 -4.47
CA VAL B 991 8.25 2.28 -5.20
C VAL B 991 8.21 2.60 -6.69
N GLN B 992 7.91 3.86 -7.00
CA GLN B 992 7.82 4.27 -8.40
C GLN B 992 9.18 4.33 -9.09
N ILE B 993 10.22 4.64 -8.32
CA ILE B 993 11.60 4.70 -8.80
C ILE B 993 12.01 3.27 -9.08
N ASP B 994 11.73 2.34 -8.16
CA ASP B 994 12.13 0.96 -8.41
C ASP B 994 11.53 0.43 -9.70
N ARG B 995 10.27 0.78 -9.97
CA ARG B 995 9.67 0.31 -11.19
C ARG B 995 10.33 0.94 -12.42
N LEU B 996 10.60 2.24 -12.36
CA LEU B 996 11.19 2.92 -13.50
C LEU B 996 12.63 2.45 -13.76
N ILE B 997 13.40 2.19 -12.70
CA ILE B 997 14.76 1.69 -12.85
C ILE B 997 14.69 0.37 -13.55
N THR B 998 13.78 -0.51 -13.11
CA THR B 998 13.65 -1.82 -13.72
C THR B 998 13.30 -1.72 -15.19
N GLY B 999 12.35 -0.87 -15.57
CA GLY B 999 11.98 -0.78 -16.98
C GLY B 999 13.16 -0.31 -17.85
N ARG B 1000 13.90 0.68 -17.35
CA ARG B 1000 15.03 1.21 -18.08
C ARG B 1000 16.16 0.18 -18.16
N LEU B 1001 16.32 -0.56 -17.06
CA LEU B 1001 17.31 -1.61 -16.95
C LEU B 1001 17.04 -2.71 -17.93
N GLN B 1002 15.78 -3.11 -18.07
CA GLN B 1002 15.44 -4.18 -19.00
C GLN B 1002 15.81 -3.78 -20.41
N SER B 1003 15.61 -2.51 -20.78
CA SER B 1003 15.99 -2.07 -22.10
C SER B 1003 17.52 -2.10 -22.27
N LEU B 1004 18.26 -1.69 -21.23
CA LEU B 1004 19.72 -1.73 -21.31
C LEU B 1004 20.25 -3.15 -21.42
N GLN B 1005 19.64 -4.08 -20.68
CA GLN B 1005 20.06 -5.47 -20.69
C GLN B 1005 19.80 -6.06 -22.05
N THR B 1006 18.67 -5.70 -22.65
CA THR B 1006 18.32 -6.20 -23.97
C THR B 1006 19.34 -5.74 -24.99
N TYR B 1007 19.71 -4.45 -24.92
CA TYR B 1007 20.70 -3.90 -25.84
C TYR B 1007 21.98 -4.69 -25.78
N VAL B 1008 22.48 -4.89 -24.56
CA VAL B 1008 23.76 -5.56 -24.41
C VAL B 1008 23.71 -6.99 -24.88
N THR B 1009 22.65 -7.72 -24.56
CA THR B 1009 22.57 -9.10 -24.99
C THR B 1009 22.56 -9.18 -26.50
N GLN B 1010 21.79 -8.31 -27.15
CA GLN B 1010 21.73 -8.33 -28.59
C GLN B 1010 23.07 -7.95 -29.19
N GLN B 1011 23.75 -6.96 -28.60
CA GLN B 1011 25.02 -6.54 -29.12
C GLN B 1011 26.04 -7.65 -28.96
N LEU B 1012 25.98 -8.38 -27.85
CA LEU B 1012 26.93 -9.44 -27.57
C LEU B 1012 26.75 -10.61 -28.52
N ILE B 1013 25.50 -10.98 -28.82
CA ILE B 1013 25.28 -12.09 -29.73
C ILE B 1013 25.78 -11.66 -31.09
N ARG B 1014 25.42 -10.44 -31.50
CA ARG B 1014 25.86 -9.96 -32.79
C ARG B 1014 27.36 -9.81 -32.80
N ALA B 1015 27.97 -9.44 -31.68
CA ALA B 1015 29.41 -9.26 -31.64
C ALA B 1015 30.08 -10.57 -32.02
N ALA B 1016 29.51 -11.71 -31.61
CA ALA B 1016 30.07 -13.00 -31.98
C ALA B 1016 29.98 -13.19 -33.51
N GLU B 1017 28.90 -12.70 -34.11
CA GLU B 1017 28.74 -12.84 -35.56
C GLU B 1017 29.70 -11.91 -36.31
N ILE B 1018 29.90 -10.72 -35.74
CA ILE B 1018 30.79 -9.71 -36.29
C ILE B 1018 32.24 -10.16 -36.22
N ARG B 1019 32.66 -10.78 -35.11
CA ARG B 1019 34.05 -11.22 -35.07
C ARG B 1019 34.23 -12.35 -36.05
N ALA B 1020 33.21 -13.19 -36.26
CA ALA B 1020 33.34 -14.26 -37.23
C ALA B 1020 33.56 -13.68 -38.62
N SER B 1021 32.85 -12.57 -38.92
CA SER B 1021 32.99 -11.90 -40.20
C SER B 1021 34.39 -11.33 -40.37
N ALA B 1022 34.92 -10.69 -39.31
CA ALA B 1022 36.26 -10.11 -39.38
C ALA B 1022 37.30 -11.20 -39.58
N ASN B 1023 37.08 -12.37 -38.95
CA ASN B 1023 38.00 -13.48 -39.08
C ASN B 1023 37.93 -14.07 -40.48
N LEU B 1024 36.73 -14.06 -41.05
CA LEU B 1024 36.54 -14.53 -42.41
C LEU B 1024 37.25 -13.60 -43.37
N ALA B 1025 37.11 -12.30 -43.15
CA ALA B 1025 37.79 -11.34 -43.99
C ALA B 1025 39.29 -11.53 -43.88
N ALA B 1026 39.79 -11.81 -42.67
CA ALA B 1026 41.21 -12.03 -42.48
C ALA B 1026 41.68 -13.24 -43.29
N THR B 1027 40.82 -14.27 -43.35
CA THR B 1027 41.10 -15.46 -44.14
C THR B 1027 41.13 -15.13 -45.61
N LYS B 1028 40.16 -14.34 -46.09
CA LYS B 1028 40.11 -13.97 -47.50
C LYS B 1028 41.37 -13.20 -47.85
N MET B 1029 41.89 -12.41 -46.93
CA MET B 1029 43.11 -11.73 -47.26
C MET B 1029 44.22 -12.74 -47.54
N SER B 1030 44.42 -13.72 -46.69
CA SER B 1030 45.48 -14.68 -47.00
C SER B 1030 45.21 -15.53 -48.26
N GLU B 1031 43.95 -15.89 -48.49
CA GLU B 1031 43.51 -16.74 -49.60
C GLU B 1031 43.33 -16.11 -51.02
N CYS B 1032 42.90 -14.83 -51.10
CA CYS B 1032 42.59 -14.12 -52.34
C CYS B 1032 43.44 -12.85 -52.49
N VAL B 1033 43.73 -12.13 -51.41
CA VAL B 1033 44.47 -10.88 -51.56
C VAL B 1033 45.94 -11.18 -51.77
N LEU B 1034 46.45 -12.05 -50.93
CA LEU B 1034 47.84 -12.42 -50.93
C LEU B 1034 48.06 -13.75 -51.62
N GLY B 1035 47.09 -14.25 -52.34
CA GLY B 1035 47.30 -15.53 -52.98
C GLY B 1035 46.19 -15.90 -53.96
N GLN B 1036 46.33 -17.10 -54.50
CA GLN B 1036 45.41 -17.60 -55.51
C GLN B 1036 44.69 -18.83 -55.08
N SER B 1037 43.68 -18.67 -54.25
CA SER B 1037 42.95 -19.81 -53.76
C SER B 1037 42.22 -20.56 -54.85
N LYS B 1038 42.28 -21.88 -54.71
CA LYS B 1038 41.60 -22.81 -55.60
C LYS B 1038 40.31 -23.31 -54.97
N ARG B 1039 39.96 -22.74 -53.82
CA ARG B 1039 38.72 -23.14 -53.19
C ARG B 1039 37.69 -22.68 -54.19
N VAL B 1040 36.80 -23.55 -54.58
CA VAL B 1040 35.93 -23.15 -55.65
C VAL B 1040 34.91 -22.13 -55.19
N ASP B 1041 34.90 -21.03 -55.93
CA ASP B 1041 34.05 -19.88 -55.76
C ASP B 1041 34.16 -19.20 -54.38
N PHE B 1042 35.27 -19.40 -53.70
CA PHE B 1042 35.46 -18.88 -52.34
C PHE B 1042 35.26 -17.37 -52.12
N CYS B 1043 35.85 -16.51 -52.97
CA CYS B 1043 35.73 -15.04 -52.92
C CYS B 1043 34.92 -14.59 -54.16
N GLY B 1044 34.09 -15.48 -54.70
CA GLY B 1044 33.30 -15.20 -55.89
C GLY B 1044 33.55 -16.30 -56.91
N LYS B 1045 32.61 -16.51 -57.83
CA LYS B 1045 32.74 -17.61 -58.79
C LYS B 1045 33.96 -17.52 -59.71
N GLY B 1046 34.66 -18.68 -59.85
CA GLY B 1046 35.87 -18.81 -60.67
C GLY B 1046 37.13 -19.06 -59.82
N TYR B 1047 38.31 -19.06 -60.48
CA TYR B 1047 39.58 -19.31 -59.76
C TYR B 1047 40.17 -18.01 -59.30
N HIS B 1048 40.75 -17.95 -58.11
CA HIS B 1048 41.25 -16.66 -57.67
C HIS B 1048 42.60 -16.29 -58.20
N LEU B 1049 42.64 -15.08 -58.76
CA LEU B 1049 43.86 -14.48 -59.28
C LEU B 1049 44.43 -13.49 -58.29
N MET B 1050 43.52 -12.76 -57.62
CA MET B 1050 43.90 -11.70 -56.71
C MET B 1050 42.71 -11.08 -55.99
N SER B 1051 42.99 -10.22 -55.02
CA SER B 1051 41.97 -9.42 -54.35
C SER B 1051 42.57 -8.17 -53.76
N PHE B 1052 41.75 -7.14 -53.68
CA PHE B 1052 42.16 -5.86 -53.15
C PHE B 1052 41.25 -5.35 -52.01
N PRO B 1053 41.71 -5.36 -50.74
CA PRO B 1053 40.94 -4.92 -49.60
C PRO B 1053 40.84 -3.40 -49.62
N GLN B 1054 39.77 -2.89 -49.03
CA GLN B 1054 39.48 -1.48 -48.81
C GLN B 1054 38.91 -1.29 -47.39
N SER B 1055 39.07 -0.11 -46.81
CA SER B 1055 38.50 0.17 -45.49
C SER B 1055 37.02 0.54 -45.61
N ALA B 1056 36.34 0.60 -44.48
CA ALA B 1056 34.95 1.04 -44.47
C ALA B 1056 34.58 1.42 -43.04
N PRO B 1057 33.60 2.30 -42.80
CA PRO B 1057 33.16 2.60 -41.46
C PRO B 1057 32.66 1.30 -40.89
N HIS B 1058 33.15 0.89 -39.74
CA HIS B 1058 32.72 -0.36 -39.14
C HIS B 1058 32.87 -1.61 -40.05
N GLY B 1059 33.80 -1.61 -41.04
CA GLY B 1059 33.83 -2.78 -41.93
C GLY B 1059 35.01 -2.88 -42.88
N VAL B 1060 34.94 -3.91 -43.74
CA VAL B 1060 35.98 -4.17 -44.74
C VAL B 1060 35.35 -4.45 -46.08
N VAL B 1061 35.96 -3.92 -47.13
CA VAL B 1061 35.43 -4.14 -48.46
C VAL B 1061 36.45 -4.75 -49.38
N PHE B 1062 36.05 -5.75 -50.12
CA PHE B 1062 37.00 -6.33 -51.03
C PHE B 1062 36.55 -6.31 -52.46
N LEU B 1063 37.52 -6.08 -53.33
CA LEU B 1063 37.32 -6.23 -54.75
C LEU B 1063 37.99 -7.55 -55.10
N HIS B 1064 37.18 -8.55 -55.38
CA HIS B 1064 37.69 -9.92 -55.58
C HIS B 1064 37.80 -10.26 -57.04
N VAL B 1065 38.94 -10.83 -57.44
CA VAL B 1065 39.19 -11.09 -58.86
C VAL B 1065 39.34 -12.57 -59.23
N THR B 1066 38.50 -13.02 -60.19
CA THR B 1066 38.56 -14.40 -60.66
C THR B 1066 38.68 -14.60 -62.18
N TYR B 1067 39.19 -15.77 -62.53
CA TYR B 1067 39.32 -16.19 -63.92
C TYR B 1067 38.19 -17.13 -64.28
N VAL B 1068 37.35 -16.71 -65.21
CA VAL B 1068 36.13 -17.41 -65.60
C VAL B 1068 36.02 -17.58 -67.16
N PRO B 1069 35.74 -18.80 -67.67
CA PRO B 1069 35.50 -19.11 -69.09
C PRO B 1069 34.52 -18.17 -69.72
N ALA B 1070 34.84 -17.60 -70.90
CA ALA B 1070 33.92 -16.71 -71.55
C ALA B 1070 33.25 -17.40 -72.75
N GLN B 1071 34.07 -18.19 -73.48
CA GLN B 1071 33.63 -19.00 -74.63
C GLN B 1071 34.28 -20.37 -74.54
N GLU B 1072 33.52 -21.41 -74.89
CA GLU B 1072 34.01 -22.80 -74.84
C GLU B 1072 33.53 -23.60 -76.04
N LYS B 1073 34.25 -24.67 -76.38
CA LYS B 1073 33.80 -25.58 -77.45
C LYS B 1073 33.85 -27.07 -76.98
N ASN B 1074 32.89 -27.92 -77.48
CA ASN B 1074 32.81 -29.36 -77.17
C ASN B 1074 33.53 -30.22 -78.24
N PHE B 1075 34.63 -30.88 -77.80
CA PHE B 1075 35.58 -31.70 -78.58
C PHE B 1075 35.55 -33.16 -78.13
N THR B 1076 36.00 -34.07 -78.97
CA THR B 1076 35.98 -35.48 -78.59
C THR B 1076 36.96 -35.72 -77.45
N THR B 1077 36.62 -36.55 -76.47
CA THR B 1077 37.56 -36.78 -75.35
C THR B 1077 37.90 -38.22 -74.99
N ALA B 1078 39.10 -38.37 -74.41
CA ALA B 1078 39.63 -39.61 -73.91
C ALA B 1078 40.59 -39.37 -72.74
N PRO B 1079 40.70 -40.31 -71.81
CA PRO B 1079 41.65 -40.31 -70.72
C PRO B 1079 43.07 -40.64 -71.13
N ALA B 1080 43.22 -41.23 -72.30
CA ALA B 1080 44.50 -41.73 -72.72
C ALA B 1080 44.60 -41.93 -74.20
N ILE B 1081 45.83 -42.06 -74.63
CA ILE B 1081 46.12 -42.46 -75.97
C ILE B 1081 46.91 -43.75 -75.87
N CYS B 1082 46.87 -44.57 -76.91
CA CYS B 1082 47.56 -45.84 -76.99
C CYS B 1082 48.85 -45.72 -77.78
N HIS B 1083 49.93 -46.18 -77.20
CA HIS B 1083 51.20 -46.18 -77.89
C HIS B 1083 51.98 -47.44 -77.53
N ASP B 1084 52.24 -48.25 -78.55
CA ASP B 1084 52.93 -49.53 -78.44
C ASP B 1084 52.30 -50.46 -77.39
N GLY B 1085 50.97 -50.47 -77.32
CA GLY B 1085 50.21 -51.33 -76.41
C GLY B 1085 50.04 -50.78 -74.99
N LYS B 1086 50.63 -49.62 -74.70
CA LYS B 1086 50.54 -49.01 -73.39
C LYS B 1086 49.62 -47.82 -73.34
N ALA B 1087 49.00 -47.60 -72.19
CA ALA B 1087 48.16 -46.43 -72.04
C ALA B 1087 48.89 -45.25 -71.46
N HIS B 1088 48.88 -44.17 -72.22
CA HIS B 1088 49.50 -42.92 -71.85
C HIS B 1088 48.45 -41.95 -71.42
N PHE B 1089 48.48 -41.59 -70.15
CA PHE B 1089 47.49 -40.69 -69.59
C PHE B 1089 48.18 -39.34 -69.57
N PRO B 1090 47.51 -38.19 -69.64
CA PRO B 1090 48.14 -36.90 -69.52
C PRO B 1090 48.74 -36.82 -68.14
N ARG B 1091 49.88 -36.16 -67.97
CA ARG B 1091 50.36 -35.99 -66.60
C ARG B 1091 49.38 -35.06 -65.89
N GLU B 1092 48.90 -34.08 -66.65
CA GLU B 1092 47.90 -33.11 -66.25
C GLU B 1092 47.01 -32.91 -67.46
N GLY B 1093 45.72 -32.71 -67.26
CA GLY B 1093 44.83 -32.43 -68.38
C GLY B 1093 44.10 -33.62 -68.97
N VAL B 1094 43.57 -33.40 -70.16
CA VAL B 1094 42.68 -34.29 -70.91
C VAL B 1094 43.11 -34.52 -72.36
N PHE B 1095 42.95 -35.76 -72.89
CA PHE B 1095 43.22 -35.92 -74.32
C PHE B 1095 41.98 -35.54 -75.06
N VAL B 1096 42.18 -34.72 -76.07
CA VAL B 1096 41.10 -34.18 -76.84
C VAL B 1096 41.31 -34.32 -78.33
N SER B 1097 40.22 -34.50 -79.08
CA SER B 1097 40.28 -34.60 -80.53
C SER B 1097 39.36 -33.66 -81.29
N ASN B 1098 39.91 -33.16 -82.41
CA ASN B 1098 39.27 -32.26 -83.40
C ASN B 1098 38.56 -33.04 -84.55
N GLY B 1099 38.49 -34.38 -84.45
CA GLY B 1099 37.90 -35.33 -85.40
C GLY B 1099 38.93 -36.17 -86.14
N THR B 1100 40.21 -35.75 -86.20
CA THR B 1100 41.19 -36.62 -86.87
C THR B 1100 42.39 -36.97 -86.00
N HIS B 1101 42.80 -36.05 -85.11
CA HIS B 1101 43.98 -36.29 -84.27
C HIS B 1101 43.77 -35.85 -82.85
N TRP B 1102 44.48 -36.52 -81.94
CA TRP B 1102 44.42 -36.17 -80.54
C TRP B 1102 45.59 -35.31 -80.12
N PHE B 1103 45.34 -34.54 -79.09
CA PHE B 1103 46.30 -33.64 -78.47
C PHE B 1103 46.03 -33.50 -76.98
N VAL B 1104 47.01 -32.99 -76.25
CA VAL B 1104 46.78 -32.76 -74.82
C VAL B 1104 46.39 -31.34 -74.56
N THR B 1105 45.30 -31.15 -73.87
CA THR B 1105 44.94 -29.78 -73.55
C THR B 1105 44.44 -29.74 -72.13
N GLN B 1106 44.16 -28.57 -71.58
CA GLN B 1106 43.73 -28.54 -70.20
C GLN B 1106 42.27 -28.20 -70.07
N ARG B 1107 41.69 -28.58 -68.94
CA ARG B 1107 40.29 -28.26 -68.67
C ARG B 1107 40.11 -26.76 -68.39
N ASN B 1108 41.22 -26.07 -68.13
CA ASN B 1108 41.23 -24.65 -67.91
C ASN B 1108 41.75 -23.85 -69.11
N PHE B 1109 41.97 -24.51 -70.26
CA PHE B 1109 42.43 -23.80 -71.47
C PHE B 1109 42.64 -24.68 -72.70
N TYR B 1110 41.91 -24.33 -73.77
CA TYR B 1110 42.02 -25.03 -75.02
C TYR B 1110 43.21 -24.57 -75.85
N GLU B 1111 44.36 -25.06 -75.47
CA GLU B 1111 45.62 -24.79 -76.15
C GLU B 1111 46.24 -26.15 -76.44
N PRO B 1112 45.89 -26.79 -77.56
CA PRO B 1112 46.33 -28.12 -77.94
C PRO B 1112 47.84 -28.27 -77.94
N GLN B 1113 48.34 -29.29 -77.28
CA GLN B 1113 49.76 -29.53 -77.26
C GLN B 1113 50.13 -30.77 -78.04
N ILE B 1114 51.34 -30.76 -78.58
CA ILE B 1114 51.87 -31.95 -79.22
C ILE B 1114 52.09 -32.98 -78.14
N ILE B 1115 51.72 -34.21 -78.43
CA ILE B 1115 51.86 -35.26 -77.48
C ILE B 1115 53.28 -35.75 -77.49
N THR B 1116 53.91 -35.71 -76.34
CA THR B 1116 55.28 -36.12 -76.16
C THR B 1116 55.37 -37.00 -74.95
N THR B 1117 56.50 -37.67 -74.77
CA THR B 1117 56.67 -38.53 -73.61
C THR B 1117 56.66 -37.73 -72.33
N ASP B 1118 57.08 -36.48 -72.39
CA ASP B 1118 57.13 -35.63 -71.20
C ASP B 1118 55.78 -35.06 -70.82
N ASN B 1119 54.76 -35.30 -71.65
CA ASN B 1119 53.43 -34.82 -71.35
C ASN B 1119 52.54 -35.93 -70.82
N THR B 1120 53.06 -37.18 -70.75
CA THR B 1120 52.24 -38.32 -70.35
C THR B 1120 52.83 -39.20 -69.24
N PHE B 1121 51.99 -40.07 -68.70
CA PHE B 1121 52.37 -41.06 -67.71
C PHE B 1121 51.81 -42.41 -68.10
N VAL B 1122 52.67 -43.43 -68.12
CA VAL B 1122 52.20 -44.74 -68.52
C VAL B 1122 51.77 -45.61 -67.38
N SER B 1123 50.58 -46.16 -67.52
CA SER B 1123 50.04 -47.05 -66.51
C SER B 1123 49.10 -48.07 -67.12
N GLY B 1124 49.11 -49.27 -66.55
CA GLY B 1124 48.25 -50.35 -67.01
C GLY B 1124 48.58 -50.68 -68.45
N ASN B 1125 47.56 -50.73 -69.29
CA ASN B 1125 47.74 -51.03 -70.70
C ASN B 1125 46.61 -50.41 -71.52
N CYS B 1126 46.66 -50.55 -72.87
CA CYS B 1126 45.62 -50.05 -73.78
C CYS B 1126 44.29 -50.77 -73.63
N ASP B 1127 44.34 -52.07 -73.41
CA ASP B 1127 43.15 -52.89 -73.36
C ASP B 1127 42.19 -52.54 -72.23
N VAL B 1128 42.72 -52.10 -71.11
CA VAL B 1128 41.87 -51.75 -69.97
C VAL B 1128 41.34 -50.31 -69.98
N VAL B 1129 41.75 -49.46 -70.92
CA VAL B 1129 41.28 -48.07 -70.83
C VAL B 1129 40.11 -47.72 -71.72
N ILE B 1130 39.07 -47.19 -71.10
CA ILE B 1130 37.85 -46.83 -71.79
C ILE B 1130 38.07 -45.56 -72.58
N GLY B 1131 37.83 -45.62 -73.88
CA GLY B 1131 37.99 -44.47 -74.76
C GLY B 1131 39.41 -44.23 -75.29
N ILE B 1132 40.35 -45.12 -75.01
CA ILE B 1132 41.72 -44.89 -75.45
C ILE B 1132 41.90 -44.93 -76.98
N VAL B 1133 42.67 -43.97 -77.53
CA VAL B 1133 42.91 -43.89 -78.99
C VAL B 1133 44.42 -43.83 -79.38
N ASN B 1134 44.83 -44.54 -80.45
CA ASN B 1134 46.21 -44.64 -80.97
C ASN B 1134 46.73 -43.31 -81.56
N ASN B 1135 47.79 -42.75 -80.91
CA ASN B 1135 48.46 -41.46 -81.23
C ASN B 1135 49.94 -41.50 -80.94
N THR B 1136 50.75 -41.10 -81.91
CA THR B 1136 52.19 -41.07 -81.76
C THR B 1136 52.63 -40.12 -80.65
N VAL B 1137 53.53 -40.62 -79.82
CA VAL B 1137 54.09 -39.86 -78.71
C VAL B 1137 55.52 -39.44 -79.13
N GLN C 14 44.87 19.45 41.48
CA GLN C 14 45.35 18.35 40.65
C GLN C 14 45.68 18.83 39.23
N CYS C 15 44.66 19.36 38.50
CA CYS C 15 44.70 19.86 37.11
C CYS C 15 45.97 20.69 36.87
N VAL C 16 46.90 20.18 36.04
CA VAL C 16 48.22 20.82 35.90
C VAL C 16 48.28 22.22 35.30
N ASN C 17 47.56 22.52 34.18
CA ASN C 17 47.49 23.82 33.53
C ASN C 17 48.91 24.46 33.25
N LEU C 18 49.82 23.64 32.60
CA LEU C 18 51.23 24.05 32.32
C LEU C 18 51.25 25.31 31.44
N THR C 19 50.25 25.39 30.55
CA THR C 19 50.02 26.49 29.64
C THR C 19 51.25 26.79 28.81
N THR C 20 51.79 25.78 28.13
CA THR C 20 52.99 26.09 27.35
C THR C 20 52.67 27.05 26.21
N ARG C 21 51.56 26.80 25.51
CA ARG C 21 51.18 27.59 24.34
C ARG C 21 52.34 27.69 23.35
N THR C 22 52.91 26.53 23.00
CA THR C 22 54.06 26.48 22.11
C THR C 22 53.60 27.01 20.75
N GLN C 23 54.36 27.92 20.13
CA GLN C 23 53.94 28.46 18.83
C GLN C 23 54.65 27.85 17.63
N LEU C 24 54.16 26.71 17.15
CA LEU C 24 54.77 26.01 16.02
C LEU C 24 53.78 25.99 14.85
N PRO C 25 54.22 25.76 13.59
CA PRO C 25 53.38 25.65 12.41
C PRO C 25 52.33 24.54 12.55
N PRO C 26 51.16 24.69 11.89
CA PRO C 26 50.04 23.74 11.86
C PRO C 26 50.28 22.50 10.99
N ALA C 27 51.36 22.50 10.22
CA ALA C 27 51.64 21.41 9.32
C ALA C 27 53.14 21.23 9.14
N TYR C 28 53.54 19.98 8.97
CA TYR C 28 54.91 19.55 8.76
C TYR C 28 54.92 18.54 7.65
N THR C 29 56.03 18.41 6.96
CA THR C 29 56.10 17.36 5.96
C THR C 29 56.85 16.18 6.54
N ASN C 30 56.17 15.05 6.58
CA ASN C 30 56.66 13.80 7.09
C ASN C 30 56.16 12.68 6.21
N SER C 31 56.86 11.56 6.21
CA SER C 31 56.48 10.41 5.40
C SER C 31 55.65 9.35 6.11
N PHE C 32 54.57 8.94 5.45
CA PHE C 32 53.69 7.87 5.90
C PHE C 32 53.59 6.82 4.81
N THR C 33 54.40 5.77 4.90
CA THR C 33 54.42 4.77 3.85
C THR C 33 53.85 3.44 4.24
N ARG C 34 52.82 3.07 3.49
CA ARG C 34 52.06 1.83 3.57
C ARG C 34 51.47 1.39 4.92
N GLY C 35 50.92 2.33 5.70
CA GLY C 35 50.26 1.98 6.96
C GLY C 35 48.77 1.77 6.75
N VAL C 36 48.28 0.59 7.12
CA VAL C 36 46.88 0.19 7.01
C VAL C 36 46.46 -0.48 8.30
N TYR C 37 45.20 -0.81 8.42
CA TYR C 37 44.76 -1.62 9.54
C TYR C 37 43.98 -2.77 8.93
N TYR C 38 43.89 -3.87 9.65
CA TYR C 38 43.11 -4.99 9.13
C TYR C 38 41.66 -4.51 9.10
N PRO C 39 40.97 -4.49 7.94
CA PRO C 39 39.65 -3.90 7.75
C PRO C 39 38.53 -4.53 8.57
N ASP C 40 38.72 -5.78 8.94
CA ASP C 40 37.76 -6.55 9.70
C ASP C 40 38.48 -7.72 10.34
N LYS C 41 37.73 -8.50 11.07
CA LYS C 41 38.15 -9.73 11.72
C LYS C 41 38.47 -10.84 10.74
N VAL C 42 38.00 -10.72 9.49
CA VAL C 42 38.15 -11.77 8.47
C VAL C 42 39.45 -11.72 7.67
N PHE C 43 40.13 -12.86 7.65
CA PHE C 43 41.40 -13.06 6.96
C PHE C 43 41.29 -14.09 5.85
N ARG C 44 42.11 -13.94 4.82
CA ARG C 44 42.14 -14.86 3.69
C ARG C 44 43.60 -15.20 3.38
N SER C 45 43.88 -16.41 2.89
CA SER C 45 45.27 -16.74 2.58
C SER C 45 45.60 -16.78 1.11
N SER C 46 46.76 -16.24 0.78
CA SER C 46 47.30 -16.17 -0.59
C SER C 46 46.35 -15.56 -1.62
N VAL C 47 45.70 -14.47 -1.24
CA VAL C 47 44.79 -13.74 -2.12
C VAL C 47 45.09 -12.26 -2.09
N LEU C 48 44.58 -11.53 -3.08
CA LEU C 48 44.60 -10.09 -3.00
C LEU C 48 43.14 -9.65 -2.81
N HIS C 49 42.86 -9.08 -1.64
CA HIS C 49 41.49 -8.75 -1.26
C HIS C 49 41.14 -7.29 -1.33
N SER C 50 40.00 -6.99 -1.95
CA SER C 50 39.51 -5.62 -2.09
C SER C 50 38.51 -5.25 -0.99
N THR C 51 38.81 -4.19 -0.24
CA THR C 51 37.94 -3.74 0.84
C THR C 51 37.81 -2.22 0.87
N GLN C 52 36.68 -1.68 1.32
CA GLN C 52 36.59 -0.21 1.44
C GLN C 52 36.31 0.23 2.86
N ASP C 53 37.15 1.14 3.33
CA ASP C 53 37.01 1.67 4.70
C ASP C 53 37.79 2.97 4.81
N LEU C 54 37.76 3.56 5.99
CA LEU C 54 38.50 4.78 6.25
C LEU C 54 39.97 4.49 6.57
N PHE C 55 40.86 4.81 5.63
CA PHE C 55 42.30 4.58 5.76
C PHE C 55 43.05 5.87 5.44
N LEU C 56 44.23 6.07 6.00
CA LEU C 56 45.00 7.27 5.71
C LEU C 56 45.65 7.07 4.33
N PRO C 57 45.54 8.03 3.38
CA PRO C 57 46.16 7.96 2.05
C PRO C 57 47.66 7.77 2.15
N PHE C 58 48.21 6.86 1.35
CA PHE C 58 49.65 6.66 1.48
C PHE C 58 50.40 7.88 1.00
N PHE C 59 51.50 8.15 1.64
CA PHE C 59 52.42 9.23 1.34
C PHE C 59 51.88 10.62 1.64
N SER C 60 50.71 10.70 2.28
CA SER C 60 50.28 12.00 2.72
C SER C 60 51.08 12.25 3.98
N ASN C 61 51.15 13.51 4.46
CA ASN C 61 51.88 13.86 5.68
C ASN C 61 50.98 13.88 6.92
N VAL C 62 51.65 13.70 8.07
CA VAL C 62 51.14 13.70 9.43
C VAL C 62 51.77 14.91 10.15
N THR C 63 50.96 15.70 10.85
CA THR C 63 51.43 16.89 11.56
C THR C 63 52.19 16.48 12.81
N TRP C 64 53.38 17.03 13.00
CA TRP C 64 54.22 16.71 14.15
C TRP C 64 54.12 17.71 15.30
N PHE C 65 54.07 17.19 16.52
CA PHE C 65 53.99 18.02 17.70
C PHE C 65 55.10 17.83 18.71
N HIS C 66 55.73 18.93 19.05
CA HIS C 66 56.82 19.09 20.03
C HIS C 66 56.34 18.80 21.44
N ALA C 67 57.19 18.19 22.29
CA ALA C 67 56.77 17.91 23.66
C ALA C 67 57.78 18.32 24.73
N ILE C 68 57.22 18.64 25.90
CA ILE C 68 57.96 18.98 27.12
C ILE C 68 58.89 17.86 27.66
N ARG C 78 58.78 22.23 26.02
CA ARG C 78 57.62 22.93 25.52
C ARG C 78 56.59 21.91 24.95
N PHE C 79 55.33 21.90 25.49
CA PHE C 79 54.27 20.99 24.99
C PHE C 79 53.33 21.66 24.00
N ASP C 80 53.41 21.20 22.75
CA ASP C 80 52.63 21.73 21.66
C ASP C 80 51.41 20.84 21.47
N ASN C 81 50.24 21.28 21.89
CA ASN C 81 49.11 20.38 21.82
C ASN C 81 47.77 21.07 21.55
N PRO C 82 47.60 21.71 20.39
CA PRO C 82 46.42 22.42 19.98
C PRO C 82 45.37 21.41 19.67
N VAL C 83 44.12 21.85 19.62
CA VAL C 83 43.09 20.96 19.20
C VAL C 83 43.16 20.80 17.68
N LEU C 84 43.21 19.57 17.20
CA LEU C 84 43.31 19.32 15.76
C LEU C 84 42.01 18.57 15.33
N PRO C 85 41.44 18.80 14.13
CA PRO C 85 40.26 18.12 13.57
C PRO C 85 40.36 16.61 13.35
N PHE C 86 39.21 15.94 13.45
CA PHE C 86 39.01 14.53 13.22
C PHE C 86 38.02 14.36 12.09
N ASN C 87 38.50 14.30 10.86
CA ASN C 87 37.59 14.22 9.75
C ASN C 87 37.41 12.76 9.42
N ASP C 88 36.27 12.16 9.82
CA ASP C 88 35.98 10.72 9.68
C ASP C 88 36.80 9.81 10.62
N GLY C 89 38.11 10.00 10.62
CA GLY C 89 39.07 9.32 11.48
C GLY C 89 40.50 9.78 11.19
N VAL C 90 41.40 9.46 12.12
CA VAL C 90 42.81 9.85 12.08
C VAL C 90 43.82 8.75 12.49
N TYR C 91 45.07 8.91 12.07
CA TYR C 91 46.17 8.07 12.60
C TYR C 91 47.07 8.89 13.44
N PHE C 92 47.56 8.27 14.50
CA PHE C 92 48.57 8.91 15.32
C PHE C 92 49.70 7.96 15.58
N ALA C 93 50.87 8.50 15.69
CA ALA C 93 51.96 7.63 16.06
C ALA C 93 53.06 8.39 16.76
N SER C 94 53.75 7.70 17.63
CA SER C 94 54.90 8.31 18.29
C SER C 94 55.94 7.28 18.68
N THR C 95 57.19 7.72 18.82
CA THR C 95 58.23 6.80 19.26
C THR C 95 58.85 7.24 20.58
N GLU C 96 58.81 6.35 21.57
CA GLU C 96 59.39 6.69 22.88
C GLU C 96 60.10 5.57 23.59
N LYS C 97 61.05 5.94 24.43
CA LYS C 97 61.68 4.99 25.33
C LYS C 97 61.03 5.05 26.72
N SER C 98 60.63 6.25 27.15
CA SER C 98 60.07 6.50 28.48
C SER C 98 58.54 6.36 28.58
N ASN C 99 57.87 6.27 27.43
CA ASN C 99 56.42 6.11 27.35
C ASN C 99 55.59 7.17 28.12
N ILE C 100 55.95 8.43 27.93
CA ILE C 100 55.28 9.59 28.49
C ILE C 100 53.96 9.91 27.80
N ILE C 101 53.87 9.72 26.48
CA ILE C 101 52.58 9.99 25.88
C ILE C 101 51.74 8.83 26.35
N ARG C 102 50.68 9.16 27.04
CA ARG C 102 49.83 8.16 27.61
C ARG C 102 48.48 8.10 27.00
N GLY C 103 48.04 9.18 26.37
CA GLY C 103 46.67 9.10 25.90
C GLY C 103 46.18 10.17 24.97
N TRP C 104 44.86 10.11 24.76
CA TRP C 104 44.14 10.99 23.85
C TRP C 104 42.78 11.47 24.37
N ILE C 105 42.36 12.63 23.89
CA ILE C 105 41.01 13.11 24.15
C ILE C 105 40.29 13.31 22.81
N PHE C 106 39.14 12.67 22.61
CA PHE C 106 38.38 12.83 21.37
C PHE C 106 36.91 13.24 21.57
N GLY C 107 36.42 14.25 20.86
CA GLY C 107 35.00 14.64 21.02
C GLY C 107 34.58 15.77 20.10
N THR C 108 33.31 16.15 20.15
CA THR C 108 32.84 17.24 19.28
C THR C 108 33.44 18.59 19.67
N THR C 109 33.44 18.90 20.97
CA THR C 109 34.01 20.19 21.37
C THR C 109 35.20 20.12 22.33
N LEU C 110 35.31 19.03 23.09
CA LEU C 110 36.35 18.82 24.11
C LEU C 110 36.32 19.84 25.26
N ASP C 111 35.17 20.47 25.51
CA ASP C 111 35.09 21.50 26.54
C ASP C 111 33.92 21.38 27.52
N SER C 112 33.44 20.17 27.74
CA SER C 112 32.31 19.84 28.63
C SER C 112 30.93 20.25 28.10
N LYS C 113 30.84 20.75 26.87
CA LYS C 113 29.52 21.04 26.30
C LYS C 113 28.97 19.76 25.70
N THR C 114 29.88 18.85 25.36
CA THR C 114 29.55 17.58 24.77
C THR C 114 30.39 16.57 25.50
N GLN C 115 30.05 15.31 25.36
CA GLN C 115 30.90 14.28 25.91
C GLN C 115 32.11 14.10 25.02
N SER C 116 33.17 13.62 25.62
CA SER C 116 34.39 13.30 24.92
C SER C 116 34.99 12.05 25.54
N LEU C 117 35.77 11.39 24.72
CA LEU C 117 36.46 10.16 25.00
C LEU C 117 37.88 10.32 25.46
N LEU C 118 38.14 9.86 26.67
CA LEU C 118 39.43 9.92 27.31
C LEU C 118 40.08 8.56 27.35
N ILE C 119 41.21 8.42 26.66
CA ILE C 119 41.93 7.15 26.55
C ILE C 119 43.29 7.23 27.19
N VAL C 120 43.51 6.55 28.34
CA VAL C 120 44.83 6.66 28.98
C VAL C 120 45.52 5.35 29.37
N ASN C 121 46.80 5.26 29.00
CA ASN C 121 47.72 4.17 29.37
C ASN C 121 48.53 4.53 30.63
N ASN C 122 48.24 3.91 31.79
CA ASN C 122 48.87 4.17 33.10
C ASN C 122 48.93 2.90 33.94
N ALA C 123 50.02 2.69 34.74
CA ALA C 123 50.16 1.54 35.73
C ALA C 123 49.79 0.20 35.02
N THR C 124 50.46 0.01 33.89
CA THR C 124 50.31 -1.06 32.91
C THR C 124 48.86 -1.61 32.66
N ASN C 125 47.91 -0.68 32.50
CA ASN C 125 46.64 -1.03 31.81
C ASN C 125 46.08 0.20 31.11
N VAL C 126 44.94 0.03 30.42
CA VAL C 126 44.32 1.13 29.71
C VAL C 126 42.89 1.34 30.14
N VAL C 127 42.61 2.58 30.47
CA VAL C 127 41.24 2.89 30.85
C VAL C 127 40.64 3.91 29.90
N ILE C 128 39.48 3.54 29.36
CA ILE C 128 38.75 4.39 28.45
C ILE C 128 37.41 4.82 29.01
N LYS C 129 37.19 6.13 29.04
CA LYS C 129 35.91 6.66 29.53
C LYS C 129 35.34 7.78 28.66
N VAL C 130 34.01 7.82 28.53
CA VAL C 130 33.36 8.91 27.79
C VAL C 130 32.43 9.69 28.70
N CYS C 131 32.74 10.99 28.92
CA CYS C 131 32.08 11.89 29.87
C CYS C 131 32.22 13.34 29.45
N GLU C 132 31.50 14.22 30.12
CA GLU C 132 31.67 15.64 29.94
C GLU C 132 32.77 16.03 30.92
N PHE C 133 34.01 15.92 30.44
CA PHE C 133 35.19 16.11 31.26
C PHE C 133 35.64 17.55 31.30
N GLN C 134 35.96 18.02 32.50
CA GLN C 134 36.39 19.40 32.69
C GLN C 134 37.91 19.46 32.50
N PHE C 135 38.32 19.40 31.23
CA PHE C 135 39.74 19.29 30.85
C PHE C 135 40.56 20.58 31.11
N CYS C 136 41.88 20.43 31.44
CA CYS C 136 42.85 21.52 31.62
C CYS C 136 43.12 22.19 30.27
N ASN C 137 43.74 23.36 30.33
CA ASN C 137 44.09 24.04 29.08
C ASN C 137 45.38 23.50 28.48
N ASP C 138 45.99 22.57 29.21
CA ASP C 138 47.22 21.88 28.85
C ASP C 138 47.30 20.64 29.78
N PRO C 139 46.46 19.59 29.55
CA PRO C 139 46.28 18.38 30.39
C PRO C 139 47.49 17.47 30.50
N PHE C 140 47.77 16.97 31.71
CA PHE C 140 48.87 16.05 32.00
C PHE C 140 48.51 14.91 32.94
N LEU C 141 49.28 13.85 32.90
CA LEU C 141 49.11 12.77 33.86
C LEU C 141 50.18 12.92 34.93
N GLY C 142 49.92 12.43 36.12
CA GLY C 142 50.98 12.53 37.14
C GLY C 142 52.02 11.42 36.97
N VAL C 143 53.07 11.47 37.83
CA VAL C 143 54.18 10.51 37.91
C VAL C 143 54.39 10.35 39.40
N TRP C 152 56.16 6.52 43.68
CA TRP C 152 55.41 7.75 43.44
C TRP C 152 53.91 7.41 43.34
N MET C 153 53.05 8.45 43.13
CA MET C 153 51.60 8.33 42.93
C MET C 153 51.23 9.06 41.64
N GLU C 154 50.34 8.45 40.87
CA GLU C 154 49.87 9.01 39.60
C GLU C 154 48.42 9.46 39.73
N SER C 155 47.99 10.38 38.88
CA SER C 155 46.60 10.86 38.87
C SER C 155 46.11 11.34 37.52
N GLU C 156 44.84 11.03 37.23
CA GLU C 156 44.11 11.43 36.03
C GLU C 156 43.43 12.79 36.20
N PHE C 157 43.45 13.32 37.41
CA PHE C 157 42.77 14.58 37.65
C PHE C 157 43.66 15.75 37.36
N ARG C 158 44.82 15.42 36.84
CA ARG C 158 45.85 16.29 36.38
C ARG C 158 45.61 16.61 34.90
N VAL C 159 44.62 15.89 34.32
CA VAL C 159 44.16 16.00 32.95
C VAL C 159 42.88 16.80 32.93
N TYR C 160 41.97 16.46 33.84
CA TYR C 160 40.67 17.10 33.97
C TYR C 160 40.37 17.23 35.46
N SER C 161 39.56 18.20 35.87
CA SER C 161 39.30 18.31 37.31
C SER C 161 38.12 17.47 37.83
N SER C 162 37.15 17.22 36.99
CA SER C 162 35.95 16.45 37.32
C SER C 162 35.27 16.02 36.03
N ALA C 163 34.29 15.13 36.12
CA ALA C 163 33.52 14.76 34.92
C ALA C 163 32.11 14.33 35.31
N ASN C 164 31.16 14.48 34.38
CA ASN C 164 29.79 14.03 34.63
C ASN C 164 29.10 13.58 33.34
N ASN C 165 27.84 13.14 33.44
CA ASN C 165 27.06 12.73 32.26
C ASN C 165 27.79 11.72 31.35
N CYS C 166 28.39 10.70 31.99
CA CYS C 166 29.17 9.62 31.39
C CYS C 166 28.28 8.63 30.64
N THR C 167 28.74 8.21 29.46
CA THR C 167 28.00 7.25 28.66
C THR C 167 28.72 5.93 28.55
N PHE C 168 30.04 5.93 28.76
CA PHE C 168 30.80 4.71 28.51
C PHE C 168 32.06 4.48 29.35
N GLU C 169 32.28 3.21 29.77
CA GLU C 169 33.53 2.84 30.44
C GLU C 169 34.07 1.48 29.91
N TYR C 170 35.39 1.39 29.78
CA TYR C 170 36.08 0.17 29.32
C TYR C 170 37.53 -0.01 29.81
N VAL C 171 37.92 -1.25 30.14
CA VAL C 171 39.31 -1.51 30.56
C VAL C 171 39.98 -2.59 29.71
N SER C 172 41.23 -2.33 29.30
CA SER C 172 42.04 -3.26 28.50
C SER C 172 43.52 -3.26 28.85
N GLN C 173 44.29 -4.13 28.17
CA GLN C 173 45.72 -4.32 28.37
C GLN C 173 46.47 -3.04 27.97
N PRO C 174 47.69 -2.78 28.47
CA PRO C 174 48.49 -1.62 28.13
C PRO C 174 48.92 -1.68 26.69
N PHE C 175 49.02 -0.51 26.07
CA PHE C 175 49.49 -0.40 24.70
C PHE C 175 50.79 0.37 24.64
N LEU C 176 51.59 0.24 25.69
CA LEU C 176 52.91 0.84 25.75
C LEU C 176 53.90 -0.33 25.60
N MET C 177 55.09 -0.10 24.99
CA MET C 177 56.13 -1.13 24.80
C MET C 177 57.46 -0.58 25.28
N LYS C 187 63.18 3.43 22.50
CA LYS C 187 62.56 4.15 21.39
C LYS C 187 61.70 3.19 20.55
N ASN C 188 60.49 2.88 21.06
CA ASN C 188 59.49 2.00 20.44
C ASN C 188 58.35 2.79 19.82
N LEU C 189 57.91 2.42 18.60
CA LEU C 189 56.81 3.09 17.92
C LEU C 189 55.51 2.49 18.28
N ARG C 190 54.56 3.35 18.58
CA ARG C 190 53.23 2.89 18.87
C ARG C 190 52.29 3.58 17.89
N GLU C 191 51.86 2.84 16.86
CA GLU C 191 51.02 3.41 15.81
C GLU C 191 49.59 2.98 15.98
N PHE C 192 48.68 3.95 16.02
CA PHE C 192 47.28 3.70 16.23
C PHE C 192 46.38 4.38 15.19
N VAL C 193 45.24 3.77 14.90
CA VAL C 193 44.24 4.42 14.07
C VAL C 193 42.94 4.53 14.85
N PHE C 194 42.37 5.71 14.78
CA PHE C 194 41.14 6.07 15.47
C PHE C 194 40.01 6.48 14.51
N LYS C 195 38.89 5.76 14.56
CA LYS C 195 37.75 6.06 13.68
C LYS C 195 36.50 6.31 14.50
N ASN C 196 35.55 7.13 14.01
CA ASN C 196 34.29 7.27 14.77
C ASN C 196 33.10 7.19 13.83
N ILE C 197 32.46 6.02 13.79
CA ILE C 197 31.38 5.77 12.85
C ILE C 197 30.04 5.50 13.53
N ASP C 198 29.08 6.38 13.32
CA ASP C 198 27.72 6.25 13.86
C ASP C 198 27.66 5.98 15.36
N GLY C 199 28.51 6.64 16.13
CA GLY C 199 28.54 6.47 17.58
C GLY C 199 29.48 5.38 18.07
N TYR C 200 30.12 4.66 17.15
CA TYR C 200 31.06 3.62 17.55
C TYR C 200 32.48 4.01 17.24
N PHE C 201 33.32 4.01 18.25
CA PHE C 201 34.68 4.44 18.04
C PHE C 201 35.55 3.22 17.98
N LYS C 202 36.45 3.21 17.02
CA LYS C 202 37.28 2.04 16.88
C LYS C 202 38.73 2.35 16.97
N ILE C 203 39.42 1.53 17.75
CA ILE C 203 40.84 1.73 17.90
C ILE C 203 41.58 0.47 17.47
N TYR C 204 42.56 0.66 16.58
CA TYR C 204 43.45 -0.37 16.07
C TYR C 204 44.94 0.02 16.29
N SER C 205 45.86 -0.95 16.48
CA SER C 205 47.31 -0.58 16.63
C SER C 205 48.37 -1.65 16.34
N LYS C 206 49.64 -1.18 16.27
CA LYS C 206 50.85 -1.99 16.10
C LYS C 206 52.07 -1.41 16.83
N HIS C 207 52.88 -2.28 17.43
CA HIS C 207 54.10 -1.86 18.12
C HIS C 207 55.39 -2.37 17.43
N THR C 208 56.24 -1.42 17.03
CA THR C 208 57.51 -1.70 16.31
C THR C 208 58.75 -0.97 16.90
N PRO C 209 59.87 -1.64 17.25
CA PRO C 209 61.10 -0.99 17.73
C PRO C 209 61.65 -0.05 16.65
N ILE C 210 62.12 1.15 17.02
CA ILE C 210 62.62 2.11 16.03
C ILE C 210 64.06 2.59 16.12
N ASN C 211 64.77 2.54 14.98
CA ASN C 211 66.12 3.08 14.94
C ASN C 211 66.11 4.56 14.48
N LEU C 212 65.22 4.88 13.55
CA LEU C 212 65.07 6.23 13.00
C LEU C 212 63.82 6.91 13.51
N VAL C 213 63.98 8.04 14.20
CA VAL C 213 62.80 8.72 14.79
C VAL C 213 62.41 10.06 14.17
N ARG C 214 63.10 10.44 13.09
CA ARG C 214 62.83 11.72 12.40
C ARG C 214 61.53 11.69 11.59
N ASP C 215 61.12 10.48 11.22
CA ASP C 215 59.96 10.15 10.42
C ASP C 215 59.39 8.84 10.88
N LEU C 216 58.14 8.61 10.57
CA LEU C 216 57.57 7.31 10.87
C LEU C 216 58.32 6.34 9.94
N PRO C 217 58.54 5.08 10.34
CA PRO C 217 59.27 4.09 9.56
C PRO C 217 58.47 3.79 8.33
N GLN C 218 59.15 3.51 7.24
CA GLN C 218 58.45 3.18 6.02
C GLN C 218 58.43 1.69 5.77
N GLY C 219 57.27 1.16 5.40
CA GLY C 219 57.17 -0.25 5.07
C GLY C 219 55.75 -0.71 5.30
N PHE C 220 55.39 -1.89 4.84
CA PHE C 220 54.03 -2.28 5.06
C PHE C 220 53.76 -2.69 6.49
N SER C 221 52.70 -2.14 7.08
CA SER C 221 52.30 -2.55 8.41
C SER C 221 50.80 -2.45 8.63
N ALA C 222 50.18 -3.56 9.04
CA ALA C 222 48.75 -3.59 9.31
C ALA C 222 48.48 -3.63 10.81
N LEU C 223 47.68 -2.69 11.27
CA LEU C 223 47.30 -2.53 12.68
C LEU C 223 46.13 -3.49 13.04
N GLU C 224 46.10 -3.98 14.28
CA GLU C 224 45.05 -4.94 14.69
C GLU C 224 44.00 -4.27 15.57
N PRO C 225 42.75 -4.79 15.65
CA PRO C 225 41.72 -4.24 16.48
C PRO C 225 42.15 -4.28 17.92
N LEU C 226 41.84 -3.25 18.66
CA LEU C 226 42.12 -3.29 20.08
C LEU C 226 40.77 -3.28 20.75
N VAL C 227 39.92 -2.36 20.30
CA VAL C 227 38.59 -2.22 20.88
C VAL C 227 37.53 -1.52 20.01
N ASP C 228 36.29 -1.97 20.18
CA ASP C 228 35.07 -1.40 19.63
C ASP C 228 34.33 -0.72 20.79
N LEU C 229 34.22 0.60 20.77
CA LEU C 229 33.61 1.34 21.88
C LEU C 229 32.23 1.97 21.54
N PRO C 230 31.09 1.47 22.06
CA PRO C 230 29.75 2.02 21.86
C PRO C 230 29.52 3.27 22.71
N ILE C 231 30.25 4.32 22.37
CA ILE C 231 30.27 5.59 23.11
C ILE C 231 29.06 6.50 22.86
N GLY C 232 28.53 6.50 21.62
CA GLY C 232 27.35 7.28 21.26
C GLY C 232 27.58 8.78 21.06
N ILE C 233 28.80 9.20 20.73
CA ILE C 233 29.04 10.63 20.56
C ILE C 233 29.71 10.94 19.22
N ASN C 234 29.65 12.22 18.80
CA ASN C 234 30.39 12.76 17.65
C ASN C 234 31.79 13.17 18.11
N ILE C 235 32.79 12.87 17.27
CA ILE C 235 34.19 13.26 17.43
C ILE C 235 34.57 14.07 16.22
N THR C 236 34.94 15.32 16.47
CA THR C 236 35.28 16.21 15.38
C THR C 236 36.61 16.86 15.69
N ARG C 237 37.01 16.80 16.96
CA ARG C 237 38.23 17.44 17.48
C ARG C 237 39.02 16.54 18.48
N PHE C 238 40.36 16.73 18.56
CA PHE C 238 41.19 16.04 19.58
C PHE C 238 42.52 16.67 20.02
N GLN C 239 42.99 16.18 21.18
CA GLN C 239 44.28 16.52 21.83
C GLN C 239 45.01 15.29 22.40
N THR C 240 46.36 15.35 22.55
CA THR C 240 47.05 14.20 23.21
C THR C 240 47.24 14.47 24.69
N LEU C 241 47.67 13.44 25.41
CA LEU C 241 47.96 13.51 26.84
C LEU C 241 49.33 12.97 27.23
N LEU C 242 50.12 13.79 27.92
CA LEU C 242 51.45 13.38 28.39
C LEU C 242 51.51 13.28 29.90
N ALA C 243 52.37 12.44 30.45
CA ALA C 243 52.66 12.53 31.87
C ALA C 243 53.65 13.67 32.07
N LEU C 244 53.57 14.39 33.18
CA LEU C 244 54.56 15.45 33.39
C LEU C 244 55.57 15.06 34.48
N HIS C 245 56.88 15.24 34.20
CA HIS C 245 57.98 14.97 35.13
C HIS C 245 57.97 16.02 36.25
N ALA C 263 58.81 12.87 23.74
CA ALA C 263 57.39 12.52 23.90
C ALA C 263 56.49 13.28 22.86
N ALA C 264 57.02 13.47 21.65
CA ALA C 264 56.41 14.15 20.49
C ALA C 264 55.54 13.17 19.70
N TYR C 265 54.57 13.68 18.93
CA TYR C 265 53.70 12.78 18.14
C TYR C 265 53.36 13.29 16.75
N TYR C 266 52.93 12.38 15.88
CA TYR C 266 52.50 12.73 14.53
C TYR C 266 51.02 12.38 14.32
N VAL C 267 50.25 13.24 13.59
CA VAL C 267 48.85 12.92 13.22
C VAL C 267 48.38 13.22 11.77
N GLY C 268 47.64 12.27 11.15
CA GLY C 268 47.08 12.50 9.80
C GLY C 268 45.61 12.10 9.68
N TYR C 269 45.07 12.07 8.45
CA TYR C 269 43.62 11.81 8.22
C TYR C 269 43.25 10.65 7.32
N LEU C 270 42.07 10.06 7.60
CA LEU C 270 41.50 8.95 6.86
C LEU C 270 40.44 9.32 5.83
N GLN C 271 40.36 8.52 4.77
CA GLN C 271 39.38 8.66 3.72
C GLN C 271 38.74 7.31 3.37
N PRO C 272 37.48 7.26 2.90
CA PRO C 272 36.71 6.07 2.52
C PRO C 272 37.16 5.52 1.18
N ARG C 273 38.32 4.89 1.20
CA ARG C 273 38.96 4.40 0.00
C ARG C 273 39.08 2.89 -0.04
N THR C 274 39.15 2.38 -1.26
CA THR C 274 39.34 0.96 -1.47
C THR C 274 40.80 0.60 -1.36
N PHE C 275 41.08 -0.47 -0.66
CA PHE C 275 42.41 -1.00 -0.56
C PHE C 275 42.50 -2.41 -1.04
N LEU C 276 43.62 -2.71 -1.66
CA LEU C 276 43.87 -4.08 -2.02
C LEU C 276 44.89 -4.60 -1.05
N LEU C 277 44.51 -5.56 -0.25
CA LEU C 277 45.37 -6.09 0.78
C LEU C 277 45.95 -7.42 0.35
N LYS C 278 47.28 -7.48 0.26
CA LYS C 278 47.95 -8.68 -0.21
C LYS C 278 48.24 -9.61 0.91
N TYR C 279 47.63 -10.79 0.83
CA TYR C 279 47.77 -11.80 1.87
C TYR C 279 48.76 -12.90 1.51
N ASN C 280 49.44 -13.40 2.54
CA ASN C 280 50.39 -14.50 2.42
C ASN C 280 49.76 -15.85 2.77
N GLU C 281 50.60 -16.89 2.77
CA GLU C 281 50.17 -18.26 3.08
C GLU C 281 49.58 -18.42 4.50
N ASN C 282 50.08 -17.61 5.48
CA ASN C 282 49.65 -17.57 6.89
C ASN C 282 48.31 -16.84 7.10
N GLY C 283 47.76 -16.16 6.05
CA GLY C 283 46.54 -15.38 6.10
C GLY C 283 46.73 -13.97 6.64
N THR C 284 47.96 -13.44 6.68
CA THR C 284 48.19 -12.10 7.20
C THR C 284 48.46 -11.17 6.01
N ILE C 285 48.44 -9.86 6.22
CA ILE C 285 48.68 -8.96 5.09
C ILE C 285 50.16 -8.57 5.06
N THR C 286 50.80 -8.71 3.91
CA THR C 286 52.20 -8.35 3.75
C THR C 286 52.40 -7.08 2.91
N ASP C 287 51.39 -6.68 2.12
CA ASP C 287 51.51 -5.45 1.33
C ASP C 287 50.13 -4.84 1.04
N ALA C 288 50.08 -3.67 0.37
CA ALA C 288 48.79 -3.06 0.03
C ALA C 288 48.84 -2.00 -1.09
N VAL C 289 47.69 -1.84 -1.76
CA VAL C 289 47.45 -0.79 -2.76
C VAL C 289 46.36 0.16 -2.30
N ASP C 290 46.67 1.46 -2.24
CA ASP C 290 45.72 2.51 -1.86
C ASP C 290 45.03 3.06 -3.13
N CYS C 291 43.76 2.62 -3.38
CA CYS C 291 43.09 2.91 -4.68
C CYS C 291 42.74 4.41 -4.79
N ALA C 292 43.03 4.85 -6.04
CA ALA C 292 42.84 6.20 -6.51
C ALA C 292 43.64 7.22 -5.71
N LEU C 293 44.76 6.80 -5.11
CA LEU C 293 45.65 7.71 -4.43
C LEU C 293 46.32 8.63 -5.42
N ASP C 294 46.74 8.01 -6.51
CA ASP C 294 47.46 8.63 -7.59
C ASP C 294 47.22 7.74 -8.81
N PRO C 295 47.65 8.12 -10.03
CA PRO C 295 47.52 7.36 -11.27
C PRO C 295 48.10 5.94 -11.28
N LEU C 296 49.12 5.66 -10.44
CA LEU C 296 49.66 4.32 -10.49
C LEU C 296 48.77 3.41 -9.72
N SER C 297 48.28 3.91 -8.60
CA SER C 297 47.38 3.16 -7.77
C SER C 297 46.03 3.01 -8.45
N GLU C 298 45.63 3.96 -9.31
CA GLU C 298 44.38 3.76 -10.03
C GLU C 298 44.54 2.53 -10.92
N THR C 299 45.70 2.42 -11.57
CA THR C 299 45.98 1.28 -12.43
C THR C 299 46.11 -0.02 -11.64
N LYS C 300 46.83 0.00 -10.53
CA LYS C 300 47.00 -1.21 -9.71
C LYS C 300 45.67 -1.73 -9.12
N CYS C 301 44.74 -0.81 -8.70
CA CYS C 301 43.41 -1.09 -8.12
C CYS C 301 42.55 -1.77 -9.20
N THR C 302 42.62 -1.22 -10.41
CA THR C 302 41.90 -1.72 -11.56
C THR C 302 42.37 -3.13 -11.94
N LEU C 303 43.69 -3.34 -11.92
CA LEU C 303 44.26 -4.61 -12.31
C LEU C 303 44.41 -5.65 -11.21
N LYS C 304 44.27 -5.27 -9.94
CA LYS C 304 44.44 -6.18 -8.83
C LYS C 304 45.84 -6.76 -8.84
N SER C 305 46.81 -5.86 -8.94
CA SER C 305 48.20 -6.28 -8.97
C SER C 305 49.16 -5.26 -8.38
N PHE C 306 50.29 -5.73 -7.88
CA PHE C 306 51.34 -4.84 -7.39
C PHE C 306 52.36 -4.57 -8.46
N THR C 307 52.21 -5.28 -9.56
CA THR C 307 53.06 -5.14 -10.72
C THR C 307 52.20 -4.84 -11.92
N VAL C 308 52.55 -3.79 -12.61
CA VAL C 308 51.79 -3.40 -13.77
C VAL C 308 52.67 -3.55 -14.98
N GLU C 309 52.15 -4.24 -15.97
CA GLU C 309 52.82 -4.48 -17.22
C GLU C 309 52.73 -3.23 -18.06
N LYS C 310 53.63 -3.05 -18.99
CA LYS C 310 53.50 -1.85 -19.81
C LYS C 310 52.16 -1.88 -20.51
N GLY C 311 51.42 -0.79 -20.41
CA GLY C 311 50.14 -0.74 -21.10
C GLY C 311 49.24 0.41 -20.72
N ILE C 312 48.14 0.48 -21.46
CA ILE C 312 47.11 1.48 -21.28
C ILE C 312 45.97 0.82 -20.58
N TYR C 313 45.51 1.41 -19.49
CA TYR C 313 44.43 0.78 -18.77
C TYR C 313 43.26 1.71 -18.61
N GLN C 314 42.05 1.18 -18.59
CA GLN C 314 40.88 2.04 -18.36
C GLN C 314 40.60 2.00 -16.87
N THR C 315 40.78 3.12 -16.18
CA THR C 315 40.66 3.09 -14.73
C THR C 315 39.52 3.94 -14.19
N SER C 316 39.04 4.91 -14.97
CA SER C 316 38.02 5.80 -14.45
C SER C 316 37.19 6.46 -15.55
N ASN C 317 36.41 7.46 -15.14
CA ASN C 317 35.51 8.21 -15.99
C ASN C 317 35.53 9.66 -15.58
N PHE C 318 35.56 10.56 -16.55
CA PHE C 318 35.55 11.97 -16.24
C PHE C 318 34.26 12.62 -16.67
N ARG C 319 33.69 13.44 -15.80
CA ARG C 319 32.49 14.17 -16.16
C ARG C 319 32.54 15.62 -15.69
N VAL C 320 32.28 16.54 -16.61
CA VAL C 320 32.18 17.96 -16.28
C VAL C 320 30.86 18.20 -15.58
N GLN C 321 30.92 18.87 -14.43
CA GLN C 321 29.71 19.11 -13.67
C GLN C 321 29.17 20.50 -13.96
N PRO C 322 27.84 20.70 -13.91
CA PRO C 322 27.20 21.99 -14.05
C PRO C 322 27.51 22.84 -12.84
N THR C 323 27.67 24.15 -13.05
CA THR C 323 27.97 25.06 -11.94
C THR C 323 26.85 26.01 -11.53
N GLU C 324 25.86 26.19 -12.39
CA GLU C 324 24.73 27.10 -12.19
C GLU C 324 23.54 26.59 -13.00
N SER C 325 22.38 27.24 -12.91
CA SER C 325 21.20 26.84 -13.69
C SER C 325 20.61 28.01 -14.49
N ILE C 326 20.21 27.75 -15.72
CA ILE C 326 19.62 28.75 -16.60
C ILE C 326 18.11 28.61 -16.60
N VAL C 327 17.43 29.61 -16.11
CA VAL C 327 15.99 29.48 -15.98
C VAL C 327 15.26 30.59 -16.72
N ARG C 328 14.20 30.19 -17.42
CA ARG C 328 13.37 31.13 -18.17
C ARG C 328 11.89 30.95 -17.93
N PHE C 329 11.23 32.09 -17.86
CA PHE C 329 9.80 32.26 -17.73
C PHE C 329 9.57 33.67 -18.29
N PRO C 330 8.42 34.00 -18.92
CA PRO C 330 8.16 35.34 -19.44
C PRO C 330 8.30 36.36 -18.29
N ASN C 331 8.76 37.62 -18.64
CA ASN C 331 9.03 38.71 -17.66
C ASN C 331 7.82 39.03 -16.79
N ILE C 332 6.64 39.29 -17.41
CA ILE C 332 5.37 39.54 -16.74
C ILE C 332 4.25 38.73 -17.36
N THR C 333 3.55 38.02 -16.52
CA THR C 333 2.37 37.28 -16.90
C THR C 333 1.28 37.88 -16.04
N ASN C 334 0.18 38.31 -16.67
CA ASN C 334 -0.90 38.97 -15.94
C ASN C 334 -2.02 38.03 -15.55
N LEU C 335 -1.83 36.75 -15.86
CA LEU C 335 -2.79 35.72 -15.50
C LEU C 335 -2.38 35.29 -14.09
N CYS C 336 -2.61 36.18 -13.10
CA CYS C 336 -2.03 36.10 -11.76
C CYS C 336 -3.15 36.18 -10.71
N PRO C 337 -3.23 35.21 -9.75
CA PRO C 337 -4.24 35.09 -8.70
C PRO C 337 -4.19 36.26 -7.73
N PHE C 338 -3.17 37.09 -7.83
CA PHE C 338 -3.03 38.32 -7.07
C PHE C 338 -4.33 39.11 -7.31
N GLY C 339 -4.83 39.09 -8.56
CA GLY C 339 -6.02 39.81 -8.98
C GLY C 339 -7.34 39.24 -8.42
N GLU C 340 -7.30 38.08 -7.77
CA GLU C 340 -8.51 37.51 -7.19
C GLU C 340 -8.69 37.99 -5.75
N VAL C 341 -7.62 38.57 -5.18
CA VAL C 341 -7.62 38.98 -3.80
C VAL C 341 -7.46 40.50 -3.67
N PHE C 342 -6.47 41.07 -4.35
CA PHE C 342 -6.32 42.50 -4.29
C PHE C 342 -7.42 43.03 -5.19
N ASN C 343 -8.08 44.11 -4.73
CA ASN C 343 -9.24 44.74 -5.37
C ASN C 343 -10.44 43.77 -5.46
N ALA C 344 -10.56 42.77 -4.51
CA ALA C 344 -11.67 41.82 -4.44
C ALA C 344 -12.98 42.50 -4.13
N THR C 345 -14.04 41.98 -4.75
CA THR C 345 -15.36 42.51 -4.49
C THR C 345 -15.65 42.32 -3.00
N ARG C 346 -15.31 41.13 -2.51
CA ARG C 346 -15.48 40.77 -1.11
C ARG C 346 -14.32 39.96 -0.56
N PHE C 347 -14.07 40.17 0.71
CA PHE C 347 -13.09 39.50 1.58
C PHE C 347 -13.76 38.42 2.41
N ALA C 348 -12.97 37.69 3.23
CA ALA C 348 -13.49 36.73 4.21
C ALA C 348 -13.32 37.33 5.62
N SER C 349 -13.75 36.65 6.68
CA SER C 349 -13.50 37.18 8.01
C SER C 349 -12.03 36.91 8.32
N VAL C 350 -11.50 37.46 9.41
CA VAL C 350 -10.09 37.20 9.71
C VAL C 350 -9.84 35.76 10.06
N TYR C 351 -10.69 35.23 10.92
CA TYR C 351 -10.53 33.87 11.36
C TYR C 351 -10.64 32.96 10.14
N ALA C 352 -11.66 33.22 9.32
CA ALA C 352 -11.87 32.49 8.08
C ALA C 352 -11.07 33.13 6.96
N TRP C 353 -9.78 33.22 7.16
CA TRP C 353 -8.84 33.90 6.30
C TRP C 353 -8.78 33.31 4.89
N ASN C 354 -8.98 34.12 3.84
CA ASN C 354 -8.98 33.57 2.47
C ASN C 354 -7.59 33.55 1.85
N ARG C 355 -6.95 32.38 1.82
CA ARG C 355 -5.57 32.27 1.33
C ARG C 355 -5.48 32.00 -0.18
N LYS C 356 -4.54 32.68 -0.84
CA LYS C 356 -4.28 32.54 -2.30
C LYS C 356 -2.78 32.57 -2.63
N ARG C 357 -2.33 31.70 -3.55
CA ARG C 357 -0.90 31.73 -3.89
C ARG C 357 -0.58 32.23 -5.30
N ILE C 358 0.43 33.08 -5.35
CA ILE C 358 1.05 33.69 -6.52
C ILE C 358 2.34 32.98 -6.91
N SER C 359 2.33 32.46 -8.11
CA SER C 359 3.47 31.80 -8.70
C SER C 359 3.27 31.88 -10.18
N ASN C 360 4.34 31.73 -10.94
CA ASN C 360 4.26 31.77 -12.41
C ASN C 360 3.57 33.04 -12.96
N CYS C 361 3.80 34.21 -12.33
CA CYS C 361 3.23 35.50 -12.70
C CYS C 361 3.93 36.65 -12.02
N VAL C 362 3.61 37.87 -12.46
CA VAL C 362 4.12 39.04 -11.78
C VAL C 362 3.03 40.02 -11.40
N ALA C 363 3.06 40.38 -10.13
CA ALA C 363 2.19 41.36 -9.55
C ALA C 363 3.01 42.62 -9.28
N ASP C 364 2.40 43.79 -9.41
CA ASP C 364 3.13 45.04 -9.18
C ASP C 364 2.69 45.71 -7.87
N TYR C 365 3.53 45.55 -6.87
CA TYR C 365 3.24 45.99 -5.51
C TYR C 365 3.42 47.49 -5.33
N SER C 366 4.41 48.03 -6.06
CA SER C 366 4.75 49.44 -5.99
C SER C 366 3.74 50.27 -6.72
N VAL C 367 3.05 49.64 -7.66
CA VAL C 367 2.03 50.29 -8.43
C VAL C 367 0.82 50.45 -7.55
N LEU C 368 0.47 49.41 -6.82
CA LEU C 368 -0.68 49.53 -5.94
C LEU C 368 -0.39 50.57 -4.85
N TYR C 369 0.83 50.56 -4.30
CA TYR C 369 1.20 51.52 -3.27
C TYR C 369 1.05 52.95 -3.75
N ASN C 370 1.58 53.26 -4.94
CA ASN C 370 1.50 54.60 -5.46
C ASN C 370 0.13 55.02 -5.99
N SER C 371 -0.68 54.07 -6.52
CA SER C 371 -2.01 54.45 -7.00
C SER C 371 -2.88 54.71 -5.78
N ALA C 372 -2.51 54.07 -4.67
CA ALA C 372 -3.10 54.22 -3.36
C ALA C 372 -4.61 54.01 -3.33
N SER C 373 -5.10 52.92 -3.93
CA SER C 373 -6.53 52.62 -3.93
C SER C 373 -7.02 52.13 -2.56
N PHE C 374 -6.07 51.74 -1.72
CA PHE C 374 -6.27 51.29 -0.34
C PHE C 374 -5.85 52.50 0.49
N SER C 375 -6.42 52.73 1.68
CA SER C 375 -6.05 53.96 2.40
C SER C 375 -4.84 53.82 3.28
N THR C 376 -4.58 52.62 3.77
CA THR C 376 -3.44 52.41 4.64
C THR C 376 -2.47 51.35 4.13
N PHE C 377 -1.23 51.76 3.97
CA PHE C 377 -0.18 50.86 3.53
C PHE C 377 0.96 50.81 4.52
N LYS C 378 1.18 49.63 5.09
CA LYS C 378 2.27 49.44 6.03
C LYS C 378 3.02 48.18 5.57
N CYS C 379 4.37 48.18 5.58
CA CYS C 379 5.19 47.06 5.13
C CYS C 379 6.22 46.67 6.17
N TYR C 380 6.34 45.35 6.35
CA TYR C 380 7.14 44.73 7.36
C TYR C 380 8.23 43.80 6.79
N GLY C 381 9.46 44.26 6.77
CA GLY C 381 10.58 43.46 6.23
C GLY C 381 10.72 43.56 4.71
N VAL C 382 9.80 44.29 4.09
CA VAL C 382 9.77 44.51 2.65
C VAL C 382 9.57 46.00 2.44
N SER C 383 9.88 46.49 1.26
CA SER C 383 9.64 47.89 0.93
C SER C 383 8.26 48.07 0.32
N PRO C 384 7.53 49.17 0.58
CA PRO C 384 6.29 49.49 -0.11
C PRO C 384 6.49 49.72 -1.61
N THR C 385 7.73 50.05 -2.02
CA THR C 385 8.02 50.27 -3.43
C THR C 385 9.29 49.55 -3.90
N LYS C 386 9.37 49.30 -5.21
CA LYS C 386 10.49 48.57 -5.82
C LYS C 386 10.59 47.19 -5.18
N LEU C 387 9.41 46.60 -4.91
CA LEU C 387 9.27 45.28 -4.30
C LEU C 387 9.10 44.18 -5.32
N ASN C 388 8.70 44.55 -6.54
CA ASN C 388 8.47 43.58 -7.58
C ASN C 388 9.79 43.26 -8.29
N ASP C 389 10.87 43.84 -7.74
CA ASP C 389 12.24 43.61 -8.13
C ASP C 389 12.89 42.58 -7.20
N LEU C 390 12.14 42.10 -6.18
CA LEU C 390 12.69 41.13 -5.25
C LEU C 390 12.10 39.78 -5.63
N CYS C 391 12.95 38.74 -5.68
CA CYS C 391 12.61 37.40 -6.16
C CYS C 391 12.22 36.45 -5.05
N PHE C 392 11.02 35.93 -5.16
CA PHE C 392 10.40 34.98 -4.27
C PHE C 392 9.76 33.90 -5.09
N THR C 393 9.57 32.71 -4.53
CA THR C 393 8.97 31.66 -5.34
C THR C 393 7.53 31.41 -4.98
N ASN C 394 7.15 31.77 -3.74
CA ASN C 394 5.79 31.54 -3.29
C ASN C 394 5.28 32.77 -2.60
N VAL C 395 4.51 33.56 -3.32
CA VAL C 395 4.03 34.79 -2.78
C VAL C 395 2.58 34.58 -2.44
N TYR C 396 2.15 34.97 -1.27
CA TYR C 396 0.76 34.75 -0.94
C TYR C 396 0.09 36.08 -0.73
N ALA C 397 -1.14 36.16 -1.12
CA ALA C 397 -1.90 37.39 -0.91
C ALA C 397 -3.22 36.91 -0.43
N ASP C 398 -3.53 37.20 0.82
CA ASP C 398 -4.71 36.64 1.39
C ASP C 398 -5.70 37.72 1.82
N SER C 399 -7.01 37.44 1.81
CA SER C 399 -8.00 38.48 2.14
C SER C 399 -8.96 38.25 3.32
N PHE C 400 -9.08 39.29 4.12
CA PHE C 400 -9.89 39.31 5.32
C PHE C 400 -10.39 40.70 5.71
N VAL C 401 -11.35 40.76 6.66
CA VAL C 401 -11.78 42.07 7.14
C VAL C 401 -11.51 42.38 8.59
N ILE C 402 -10.95 43.56 8.75
CA ILE C 402 -10.60 44.16 10.02
C ILE C 402 -11.07 45.60 10.15
N ARG C 403 -10.95 46.14 11.35
CA ARG C 403 -11.29 47.53 11.66
C ARG C 403 -10.07 48.42 11.41
N GLY C 404 -10.22 49.74 11.35
CA GLY C 404 -9.07 50.60 11.08
C GLY C 404 -7.95 50.48 12.13
N ASP C 405 -8.33 50.22 13.38
CA ASP C 405 -7.38 50.15 14.49
C ASP C 405 -6.64 48.81 14.55
N GLU C 406 -7.03 47.91 13.66
CA GLU C 406 -6.46 46.59 13.53
C GLU C 406 -5.49 46.47 12.36
N VAL C 407 -5.37 47.51 11.52
CA VAL C 407 -4.55 47.39 10.31
C VAL C 407 -3.10 47.16 10.64
N ARG C 408 -2.61 47.83 11.67
CA ARG C 408 -1.22 47.65 12.08
C ARG C 408 -1.00 46.30 12.76
N GLN C 409 -2.04 45.74 13.38
CA GLN C 409 -1.93 44.48 14.12
C GLN C 409 -1.74 43.31 13.19
N ILE C 410 -2.47 43.29 12.07
CA ILE C 410 -2.24 42.17 11.18
C ILE C 410 -1.08 42.46 10.31
N ALA C 411 0.07 42.02 10.78
CA ALA C 411 1.31 42.27 10.11
C ALA C 411 2.40 41.34 10.61
N PRO C 412 3.38 40.94 9.80
CA PRO C 412 4.50 40.16 10.24
C PRO C 412 5.22 40.85 11.37
N GLY C 413 5.43 40.12 12.44
CA GLY C 413 6.13 40.60 13.63
C GLY C 413 5.28 41.44 14.57
N GLN C 414 4.00 41.63 14.27
CA GLN C 414 3.15 42.45 15.12
C GLN C 414 2.26 41.59 15.98
N THR C 415 1.80 42.19 17.08
CA THR C 415 0.91 41.57 18.03
C THR C 415 -0.32 42.44 18.21
N GLY C 416 -1.30 41.94 18.96
CA GLY C 416 -2.52 42.67 19.18
C GLY C 416 -3.65 41.67 19.24
N LYS C 417 -4.84 42.07 19.64
CA LYS C 417 -5.88 41.07 19.78
C LYS C 417 -6.19 40.32 18.51
N ILE C 418 -6.08 40.97 17.37
CA ILE C 418 -6.49 40.27 16.17
C ILE C 418 -5.35 39.39 15.69
N ALA C 419 -4.12 39.92 15.80
CA ALA C 419 -2.91 39.26 15.38
C ALA C 419 -2.58 38.05 16.24
N ASP C 420 -2.90 38.12 17.53
CA ASP C 420 -2.59 37.02 18.41
C ASP C 420 -3.67 35.97 18.40
N TYR C 421 -4.95 36.35 18.24
CA TYR C 421 -5.99 35.34 18.30
C TYR C 421 -6.56 34.79 16.99
N ASN C 422 -6.76 35.63 15.94
CA ASN C 422 -7.43 35.11 14.74
C ASN C 422 -6.59 34.94 13.48
N TYR C 423 -5.32 35.36 13.49
CA TYR C 423 -4.44 35.26 12.32
C TYR C 423 -3.02 35.66 12.66
N LYS C 424 -2.11 34.68 12.91
CA LYS C 424 -0.74 35.06 13.27
C LYS C 424 0.18 35.24 12.07
N LEU C 425 1.14 36.15 12.24
CA LEU C 425 2.15 36.48 11.24
C LEU C 425 3.54 36.60 11.93
N PRO C 426 4.35 35.53 12.01
CA PRO C 426 5.62 35.43 12.70
C PRO C 426 6.71 36.33 12.14
N ASP C 427 7.72 36.57 12.98
CA ASP C 427 8.91 37.39 12.71
C ASP C 427 9.75 36.87 11.56
N ASP C 428 9.59 35.61 11.22
CA ASP C 428 10.36 34.96 10.18
C ASP C 428 9.81 35.24 8.79
N PHE C 429 8.67 35.92 8.73
CA PHE C 429 8.02 36.24 7.48
C PHE C 429 8.09 37.71 7.24
N THR C 430 8.10 38.07 5.97
CA THR C 430 8.06 39.46 5.61
C THR C 430 6.89 39.66 4.66
N GLY C 431 6.41 40.90 4.57
CA GLY C 431 5.28 41.21 3.70
C GLY C 431 4.62 42.59 3.96
N CYS C 432 3.63 42.94 3.11
CA CYS C 432 2.87 44.20 3.15
C CYS C 432 1.40 44.00 3.53
N VAL C 433 0.92 44.92 4.35
CA VAL C 433 -0.45 44.92 4.82
C VAL C 433 -1.17 46.10 4.20
N ILE C 434 -2.07 45.80 3.29
CA ILE C 434 -2.72 46.83 2.52
C ILE C 434 -4.24 46.93 2.77
N ALA C 435 -4.69 48.07 3.33
CA ALA C 435 -6.11 48.23 3.77
C ALA C 435 -6.98 49.31 3.11
N TRP C 436 -8.14 48.89 2.59
CA TRP C 436 -9.11 49.79 1.96
C TRP C 436 -10.35 49.90 2.82
N ASN C 437 -10.87 51.10 3.02
CA ASN C 437 -12.07 51.25 3.82
C ASN C 437 -13.25 50.86 2.94
N SER C 438 -13.95 49.78 3.29
CA SER C 438 -15.02 49.23 2.47
C SER C 438 -16.39 49.58 2.99
N ASN C 439 -16.47 50.57 3.88
CA ASN C 439 -17.73 51.00 4.48
C ASN C 439 -18.86 51.18 3.46
N ASN C 440 -18.55 51.69 2.26
CA ASN C 440 -19.59 51.92 1.26
C ASN C 440 -20.21 50.64 0.66
N LEU C 441 -19.53 49.50 0.78
CA LEU C 441 -20.07 48.27 0.22
C LEU C 441 -20.55 47.29 1.29
N ASP C 442 -19.80 47.24 2.39
CA ASP C 442 -20.00 46.28 3.46
C ASP C 442 -20.81 46.73 4.67
N SER C 443 -20.91 48.03 4.95
CA SER C 443 -21.63 48.42 6.14
C SER C 443 -23.12 48.47 5.91
N LYS C 444 -23.86 47.90 6.85
CA LYS C 444 -25.31 47.84 6.78
C LYS C 444 -25.88 48.20 8.13
N VAL C 445 -27.04 48.82 8.19
CA VAL C 445 -27.55 49.05 9.53
C VAL C 445 -28.04 47.71 10.03
N GLY C 446 -27.60 47.33 11.23
CA GLY C 446 -27.92 46.04 11.81
C GLY C 446 -26.74 45.08 11.78
N GLY C 447 -25.69 45.39 11.03
CA GLY C 447 -24.49 44.56 10.95
C GLY C 447 -24.39 43.73 9.67
N ASN C 448 -23.19 43.18 9.44
CA ASN C 448 -22.93 42.41 8.23
C ASN C 448 -22.77 40.94 8.60
N TYR C 449 -23.76 40.16 8.21
CA TYR C 449 -23.90 38.78 8.63
C TYR C 449 -23.20 37.81 7.69
N ASN C 450 -22.48 38.35 6.71
CA ASN C 450 -21.72 37.50 5.81
C ASN C 450 -20.33 37.30 6.38
N TYR C 451 -19.98 38.11 7.39
CA TYR C 451 -18.66 38.00 7.95
C TYR C 451 -18.76 37.66 9.37
N LEU C 452 -18.15 36.56 9.74
CA LEU C 452 -18.28 36.18 11.11
C LEU C 452 -16.93 36.18 11.85
N TYR C 453 -16.87 37.02 12.89
CA TYR C 453 -15.74 37.32 13.77
C TYR C 453 -15.54 36.35 14.91
N ARG C 454 -14.35 35.77 15.04
CA ARG C 454 -14.14 34.84 16.14
C ARG C 454 -13.73 35.49 17.44
N LEU C 455 -14.46 35.17 18.52
CA LEU C 455 -13.99 35.68 19.80
C LEU C 455 -13.21 34.60 20.56
N PHE C 456 -13.83 33.44 20.77
CA PHE C 456 -13.20 32.37 21.54
C PHE C 456 -12.83 31.11 20.79
N ARG C 457 -11.60 30.70 21.02
CA ARG C 457 -11.02 29.49 20.50
C ARG C 457 -10.34 28.87 21.72
N LYS C 458 -10.20 27.54 21.75
CA LYS C 458 -9.56 26.82 22.86
C LYS C 458 -8.07 27.17 23.07
N SER C 459 -7.47 27.69 22.02
CA SER C 459 -6.08 28.10 21.95
C SER C 459 -6.05 29.20 20.93
N ASN C 460 -4.97 29.95 20.83
CA ASN C 460 -4.94 31.01 19.84
C ASN C 460 -4.72 30.41 18.43
N LEU C 461 -5.26 31.03 17.37
CA LEU C 461 -5.09 30.49 16.00
C LEU C 461 -3.62 30.65 15.56
N LYS C 462 -3.10 29.65 14.83
CA LYS C 462 -1.72 29.59 14.36
C LYS C 462 -1.34 30.51 13.19
N PRO C 463 -0.01 30.67 12.93
CA PRO C 463 0.51 31.39 11.80
C PRO C 463 -0.07 30.90 10.52
N PHE C 464 -0.58 31.85 9.76
CA PHE C 464 -1.19 31.61 8.47
C PHE C 464 -2.18 30.44 8.48
N GLU C 465 -2.90 30.25 9.58
CA GLU C 465 -3.89 29.19 9.65
C GLU C 465 -5.25 29.73 9.27
N ARG C 466 -6.00 28.97 8.51
CA ARG C 466 -7.36 29.35 8.17
C ARG C 466 -8.32 28.46 8.94
N ASP C 467 -9.34 29.03 9.54
CA ASP C 467 -10.35 28.22 10.22
C ASP C 467 -11.71 28.85 9.99
N ILE C 468 -12.59 28.13 9.32
CA ILE C 468 -13.88 28.69 8.93
C ILE C 468 -15.02 28.14 9.76
N SER C 469 -14.69 27.37 10.79
CA SER C 469 -15.67 26.72 11.63
C SER C 469 -16.55 27.60 12.48
N THR C 470 -17.83 27.23 12.46
CA THR C 470 -18.93 27.80 13.22
C THR C 470 -19.40 26.82 14.27
N GLU C 471 -18.61 25.77 14.51
CA GLU C 471 -18.99 24.77 15.48
C GLU C 471 -19.27 25.51 16.75
N ILE C 472 -20.37 25.20 17.40
CA ILE C 472 -20.76 25.96 18.56
C ILE C 472 -19.72 25.77 19.68
N TYR C 473 -19.23 26.91 20.20
CA TYR C 473 -18.18 26.97 21.19
C TYR C 473 -18.60 26.49 22.54
N GLN C 474 -17.76 25.66 23.11
CA GLN C 474 -18.00 25.10 24.43
C GLN C 474 -17.33 25.96 25.50
N ALA C 475 -18.12 26.76 26.22
CA ALA C 475 -17.56 27.63 27.24
C ALA C 475 -17.70 27.03 28.63
N GLY C 476 -18.74 26.21 28.79
CA GLY C 476 -19.05 25.67 30.11
C GLY C 476 -18.81 24.19 30.30
N SER C 477 -19.41 23.65 31.37
CA SER C 477 -19.28 22.26 31.77
C SER C 477 -20.31 21.32 31.14
N THR C 478 -21.37 21.88 30.56
CA THR C 478 -22.42 21.09 29.95
C THR C 478 -22.15 21.03 28.45
N PRO C 479 -21.89 19.85 27.87
CA PRO C 479 -21.51 19.69 26.48
C PRO C 479 -22.58 20.23 25.52
N CYS C 480 -22.12 20.81 24.40
CA CYS C 480 -22.94 21.30 23.28
C CYS C 480 -23.58 20.14 22.50
N ASN C 481 -24.86 20.31 22.21
CA ASN C 481 -25.63 19.31 21.47
C ASN C 481 -25.92 19.71 20.02
N GLY C 482 -25.16 20.65 19.49
CA GLY C 482 -25.35 21.10 18.11
C GLY C 482 -26.31 22.27 18.03
N VAL C 483 -26.72 22.72 19.20
CA VAL C 483 -27.64 23.82 19.38
C VAL C 483 -27.00 24.78 20.34
N GLU C 484 -27.46 26.02 20.36
CA GLU C 484 -26.95 26.99 21.30
C GLU C 484 -27.68 26.88 22.63
N GLY C 485 -27.02 27.38 23.68
CA GLY C 485 -27.58 27.40 25.01
C GLY C 485 -26.64 28.11 25.95
N PHE C 486 -26.91 28.08 27.25
CA PHE C 486 -25.99 28.80 28.09
C PHE C 486 -24.61 28.14 28.02
N ASN C 487 -23.57 28.96 27.84
CA ASN C 487 -22.20 28.51 27.63
C ASN C 487 -21.98 27.55 26.46
N CYS C 488 -22.75 27.76 25.36
CA CYS C 488 -22.69 27.01 24.13
C CYS C 488 -23.14 27.99 23.03
N TYR C 489 -22.21 28.57 22.26
CA TYR C 489 -22.66 29.61 21.31
C TYR C 489 -21.93 29.65 19.99
N PHE C 490 -22.54 30.20 18.94
CA PHE C 490 -21.77 30.23 17.70
C PHE C 490 -20.61 31.19 17.88
N PRO C 491 -19.36 30.72 17.78
CA PRO C 491 -18.17 31.47 18.07
C PRO C 491 -17.88 32.60 17.12
N LEU C 492 -18.48 32.53 15.93
CA LEU C 492 -18.24 33.54 14.92
C LEU C 492 -19.47 34.43 14.82
N GLN C 493 -19.29 35.72 15.13
CA GLN C 493 -20.41 36.67 15.17
C GLN C 493 -20.42 37.66 14.04
N SER C 494 -21.58 38.21 13.74
CA SER C 494 -21.62 39.20 12.69
C SER C 494 -20.82 40.40 13.10
N TYR C 495 -20.36 41.16 12.14
CA TYR C 495 -19.60 42.34 12.48
C TYR C 495 -20.47 43.57 12.53
N GLY C 496 -20.11 44.49 13.43
CA GLY C 496 -20.75 45.77 13.60
C GLY C 496 -20.31 46.77 12.54
N PHE C 497 -20.48 46.40 11.29
CA PHE C 497 -20.10 47.23 10.16
C PHE C 497 -21.36 47.97 9.82
N GLN C 498 -21.46 49.22 10.25
CA GLN C 498 -22.66 50.01 10.06
C GLN C 498 -22.23 51.39 9.57
N PRO C 499 -23.03 52.08 8.75
CA PRO C 499 -22.79 53.43 8.25
C PRO C 499 -22.88 54.47 9.38
N THR C 500 -23.39 54.02 10.51
CA THR C 500 -23.60 54.82 11.70
C THR C 500 -22.37 54.83 12.61
N ASN C 501 -21.36 54.01 12.30
CA ASN C 501 -20.15 53.92 13.12
C ASN C 501 -18.96 54.57 12.40
N GLY C 502 -17.93 54.95 13.18
CA GLY C 502 -16.68 55.48 12.63
C GLY C 502 -15.68 54.37 12.31
N VAL C 503 -14.44 54.75 11.97
CA VAL C 503 -13.38 53.83 11.51
C VAL C 503 -12.93 52.76 12.48
N GLY C 504 -13.23 52.96 13.76
CA GLY C 504 -12.89 52.01 14.80
C GLY C 504 -13.75 50.75 14.68
N TYR C 505 -14.84 50.83 13.91
CA TYR C 505 -15.78 49.73 13.67
C TYR C 505 -15.92 49.43 12.18
N GLN C 506 -15.77 50.44 11.32
CA GLN C 506 -15.98 50.26 9.88
C GLN C 506 -15.00 49.23 9.35
N PRO C 507 -15.42 48.40 8.39
CA PRO C 507 -14.63 47.36 7.78
C PRO C 507 -13.57 47.87 6.85
N TYR C 508 -12.47 47.17 6.82
CA TYR C 508 -11.42 47.38 5.87
C TYR C 508 -11.13 46.08 5.16
N ARG C 509 -10.96 46.17 3.86
CA ARG C 509 -10.59 45.05 3.05
C ARG C 509 -9.12 45.02 3.12
N VAL C 510 -8.58 44.03 3.80
CA VAL C 510 -7.17 44.03 3.98
C VAL C 510 -6.58 42.80 3.37
N VAL C 511 -5.60 43.04 2.53
CA VAL C 511 -4.96 41.95 1.91
C VAL C 511 -3.53 41.93 2.36
N VAL C 512 -3.09 40.79 2.85
CA VAL C 512 -1.73 40.69 3.31
C VAL C 512 -0.92 39.88 2.36
N LEU C 513 0.11 40.54 1.88
CA LEU C 513 1.02 40.02 0.90
C LEU C 513 2.30 39.52 1.55
N SER C 514 2.44 38.21 1.60
CA SER C 514 3.53 37.50 2.28
C SER C 514 4.50 36.86 1.30
N PHE C 515 5.78 37.13 1.46
CA PHE C 515 6.75 36.64 0.47
C PHE C 515 7.69 35.53 0.95
N GLU C 516 7.55 34.32 0.41
CA GLU C 516 8.42 33.22 0.85
C GLU C 516 9.54 32.85 -0.14
N LEU C 517 10.69 32.52 0.45
CA LEU C 517 11.88 32.05 -0.24
C LEU C 517 12.07 30.54 -0.10
N LEU C 518 12.02 29.87 -1.22
CA LEU C 518 12.18 28.43 -1.37
C LEU C 518 13.54 28.17 -1.99
N HIS C 519 14.13 27.01 -1.73
CA HIS C 519 15.39 26.66 -2.39
C HIS C 519 15.08 26.21 -3.83
N ALA C 520 14.67 27.17 -4.63
CA ALA C 520 14.22 26.98 -6.00
C ALA C 520 14.32 28.29 -6.76
N PRO C 521 14.42 28.28 -8.09
CA PRO C 521 14.36 29.47 -8.92
C PRO C 521 12.95 29.99 -8.91
N ALA C 522 12.82 31.29 -9.10
CA ALA C 522 11.50 31.90 -9.16
C ALA C 522 11.01 31.99 -10.60
N THR C 523 9.69 32.00 -10.76
CA THR C 523 8.98 32.24 -12.01
C THR C 523 8.25 33.58 -11.90
N VAL C 524 8.59 34.26 -10.82
CA VAL C 524 8.10 35.55 -10.38
C VAL C 524 9.38 36.37 -10.28
N CYS C 525 9.42 37.66 -10.74
CA CYS C 525 10.61 38.56 -10.69
C CYS C 525 11.66 38.26 -11.78
N GLY C 526 12.75 37.64 -11.37
CA GLY C 526 13.88 37.39 -12.25
C GLY C 526 14.37 35.95 -12.29
N PRO C 527 13.70 35.04 -13.01
CA PRO C 527 14.10 33.65 -13.22
C PRO C 527 15.49 33.60 -13.84
N LYS C 528 15.82 34.68 -14.55
CA LYS C 528 17.06 34.92 -15.27
C LYS C 528 18.25 35.30 -14.39
N LYS C 529 18.02 35.58 -13.09
CA LYS C 529 19.13 36.02 -12.24
C LYS C 529 20.04 34.87 -11.78
N SER C 530 20.69 34.28 -12.77
CA SER C 530 21.62 33.17 -12.73
C SER C 530 22.61 33.44 -13.87
N THR C 531 22.78 34.73 -14.13
CA THR C 531 23.57 35.35 -15.20
C THR C 531 23.04 35.04 -16.60
N ASN C 532 21.72 35.13 -16.82
CA ASN C 532 21.18 34.95 -18.17
C ASN C 532 21.63 33.60 -18.73
N LEU C 533 22.69 33.66 -19.53
CA LEU C 533 23.32 32.54 -20.19
C LEU C 533 24.77 32.65 -19.75
N VAL C 534 25.27 31.69 -18.99
CA VAL C 534 26.64 31.84 -18.49
C VAL C 534 27.65 31.80 -19.63
N LYS C 535 27.43 30.84 -20.52
CA LYS C 535 28.23 30.54 -21.71
C LYS C 535 29.62 30.03 -21.43
N ASN C 536 30.05 29.11 -22.31
CA ASN C 536 31.36 28.47 -22.31
C ASN C 536 31.69 27.66 -21.05
N LYS C 537 30.68 27.40 -20.23
CA LYS C 537 30.76 26.63 -19.01
C LYS C 537 29.54 25.73 -18.96
N CYS C 538 29.67 24.56 -18.29
CA CYS C 538 28.59 23.60 -18.09
C CYS C 538 27.58 24.14 -17.06
N VAL C 539 26.34 24.18 -17.47
CA VAL C 539 25.22 24.62 -16.64
C VAL C 539 24.03 23.65 -16.76
N ASN C 540 23.09 23.76 -15.83
CA ASN C 540 21.82 23.03 -15.89
C ASN C 540 20.85 23.94 -16.62
N PHE C 541 19.82 23.38 -17.22
CA PHE C 541 18.83 24.21 -17.88
C PHE C 541 17.43 23.96 -17.40
N ASN C 542 16.62 25.01 -17.51
CA ASN C 542 15.17 25.01 -17.35
C ASN C 542 14.59 26.16 -18.18
N PHE C 543 14.65 26.00 -19.50
CA PHE C 543 14.22 27.03 -20.43
C PHE C 543 12.72 26.91 -20.69
N ASN C 544 11.87 27.53 -19.88
CA ASN C 544 10.42 27.40 -20.05
C ASN C 544 10.00 25.92 -20.12
N GLY C 545 10.56 25.11 -19.23
CA GLY C 545 10.26 23.69 -19.15
C GLY C 545 11.31 22.76 -19.80
N LEU C 546 12.22 23.26 -20.65
CA LEU C 546 13.21 22.37 -21.23
C LEU C 546 14.43 22.25 -20.35
N THR C 547 14.71 21.02 -19.92
CA THR C 547 15.78 20.80 -19.00
C THR C 547 16.89 19.89 -19.50
N GLY C 548 18.02 19.96 -18.79
CA GLY C 548 19.19 19.12 -19.09
C GLY C 548 20.47 19.86 -18.74
N THR C 549 21.60 19.38 -19.24
CA THR C 549 22.88 20.04 -18.97
C THR C 549 23.67 20.23 -20.25
N GLY C 550 24.56 21.21 -20.24
CA GLY C 550 25.43 21.46 -21.38
C GLY C 550 26.19 22.78 -21.28
N VAL C 551 27.05 22.99 -22.25
CA VAL C 551 27.88 24.16 -22.37
C VAL C 551 27.30 25.07 -23.43
N LEU C 552 27.04 26.31 -23.08
CA LEU C 552 26.38 27.18 -24.05
C LEU C 552 27.25 28.01 -24.95
N THR C 553 26.98 27.91 -26.26
CA THR C 553 27.63 28.71 -27.29
C THR C 553 26.54 29.20 -28.26
N GLU C 554 26.83 30.19 -29.08
CA GLU C 554 25.87 30.67 -30.09
C GLU C 554 25.66 29.63 -31.20
N SER C 555 24.41 29.48 -31.66
CA SER C 555 24.09 28.52 -32.73
C SER C 555 24.11 29.13 -34.09
N ASN C 556 24.41 28.32 -35.10
CA ASN C 556 24.33 28.73 -36.49
C ASN C 556 23.18 28.02 -37.23
N LYS C 557 22.28 27.39 -36.46
CA LYS C 557 21.15 26.67 -37.03
C LYS C 557 19.89 27.52 -37.00
N LYS C 558 19.30 27.78 -38.17
CA LYS C 558 18.10 28.60 -38.26
C LYS C 558 16.81 27.79 -38.11
N PHE C 559 15.89 28.28 -37.29
CA PHE C 559 14.60 27.61 -37.10
C PHE C 559 13.52 28.32 -37.87
N LEU C 560 12.57 27.56 -38.35
CA LEU C 560 11.44 28.09 -39.05
C LEU C 560 10.49 28.57 -37.96
N PRO C 561 9.53 29.45 -38.23
CA PRO C 561 8.54 29.98 -37.27
C PRO C 561 7.76 28.90 -36.51
N PHE C 562 7.71 27.72 -37.12
CA PHE C 562 7.01 26.54 -36.62
C PHE C 562 7.69 25.89 -35.43
N GLN C 563 9.00 26.14 -35.25
CA GLN C 563 9.77 25.46 -34.22
C GLN C 563 10.48 26.33 -33.20
N GLN C 564 10.55 25.80 -31.99
CA GLN C 564 11.21 26.41 -30.84
C GLN C 564 12.50 25.67 -30.49
N PHE C 565 12.55 24.36 -30.72
CA PHE C 565 13.72 23.55 -30.32
C PHE C 565 14.12 22.68 -31.49
N GLY C 566 15.39 22.27 -31.60
CA GLY C 566 15.76 21.31 -32.63
C GLY C 566 16.52 20.11 -32.10
N ARG C 567 16.60 19.09 -32.94
CA ARG C 567 17.29 17.84 -32.65
C ARG C 567 18.14 17.33 -33.81
N ASP C 568 19.14 16.52 -33.48
CA ASP C 568 20.03 15.85 -34.44
C ASP C 568 19.57 14.43 -34.83
N ILE C 569 20.45 13.72 -35.55
CA ILE C 569 20.19 12.34 -35.93
C ILE C 569 20.28 11.60 -34.62
N ALA C 570 19.27 10.77 -34.34
CA ALA C 570 19.05 10.02 -33.09
C ALA C 570 18.26 10.87 -32.09
N ASP C 571 17.69 11.97 -32.58
CA ASP C 571 16.77 12.83 -31.84
C ASP C 571 17.25 13.42 -30.51
N THR C 572 18.48 13.90 -30.44
CA THR C 572 18.96 14.53 -29.23
C THR C 572 18.94 16.04 -29.39
N THR C 573 18.34 16.76 -28.43
CA THR C 573 18.21 18.21 -28.55
C THR C 573 19.57 18.87 -28.59
N ASP C 574 19.78 19.76 -29.56
CA ASP C 574 21.03 20.47 -29.68
C ASP C 574 20.82 21.98 -29.63
N ALA C 575 20.24 22.54 -30.67
CA ALA C 575 19.97 23.95 -30.75
C ALA C 575 18.63 24.25 -30.12
N VAL C 576 18.51 25.37 -29.42
CA VAL C 576 17.25 25.77 -28.87
C VAL C 576 17.00 27.25 -29.15
N ARG C 577 15.75 27.64 -29.23
CA ARG C 577 15.46 29.05 -29.34
C ARG C 577 15.19 29.53 -27.93
N ASP C 578 15.73 30.69 -27.59
CA ASP C 578 15.47 31.21 -26.25
C ASP C 578 13.95 31.44 -26.13
N PRO C 579 13.32 31.08 -25.00
CA PRO C 579 11.92 31.36 -24.73
C PRO C 579 11.48 32.82 -24.93
N GLN C 580 12.36 33.81 -24.69
CA GLN C 580 11.93 35.18 -24.86
C GLN C 580 12.64 35.91 -26.01
N THR C 581 13.91 35.59 -26.21
CA THR C 581 14.71 36.24 -27.24
C THR C 581 14.74 35.40 -28.51
N LEU C 582 14.46 36.01 -29.65
CA LEU C 582 14.46 35.22 -30.88
C LEU C 582 15.84 35.06 -31.49
N GLU C 583 16.62 34.21 -30.83
CA GLU C 583 17.98 33.86 -31.18
C GLU C 583 18.15 32.37 -30.96
N ILE C 584 19.08 31.75 -31.69
CA ILE C 584 19.28 30.33 -31.49
C ILE C 584 20.60 30.08 -30.76
N LEU C 585 20.48 29.30 -29.71
CA LEU C 585 21.53 28.92 -28.78
C LEU C 585 21.88 27.42 -28.86
N ASP C 586 23.16 27.07 -28.89
CA ASP C 586 23.56 25.65 -28.93
C ASP C 586 23.98 25.07 -27.60
N ILE C 587 23.40 23.93 -27.25
CA ILE C 587 23.77 23.27 -26.02
C ILE C 587 24.72 22.12 -26.32
N THR C 588 25.98 22.28 -25.96
CA THR C 588 26.97 21.26 -26.23
C THR C 588 26.97 20.33 -25.02
N PRO C 589 26.88 19.01 -25.15
CA PRO C 589 26.91 18.13 -23.99
C PRO C 589 28.19 18.46 -23.24
N CYS C 590 28.16 18.42 -21.88
CA CYS C 590 29.30 18.70 -20.99
C CYS C 590 30.30 17.56 -21.21
N SER C 591 31.59 17.84 -21.25
CA SER C 591 32.49 16.75 -21.57
C SER C 591 32.38 15.56 -20.64
N PHE C 592 32.22 14.37 -21.24
CA PHE C 592 32.05 13.12 -20.52
C PHE C 592 32.90 11.95 -21.04
N GLY C 593 34.18 12.13 -21.36
CA GLY C 593 34.93 10.99 -21.89
C GLY C 593 35.43 10.05 -20.79
N GLY C 594 36.11 8.96 -21.16
CA GLY C 594 36.61 8.04 -20.15
C GLY C 594 38.00 8.44 -19.69
N VAL C 595 38.53 7.73 -18.70
CA VAL C 595 39.88 8.03 -18.25
C VAL C 595 40.76 6.79 -18.29
N SER C 596 41.86 6.92 -19.00
CA SER C 596 42.78 5.82 -19.12
C SER C 596 44.14 6.22 -18.63
N VAL C 597 44.93 5.25 -18.22
CA VAL C 597 46.22 5.54 -17.65
C VAL C 597 47.36 4.84 -18.34
N ILE C 598 48.42 5.60 -18.61
CA ILE C 598 49.63 5.08 -19.23
C ILE C 598 50.67 4.75 -18.21
N THR C 599 50.94 3.46 -18.07
CA THR C 599 51.86 2.99 -17.07
C THR C 599 52.99 2.12 -17.68
N PRO C 600 54.27 2.46 -17.46
CA PRO C 600 55.45 1.73 -17.89
C PRO C 600 55.51 0.54 -17.00
N GLY C 601 56.25 -0.48 -17.37
CA GLY C 601 56.30 -1.59 -16.46
C GLY C 601 56.90 -1.10 -15.16
N THR C 602 56.30 -1.52 -14.05
CA THR C 602 56.68 -1.09 -12.69
C THR C 602 57.96 -1.73 -12.22
N ASN C 603 58.42 -2.68 -12.99
CA ASN C 603 59.67 -3.35 -12.72
C ASN C 603 60.82 -2.57 -13.37
N THR C 604 60.47 -1.45 -14.04
CA THR C 604 61.40 -0.56 -14.72
C THR C 604 61.24 0.90 -14.23
N SER C 605 60.00 1.40 -14.23
CA SER C 605 59.66 2.79 -13.93
C SER C 605 58.27 2.97 -13.33
N ASN C 606 58.10 3.99 -12.50
CA ASN C 606 56.80 4.28 -11.92
C ASN C 606 56.19 5.62 -12.38
N GLN C 607 56.67 6.16 -13.50
CA GLN C 607 56.07 7.41 -14.01
C GLN C 607 54.76 7.07 -14.64
N VAL C 608 53.69 7.72 -14.21
CA VAL C 608 52.37 7.42 -14.76
C VAL C 608 51.65 8.68 -15.20
N ALA C 609 50.99 8.62 -16.36
CA ALA C 609 50.24 9.78 -16.88
C ALA C 609 48.78 9.42 -17.08
N VAL C 610 47.91 10.39 -16.85
CA VAL C 610 46.49 10.11 -17.02
C VAL C 610 45.88 10.83 -18.19
N LEU C 611 45.23 10.05 -19.06
CA LEU C 611 44.58 10.55 -20.25
C LEU C 611 43.10 10.74 -20.04
N TYR C 612 42.64 11.97 -20.17
CA TYR C 612 41.23 12.22 -19.98
C TYR C 612 40.63 12.50 -21.35
N GLN C 613 39.74 11.63 -21.79
CA GLN C 613 39.16 11.72 -23.13
C GLN C 613 38.15 12.82 -23.23
N ASP C 614 38.06 13.42 -24.40
CA ASP C 614 37.09 14.45 -24.74
C ASP C 614 37.07 15.63 -23.77
N VAL C 615 38.22 16.05 -23.26
CA VAL C 615 38.23 17.18 -22.32
C VAL C 615 39.52 18.03 -22.41
N ASN C 616 39.37 19.33 -22.09
CA ASN C 616 40.40 20.36 -21.95
C ASN C 616 41.26 20.12 -20.70
N CYS C 617 42.57 20.41 -20.79
CA CYS C 617 43.57 20.29 -19.71
C CYS C 617 43.32 21.31 -18.61
N THR C 618 42.45 22.28 -18.89
CA THR C 618 42.08 23.32 -17.95
C THR C 618 40.97 22.83 -17.01
N GLU C 619 40.32 21.73 -17.38
CA GLU C 619 39.27 21.11 -16.57
C GLU C 619 39.80 19.92 -15.72
N VAL C 620 40.81 19.18 -16.25
CA VAL C 620 41.42 17.98 -15.65
C VAL C 620 42.87 18.24 -15.23
N THR C 638 46.85 18.85 -11.28
CA THR C 638 47.50 19.01 -12.56
C THR C 638 49.03 19.15 -12.32
N GLY C 639 49.83 18.32 -13.03
CA GLY C 639 51.30 18.29 -12.95
C GLY C 639 51.92 19.31 -13.91
N SER C 640 53.24 19.27 -14.02
CA SER C 640 53.94 20.22 -14.89
C SER C 640 53.99 19.79 -16.36
N ASN C 641 53.87 18.50 -16.63
CA ASN C 641 53.93 18.00 -18.00
C ASN C 641 52.53 17.73 -18.53
N VAL C 642 52.00 18.68 -19.30
CA VAL C 642 50.63 18.59 -19.76
C VAL C 642 50.49 18.63 -21.29
N PHE C 643 49.92 17.56 -21.84
CA PHE C 643 49.74 17.42 -23.27
C PHE C 643 48.27 17.40 -23.72
N GLN C 644 47.88 18.39 -24.52
CA GLN C 644 46.50 18.47 -24.98
C GLN C 644 46.30 17.94 -26.39
N THR C 645 45.58 16.84 -26.54
CA THR C 645 45.33 16.33 -27.89
C THR C 645 43.91 15.88 -28.14
N ARG C 646 43.66 15.42 -29.36
CA ARG C 646 42.35 14.93 -29.81
C ARG C 646 41.87 13.68 -29.11
N ALA C 647 42.81 12.93 -28.56
CA ALA C 647 42.52 11.71 -27.84
C ALA C 647 42.25 11.99 -26.37
N GLY C 648 42.39 13.26 -25.96
CA GLY C 648 42.24 13.63 -24.58
C GLY C 648 43.49 14.37 -24.07
N CYS C 649 43.42 14.85 -22.81
CA CYS C 649 44.52 15.58 -22.15
C CYS C 649 45.33 14.55 -21.36
N LEU C 650 46.62 14.45 -21.66
CA LEU C 650 47.47 13.50 -20.98
C LEU C 650 48.36 14.25 -19.97
N ILE C 651 48.11 14.02 -18.69
CA ILE C 651 48.84 14.73 -17.64
C ILE C 651 49.83 13.85 -16.92
N GLY C 652 51.09 14.29 -16.93
CA GLY C 652 52.21 13.52 -16.42
C GLY C 652 53.00 13.03 -17.62
N ALA C 653 52.83 13.76 -18.74
CA ALA C 653 53.47 13.44 -20.00
C ALA C 653 53.80 14.65 -20.87
N GLU C 654 54.79 14.45 -21.72
CA GLU C 654 55.32 15.40 -22.69
C GLU C 654 54.92 14.95 -24.11
N HIS C 655 55.33 15.71 -25.13
CA HIS C 655 55.03 15.36 -26.53
C HIS C 655 56.10 15.79 -27.52
N VAL C 656 56.33 14.91 -28.50
CA VAL C 656 57.28 15.08 -29.61
C VAL C 656 56.55 14.98 -30.97
N ASN C 657 56.89 15.88 -31.93
CA ASN C 657 56.28 16.02 -33.26
C ASN C 657 56.47 14.82 -34.21
N ASN C 658 57.52 14.00 -34.00
CA ASN C 658 57.90 12.83 -34.82
C ASN C 658 57.06 11.58 -34.51
N SER C 659 56.99 10.66 -35.49
CA SER C 659 56.30 9.41 -35.27
C SER C 659 57.25 8.35 -34.74
N TYR C 660 56.71 7.49 -33.89
CA TYR C 660 57.41 6.37 -33.24
C TYR C 660 56.62 5.08 -33.25
N GLU C 661 57.33 3.96 -33.11
CA GLU C 661 56.68 2.67 -32.99
C GLU C 661 55.85 2.76 -31.70
N CYS C 662 54.61 2.18 -31.70
CA CYS C 662 53.70 2.23 -30.56
C CYS C 662 54.15 1.28 -29.44
N ASP C 663 54.06 1.80 -28.24
CA ASP C 663 54.41 1.13 -27.01
C ASP C 663 53.12 1.15 -26.14
N ILE C 664 52.80 2.32 -25.56
CA ILE C 664 51.55 2.43 -24.79
C ILE C 664 50.52 3.41 -25.39
N PRO C 665 49.43 2.93 -25.98
CA PRO C 665 48.41 3.67 -26.70
C PRO C 665 47.73 4.83 -25.99
N ILE C 666 47.52 5.91 -26.71
CA ILE C 666 46.79 7.10 -26.26
C ILE C 666 45.39 7.12 -26.88
N GLY C 667 45.31 6.88 -28.18
CA GLY C 667 44.04 6.85 -28.88
C GLY C 667 44.04 7.70 -30.12
N ALA C 668 43.15 7.43 -31.06
CA ALA C 668 43.02 8.22 -32.28
C ALA C 668 44.36 8.39 -33.03
N GLY C 669 45.16 7.34 -33.14
CA GLY C 669 46.44 7.45 -33.86
C GLY C 669 47.61 8.03 -33.07
N ILE C 670 47.43 8.19 -31.77
CA ILE C 670 48.45 8.73 -30.90
C ILE C 670 48.89 7.61 -29.94
N CYS C 671 50.22 7.45 -29.69
CA CYS C 671 50.74 6.40 -28.79
C CYS C 671 52.00 6.89 -28.03
N ALA C 672 52.06 6.58 -26.73
CA ALA C 672 53.20 6.96 -25.89
C ALA C 672 54.35 5.97 -25.97
N SER C 673 55.54 6.45 -25.65
CA SER C 673 56.71 5.58 -25.52
C SER C 673 57.74 6.25 -24.60
N TYR C 674 58.85 5.57 -24.36
CA TYR C 674 59.84 6.10 -23.43
C TYR C 674 61.24 6.23 -24.00
N GLN C 675 61.89 7.31 -23.61
CA GLN C 675 63.28 7.61 -23.94
C GLN C 675 63.79 8.54 -22.85
N THR C 676 65.12 8.63 -22.61
CA THR C 676 65.75 9.50 -21.60
C THR C 676 65.23 10.97 -21.69
N SER C 689 65.81 9.46 -17.46
CA SER C 689 64.72 10.44 -17.50
C SER C 689 63.61 9.99 -18.48
N GLN C 690 63.07 8.76 -18.28
CA GLN C 690 62.02 8.13 -19.12
C GLN C 690 60.63 8.58 -18.76
N SER C 691 60.33 9.82 -19.11
CA SER C 691 59.04 10.39 -18.87
C SER C 691 58.09 9.81 -19.88
N ILE C 692 56.81 9.94 -19.66
CA ILE C 692 55.89 9.48 -20.67
C ILE C 692 55.84 10.52 -21.74
N ILE C 693 56.09 10.11 -22.98
CA ILE C 693 56.04 11.06 -24.06
C ILE C 693 55.07 10.58 -25.12
N ALA C 694 54.17 11.45 -25.52
CA ALA C 694 53.23 11.13 -26.56
C ALA C 694 53.89 11.35 -27.92
N TYR C 695 53.69 10.41 -28.83
CA TYR C 695 54.23 10.48 -30.17
C TYR C 695 53.17 10.16 -31.21
N THR C 696 53.39 10.58 -32.44
CA THR C 696 52.48 10.17 -33.50
C THR C 696 52.69 8.68 -33.72
N MET C 697 51.62 7.91 -33.88
CA MET C 697 51.81 6.49 -34.12
C MET C 697 52.35 6.24 -35.53
N SER C 698 53.45 5.49 -35.62
CA SER C 698 54.03 5.17 -36.94
C SER C 698 53.52 3.89 -37.58
N LEU C 699 52.93 3.00 -36.78
CA LEU C 699 52.49 1.65 -37.19
C LEU C 699 53.68 0.75 -37.53
N GLY C 700 54.86 1.11 -37.03
CA GLY C 700 56.08 0.33 -37.19
C GLY C 700 57.04 0.99 -38.16
N ALA C 701 58.23 0.44 -38.27
CA ALA C 701 59.19 0.98 -39.20
C ALA C 701 58.58 0.76 -40.56
N GLU C 702 58.71 1.69 -41.47
CA GLU C 702 58.10 1.47 -42.76
C GLU C 702 58.90 0.50 -43.62
N ASN C 703 58.21 -0.50 -44.17
CA ASN C 703 58.88 -1.45 -45.05
C ASN C 703 58.81 -0.86 -46.46
N SER C 704 59.60 0.19 -46.63
CA SER C 704 59.66 0.96 -47.85
C SER C 704 60.61 0.29 -48.81
N VAL C 705 60.13 -0.85 -49.30
CA VAL C 705 60.82 -1.78 -50.18
C VAL C 705 60.86 -1.31 -51.61
N ALA C 706 62.02 -1.46 -52.23
CA ALA C 706 62.14 -1.13 -53.63
C ALA C 706 61.69 -2.34 -54.40
N TYR C 707 60.99 -2.12 -55.50
CA TYR C 707 60.58 -3.21 -56.35
C TYR C 707 60.97 -2.86 -57.76
N SER C 708 61.24 -3.88 -58.58
CA SER C 708 61.56 -3.63 -59.97
C SER C 708 61.05 -4.78 -60.83
N ASN C 709 60.86 -4.51 -62.15
CA ASN C 709 60.31 -5.45 -63.14
C ASN C 709 61.28 -6.57 -63.57
N ASN C 710 62.54 -6.55 -63.08
CA ASN C 710 63.58 -7.53 -63.36
C ASN C 710 64.29 -8.09 -62.12
N SER C 711 63.69 -8.05 -60.91
CA SER C 711 64.42 -8.62 -59.76
C SER C 711 63.61 -9.41 -58.74
N ILE C 712 64.07 -10.65 -58.41
CA ILE C 712 63.38 -11.46 -57.41
C ILE C 712 64.20 -11.85 -56.20
N ALA C 713 63.63 -11.56 -55.03
CA ALA C 713 64.27 -11.96 -53.78
C ALA C 713 64.03 -13.44 -53.58
N ILE C 714 65.12 -14.19 -53.40
CA ILE C 714 65.06 -15.63 -53.22
C ILE C 714 65.85 -16.05 -51.98
N PRO C 715 65.26 -16.77 -51.00
CA PRO C 715 65.90 -17.24 -49.80
C PRO C 715 67.12 -18.14 -50.01
N THR C 716 68.11 -17.95 -49.15
CA THR C 716 69.36 -18.72 -49.09
C THR C 716 69.48 -19.59 -47.79
N ASN C 717 68.76 -19.17 -46.71
CA ASN C 717 68.69 -19.76 -45.38
C ASN C 717 67.22 -19.83 -44.99
N PHE C 718 66.87 -20.81 -44.13
CA PHE C 718 65.56 -20.96 -43.51
C PHE C 718 65.77 -21.48 -42.13
N THR C 719 64.77 -21.31 -41.31
CA THR C 719 64.75 -21.87 -39.99
C THR C 719 63.41 -22.55 -39.77
N ILE C 720 63.38 -23.37 -38.73
CA ILE C 720 62.15 -23.95 -38.31
C ILE C 720 61.71 -23.24 -37.07
N SER C 721 60.64 -22.50 -37.25
CA SER C 721 60.08 -21.67 -36.23
C SER C 721 59.02 -22.44 -35.56
N VAL C 722 58.87 -22.28 -34.26
CA VAL C 722 57.75 -22.96 -33.66
C VAL C 722 57.01 -21.90 -32.89
N THR C 723 55.72 -21.80 -33.13
CA THR C 723 54.95 -20.79 -32.41
C THR C 723 53.86 -21.45 -31.61
N THR C 724 53.19 -20.67 -30.80
CA THR C 724 52.14 -21.28 -30.01
C THR C 724 50.81 -20.60 -30.08
N GLU C 725 49.82 -21.45 -29.88
CA GLU C 725 48.44 -21.02 -29.73
C GLU C 725 47.78 -21.80 -28.63
N ILE C 726 46.97 -21.11 -27.86
CA ILE C 726 46.19 -21.77 -26.84
C ILE C 726 44.78 -21.35 -27.12
N LEU C 727 43.89 -22.32 -27.19
CA LEU C 727 42.52 -22.01 -27.49
C LEU C 727 41.66 -22.60 -26.37
N PRO C 728 40.52 -22.00 -26.03
CA PRO C 728 39.58 -22.54 -25.08
C PRO C 728 38.92 -23.74 -25.70
N VAL C 729 38.62 -24.70 -24.87
CA VAL C 729 37.86 -25.86 -25.25
C VAL C 729 36.63 -25.98 -24.40
N SER C 730 36.77 -25.73 -23.11
CA SER C 730 35.59 -25.91 -22.30
C SER C 730 35.50 -24.96 -21.15
N MET C 731 34.28 -24.69 -20.78
CA MET C 731 33.92 -23.89 -19.64
C MET C 731 33.66 -24.78 -18.48
N THR C 732 33.64 -24.19 -17.30
CA THR C 732 33.29 -24.89 -16.10
C THR C 732 31.89 -25.47 -16.29
N LYS C 733 31.71 -26.75 -15.98
CA LYS C 733 30.39 -27.35 -16.12
C LYS C 733 29.50 -26.99 -14.96
N THR C 734 29.05 -25.76 -15.02
CA THR C 734 28.25 -25.18 -13.99
C THR C 734 26.93 -25.87 -13.86
N SER C 735 26.62 -26.23 -12.63
CA SER C 735 25.37 -26.84 -12.29
C SER C 735 24.83 -26.12 -11.08
N VAL C 736 23.71 -25.44 -11.26
CA VAL C 736 23.17 -24.69 -10.17
C VAL C 736 21.84 -25.21 -9.81
N ASP C 737 21.69 -25.58 -8.56
CA ASP C 737 20.41 -26.00 -8.09
C ASP C 737 19.76 -24.71 -7.66
N CYS C 738 18.82 -24.18 -8.49
CA CYS C 738 18.19 -22.87 -8.31
C CYS C 738 17.23 -22.89 -7.12
N THR C 739 16.83 -24.08 -6.65
CA THR C 739 15.91 -24.05 -5.54
C THR C 739 16.77 -24.00 -4.30
N MET C 740 17.96 -24.57 -4.38
CA MET C 740 18.87 -24.52 -3.25
C MET C 740 19.45 -23.11 -3.11
N TYR C 741 19.91 -22.54 -4.24
CA TYR C 741 20.46 -21.20 -4.31
C TYR C 741 19.49 -20.18 -3.76
N ILE C 742 18.23 -20.26 -4.19
CA ILE C 742 17.20 -19.36 -3.73
C ILE C 742 16.69 -19.60 -2.27
N CYS C 743 16.42 -20.86 -1.85
CA CYS C 743 15.76 -21.19 -0.58
C CYS C 743 16.69 -21.48 0.60
N GLY C 744 17.86 -22.10 0.43
CA GLY C 744 18.57 -22.40 1.66
C GLY C 744 17.89 -23.52 2.48
N ASP C 745 17.29 -24.49 1.77
CA ASP C 745 16.54 -25.63 2.30
C ASP C 745 15.29 -25.29 3.13
N SER C 746 14.55 -24.27 2.71
CA SER C 746 13.29 -23.85 3.33
C SER C 746 12.05 -24.45 2.69
N THR C 747 11.21 -25.12 3.50
CA THR C 747 9.98 -25.75 3.01
C THR C 747 8.99 -24.72 2.49
N GLU C 748 8.84 -23.64 3.24
CA GLU C 748 7.90 -22.59 2.85
C GLU C 748 8.33 -21.93 1.51
N CYS C 749 9.66 -21.73 1.31
CA CYS C 749 10.24 -21.19 0.09
C CYS C 749 9.92 -22.11 -1.08
N SER C 750 10.12 -23.42 -0.92
CA SER C 750 9.89 -24.35 -2.01
C SER C 750 8.44 -24.22 -2.50
N ASN C 751 7.50 -24.11 -1.55
CA ASN C 751 6.09 -23.96 -1.91
C ASN C 751 5.84 -22.64 -2.65
N LEU C 752 6.65 -21.62 -2.33
CA LEU C 752 6.56 -20.35 -3.00
C LEU C 752 7.34 -20.35 -4.33
N LEU C 753 8.36 -21.19 -4.49
CA LEU C 753 9.14 -21.16 -5.72
C LEU C 753 8.26 -21.62 -6.86
N LEU C 754 7.38 -22.54 -6.53
CA LEU C 754 6.47 -23.14 -7.50
C LEU C 754 5.53 -22.10 -8.11
N GLN C 755 5.38 -20.96 -7.45
CA GLN C 755 4.48 -19.92 -7.89
C GLN C 755 4.99 -19.27 -9.16
N TYR C 756 6.31 -19.34 -9.40
CA TYR C 756 6.84 -18.70 -10.58
C TYR C 756 7.02 -19.73 -11.71
N GLY C 757 6.51 -20.95 -11.49
CA GLY C 757 6.61 -21.97 -12.51
C GLY C 757 8.03 -22.42 -12.88
N SER C 758 8.33 -22.29 -14.17
CA SER C 758 9.60 -22.71 -14.78
C SER C 758 10.66 -21.64 -15.10
N PHE C 759 10.58 -20.44 -14.51
CA PHE C 759 11.60 -19.44 -14.87
C PHE C 759 13.08 -19.90 -14.70
N CYS C 760 13.43 -20.70 -13.63
CA CYS C 760 14.80 -21.24 -13.45
C CYS C 760 14.85 -22.71 -13.88
N THR C 761 13.70 -23.38 -14.01
CA THR C 761 13.71 -24.77 -14.41
C THR C 761 14.34 -24.87 -15.80
N GLN C 762 14.01 -23.89 -16.65
CA GLN C 762 14.55 -23.85 -18.00
C GLN C 762 16.06 -23.59 -18.01
N LEU C 763 16.60 -23.07 -16.92
CA LEU C 763 18.00 -22.76 -16.83
C LEU C 763 18.70 -23.99 -16.33
N ASN C 764 17.99 -24.79 -15.54
CA ASN C 764 18.62 -26.01 -15.09
C ASN C 764 18.85 -26.83 -16.35
N ARG C 765 17.88 -26.74 -17.29
CA ARG C 765 17.98 -27.42 -18.56
C ARG C 765 19.09 -26.80 -19.43
N ALA C 766 19.16 -25.46 -19.49
CA ALA C 766 20.18 -24.81 -20.29
C ALA C 766 21.58 -25.11 -19.79
N LEU C 767 21.77 -25.16 -18.47
CA LEU C 767 23.08 -25.43 -17.90
C LEU C 767 23.49 -26.84 -18.20
N THR C 768 22.53 -27.77 -18.16
CA THR C 768 22.85 -29.14 -18.50
C THR C 768 23.27 -29.18 -19.95
N GLY C 769 22.51 -28.48 -20.81
CA GLY C 769 22.78 -28.44 -22.23
C GLY C 769 24.15 -27.86 -22.52
N ILE C 770 24.55 -26.83 -21.77
CA ILE C 770 25.86 -26.24 -21.95
C ILE C 770 26.90 -27.26 -21.57
N ALA C 771 26.75 -27.94 -20.43
CA ALA C 771 27.76 -28.91 -20.05
C ALA C 771 27.92 -29.99 -21.12
N VAL C 772 26.80 -30.40 -21.74
CA VAL C 772 26.85 -31.39 -22.80
C VAL C 772 27.57 -30.87 -24.01
N GLU C 773 27.29 -29.62 -24.40
CA GLU C 773 27.95 -29.02 -25.54
C GLU C 773 29.45 -28.90 -25.29
N GLN C 774 29.84 -28.61 -24.05
CA GLN C 774 31.25 -28.46 -23.72
C GLN C 774 31.95 -29.83 -23.80
N ASP C 775 31.24 -30.93 -23.50
CA ASP C 775 31.82 -32.28 -23.65
C ASP C 775 31.95 -32.64 -25.13
N LYS C 776 30.96 -32.23 -25.92
CA LYS C 776 31.00 -32.51 -27.35
C LYS C 776 32.16 -31.77 -27.98
N ASN C 777 32.41 -30.55 -27.51
CA ASN C 777 33.48 -29.74 -28.02
C ASN C 777 34.83 -30.30 -27.63
N THR C 778 34.93 -30.88 -26.43
CA THR C 778 36.16 -31.50 -26.00
C THR C 778 36.45 -32.67 -26.92
N GLN C 779 35.42 -33.44 -27.25
CA GLN C 779 35.62 -34.55 -28.17
C GLN C 779 35.96 -34.08 -29.57
N GLU C 780 35.37 -33.00 -30.06
CA GLU C 780 35.72 -32.61 -31.42
C GLU C 780 37.18 -32.20 -31.52
N VAL C 781 37.69 -31.47 -30.54
CA VAL C 781 39.06 -31.07 -30.67
C VAL C 781 40.07 -32.18 -30.33
N PHE C 782 39.81 -33.02 -29.34
CA PHE C 782 40.83 -34.02 -29.01
C PHE C 782 40.64 -35.39 -29.65
N ALA C 783 39.43 -35.78 -30.01
CA ALA C 783 39.21 -37.10 -30.58
C ALA C 783 39.43 -37.10 -32.09
N GLN C 784 40.65 -36.74 -32.48
CA GLN C 784 41.08 -36.67 -33.87
C GLN C 784 41.75 -37.97 -34.30
N VAL C 785 41.86 -38.86 -33.36
CA VAL C 785 42.43 -40.17 -33.52
C VAL C 785 41.29 -41.13 -33.18
N LYS C 786 41.07 -42.13 -34.02
CA LYS C 786 39.95 -43.05 -33.81
C LYS C 786 39.97 -43.79 -32.48
N GLN C 787 41.14 -44.25 -32.10
CA GLN C 787 41.37 -45.00 -30.87
C GLN C 787 42.69 -44.53 -30.32
N ILE C 788 42.91 -44.66 -29.04
CA ILE C 788 44.24 -44.30 -28.60
C ILE C 788 45.35 -45.21 -29.20
N TYR C 789 46.41 -44.57 -29.69
CA TYR C 789 47.63 -45.17 -30.29
C TYR C 789 48.79 -44.82 -29.41
N LYS C 790 49.85 -45.60 -29.49
CA LYS C 790 51.02 -45.31 -28.68
C LYS C 790 52.26 -45.04 -29.54
N THR C 791 53.22 -44.34 -28.93
CA THR C 791 54.51 -44.05 -29.54
C THR C 791 55.28 -45.36 -29.52
N PRO C 792 56.36 -45.52 -30.30
CA PRO C 792 57.19 -46.68 -30.25
C PRO C 792 57.91 -46.67 -28.91
N PRO C 793 58.35 -47.83 -28.39
CA PRO C 793 59.13 -47.98 -27.17
C PRO C 793 60.52 -47.34 -27.30
N ILE C 794 60.96 -47.17 -28.53
CA ILE C 794 62.25 -46.58 -28.79
C ILE C 794 62.02 -45.26 -29.51
N LYS C 795 62.49 -44.18 -28.92
CA LYS C 795 62.23 -42.85 -29.47
C LYS C 795 63.18 -42.44 -30.59
N ASP C 796 63.04 -43.12 -31.73
CA ASP C 796 63.88 -42.88 -32.90
C ASP C 796 63.29 -41.72 -33.67
N PHE C 797 63.50 -40.55 -33.10
CA PHE C 797 62.90 -39.30 -33.55
C PHE C 797 63.85 -38.38 -34.31
N GLY C 798 64.98 -38.90 -34.78
CA GLY C 798 65.86 -38.10 -35.64
C GLY C 798 66.61 -36.96 -34.95
N GLY C 799 66.82 -37.07 -33.65
CA GLY C 799 67.50 -36.00 -32.92
C GLY C 799 66.54 -34.93 -32.40
N PHE C 800 65.23 -35.12 -32.60
CA PHE C 800 64.24 -34.18 -32.12
C PHE C 800 63.78 -34.50 -30.70
N ASN C 801 63.71 -33.46 -29.85
CA ASN C 801 63.32 -33.54 -28.43
C ASN C 801 61.79 -33.49 -28.29
N PHE C 802 61.11 -34.55 -28.79
CA PHE C 802 59.63 -34.68 -28.77
C PHE C 802 59.19 -35.09 -27.37
N SER C 803 60.15 -35.53 -26.57
CA SER C 803 59.97 -35.94 -25.19
C SER C 803 59.64 -34.74 -24.32
N GLN C 804 59.86 -33.53 -24.85
CA GLN C 804 59.58 -32.28 -24.17
C GLN C 804 58.16 -31.79 -24.44
N ILE C 805 57.47 -32.54 -25.31
CA ILE C 805 56.12 -32.29 -25.76
C ILE C 805 55.18 -33.37 -25.19
N LEU C 806 55.61 -34.64 -25.35
CA LEU C 806 54.95 -35.87 -24.89
C LEU C 806 54.89 -35.90 -23.36
N PRO C 807 53.86 -36.50 -22.74
CA PRO C 807 53.71 -36.61 -21.30
C PRO C 807 54.73 -37.53 -20.68
N ASP C 808 55.14 -37.23 -19.44
CA ASP C 808 56.07 -38.06 -18.70
C ASP C 808 55.35 -39.11 -17.84
N PRO C 809 55.40 -40.41 -18.19
CA PRO C 809 54.66 -41.50 -17.55
C PRO C 809 55.15 -41.82 -16.15
N SER C 810 56.31 -41.31 -15.76
CA SER C 810 56.87 -41.65 -14.45
C SER C 810 56.36 -40.75 -13.33
N LYS C 811 55.66 -39.67 -13.69
CA LYS C 811 55.22 -38.73 -12.68
C LYS C 811 53.80 -39.02 -12.17
N PRO C 812 53.41 -38.53 -10.95
CA PRO C 812 52.06 -38.60 -10.37
C PRO C 812 51.01 -37.94 -11.25
N SER C 813 51.46 -37.03 -12.10
CA SER C 813 50.64 -36.29 -13.03
C SER C 813 51.34 -36.47 -14.36
N LYS C 814 50.73 -37.24 -15.25
CA LYS C 814 51.37 -37.62 -16.51
C LYS C 814 51.23 -36.54 -17.56
N ARG C 815 52.03 -35.52 -17.38
CA ARG C 815 52.04 -34.31 -18.19
C ARG C 815 53.43 -34.05 -18.73
N SER C 816 53.49 -33.28 -19.82
CA SER C 816 54.76 -32.86 -20.39
C SER C 816 55.14 -31.51 -19.78
N PRO C 817 56.38 -31.04 -19.86
CA PRO C 817 56.78 -29.73 -19.34
C PRO C 817 55.89 -28.61 -19.84
N ILE C 818 55.44 -28.69 -21.08
CA ILE C 818 54.57 -27.67 -21.66
C ILE C 818 53.23 -27.67 -20.97
N GLU C 819 52.69 -28.88 -20.81
CA GLU C 819 51.40 -29.04 -20.16
C GLU C 819 51.45 -28.55 -18.71
N ASP C 820 52.55 -28.80 -18.01
CA ASP C 820 52.68 -28.35 -16.62
C ASP C 820 52.85 -26.86 -16.51
N LEU C 821 53.57 -26.24 -17.43
CA LEU C 821 53.74 -24.80 -17.33
C LEU C 821 52.42 -24.09 -17.50
N LEU C 822 51.56 -24.57 -18.37
CA LEU C 822 50.26 -23.92 -18.48
C LEU C 822 49.34 -24.35 -17.31
N PHE C 823 49.32 -25.65 -17.03
CA PHE C 823 48.41 -26.22 -16.02
C PHE C 823 48.57 -25.64 -14.63
N ASN C 824 49.80 -25.48 -14.17
CA ASN C 824 50.02 -25.03 -12.81
C ASN C 824 50.07 -23.50 -12.68
N LYS C 825 49.80 -22.79 -13.77
CA LYS C 825 49.78 -21.34 -13.72
C LYS C 825 48.37 -20.80 -13.96
N VAL C 826 47.60 -21.51 -14.77
CA VAL C 826 46.23 -21.15 -15.09
C VAL C 826 45.28 -21.59 -13.95
N THR C 827 44.41 -20.66 -13.49
CA THR C 827 43.46 -20.85 -12.38
C THR C 827 42.01 -20.81 -12.88
N LYS C 854 28.80 -23.87 -3.48
CA LYS C 854 29.12 -24.81 -2.41
C LYS C 854 27.77 -25.14 -1.70
N PHE C 855 27.45 -24.46 -0.56
CA PHE C 855 26.20 -24.63 0.20
C PHE C 855 25.16 -23.68 -0.37
N ASN C 856 25.60 -22.98 -1.39
CA ASN C 856 24.81 -22.02 -2.13
C ASN C 856 24.19 -22.69 -3.36
N GLY C 857 24.35 -24.01 -3.50
CA GLY C 857 23.71 -24.72 -4.63
C GLY C 857 24.54 -24.77 -5.89
N LEU C 858 25.74 -24.23 -5.83
CA LEU C 858 26.63 -24.24 -6.99
C LEU C 858 27.70 -25.29 -6.92
N THR C 859 27.65 -26.20 -7.89
CA THR C 859 28.62 -27.27 -7.98
C THR C 859 29.14 -27.31 -9.41
N VAL C 860 30.20 -28.08 -9.61
CA VAL C 860 30.77 -28.26 -10.93
C VAL C 860 30.83 -29.73 -11.26
N LEU C 861 30.30 -30.09 -12.41
CA LEU C 861 30.30 -31.46 -12.82
C LEU C 861 31.67 -31.82 -13.38
N PRO C 862 32.14 -33.07 -13.21
CA PRO C 862 33.38 -33.55 -13.76
C PRO C 862 33.22 -33.86 -15.26
N PRO C 863 34.30 -33.88 -16.03
CA PRO C 863 34.36 -34.40 -17.38
C PRO C 863 34.38 -35.89 -17.26
N LEU C 864 33.93 -36.63 -18.27
CA LEU C 864 34.20 -38.06 -18.24
C LEU C 864 35.66 -38.28 -18.58
N LEU C 865 36.13 -37.52 -19.57
CA LEU C 865 37.50 -37.66 -20.05
C LEU C 865 38.33 -36.63 -19.28
N THR C 866 39.18 -37.12 -18.41
CA THR C 866 39.99 -36.29 -17.52
C THR C 866 41.17 -35.71 -18.25
N ASP C 867 41.86 -34.76 -17.63
CA ASP C 867 43.02 -34.16 -18.27
C ASP C 867 44.09 -35.18 -18.61
N GLU C 868 44.25 -36.17 -17.75
CA GLU C 868 45.25 -37.20 -17.97
C GLU C 868 44.83 -38.03 -19.18
N MET C 869 43.54 -38.34 -19.27
CA MET C 869 43.03 -39.08 -20.41
C MET C 869 43.11 -38.25 -21.71
N ILE C 870 42.97 -36.93 -21.59
CA ILE C 870 43.13 -36.09 -22.76
C ILE C 870 44.56 -36.20 -23.20
N ALA C 871 45.49 -36.12 -22.25
CA ALA C 871 46.90 -36.23 -22.53
C ALA C 871 47.22 -37.57 -23.19
N GLN C 872 46.50 -38.63 -22.80
CA GLN C 872 46.68 -39.95 -23.39
C GLN C 872 46.23 -39.95 -24.88
N TYR C 873 45.11 -39.28 -25.21
CA TYR C 873 44.74 -39.20 -26.64
C TYR C 873 45.71 -38.29 -27.38
N THR C 874 46.18 -37.27 -26.67
CA THR C 874 47.11 -36.33 -27.24
C THR C 874 48.39 -37.08 -27.59
N SER C 875 48.83 -37.97 -26.69
CA SER C 875 50.02 -38.77 -26.90
C SER C 875 49.83 -39.58 -28.16
N ALA C 876 48.64 -40.15 -28.36
CA ALA C 876 48.37 -40.90 -29.60
C ALA C 876 48.50 -40.04 -30.85
N LEU C 877 48.02 -38.81 -30.79
CA LEU C 877 48.14 -37.90 -31.91
C LEU C 877 49.58 -37.51 -32.15
N LEU C 878 50.34 -37.37 -31.06
CA LEU C 878 51.74 -37.07 -31.15
C LEU C 878 52.44 -38.27 -31.75
N ALA C 879 52.04 -39.48 -31.35
CA ALA C 879 52.66 -40.68 -31.89
C ALA C 879 52.42 -40.74 -33.37
N GLY C 880 51.22 -40.35 -33.76
CA GLY C 880 50.83 -40.34 -35.14
C GLY C 880 51.67 -39.40 -35.96
N THR C 881 51.69 -38.13 -35.59
CA THR C 881 52.47 -37.22 -36.41
C THR C 881 53.97 -37.45 -36.33
N ILE C 882 54.48 -37.97 -35.22
CA ILE C 882 55.90 -38.21 -35.10
C ILE C 882 56.36 -39.43 -35.90
N THR C 883 55.66 -40.57 -35.82
CA THR C 883 56.13 -41.77 -36.52
C THR C 883 55.29 -42.30 -37.71
N SER C 884 54.05 -41.83 -37.88
CA SER C 884 53.22 -42.25 -39.02
C SER C 884 53.20 -41.17 -40.08
N GLY C 885 53.24 -39.93 -39.64
CA GLY C 885 53.16 -38.79 -40.54
C GLY C 885 51.70 -38.48 -40.90
N TRP C 886 51.50 -37.70 -41.95
CA TRP C 886 50.16 -37.22 -42.36
C TRP C 886 49.16 -38.33 -42.67
N THR C 887 49.67 -39.50 -43.06
CA THR C 887 48.87 -40.63 -43.46
C THR C 887 48.12 -41.25 -42.30
N PHE C 888 48.48 -40.86 -41.09
CA PHE C 888 47.87 -41.34 -39.86
C PHE C 888 46.37 -41.05 -39.85
N GLY C 889 45.96 -40.00 -40.56
CA GLY C 889 44.57 -39.61 -40.56
C GLY C 889 43.58 -40.67 -41.07
N ALA C 890 43.94 -41.55 -42.03
CA ALA C 890 42.91 -42.49 -42.50
C ALA C 890 43.50 -43.81 -42.91
N GLY C 891 42.69 -44.86 -42.80
CA GLY C 891 43.13 -46.21 -43.13
C GLY C 891 43.89 -46.65 -41.90
N PRO C 892 44.56 -47.80 -41.93
CA PRO C 892 45.36 -48.31 -40.84
C PRO C 892 46.48 -47.31 -40.61
N ALA C 893 46.97 -47.15 -39.39
CA ALA C 893 48.09 -46.22 -39.23
C ALA C 893 49.27 -46.78 -39.98
N LEU C 894 49.96 -45.91 -40.70
CA LEU C 894 51.12 -46.31 -41.47
C LEU C 894 52.38 -45.97 -40.76
N GLN C 895 53.45 -46.60 -41.18
CA GLN C 895 54.72 -46.31 -40.59
C GLN C 895 55.61 -45.62 -41.60
N ILE C 896 56.17 -44.46 -41.23
CA ILE C 896 57.13 -43.75 -42.09
C ILE C 896 58.36 -43.30 -41.24
N PRO C 897 59.61 -43.59 -41.61
CA PRO C 897 60.77 -43.19 -40.81
C PRO C 897 60.66 -41.69 -40.59
N PHE C 898 60.92 -41.27 -39.38
CA PHE C 898 60.80 -39.82 -39.18
C PHE C 898 61.65 -39.01 -40.19
N PRO C 899 62.95 -39.30 -40.42
CA PRO C 899 63.76 -38.61 -41.43
C PRO C 899 63.14 -38.57 -42.83
N MET C 900 62.36 -39.60 -43.20
CA MET C 900 61.77 -39.59 -44.51
C MET C 900 60.48 -38.82 -44.50
N GLN C 901 59.84 -38.73 -43.31
CA GLN C 901 58.63 -37.94 -43.21
C GLN C 901 59.05 -36.53 -43.41
N MET C 902 60.23 -36.16 -42.88
CA MET C 902 60.71 -34.80 -43.04
C MET C 902 61.00 -34.49 -44.50
N ALA C 903 61.62 -35.43 -45.24
CA ALA C 903 61.87 -35.13 -46.64
C ALA C 903 60.54 -34.84 -47.34
N TYR C 904 59.51 -35.61 -46.97
CA TYR C 904 58.18 -35.40 -47.51
C TYR C 904 57.61 -34.07 -47.06
N ARG C 905 57.70 -33.74 -45.77
CA ARG C 905 57.11 -32.53 -45.20
C ARG C 905 57.63 -31.30 -45.91
N PHE C 906 58.92 -31.29 -46.26
CA PHE C 906 59.46 -30.14 -46.98
C PHE C 906 58.94 -30.15 -48.42
N ASN C 907 58.90 -31.31 -49.09
CA ASN C 907 58.39 -31.31 -50.46
C ASN C 907 56.91 -30.94 -50.49
N GLY C 908 56.21 -31.27 -49.40
CA GLY C 908 54.79 -31.05 -49.17
C GLY C 908 54.42 -29.58 -49.08
N ILE C 909 55.42 -28.71 -48.89
CA ILE C 909 55.22 -27.28 -48.81
C ILE C 909 55.93 -26.54 -49.95
N GLY C 910 56.38 -27.27 -50.97
CA GLY C 910 57.07 -26.61 -52.07
C GLY C 910 58.54 -26.32 -51.81
N VAL C 911 59.13 -27.02 -50.83
CA VAL C 911 60.52 -26.84 -50.47
C VAL C 911 61.28 -28.09 -50.78
N THR C 912 62.29 -28.00 -51.58
CA THR C 912 62.99 -29.21 -51.90
C THR C 912 63.56 -29.93 -50.69
N GLN C 913 63.41 -31.25 -50.69
CA GLN C 913 63.93 -32.15 -49.66
C GLN C 913 65.44 -32.09 -49.53
N ASN C 914 66.10 -31.46 -50.50
CA ASN C 914 67.54 -31.31 -50.52
C ASN C 914 67.97 -30.54 -49.28
N VAL C 915 67.07 -29.74 -48.70
CA VAL C 915 67.40 -28.98 -47.52
C VAL C 915 67.62 -29.91 -46.35
N LEU C 916 66.89 -31.04 -46.30
CA LEU C 916 67.02 -31.94 -45.18
C LEU C 916 68.37 -32.61 -45.19
N TYR C 917 68.82 -32.99 -46.37
CA TYR C 917 70.07 -33.72 -46.43
C TYR C 917 71.26 -32.79 -46.21
N GLU C 918 71.16 -31.56 -46.69
CA GLU C 918 72.22 -30.58 -46.49
C GLU C 918 72.24 -30.02 -45.07
N ASN C 919 71.05 -29.88 -44.46
CA ASN C 919 70.90 -29.28 -43.16
C ASN C 919 70.22 -30.19 -42.12
N GLN C 920 70.54 -31.48 -42.13
CA GLN C 920 69.88 -32.41 -41.20
C GLN C 920 70.06 -32.01 -39.74
N LYS C 921 71.26 -31.52 -39.39
CA LYS C 921 71.52 -31.12 -38.01
C LYS C 921 70.76 -29.86 -37.66
N LEU C 922 70.71 -28.91 -38.60
CA LEU C 922 70.02 -27.64 -38.40
C LEU C 922 68.58 -27.91 -38.12
N ILE C 923 68.00 -28.80 -38.87
CA ILE C 923 66.60 -29.08 -38.72
C ILE C 923 66.27 -29.60 -37.33
N ALA C 924 67.01 -30.59 -36.82
CA ALA C 924 66.71 -31.03 -35.46
C ALA C 924 67.03 -29.96 -34.42
N ASN C 925 68.12 -29.22 -34.63
CA ASN C 925 68.58 -28.26 -33.64
C ASN C 925 67.72 -27.01 -33.58
N GLN C 926 67.26 -26.55 -34.72
CA GLN C 926 66.45 -25.35 -34.80
C GLN C 926 65.09 -25.63 -34.21
N PHE C 927 64.55 -26.82 -34.47
CA PHE C 927 63.28 -27.20 -33.86
C PHE C 927 63.43 -27.26 -32.36
N ASN C 928 64.47 -27.94 -31.88
CA ASN C 928 64.67 -28.12 -30.45
C ASN C 928 64.90 -26.80 -29.76
N SER C 929 65.59 -25.89 -30.44
CA SER C 929 65.85 -24.57 -29.91
C SER C 929 64.55 -23.85 -29.73
N ALA C 930 63.68 -23.91 -30.75
CA ALA C 930 62.38 -23.27 -30.67
C ALA C 930 61.54 -23.84 -29.54
N ILE C 931 61.59 -25.15 -29.32
CA ILE C 931 60.78 -25.72 -28.23
C ILE C 931 61.30 -25.23 -26.90
N GLY C 932 62.62 -25.20 -26.74
CA GLY C 932 63.17 -24.72 -25.49
C GLY C 932 62.76 -23.28 -25.24
N LYS C 933 62.75 -22.45 -26.30
CA LYS C 933 62.34 -21.06 -26.17
C LYS C 933 60.89 -20.95 -25.77
N ILE C 934 60.04 -21.83 -26.30
CA ILE C 934 58.64 -21.85 -25.93
C ILE C 934 58.48 -22.19 -24.48
N GLN C 935 59.20 -23.20 -24.00
CA GLN C 935 59.07 -23.55 -22.60
C GLN C 935 59.55 -22.40 -21.72
N ASP C 936 60.63 -21.71 -22.14
CA ASP C 936 61.17 -20.59 -21.37
C ASP C 936 60.18 -19.42 -21.32
N SER C 937 59.48 -19.18 -22.43
CA SER C 937 58.47 -18.13 -22.47
C SER C 937 57.30 -18.48 -21.56
N LEU C 938 56.80 -19.72 -21.66
CA LEU C 938 55.63 -20.11 -20.88
C LEU C 938 55.91 -19.99 -19.37
N SER C 939 57.14 -20.33 -18.97
CA SER C 939 57.54 -20.31 -17.56
C SER C 939 57.93 -18.93 -17.02
N SER C 940 58.12 -17.92 -17.88
CA SER C 940 58.62 -16.62 -17.40
C SER C 940 57.74 -15.43 -17.74
N THR C 941 56.84 -15.60 -18.68
CA THR C 941 55.99 -14.55 -19.17
C THR C 941 54.53 -14.94 -18.97
N PRO C 942 53.89 -14.59 -17.85
CA PRO C 942 52.53 -14.98 -17.51
C PRO C 942 51.52 -14.64 -18.61
N SER C 943 51.79 -13.58 -19.37
CA SER C 943 50.88 -13.17 -20.45
C SER C 943 50.85 -14.21 -21.59
N ALA C 944 51.88 -15.07 -21.65
CA ALA C 944 52.00 -16.13 -22.66
C ALA C 944 50.92 -17.15 -22.49
N LEU C 945 50.37 -17.23 -21.29
CA LEU C 945 49.37 -18.20 -20.94
C LEU C 945 47.98 -17.54 -20.97
N GLY C 946 47.94 -16.24 -21.26
CA GLY C 946 46.78 -15.34 -21.19
C GLY C 946 45.63 -15.80 -22.06
N LYS C 947 45.95 -16.45 -23.15
CA LYS C 947 44.95 -16.95 -24.05
C LYS C 947 43.97 -17.88 -23.32
N LEU C 948 44.46 -18.60 -22.30
CA LEU C 948 43.60 -19.47 -21.52
C LEU C 948 43.33 -18.87 -20.14
N GLN C 949 44.28 -18.11 -19.58
CA GLN C 949 44.10 -17.59 -18.23
C GLN C 949 42.86 -16.68 -18.19
N ASP C 950 42.60 -15.96 -19.28
CA ASP C 950 41.44 -15.10 -19.32
C ASP C 950 40.17 -15.93 -19.37
N VAL C 951 40.22 -17.10 -20.00
CA VAL C 951 39.05 -17.94 -20.15
C VAL C 951 38.62 -18.50 -18.81
N VAL C 952 39.59 -18.98 -18.05
CA VAL C 952 39.27 -19.55 -16.77
C VAL C 952 38.83 -18.46 -15.80
N ASN C 953 39.43 -17.27 -15.90
CA ASN C 953 39.04 -16.21 -15.01
C ASN C 953 37.66 -15.69 -15.34
N GLN C 954 37.29 -15.62 -16.62
CA GLN C 954 35.96 -15.12 -16.95
C GLN C 954 34.89 -16.03 -16.41
N ASN C 955 35.11 -17.34 -16.46
CA ASN C 955 34.09 -18.24 -15.96
C ASN C 955 34.07 -18.22 -14.43
N ALA C 956 35.24 -18.14 -13.80
CA ALA C 956 35.30 -18.12 -12.35
C ALA C 956 34.65 -16.85 -11.81
N GLN C 957 34.86 -15.74 -12.49
CA GLN C 957 34.32 -14.47 -12.07
C GLN C 957 32.82 -14.46 -12.23
N ALA C 958 32.32 -15.05 -13.32
CA ALA C 958 30.89 -15.09 -13.52
C ALA C 958 30.20 -15.90 -12.42
N LEU C 959 30.84 -16.98 -11.99
CA LEU C 959 30.28 -17.79 -10.93
C LEU C 959 30.42 -17.15 -9.57
N ASN C 960 31.53 -16.43 -9.36
CA ASN C 960 31.73 -15.78 -8.09
C ASN C 960 30.70 -14.67 -7.97
N THR C 961 30.34 -14.06 -9.11
CA THR C 961 29.31 -13.03 -9.19
C THR C 961 27.96 -13.61 -8.82
N LEU C 962 27.62 -14.81 -9.32
CA LEU C 962 26.33 -15.36 -8.93
C LEU C 962 26.28 -15.54 -7.43
N VAL C 963 27.38 -15.98 -6.83
CA VAL C 963 27.39 -16.14 -5.40
C VAL C 963 27.36 -14.81 -4.67
N LYS C 964 28.20 -13.85 -5.06
CA LYS C 964 28.23 -12.57 -4.34
C LYS C 964 26.89 -11.87 -4.38
N GLN C 965 26.17 -11.97 -5.48
CA GLN C 965 24.90 -11.30 -5.65
C GLN C 965 23.78 -11.90 -4.83
N LEU C 966 24.00 -13.07 -4.22
CA LEU C 966 22.93 -13.67 -3.43
C LEU C 966 22.70 -12.79 -2.21
N SER C 967 23.74 -12.03 -1.81
CA SER C 967 23.66 -11.18 -0.64
C SER C 967 22.89 -9.88 -0.91
N SER C 968 22.54 -9.63 -2.18
CA SER C 968 21.81 -8.42 -2.53
C SER C 968 20.34 -8.67 -2.29
N ASN C 969 19.63 -7.66 -1.85
CA ASN C 969 18.21 -7.81 -1.67
C ASN C 969 17.43 -7.27 -2.86
N PHE C 970 18.11 -6.68 -3.83
CA PHE C 970 17.46 -6.10 -5.00
C PHE C 970 16.35 -5.11 -4.59
N GLY C 971 16.58 -4.41 -3.48
CA GLY C 971 15.68 -3.43 -2.87
C GLY C 971 14.62 -4.05 -1.93
N ALA C 972 14.63 -5.37 -1.77
CA ALA C 972 13.70 -6.12 -0.93
C ALA C 972 14.04 -5.87 0.53
N ILE C 973 13.10 -6.17 1.41
CA ILE C 973 13.30 -5.98 2.85
C ILE C 973 14.52 -6.72 3.41
N SER C 974 14.90 -7.81 2.77
CA SER C 974 16.03 -8.62 3.20
C SER C 974 16.62 -9.41 2.04
N SER C 975 17.93 -9.65 2.12
CA SER C 975 18.67 -10.44 1.14
C SER C 975 18.58 -11.93 1.38
N VAL C 976 18.08 -12.30 2.54
CA VAL C 976 17.98 -13.70 2.89
C VAL C 976 16.53 -14.08 2.83
N LEU C 977 16.20 -14.99 1.94
CA LEU C 977 14.80 -15.33 1.73
C LEU C 977 14.19 -15.81 3.00
N ASN C 978 14.91 -16.66 3.71
CA ASN C 978 14.43 -17.26 4.93
C ASN C 978 14.22 -16.22 6.03
N ASP C 979 14.94 -15.10 5.95
CA ASP C 979 14.80 -14.04 6.91
C ASP C 979 13.51 -13.33 6.60
N ILE C 980 13.16 -13.21 5.32
CA ILE C 980 11.94 -12.54 4.92
C ILE C 980 10.76 -13.36 5.45
N LEU C 981 10.88 -14.67 5.28
CA LEU C 981 9.82 -15.61 5.63
C LEU C 981 9.58 -15.59 7.14
N SER C 982 10.63 -15.61 7.97
CA SER C 982 10.42 -15.55 9.41
C SER C 982 10.02 -14.14 9.92
N ARG C 983 10.55 -13.09 9.26
CA ARG C 983 10.30 -11.69 9.60
C ARG C 983 8.88 -11.20 9.37
N LEU C 984 8.30 -11.54 8.23
CA LEU C 984 6.99 -11.05 7.87
C LEU C 984 5.89 -12.10 7.93
N ASP C 985 4.68 -11.68 8.25
CA ASP C 985 3.56 -12.61 8.21
C ASP C 985 3.50 -13.14 6.78
N PRO C 986 3.19 -14.43 6.54
CA PRO C 986 3.17 -15.08 5.23
C PRO C 986 2.67 -14.21 4.05
N PRO C 987 1.49 -13.54 4.02
CA PRO C 987 1.07 -12.76 2.86
C PRO C 987 1.98 -11.57 2.53
N GLU C 988 2.73 -11.08 3.52
CA GLU C 988 3.64 -9.97 3.29
C GLU C 988 4.97 -10.55 2.83
N ALA C 989 5.29 -11.72 3.40
CA ALA C 989 6.50 -12.41 3.07
C ALA C 989 6.45 -12.82 1.62
N GLU C 990 5.27 -13.21 1.14
CA GLU C 990 5.14 -13.64 -0.25
C GLU C 990 5.58 -12.56 -1.20
N VAL C 991 5.28 -11.31 -0.89
CA VAL C 991 5.64 -10.23 -1.77
C VAL C 991 7.14 -9.97 -1.75
N GLN C 992 7.72 -9.93 -0.57
CA GLN C 992 9.14 -9.66 -0.47
C GLN C 992 9.98 -10.83 -0.98
N ILE C 993 9.45 -12.05 -0.83
CA ILE C 993 10.09 -13.25 -1.32
C ILE C 993 10.01 -13.25 -2.82
N ASP C 994 8.87 -12.91 -3.41
CA ASP C 994 8.78 -12.87 -4.86
C ASP C 994 9.78 -11.86 -5.40
N ARG C 995 9.98 -10.74 -4.70
CA ARG C 995 10.92 -9.74 -5.15
C ARG C 995 12.36 -10.24 -5.09
N LEU C 996 12.73 -10.91 -4.00
CA LEU C 996 14.08 -11.43 -3.87
C LEU C 996 14.32 -12.51 -4.92
N ILE C 997 13.31 -13.36 -5.12
CA ILE C 997 13.40 -14.43 -6.09
C ILE C 997 13.55 -13.85 -7.46
N THR C 998 12.80 -12.83 -7.81
CA THR C 998 12.92 -12.28 -9.14
C THR C 998 14.35 -11.85 -9.39
N GLY C 999 14.99 -11.17 -8.45
CA GLY C 999 16.38 -10.77 -8.67
C GLY C 999 17.30 -11.98 -8.85
N ARG C 1000 17.07 -13.03 -8.05
CA ARG C 1000 17.89 -14.25 -8.15
C ARG C 1000 17.70 -14.96 -9.50
N LEU C 1001 16.45 -14.99 -9.99
CA LEU C 1001 16.15 -15.63 -11.26
C LEU C 1001 16.79 -14.85 -12.38
N GLN C 1002 16.76 -13.53 -12.30
CA GLN C 1002 17.33 -12.70 -13.34
C GLN C 1002 18.81 -12.91 -13.41
N SER C 1003 19.47 -13.06 -12.26
CA SER C 1003 20.89 -13.27 -12.22
C SER C 1003 21.30 -14.57 -12.91
N LEU C 1004 20.60 -15.67 -12.62
CA LEU C 1004 20.99 -16.91 -13.26
C LEU C 1004 20.63 -16.86 -14.74
N GLN C 1005 19.51 -16.22 -15.12
CA GLN C 1005 19.13 -16.15 -16.53
C GLN C 1005 20.17 -15.37 -17.33
N THR C 1006 20.69 -14.29 -16.74
CA THR C 1006 21.71 -13.47 -17.39
C THR C 1006 22.97 -14.27 -17.56
N TYR C 1007 23.36 -14.99 -16.51
CA TYR C 1007 24.53 -15.83 -16.53
C TYR C 1007 24.45 -16.85 -17.64
N VAL C 1008 23.32 -17.56 -17.72
CA VAL C 1008 23.16 -18.58 -18.72
C VAL C 1008 23.24 -18.02 -20.12
N THR C 1009 22.59 -16.88 -20.37
CA THR C 1009 22.66 -16.33 -21.72
C THR C 1009 24.12 -16.05 -22.08
N GLN C 1010 24.87 -15.46 -21.16
CA GLN C 1010 26.25 -15.14 -21.43
C GLN C 1010 27.06 -16.41 -21.69
N GLN C 1011 26.77 -17.47 -20.93
CA GLN C 1011 27.49 -18.71 -21.13
C GLN C 1011 27.10 -19.35 -22.46
N LEU C 1012 25.84 -19.21 -22.91
CA LEU C 1012 25.46 -19.79 -24.19
C LEU C 1012 26.23 -19.14 -25.33
N ILE C 1013 26.41 -17.82 -25.22
CA ILE C 1013 27.12 -17.08 -26.25
C ILE C 1013 28.57 -17.50 -26.22
N ARG C 1014 29.15 -17.57 -25.01
CA ARG C 1014 30.52 -17.98 -24.84
C ARG C 1014 30.72 -19.40 -25.32
N ALA C 1015 29.74 -20.28 -25.11
CA ALA C 1015 29.87 -21.65 -25.55
C ALA C 1015 30.00 -21.69 -27.04
N ALA C 1016 29.24 -20.85 -27.74
CA ALA C 1016 29.32 -20.80 -29.19
C ALA C 1016 30.68 -20.30 -29.65
N GLU C 1017 31.23 -19.28 -28.97
CA GLU C 1017 32.54 -18.78 -29.36
C GLU C 1017 33.65 -19.78 -29.07
N ILE C 1018 33.53 -20.50 -27.96
CA ILE C 1018 34.51 -21.50 -27.60
C ILE C 1018 34.47 -22.62 -28.59
N ARG C 1019 33.28 -23.05 -28.99
CA ARG C 1019 33.25 -24.09 -29.99
C ARG C 1019 33.92 -23.61 -31.26
N ALA C 1020 33.69 -22.36 -31.67
CA ALA C 1020 34.34 -21.91 -32.88
C ALA C 1020 35.87 -21.98 -32.74
N SER C 1021 36.41 -21.63 -31.56
CA SER C 1021 37.85 -21.70 -31.35
C SER C 1021 38.35 -23.13 -31.33
N ALA C 1022 37.61 -24.04 -30.71
CA ALA C 1022 37.99 -25.44 -30.64
C ALA C 1022 37.87 -26.09 -32.02
N ASN C 1023 36.92 -25.63 -32.83
CA ASN C 1023 36.72 -26.15 -34.16
C ASN C 1023 37.89 -25.68 -35.02
N LEU C 1024 38.38 -24.47 -34.74
CA LEU C 1024 39.55 -23.96 -35.42
C LEU C 1024 40.74 -24.78 -35.00
N ALA C 1025 40.83 -25.12 -33.72
CA ALA C 1025 41.92 -25.95 -33.25
C ALA C 1025 41.88 -27.30 -33.94
N ALA C 1026 40.69 -27.87 -34.09
CA ALA C 1026 40.52 -29.16 -34.75
C ALA C 1026 40.94 -29.07 -36.21
N THR C 1027 40.64 -27.93 -36.85
CA THR C 1027 41.03 -27.71 -38.22
C THR C 1027 42.54 -27.66 -38.33
N LYS C 1028 43.19 -26.92 -37.43
CA LYS C 1028 44.63 -26.83 -37.45
C LYS C 1028 45.24 -28.20 -37.23
N MET C 1029 44.58 -29.03 -36.43
CA MET C 1029 45.11 -30.36 -36.25
C MET C 1029 45.10 -31.09 -37.59
N SER C 1030 43.99 -31.03 -38.32
CA SER C 1030 43.93 -31.69 -39.62
C SER C 1030 44.91 -31.09 -40.66
N GLU C 1031 45.12 -29.79 -40.61
CA GLU C 1031 45.96 -29.06 -41.57
C GLU C 1031 47.49 -28.91 -41.27
N CYS C 1032 47.91 -28.92 -39.99
CA CYS C 1032 49.29 -28.72 -39.53
C CYS C 1032 49.78 -29.94 -38.73
N VAL C 1033 48.92 -30.54 -37.87
CA VAL C 1033 49.41 -31.67 -37.06
C VAL C 1033 49.50 -32.91 -37.95
N LEU C 1034 48.43 -33.15 -38.70
CA LEU C 1034 48.30 -34.31 -39.57
C LEU C 1034 48.41 -33.97 -41.06
N GLY C 1035 49.04 -32.85 -41.39
CA GLY C 1035 49.17 -32.48 -42.80
C GLY C 1035 50.11 -31.32 -43.00
N GLN C 1036 50.28 -30.89 -44.25
CA GLN C 1036 51.19 -29.80 -44.59
C GLN C 1036 50.54 -28.64 -45.30
N SER C 1037 49.81 -27.85 -44.56
CA SER C 1037 49.14 -26.73 -45.16
C SER C 1037 50.10 -25.70 -45.75
N LYS C 1038 49.70 -25.15 -46.89
CA LYS C 1038 50.46 -24.11 -47.58
C LYS C 1038 49.80 -22.75 -47.42
N ARG C 1039 48.78 -22.70 -46.58
CA ARG C 1039 48.03 -21.47 -46.36
C ARG C 1039 48.91 -20.43 -45.69
N VAL C 1040 48.88 -19.21 -46.20
CA VAL C 1040 49.75 -18.19 -45.66
C VAL C 1040 49.28 -17.72 -44.27
N ASP C 1041 50.21 -17.90 -43.34
CA ASP C 1041 50.12 -17.58 -41.90
C ASP C 1041 48.98 -18.35 -41.20
N PHE C 1042 48.58 -19.50 -41.75
CA PHE C 1042 47.47 -20.21 -41.12
C PHE C 1042 47.70 -20.68 -39.67
N CYS C 1043 48.86 -21.34 -39.41
CA CYS C 1043 49.29 -21.81 -38.08
C CYS C 1043 50.58 -21.00 -37.75
N GLY C 1044 50.58 -19.72 -38.17
CA GLY C 1044 51.74 -18.87 -37.95
C GLY C 1044 52.51 -18.67 -39.25
N LYS C 1045 53.42 -17.71 -39.25
CA LYS C 1045 54.16 -17.35 -40.47
C LYS C 1045 55.01 -18.50 -40.97
N GLY C 1046 54.97 -18.70 -42.29
CA GLY C 1046 55.73 -19.77 -42.96
C GLY C 1046 54.81 -20.86 -43.46
N TYR C 1047 55.41 -21.96 -43.86
CA TYR C 1047 54.67 -23.10 -44.40
C TYR C 1047 54.53 -24.13 -43.33
N HIS C 1048 53.47 -24.92 -43.33
CA HIS C 1048 53.32 -25.83 -42.22
C HIS C 1048 53.92 -27.19 -42.49
N LEU C 1049 54.92 -27.55 -41.69
CA LEU C 1049 55.61 -28.82 -41.83
C LEU C 1049 54.98 -29.84 -40.91
N MET C 1050 54.69 -29.39 -39.69
CA MET C 1050 54.14 -30.24 -38.66
C MET C 1050 53.58 -29.40 -37.51
N SER C 1051 52.91 -30.06 -36.59
CA SER C 1051 52.40 -29.43 -35.39
C SER C 1051 52.17 -30.48 -34.34
N PHE C 1052 52.22 -30.07 -33.09
CA PHE C 1052 51.99 -30.99 -32.00
C PHE C 1052 50.98 -30.45 -30.97
N PRO C 1053 49.88 -31.18 -30.65
CA PRO C 1053 48.91 -30.83 -29.62
C PRO C 1053 49.42 -31.15 -28.21
N GLN C 1054 48.98 -30.38 -27.22
CA GLN C 1054 49.18 -30.59 -25.78
C GLN C 1054 47.83 -30.32 -25.07
N SER C 1055 47.60 -30.93 -23.90
CA SER C 1055 46.37 -30.65 -23.15
C SER C 1055 46.51 -29.36 -22.33
N ALA C 1056 45.38 -28.88 -21.80
CA ALA C 1056 45.35 -27.70 -20.94
C ALA C 1056 44.08 -27.73 -20.11
N PRO C 1057 44.05 -27.13 -18.91
CA PRO C 1057 42.83 -27.07 -18.15
C PRO C 1057 41.91 -26.24 -18.99
N HIS C 1058 40.69 -26.67 -19.23
CA HIS C 1058 39.76 -25.85 -20.03
C HIS C 1058 40.23 -25.50 -21.46
N GLY C 1059 41.22 -26.22 -22.03
CA GLY C 1059 41.67 -25.82 -23.35
C GLY C 1059 42.60 -26.77 -24.10
N VAL C 1060 43.11 -26.27 -25.23
CA VAL C 1060 44.01 -27.03 -26.10
C VAL C 1060 45.23 -26.18 -26.47
N VAL C 1061 46.39 -26.80 -26.49
CA VAL C 1061 47.62 -26.08 -26.77
C VAL C 1061 48.38 -26.61 -27.97
N PHE C 1062 48.85 -25.72 -28.81
CA PHE C 1062 49.62 -26.18 -29.94
C PHE C 1062 50.97 -25.55 -30.11
N LEU C 1063 51.85 -26.40 -30.63
CA LEU C 1063 53.17 -26.06 -31.10
C LEU C 1063 53.15 -26.18 -32.60
N HIS C 1064 53.10 -25.05 -33.26
CA HIS C 1064 52.96 -25.06 -34.71
C HIS C 1064 54.32 -24.86 -35.33
N VAL C 1065 54.74 -25.83 -36.14
CA VAL C 1065 56.09 -25.85 -36.67
C VAL C 1065 56.11 -25.45 -38.14
N THR C 1066 56.82 -24.36 -38.43
CA THR C 1066 56.81 -23.87 -39.78
C THR C 1066 58.16 -23.65 -40.40
N TYR C 1067 58.14 -23.65 -41.72
CA TYR C 1067 59.28 -23.34 -42.54
C TYR C 1067 59.26 -21.87 -42.83
N VAL C 1068 60.24 -21.17 -42.32
CA VAL C 1068 60.28 -19.74 -42.49
C VAL C 1068 61.60 -19.33 -43.09
N PRO C 1069 61.63 -18.73 -44.29
CA PRO C 1069 62.84 -18.22 -44.90
C PRO C 1069 63.48 -17.26 -43.92
N ALA C 1070 64.80 -17.34 -43.77
CA ALA C 1070 65.54 -16.55 -42.80
C ALA C 1070 66.43 -15.46 -43.43
N GLN C 1071 67.06 -15.79 -44.56
CA GLN C 1071 67.99 -14.88 -45.27
C GLN C 1071 67.71 -15.01 -46.74
N GLU C 1072 67.89 -13.93 -47.49
CA GLU C 1072 67.63 -13.86 -48.92
C GLU C 1072 68.56 -12.92 -49.69
N LYS C 1073 68.65 -13.16 -50.99
CA LYS C 1073 69.36 -12.28 -51.93
C LYS C 1073 68.43 -12.02 -53.14
N ASN C 1074 68.51 -10.83 -53.79
CA ASN C 1074 67.70 -10.47 -54.97
C ASN C 1074 68.53 -10.52 -56.27
N PHE C 1075 68.11 -11.44 -57.18
CA PHE C 1075 68.78 -11.76 -58.44
C PHE C 1075 68.02 -11.20 -59.61
N THR C 1076 68.73 -10.93 -60.70
CA THR C 1076 68.04 -10.44 -61.89
C THR C 1076 67.21 -11.60 -62.39
N THR C 1077 65.96 -11.36 -62.75
CA THR C 1077 65.16 -12.49 -63.22
C THR C 1077 64.44 -12.36 -64.53
N ALA C 1078 63.98 -13.52 -65.00
CA ALA C 1078 63.21 -13.64 -66.21
C ALA C 1078 62.20 -14.80 -66.10
N PRO C 1079 61.01 -14.68 -66.70
CA PRO C 1079 60.01 -15.71 -66.82
C PRO C 1079 60.36 -16.82 -67.79
N ALA C 1080 61.30 -16.55 -68.68
CA ALA C 1080 61.68 -17.51 -69.70
C ALA C 1080 63.03 -17.20 -70.27
N ILE C 1081 63.56 -18.18 -70.95
CA ILE C 1081 64.77 -18.02 -71.71
C ILE C 1081 64.44 -18.33 -73.17
N CYS C 1082 65.19 -17.76 -74.11
CA CYS C 1082 65.04 -17.91 -75.54
C CYS C 1082 66.02 -18.93 -76.08
N HIS C 1083 65.47 -19.92 -76.77
CA HIS C 1083 66.30 -20.92 -77.40
C HIS C 1083 65.71 -21.34 -78.74
N ASP C 1084 66.46 -21.08 -79.80
CA ASP C 1084 66.06 -21.36 -81.17
C ASP C 1084 64.70 -20.76 -81.52
N GLY C 1085 64.41 -19.56 -81.03
CA GLY C 1085 63.16 -18.87 -81.32
C GLY C 1085 61.99 -19.20 -80.39
N LYS C 1086 62.16 -20.17 -79.49
CA LYS C 1086 61.09 -20.58 -78.58
C LYS C 1086 61.28 -20.10 -77.16
N ALA C 1087 60.17 -19.93 -76.43
CA ALA C 1087 60.29 -19.56 -75.03
C ALA C 1087 60.23 -20.77 -74.13
N HIS C 1088 61.27 -20.91 -73.35
CA HIS C 1088 61.45 -21.96 -72.38
C HIS C 1088 61.19 -21.40 -71.00
N PHE C 1089 60.21 -21.93 -70.33
CA PHE C 1089 59.80 -21.44 -69.04
C PHE C 1089 60.34 -22.46 -68.05
N PRO C 1090 60.63 -22.13 -66.78
CA PRO C 1090 61.04 -23.10 -65.82
C PRO C 1090 59.88 -24.04 -65.68
N ARG C 1091 60.11 -25.33 -65.47
CA ARG C 1091 58.93 -26.16 -65.21
C ARG C 1091 58.31 -25.69 -63.89
N GLU C 1092 59.19 -25.32 -62.96
CA GLU C 1092 58.85 -24.77 -61.66
C GLU C 1092 59.88 -23.69 -61.37
N GLY C 1093 59.47 -22.59 -60.73
CA GLY C 1093 60.42 -21.54 -60.36
C GLY C 1093 60.59 -20.43 -61.39
N VAL C 1094 61.73 -19.74 -61.28
CA VAL C 1094 62.12 -18.58 -62.08
C VAL C 1094 63.55 -18.68 -62.63
N PHE C 1095 63.87 -17.90 -63.67
CA PHE C 1095 65.27 -17.85 -64.09
C PHE C 1095 65.91 -16.70 -63.34
N VAL C 1096 67.16 -16.88 -62.91
CA VAL C 1096 67.91 -15.87 -62.15
C VAL C 1096 69.26 -15.54 -62.74
N SER C 1097 69.78 -14.37 -62.42
CA SER C 1097 71.12 -13.97 -62.84
C SER C 1097 71.93 -13.10 -61.87
N ASN C 1098 73.25 -13.38 -61.87
CA ASN C 1098 74.32 -12.69 -61.10
C ASN C 1098 75.03 -11.57 -61.92
N GLY C 1099 74.52 -11.25 -63.14
CA GLY C 1099 75.03 -10.27 -64.09
C GLY C 1099 75.73 -10.88 -65.30
N THR C 1100 76.17 -12.15 -65.24
CA THR C 1100 76.79 -12.71 -66.46
C THR C 1100 76.13 -14.01 -66.90
N HIS C 1101 75.62 -14.79 -65.94
CA HIS C 1101 75.01 -16.07 -66.28
C HIS C 1101 73.71 -16.31 -65.56
N TRP C 1102 72.87 -17.04 -66.28
CA TRP C 1102 71.54 -17.40 -65.86
C TRP C 1102 71.37 -18.85 -65.45
N PHE C 1103 70.54 -19.07 -64.44
CA PHE C 1103 70.26 -20.42 -63.91
C PHE C 1103 68.81 -20.55 -63.43
N VAL C 1104 68.40 -21.74 -62.97
CA VAL C 1104 67.01 -21.91 -62.49
C VAL C 1104 66.90 -22.15 -60.99
N THR C 1105 66.08 -21.33 -60.34
CA THR C 1105 65.82 -21.41 -58.90
C THR C 1105 64.36 -21.37 -58.56
N GLN C 1106 64.03 -21.67 -57.31
CA GLN C 1106 62.65 -21.58 -56.92
C GLN C 1106 62.49 -20.28 -56.19
N ARG C 1107 61.28 -19.74 -56.12
CA ARG C 1107 61.11 -18.48 -55.40
C ARG C 1107 61.43 -18.62 -53.91
N ASN C 1108 61.26 -19.81 -53.35
CA ASN C 1108 61.59 -20.03 -51.94
C ASN C 1108 62.99 -20.59 -51.71
N PHE C 1109 63.81 -20.79 -52.75
CA PHE C 1109 65.12 -21.38 -52.49
C PHE C 1109 66.15 -21.19 -53.61
N TYR C 1110 67.24 -20.49 -53.27
CA TYR C 1110 68.28 -20.16 -54.22
C TYR C 1110 69.29 -21.27 -54.42
N GLU C 1111 68.88 -22.24 -55.20
CA GLU C 1111 69.72 -23.38 -55.52
C GLU C 1111 69.74 -23.48 -57.03
N PRO C 1112 70.53 -22.63 -57.72
CA PRO C 1112 70.51 -22.49 -59.16
C PRO C 1112 70.93 -23.76 -59.85
N GLN C 1113 70.14 -24.16 -60.82
CA GLN C 1113 70.40 -25.33 -61.61
C GLN C 1113 70.91 -24.94 -62.96
N ILE C 1114 71.63 -25.85 -63.58
CA ILE C 1114 72.12 -25.65 -64.92
C ILE C 1114 70.90 -25.70 -65.82
N ILE C 1115 70.82 -24.78 -66.76
CA ILE C 1115 69.68 -24.77 -67.64
C ILE C 1115 69.85 -25.90 -68.64
N THR C 1116 68.87 -26.78 -68.63
CA THR C 1116 68.82 -27.97 -69.47
C THR C 1116 67.44 -28.07 -70.06
N THR C 1117 67.28 -28.95 -71.03
CA THR C 1117 65.96 -29.15 -71.64
C THR C 1117 65.03 -29.86 -70.67
N ASP C 1118 65.62 -30.51 -69.68
CA ASP C 1118 64.88 -31.29 -68.69
C ASP C 1118 64.38 -30.41 -67.56
N ASN C 1119 64.79 -29.14 -67.57
CA ASN C 1119 64.35 -28.22 -66.54
C ASN C 1119 63.32 -27.24 -67.09
N THR C 1120 62.94 -27.38 -68.39
CA THR C 1120 62.03 -26.40 -68.96
C THR C 1120 60.76 -26.92 -69.66
N PHE C 1121 59.85 -25.99 -69.82
CA PHE C 1121 58.57 -26.12 -70.51
C PHE C 1121 58.60 -25.26 -71.75
N VAL C 1122 58.16 -25.76 -72.89
CA VAL C 1122 58.27 -24.89 -74.08
C VAL C 1122 56.91 -24.53 -74.62
N SER C 1123 56.69 -23.23 -74.79
CA SER C 1123 55.42 -22.74 -75.28
C SER C 1123 55.51 -21.39 -75.98
N GLY C 1124 54.62 -21.17 -76.93
CA GLY C 1124 54.58 -19.90 -77.64
C GLY C 1124 55.87 -19.69 -78.40
N ASN C 1125 56.47 -18.54 -78.21
CA ASN C 1125 57.71 -18.19 -78.87
C ASN C 1125 58.46 -17.18 -78.00
N CYS C 1126 59.68 -16.74 -78.43
CA CYS C 1126 60.49 -15.75 -77.71
C CYS C 1126 59.83 -14.35 -77.74
N ASP C 1127 59.17 -14.04 -78.86
CA ASP C 1127 58.57 -12.73 -79.09
C ASP C 1127 57.45 -12.38 -78.12
N VAL C 1128 56.76 -13.39 -77.60
CA VAL C 1128 55.67 -13.08 -76.67
C VAL C 1128 56.06 -13.11 -75.21
N VAL C 1129 57.35 -13.19 -74.86
CA VAL C 1129 57.64 -13.17 -73.42
C VAL C 1129 58.41 -11.92 -72.98
N ILE C 1130 57.83 -11.21 -72.02
CA ILE C 1130 58.45 -9.99 -71.52
C ILE C 1130 59.58 -10.34 -70.57
N GLY C 1131 60.78 -9.85 -70.89
CA GLY C 1131 61.95 -10.11 -70.05
C GLY C 1131 62.71 -11.38 -70.45
N ILE C 1132 62.38 -12.00 -71.58
CA ILE C 1132 63.06 -13.22 -72.00
C ILE C 1132 64.54 -12.96 -72.35
N VAL C 1133 65.42 -13.88 -71.95
CA VAL C 1133 66.87 -13.76 -72.24
C VAL C 1133 67.38 -15.01 -72.98
N ASN C 1134 68.52 -14.95 -73.72
CA ASN C 1134 69.07 -16.09 -74.49
C ASN C 1134 69.91 -17.03 -73.62
N ASN C 1135 69.45 -18.28 -73.39
CA ASN C 1135 70.13 -19.28 -72.51
C ASN C 1135 70.10 -20.68 -73.10
N THR C 1136 71.27 -21.21 -73.37
CA THR C 1136 71.40 -22.54 -73.95
C THR C 1136 70.88 -23.57 -73.00
N VAL C 1137 70.12 -24.52 -73.54
CA VAL C 1137 69.57 -25.62 -72.78
C VAL C 1137 70.37 -26.89 -73.09
N ASP D 1 -10.33 28.09 45.49
CA ASP D 1 -11.60 27.57 46.01
C ASP D 1 -12.25 26.67 44.92
N ILE D 2 -12.13 25.34 45.12
CA ILE D 2 -12.65 24.32 44.19
C ILE D 2 -13.75 23.51 44.84
N GLN D 3 -14.93 23.56 44.24
CA GLN D 3 -16.10 22.88 44.74
C GLN D 3 -16.27 21.51 44.12
N MET D 4 -16.87 20.57 44.87
CA MET D 4 -17.12 19.25 44.31
C MET D 4 -18.54 18.78 44.53
N THR D 5 -19.06 18.01 43.58
CA THR D 5 -20.40 17.47 43.69
C THR D 5 -20.46 15.95 43.65
N GLN D 6 -21.19 15.41 44.63
CA GLN D 6 -21.43 13.97 44.77
C GLN D 6 -22.71 13.50 44.16
N SER D 7 -22.73 12.20 43.85
CA SER D 7 -23.91 11.54 43.33
C SER D 7 -23.88 10.03 43.60
N PRO D 8 -25.02 9.42 43.96
CA PRO D 8 -26.37 9.92 44.22
C PRO D 8 -26.44 10.57 45.59
N SER D 9 -27.55 11.21 45.95
CA SER D 9 -27.70 11.68 47.33
C SER D 9 -27.93 10.50 48.30
N SER D 10 -28.46 9.40 47.77
CA SER D 10 -28.71 8.18 48.51
C SER D 10 -28.64 6.99 47.56
N LEU D 11 -28.01 5.91 48.00
CA LEU D 11 -27.88 4.70 47.22
C LEU D 11 -28.48 3.50 47.93
N SER D 12 -29.11 2.60 47.19
CA SER D 12 -29.64 1.39 47.80
C SER D 12 -28.83 0.14 47.46
N ALA D 13 -28.28 -0.49 48.49
CA ALA D 13 -27.49 -1.71 48.35
C ALA D 13 -27.60 -2.50 49.64
N SER D 14 -27.93 -3.76 49.56
CA SER D 14 -28.11 -4.59 50.75
C SER D 14 -26.78 -5.12 51.20
N VAL D 15 -26.74 -5.76 52.34
CA VAL D 15 -25.48 -6.31 52.76
C VAL D 15 -25.04 -7.38 51.75
N GLY D 16 -23.81 -7.23 51.28
CA GLY D 16 -23.19 -8.08 50.27
C GLY D 16 -23.24 -7.45 48.86
N ASP D 17 -24.03 -6.39 48.68
CA ASP D 17 -24.11 -5.73 47.37
C ASP D 17 -23.02 -4.72 47.20
N ARG D 18 -22.99 -4.09 46.03
CA ARG D 18 -21.99 -3.08 45.78
C ARG D 18 -22.56 -1.67 45.83
N VAL D 19 -21.82 -0.80 46.50
CA VAL D 19 -22.13 0.63 46.60
C VAL D 19 -21.30 1.44 45.67
N THR D 20 -21.92 2.31 44.88
CA THR D 20 -21.15 3.21 44.02
C THR D 20 -21.46 4.68 44.30
N ILE D 21 -20.46 5.43 44.73
CA ILE D 21 -20.61 6.87 45.01
C ILE D 21 -19.55 7.65 44.25
N THR D 22 -19.97 8.67 43.51
CA THR D 22 -18.99 9.44 42.75
C THR D 22 -18.88 10.85 43.33
N CYS D 23 -17.74 11.55 43.04
CA CYS D 23 -17.49 12.95 43.43
C CYS D 23 -16.57 13.64 42.43
N ARG D 24 -17.10 14.67 41.77
CA ARG D 24 -16.36 15.41 40.76
C ARG D 24 -16.11 16.87 41.07
N ALA D 25 -14.85 17.28 40.93
CA ALA D 25 -14.44 18.67 41.13
C ALA D 25 -14.71 19.52 39.90
N SER D 26 -15.06 20.79 40.14
CA SER D 26 -15.29 21.76 39.07
C SER D 26 -13.99 22.27 38.43
N GLN D 27 -12.88 22.06 39.11
CA GLN D 27 -11.56 22.45 38.67
C GLN D 27 -10.64 21.29 38.97
N SER D 28 -9.56 21.14 38.23
CA SER D 28 -8.68 20.06 38.57
C SER D 28 -8.05 20.23 39.93
N VAL D 29 -8.04 19.13 40.66
CA VAL D 29 -7.45 19.01 41.99
C VAL D 29 -6.46 17.88 41.90
N SER D 30 -6.04 17.59 40.67
CA SER D 30 -5.20 16.45 40.41
C SER D 30 -5.98 15.26 40.90
N SER D 31 -5.39 14.47 41.77
CA SER D 31 -6.03 13.30 42.33
C SER D 31 -6.15 13.44 43.85
N ALA D 32 -6.05 14.67 44.35
CA ALA D 32 -6.04 14.93 45.79
C ALA D 32 -7.42 14.95 46.42
N VAL D 33 -8.13 13.83 46.31
CA VAL D 33 -9.46 13.70 46.89
C VAL D 33 -9.56 12.57 47.91
N ALA D 34 -9.84 12.96 49.13
CA ALA D 34 -9.98 12.10 50.29
C ALA D 34 -11.43 11.76 50.49
N TRP D 35 -11.70 10.67 51.18
CA TRP D 35 -13.07 10.25 51.50
C TRP D 35 -13.21 9.89 52.95
N TYR D 36 -14.41 10.16 53.48
CA TYR D 36 -14.75 9.91 54.87
C TYR D 36 -16.08 9.19 55.06
N GLN D 37 -16.16 8.38 56.12
CA GLN D 37 -17.40 7.70 56.50
C GLN D 37 -17.97 8.26 57.80
N GLN D 38 -19.14 8.89 57.78
CA GLN D 38 -19.66 9.47 59.00
C GLN D 38 -20.94 8.85 59.55
N LYS D 39 -20.84 8.32 60.77
CA LYS D 39 -22.00 7.77 61.45
C LYS D 39 -22.63 8.98 62.14
N PRO D 40 -23.94 9.08 62.28
CA PRO D 40 -24.56 10.18 62.98
C PRO D 40 -23.99 10.29 64.38
N GLY D 41 -23.63 11.50 64.78
CA GLY D 41 -23.09 11.75 66.13
C GLY D 41 -21.59 11.47 66.28
N LYS D 42 -20.93 11.05 65.19
CA LYS D 42 -19.51 10.69 65.22
C LYS D 42 -18.63 11.48 64.25
N ALA D 43 -17.32 11.39 64.49
CA ALA D 43 -16.32 11.96 63.60
C ALA D 43 -16.38 11.25 62.27
N PRO D 44 -16.17 11.92 61.14
CA PRO D 44 -16.01 11.25 59.88
C PRO D 44 -14.77 10.37 60.02
N LYS D 45 -14.82 9.12 59.60
CA LYS D 45 -13.66 8.26 59.65
C LYS D 45 -12.93 8.35 58.35
N LEU D 46 -11.62 8.51 58.39
CA LEU D 46 -10.92 8.57 57.13
C LEU D 46 -10.94 7.24 56.44
N LEU D 47 -11.30 7.28 55.16
CA LEU D 47 -11.32 6.11 54.33
C LEU D 47 -10.16 6.17 53.37
N ILE D 48 -10.08 7.31 52.68
CA ILE D 48 -9.16 7.59 51.59
C ILE D 48 -8.36 8.85 51.79
N TYR D 49 -7.04 8.80 51.61
CA TYR D 49 -6.21 10.02 51.71
C TYR D 49 -6.23 10.81 50.43
N SER D 50 -6.21 10.06 49.33
CA SER D 50 -6.22 10.60 47.98
C SER D 50 -6.85 9.55 47.08
N ALA D 51 -7.15 9.86 45.83
CA ALA D 51 -7.86 8.92 44.95
C ALA D 51 -7.16 7.57 44.80
N SER D 52 -5.82 7.56 44.82
CA SER D 52 -5.03 6.35 44.66
C SER D 52 -4.45 5.82 45.97
N ASP D 53 -4.88 6.38 47.10
CA ASP D 53 -4.32 6.02 48.40
C ASP D 53 -5.38 5.80 49.50
N LEU D 54 -5.69 4.51 49.78
CA LEU D 54 -6.71 4.10 50.77
C LEU D 54 -6.04 4.09 52.14
N TYR D 55 -6.69 4.62 53.18
CA TYR D 55 -6.14 4.68 54.53
C TYR D 55 -5.97 3.33 55.22
N SER D 56 -4.82 3.12 55.83
CA SER D 56 -4.61 1.87 56.54
C SER D 56 -5.66 1.71 57.62
N GLY D 57 -6.20 0.50 57.76
CA GLY D 57 -7.24 0.22 58.75
C GLY D 57 -8.62 0.19 58.11
N VAL D 58 -8.71 0.67 56.88
CA VAL D 58 -9.94 0.69 56.11
C VAL D 58 -9.97 -0.60 55.33
N PRO D 59 -11.05 -1.38 55.38
CA PRO D 59 -11.13 -2.66 54.73
C PRO D 59 -11.05 -2.50 53.23
N SER D 60 -10.55 -3.55 52.58
CA SER D 60 -10.30 -3.68 51.14
C SER D 60 -11.54 -3.56 50.30
N ARG D 61 -12.68 -3.60 50.98
CA ARG D 61 -13.97 -3.44 50.37
C ARG D 61 -13.99 -2.08 49.68
N PHE D 62 -13.30 -1.09 50.28
CA PHE D 62 -13.26 0.25 49.72
C PHE D 62 -12.16 0.36 48.68
N SER D 63 -12.56 0.68 47.48
CA SER D 63 -11.66 0.77 46.34
C SER D 63 -12.20 1.76 45.32
N GLY D 64 -11.35 2.37 44.52
CA GLY D 64 -11.91 3.26 43.52
C GLY D 64 -10.93 3.61 42.42
N SER D 65 -11.39 4.42 41.50
CA SER D 65 -10.60 4.81 40.35
C SER D 65 -10.96 6.17 39.78
N ARG D 66 -9.92 6.90 39.35
CA ARG D 66 -10.07 8.21 38.72
C ARG D 66 -10.45 8.10 37.25
N SER D 67 -11.38 8.94 36.83
CA SER D 67 -11.80 8.96 35.43
C SER D 67 -11.90 10.38 34.92
N GLY D 68 -10.88 10.83 34.20
CA GLY D 68 -10.87 12.21 33.79
C GLY D 68 -10.83 13.05 35.05
N THR D 69 -11.78 13.97 35.19
CA THR D 69 -11.85 14.85 36.34
C THR D 69 -12.70 14.28 37.48
N ASP D 70 -13.37 13.15 37.23
CA ASP D 70 -14.24 12.54 38.21
C ASP D 70 -13.47 11.48 39.01
N PHE D 71 -14.17 10.86 39.95
CA PHE D 71 -13.64 9.77 40.78
C PHE D 71 -14.75 8.92 41.36
N THR D 72 -14.62 7.62 41.17
CA THR D 72 -15.62 6.71 41.68
C THR D 72 -15.10 5.84 42.82
N LEU D 73 -15.86 5.85 43.92
CA LEU D 73 -15.59 5.02 45.07
C LEU D 73 -16.62 3.93 45.23
N THR D 74 -16.17 2.70 45.37
CA THR D 74 -17.12 1.66 45.58
C THR D 74 -16.80 0.80 46.80
N ILE D 75 -17.86 0.17 47.31
CA ILE D 75 -17.74 -0.81 48.38
C ILE D 75 -18.11 -2.12 47.73
N SER D 76 -17.16 -3.02 47.54
CA SER D 76 -17.44 -4.23 46.76
C SER D 76 -18.41 -5.25 47.35
N SER D 77 -18.46 -5.34 48.66
CA SER D 77 -19.34 -6.27 49.38
C SER D 77 -19.75 -5.62 50.68
N LEU D 78 -20.77 -4.80 50.60
CA LEU D 78 -21.19 -3.93 51.69
C LEU D 78 -21.59 -4.62 52.97
N GLN D 79 -21.01 -4.18 54.10
CA GLN D 79 -21.29 -4.75 55.40
C GLN D 79 -22.04 -3.78 56.31
N PRO D 80 -22.77 -4.21 57.37
CA PRO D 80 -23.46 -3.34 58.35
C PRO D 80 -22.64 -2.17 58.88
N GLU D 81 -21.34 -2.40 59.04
CA GLU D 81 -20.42 -1.40 59.57
C GLU D 81 -20.16 -0.25 58.59
N ASP D 82 -20.55 -0.44 57.33
CA ASP D 82 -20.34 0.48 56.25
C ASP D 82 -21.57 1.38 56.03
N PHE D 83 -22.61 1.28 56.86
CA PHE D 83 -23.78 2.14 56.59
C PHE D 83 -23.67 3.45 57.33
N ALA D 84 -23.35 4.47 56.54
CA ALA D 84 -22.99 5.80 56.99
C ALA D 84 -23.15 6.78 55.86
N THR D 85 -23.06 8.06 56.16
CA THR D 85 -23.09 9.06 55.11
C THR D 85 -21.65 9.23 54.61
N TYR D 86 -21.43 9.13 53.32
CA TYR D 86 -20.10 9.26 52.77
C TYR D 86 -19.79 10.62 52.19
N TYR D 87 -18.59 11.09 52.46
CA TYR D 87 -18.12 12.38 52.00
C TYR D 87 -16.82 12.27 51.24
N CYS D 88 -16.59 13.21 50.30
CA CYS D 88 -15.37 13.42 49.53
C CYS D 88 -14.79 14.76 49.97
N GLN D 89 -13.47 14.92 49.87
CA GLN D 89 -12.74 16.16 50.23
C GLN D 89 -11.60 16.48 49.27
N GLN D 90 -11.53 17.70 48.72
CA GLN D 90 -10.37 17.99 47.90
C GLN D 90 -9.47 18.87 48.73
N SER D 91 -8.18 18.53 48.71
CA SER D 91 -7.17 19.26 49.48
C SER D 91 -6.06 19.82 48.62
N HIS D 92 -6.32 20.02 47.33
CA HIS D 92 -5.31 20.54 46.42
C HIS D 92 -5.18 22.04 46.64
N THR D 93 -6.33 22.72 46.64
CA THR D 93 -6.34 24.16 46.76
C THR D 93 -7.22 24.61 47.92
N TYR D 94 -6.67 25.47 48.76
CA TYR D 94 -7.40 26.02 49.89
C TYR D 94 -8.36 27.10 49.44
N PRO D 95 -9.56 27.14 50.04
CA PRO D 95 -10.14 26.32 51.11
C PRO D 95 -10.40 24.86 50.76
N ILE D 96 -10.27 23.99 51.75
CA ILE D 96 -10.55 22.59 51.58
C ILE D 96 -12.05 22.40 51.43
N THR D 97 -12.45 21.66 50.42
CA THR D 97 -13.88 21.53 50.18
C THR D 97 -14.39 20.12 50.11
N PHE D 98 -15.53 19.93 50.72
CA PHE D 98 -16.21 18.65 50.77
C PHE D 98 -17.48 18.57 49.97
N GLY D 99 -17.87 17.34 49.71
CA GLY D 99 -19.11 17.05 49.03
C GLY D 99 -20.29 17.17 50.00
N GLN D 100 -21.47 16.84 49.52
CA GLN D 100 -22.73 17.01 50.25
C GLN D 100 -23.10 15.91 51.24
N GLY D 101 -22.60 14.70 51.01
CA GLY D 101 -22.91 13.53 51.82
C GLY D 101 -23.87 12.56 51.14
N THR D 102 -23.44 11.32 50.94
CA THR D 102 -24.27 10.29 50.29
C THR D 102 -24.64 9.16 51.25
N LYS D 103 -25.92 8.94 51.41
CA LYS D 103 -26.44 7.91 52.32
C LYS D 103 -26.54 6.54 51.63
N VAL D 104 -26.46 5.45 52.41
CA VAL D 104 -26.67 4.13 51.85
C VAL D 104 -27.81 3.42 52.63
N GLU D 105 -28.76 2.87 51.88
CA GLU D 105 -29.95 2.15 52.35
C GLU D 105 -29.71 0.66 52.10
N ILE D 106 -30.62 -0.25 52.52
CA ILE D 106 -30.41 -1.70 52.27
C ILE D 106 -31.32 -2.36 51.22
N LYS D 107 -31.86 -1.54 50.31
CA LYS D 107 -32.60 -2.00 49.12
C LYS D 107 -33.76 -2.95 49.44
N ARG D 108 -34.57 -2.55 50.41
CA ARG D 108 -35.73 -3.31 50.89
C ARG D 108 -36.98 -3.17 50.05
N THR D 109 -37.95 -4.00 50.36
CA THR D 109 -39.23 -4.01 49.69
C THR D 109 -39.93 -2.68 49.81
N VAL D 110 -40.41 -2.21 48.68
CA VAL D 110 -41.14 -0.97 48.52
C VAL D 110 -42.58 -1.14 48.93
N ALA D 111 -43.06 -0.22 49.76
CA ALA D 111 -44.44 -0.29 50.23
C ALA D 111 -45.03 1.05 50.62
N ALA D 112 -46.35 1.11 50.50
CA ALA D 112 -47.16 2.25 50.91
C ALA D 112 -47.14 2.38 52.43
N PRO D 113 -47.24 3.60 52.99
CA PRO D 113 -47.37 3.87 54.40
C PRO D 113 -48.71 3.57 55.00
N SER D 114 -48.70 3.29 56.29
CA SER D 114 -49.90 3.25 57.08
C SER D 114 -50.11 4.71 57.40
N VAL D 115 -51.25 5.29 57.06
CA VAL D 115 -51.33 6.72 57.28
C VAL D 115 -52.35 7.11 58.31
N PHE D 116 -51.87 7.86 59.30
CA PHE D 116 -52.70 8.36 60.35
C PHE D 116 -52.83 9.85 60.27
N ILE D 117 -54.06 10.33 60.19
CA ILE D 117 -54.27 11.76 60.14
C ILE D 117 -54.86 12.09 61.51
N PHE D 118 -54.27 13.08 62.16
CA PHE D 118 -54.59 13.47 63.50
C PHE D 118 -55.14 14.91 63.60
N PRO D 119 -56.46 15.10 63.65
CA PRO D 119 -57.09 16.40 63.75
C PRO D 119 -56.54 16.98 65.04
N PRO D 120 -56.41 18.31 65.20
CA PRO D 120 -55.91 18.91 66.42
C PRO D 120 -56.82 18.47 67.56
N SER D 121 -56.20 18.10 68.66
CA SER D 121 -56.91 17.67 69.86
C SER D 121 -57.41 18.88 70.63
N ASP D 122 -58.30 18.63 71.58
CA ASP D 122 -58.85 19.68 72.39
C ASP D 122 -57.82 20.32 73.30
N GLU D 123 -56.88 19.51 73.73
CA GLU D 123 -55.79 19.95 74.57
C GLU D 123 -54.81 20.77 73.73
N GLN D 124 -54.55 20.35 72.48
CA GLN D 124 -53.62 21.10 71.63
C GLN D 124 -54.09 22.48 71.35
N LEU D 125 -55.38 22.64 71.18
CA LEU D 125 -55.98 23.92 70.86
C LEU D 125 -55.89 24.91 72.02
N LYS D 126 -55.57 24.43 73.23
CA LYS D 126 -55.43 25.30 74.39
C LYS D 126 -54.16 26.13 74.27
N SER D 127 -53.27 25.72 73.36
CA SER D 127 -52.01 26.41 73.13
C SER D 127 -52.25 27.72 72.38
N GLY D 128 -53.45 27.89 71.80
CA GLY D 128 -53.75 29.05 71.00
C GLY D 128 -53.61 28.76 69.51
N THR D 129 -53.01 27.62 69.17
CA THR D 129 -52.83 27.20 67.79
C THR D 129 -53.34 25.79 67.53
N ALA D 130 -53.62 25.53 66.27
CA ALA D 130 -54.09 24.25 65.80
C ALA D 130 -53.06 23.55 64.98
N SER D 131 -52.50 22.48 65.53
CA SER D 131 -51.48 21.76 64.80
C SER D 131 -52.12 20.49 64.26
N VAL D 132 -52.22 20.43 62.94
CA VAL D 132 -52.85 19.30 62.30
C VAL D 132 -51.72 18.39 61.88
N VAL D 133 -51.78 17.12 62.27
CA VAL D 133 -50.64 16.25 62.01
C VAL D 133 -50.95 15.02 61.16
N CYS D 134 -50.15 14.73 60.10
CA CYS D 134 -50.29 13.50 59.32
C CYS D 134 -48.96 12.74 59.33
N LEU D 135 -49.05 11.50 59.76
CA LEU D 135 -47.84 10.70 59.82
C LEU D 135 -47.94 9.52 58.88
N LEU D 136 -46.87 9.33 58.14
CA LEU D 136 -46.75 8.23 57.21
C LEU D 136 -45.90 7.20 57.92
N ASN D 137 -46.42 6.02 58.20
CA ASN D 137 -45.60 5.09 58.96
C ASN D 137 -45.19 3.81 58.26
N ASN D 138 -43.96 3.38 58.61
CA ASN D 138 -43.36 2.13 58.19
C ASN D 138 -43.31 1.91 56.69
N PHE D 139 -42.82 2.89 55.95
CA PHE D 139 -42.78 2.73 54.49
C PHE D 139 -41.38 2.84 53.90
N TYR D 140 -41.27 2.55 52.60
CA TYR D 140 -39.99 2.55 51.88
C TYR D 140 -40.24 2.71 50.37
N PRO D 141 -39.41 3.44 49.60
CA PRO D 141 -38.11 4.11 49.75
C PRO D 141 -38.09 5.34 50.61
N ARG D 142 -36.87 5.83 50.86
CA ARG D 142 -36.52 6.99 51.67
C ARG D 142 -37.08 8.37 51.25
N GLU D 143 -37.28 8.63 49.96
CA GLU D 143 -37.80 9.94 49.58
C GLU D 143 -39.34 9.95 49.49
N ALA D 144 -39.96 10.82 50.29
CA ALA D 144 -41.42 10.93 50.40
C ALA D 144 -41.87 12.30 50.84
N LYS D 145 -43.14 12.62 50.55
CA LYS D 145 -43.72 13.89 50.97
C LYS D 145 -45.25 13.84 51.10
N VAL D 146 -45.79 14.78 51.86
CA VAL D 146 -47.22 14.98 51.94
C VAL D 146 -47.59 16.36 51.46
N GLN D 147 -48.57 16.42 50.56
CA GLN D 147 -49.07 17.70 50.13
C GLN D 147 -50.27 18.00 51.01
N TRP D 148 -50.12 18.99 51.85
CA TRP D 148 -51.19 19.28 52.76
C TRP D 148 -52.21 20.21 52.11
N LYS D 149 -53.50 19.91 52.29
CA LYS D 149 -54.55 20.77 51.77
C LYS D 149 -55.51 21.29 52.86
N VAL D 150 -55.92 22.56 52.70
CA VAL D 150 -56.92 23.20 53.57
C VAL D 150 -58.07 23.72 52.70
N ASP D 151 -59.27 23.16 52.88
CA ASP D 151 -60.45 23.41 52.04
C ASP D 151 -60.08 23.15 50.59
N ASN D 152 -59.25 22.13 50.42
CA ASN D 152 -58.68 21.64 49.18
C ASN D 152 -57.72 22.65 48.50
N ALA D 153 -57.33 23.72 49.21
CA ALA D 153 -56.34 24.64 48.68
C ALA D 153 -54.99 24.06 48.98
N LEU D 154 -54.01 24.29 48.14
CA LEU D 154 -52.71 23.78 48.51
C LEU D 154 -52.22 24.69 49.62
N GLN D 155 -51.85 24.11 50.73
CA GLN D 155 -51.42 24.88 51.87
C GLN D 155 -49.91 24.82 52.05
N SER D 156 -49.28 25.98 52.08
CA SER D 156 -47.83 26.04 52.21
C SER D 156 -47.39 27.28 52.95
N GLY D 157 -46.26 27.16 53.66
CA GLY D 157 -45.64 28.26 54.41
C GLY D 157 -45.97 28.24 55.89
N ASN D 158 -47.00 27.48 56.25
CA ASN D 158 -47.44 27.32 57.62
C ASN D 158 -47.16 25.90 58.07
N SER D 159 -46.38 25.19 57.27
CA SER D 159 -46.07 23.81 57.52
C SER D 159 -44.74 23.57 58.19
N GLN D 160 -44.62 22.39 58.76
CA GLN D 160 -43.41 21.92 59.40
C GLN D 160 -43.14 20.48 58.95
N GLU D 161 -41.87 20.10 58.84
CA GLU D 161 -41.57 18.72 58.46
C GLU D 161 -40.41 18.13 59.23
N SER D 162 -40.47 16.81 59.45
CA SER D 162 -39.37 16.04 60.04
C SER D 162 -39.44 14.59 59.58
N VAL D 163 -38.30 13.98 59.33
CA VAL D 163 -38.27 12.58 58.90
C VAL D 163 -37.39 11.76 59.81
N THR D 164 -37.90 10.60 60.25
CA THR D 164 -37.13 9.83 61.20
C THR D 164 -36.24 8.79 60.56
N GLU D 165 -35.55 8.05 61.41
CA GLU D 165 -34.56 7.07 61.02
C GLU D 165 -35.19 5.79 60.53
N GLN D 166 -34.41 5.08 59.73
CA GLN D 166 -34.83 3.82 59.17
C GLN D 166 -34.59 2.63 60.09
N ASP D 167 -35.51 1.70 60.02
CA ASP D 167 -35.46 0.45 60.73
C ASP D 167 -34.23 -0.34 60.30
N SER D 168 -33.50 -0.87 61.27
CA SER D 168 -32.28 -1.59 60.97
C SER D 168 -32.44 -2.89 60.18
N LYS D 169 -33.63 -3.51 60.19
CA LYS D 169 -33.80 -4.73 59.41
C LYS D 169 -34.57 -4.47 58.12
N ASP D 170 -35.62 -3.63 58.20
CA ASP D 170 -36.47 -3.40 57.02
C ASP D 170 -36.32 -2.07 56.26
N SER D 171 -35.49 -1.13 56.71
CA SER D 171 -35.31 0.19 56.07
C SER D 171 -36.55 1.05 56.03
N THR D 172 -37.59 0.65 56.72
CA THR D 172 -38.74 1.48 56.67
C THR D 172 -38.62 2.59 57.66
N TYR D 173 -39.39 3.63 57.45
CA TYR D 173 -39.30 4.78 58.34
C TYR D 173 -40.58 5.54 58.34
N SER D 174 -40.69 6.48 59.25
CA SER D 174 -41.86 7.30 59.27
C SER D 174 -41.57 8.75 58.84
N LEU D 175 -42.57 9.42 58.27
CA LEU D 175 -42.48 10.82 57.85
C LEU D 175 -43.53 11.67 58.55
N SER D 176 -43.11 12.83 59.03
CA SER D 176 -44.01 13.77 59.70
C SER D 176 -44.23 15.05 58.94
N SER D 177 -45.50 15.35 58.64
CA SER D 177 -45.87 16.59 57.98
C SER D 177 -47.02 17.23 58.72
N THR D 178 -46.79 18.45 59.22
CA THR D 178 -47.81 19.10 60.00
C THR D 178 -48.11 20.48 59.47
N LEU D 179 -49.26 20.99 59.89
CA LEU D 179 -49.71 22.35 59.59
C LEU D 179 -50.09 23.11 60.83
N THR D 180 -49.56 24.31 61.01
CA THR D 180 -49.99 25.07 62.18
C THR D 180 -50.73 26.33 61.78
N LEU D 181 -52.00 26.35 62.13
CA LEU D 181 -52.90 27.47 61.91
C LEU D 181 -53.13 28.12 63.25
N SER D 182 -53.46 29.40 63.34
CA SER D 182 -53.77 29.85 64.69
C SER D 182 -55.10 29.20 64.98
N LYS D 183 -55.54 29.11 66.23
CA LYS D 183 -56.84 28.50 66.47
C LYS D 183 -57.92 29.22 65.68
N ALA D 184 -57.79 30.54 65.60
CA ALA D 184 -58.73 31.40 64.88
C ALA D 184 -58.79 31.07 63.40
N ASP D 185 -57.68 30.60 62.80
CA ASP D 185 -57.69 30.31 61.37
C ASP D 185 -58.26 28.90 61.20
N TYR D 186 -57.95 28.03 62.13
CA TYR D 186 -58.43 26.65 62.08
C TYR D 186 -59.94 26.63 62.03
N GLU D 187 -60.56 27.45 62.87
CA GLU D 187 -62.00 27.57 62.99
C GLU D 187 -62.69 28.07 61.71
N LYS D 188 -61.94 28.68 60.81
CA LYS D 188 -62.49 29.22 59.58
C LYS D 188 -62.46 28.24 58.41
N HIS D 189 -61.88 27.06 58.61
CA HIS D 189 -61.77 26.07 57.54
C HIS D 189 -62.53 24.81 57.91
N LYS D 190 -63.03 24.07 56.94
CA LYS D 190 -63.76 22.85 57.25
C LYS D 190 -63.07 21.56 56.84
N VAL D 191 -62.41 21.55 55.69
CA VAL D 191 -61.86 20.28 55.22
C VAL D 191 -60.36 20.22 55.21
N TYR D 192 -59.83 19.22 55.86
CA TYR D 192 -58.40 19.03 55.92
C TYR D 192 -57.98 17.73 55.28
N ALA D 193 -56.88 17.75 54.53
CA ALA D 193 -56.45 16.48 53.93
C ALA D 193 -54.93 16.34 53.72
N CYS D 194 -54.48 15.08 53.82
CA CYS D 194 -53.12 14.57 53.68
C CYS D 194 -52.99 13.83 52.35
N GLU D 195 -52.36 14.45 51.34
CA GLU D 195 -52.19 13.72 50.09
C GLU D 195 -50.79 13.13 50.08
N VAL D 196 -50.72 11.83 50.22
CA VAL D 196 -49.46 11.13 50.40
C VAL D 196 -48.87 10.59 49.12
N THR D 197 -47.65 11.01 48.83
CA THR D 197 -46.95 10.50 47.67
C THR D 197 -45.52 10.12 48.05
N HIS D 198 -44.91 9.23 47.28
CA HIS D 198 -43.49 8.93 47.47
C HIS D 198 -42.95 8.28 46.23
N GLN D 199 -41.63 8.08 46.18
CA GLN D 199 -41.03 7.52 44.98
C GLN D 199 -41.49 6.13 44.60
N GLY D 200 -41.89 5.31 45.57
CA GLY D 200 -42.31 3.96 45.28
C GLY D 200 -43.82 3.77 45.38
N LEU D 201 -44.57 4.86 45.49
CA LEU D 201 -46.00 4.73 45.68
C LEU D 201 -46.78 5.04 44.42
N SER D 202 -47.26 3.97 43.77
CA SER D 202 -47.98 4.07 42.50
C SER D 202 -49.44 4.41 42.70
N SER D 203 -49.87 4.33 43.95
CA SER D 203 -51.24 4.57 44.35
C SER D 203 -51.26 5.48 45.57
N PRO D 204 -51.33 6.82 45.38
CA PRO D 204 -51.26 7.82 46.42
C PRO D 204 -52.33 7.54 47.44
N VAL D 205 -52.01 7.87 48.68
CA VAL D 205 -52.92 7.63 49.78
C VAL D 205 -53.48 8.93 50.30
N THR D 206 -54.79 9.07 50.30
CA THR D 206 -55.31 10.34 50.80
C THR D 206 -56.18 10.13 52.01
N LYS D 207 -55.85 10.85 53.07
CA LYS D 207 -56.62 10.82 54.31
C LYS D 207 -57.20 12.19 54.56
N SER D 208 -58.35 12.25 55.19
CA SER D 208 -58.96 13.55 55.45
C SER D 208 -59.86 13.55 56.66
N PHE D 209 -60.18 14.74 57.12
CA PHE D 209 -61.13 14.93 58.20
C PHE D 209 -61.86 16.25 58.08
N ASN D 210 -63.01 16.33 58.73
CA ASN D 210 -63.74 17.58 58.80
C ASN D 210 -63.40 18.26 60.11
N ARG D 211 -63.46 19.56 60.14
CA ARG D 211 -63.20 20.23 61.39
C ARG D 211 -64.21 19.79 62.43
N GLY D 212 -63.71 19.47 63.62
CA GLY D 212 -64.53 19.04 64.74
C GLY D 212 -64.45 17.53 64.94
N GLU D 213 -63.92 16.81 63.96
CA GLU D 213 -63.78 15.37 64.10
C GLU D 213 -62.56 15.11 65.00
N CYS D 214 -62.63 14.00 65.78
CA CYS D 214 -61.71 13.46 66.78
C CYS D 214 -60.61 14.45 67.20
N GLU E 1 -1.12 7.09 66.51
CA GLU E 1 -2.39 7.74 66.25
C GLU E 1 -2.29 9.24 66.60
N VAL E 2 -2.64 10.11 65.65
CA VAL E 2 -2.66 11.58 65.76
C VAL E 2 -4.05 12.05 66.13
N GLN E 3 -4.20 12.76 67.26
CA GLN E 3 -5.55 13.24 67.55
C GLN E 3 -5.61 14.67 68.06
N LEU E 4 -6.71 15.34 67.75
CA LEU E 4 -7.02 16.67 68.21
C LEU E 4 -8.54 16.74 68.39
N VAL E 5 -9.02 16.87 69.63
CA VAL E 5 -10.46 16.81 69.88
C VAL E 5 -11.05 18.03 70.58
N GLU E 6 -12.11 18.54 69.96
CA GLU E 6 -12.89 19.72 70.33
C GLU E 6 -13.82 19.70 71.52
N SER E 7 -13.93 20.91 72.08
CA SER E 7 -14.84 21.31 73.14
C SER E 7 -15.08 22.82 73.07
N GLY E 8 -15.77 23.34 74.09
CA GLY E 8 -16.08 24.77 74.14
C GLY E 8 -17.27 25.23 73.30
N GLY E 9 -18.22 24.33 73.03
CA GLY E 9 -19.37 24.70 72.22
C GLY E 9 -20.37 25.47 73.07
N GLY E 10 -21.57 25.74 72.55
CA GLY E 10 -22.54 26.55 73.28
C GLY E 10 -23.28 27.55 72.40
N LEU E 11 -24.06 28.42 73.02
CA LEU E 11 -24.83 29.41 72.27
C LEU E 11 -24.23 30.80 72.29
N VAL E 12 -24.30 31.42 71.13
CA VAL E 12 -23.89 32.78 70.91
C VAL E 12 -25.07 33.61 70.44
N GLN E 13 -25.36 34.70 71.10
CA GLN E 13 -26.47 35.51 70.65
C GLN E 13 -26.03 36.17 69.36
N PRO E 14 -26.93 36.53 68.45
CA PRO E 14 -26.60 37.17 67.20
C PRO E 14 -25.73 38.38 67.40
N GLY E 15 -24.67 38.45 66.61
CA GLY E 15 -23.69 39.53 66.64
C GLY E 15 -22.53 39.26 67.60
N GLY E 16 -22.65 38.18 68.39
CA GLY E 16 -21.65 37.83 69.38
C GLY E 16 -20.55 36.93 68.89
N SER E 17 -19.84 36.31 69.84
CA SER E 17 -18.72 35.47 69.50
C SER E 17 -18.52 34.31 70.45
N LEU E 18 -17.76 33.32 69.98
CA LEU E 18 -17.39 32.16 70.80
C LEU E 18 -15.99 31.63 70.49
N ARG E 19 -15.27 31.25 71.55
CA ARG E 19 -13.96 30.63 71.39
C ARG E 19 -14.00 29.12 71.54
N LEU E 20 -13.59 28.41 70.50
CA LEU E 20 -13.52 26.96 70.52
C LEU E 20 -12.11 26.52 70.75
N SER E 21 -11.96 25.34 71.33
CA SER E 21 -10.62 24.81 71.51
C SER E 21 -10.61 23.29 71.39
N CYS E 22 -9.42 22.73 71.06
CA CYS E 22 -9.15 21.29 70.95
C CYS E 22 -7.87 20.92 71.68
N ALA E 23 -7.88 19.73 72.27
CA ALA E 23 -6.66 19.23 72.91
C ALA E 23 -5.98 18.19 72.02
N ALA E 24 -4.68 18.35 71.80
CA ALA E 24 -3.91 17.44 70.97
C ALA E 24 -3.29 16.33 71.82
N SER E 25 -3.11 15.17 71.21
CA SER E 25 -2.44 14.06 71.88
C SER E 25 -1.80 13.06 70.94
N GLY E 26 -0.64 12.52 71.38
CA GLY E 26 0.06 11.43 70.69
C GLY E 26 1.03 11.78 69.55
N PHE E 27 1.38 13.05 69.35
CA PHE E 27 2.26 13.34 68.22
C PHE E 27 3.04 14.63 68.36
N ASP E 28 4.03 14.77 67.51
CA ASP E 28 4.77 16.02 67.38
C ASP E 28 3.95 16.85 66.41
N LEU E 29 3.45 17.99 66.88
CA LEU E 29 2.54 18.80 66.07
C LEU E 29 3.25 19.43 64.88
N GLY E 30 4.56 19.53 64.95
CA GLY E 30 5.26 20.18 63.87
C GLY E 30 5.10 19.38 62.59
N GLY E 31 4.99 20.10 61.49
CA GLY E 31 4.83 19.50 60.17
C GLY E 31 3.36 19.33 59.79
N TYR E 32 2.47 19.48 60.77
CA TYR E 32 1.05 19.33 60.54
C TYR E 32 0.36 20.65 60.38
N SER E 33 -0.66 20.62 59.56
CA SER E 33 -1.53 21.73 59.36
C SER E 33 -2.85 21.46 60.06
N MET E 34 -3.15 22.35 61.00
CA MET E 34 -4.30 22.22 61.86
C MET E 34 -5.46 22.91 61.19
N HIS E 35 -6.62 22.25 61.15
CA HIS E 35 -7.76 22.85 60.52
C HIS E 35 -9.05 22.80 61.29
N TRP E 36 -9.86 23.83 61.07
CA TRP E 36 -11.21 23.82 61.59
C TRP E 36 -12.16 23.67 60.41
N VAL E 37 -13.17 22.83 60.63
CA VAL E 37 -14.20 22.53 59.66
C VAL E 37 -15.61 22.65 60.28
N ARG E 38 -16.51 23.29 59.56
CA ARG E 38 -17.87 23.50 60.03
C ARG E 38 -18.93 22.55 59.42
N GLN E 39 -19.82 22.01 60.25
CA GLN E 39 -20.90 21.18 59.73
C GLN E 39 -22.30 21.63 60.18
N ALA E 40 -22.98 22.43 59.37
CA ALA E 40 -24.28 22.92 59.78
C ALA E 40 -25.21 21.72 59.80
N PRO E 41 -26.25 21.65 60.64
CA PRO E 41 -27.16 20.54 60.64
C PRO E 41 -27.71 20.36 59.24
N GLY E 42 -27.71 19.12 58.74
CA GLY E 42 -28.24 18.81 57.42
C GLY E 42 -27.24 19.06 56.28
N LYS E 43 -26.05 19.54 56.62
CA LYS E 43 -25.02 19.88 55.64
C LYS E 43 -23.77 19.04 55.74
N GLY E 44 -22.90 19.23 54.74
CA GLY E 44 -21.62 18.56 54.68
C GLY E 44 -20.59 19.40 55.40
N LEU E 45 -19.33 19.20 55.07
CA LEU E 45 -18.23 19.84 55.77
C LEU E 45 -17.60 21.04 55.03
N GLU E 46 -17.69 22.20 55.64
CA GLU E 46 -17.16 23.44 55.08
C GLU E 46 -15.86 23.81 55.75
N TRP E 47 -14.78 23.89 55.01
CA TRP E 47 -13.55 24.24 55.72
C TRP E 47 -13.62 25.69 56.14
N VAL E 48 -13.15 25.97 57.35
CA VAL E 48 -13.15 27.31 57.91
C VAL E 48 -11.80 27.99 57.88
N ALA E 49 -10.80 27.31 58.43
CA ALA E 49 -9.49 27.94 58.57
C ALA E 49 -8.38 26.95 58.82
N GLY E 50 -7.14 27.38 58.52
CA GLY E 50 -5.99 26.56 58.82
C GLY E 50 -4.77 27.30 59.31
N ILE E 51 -3.99 26.62 60.14
CA ILE E 51 -2.73 27.14 60.65
C ILE E 51 -1.62 26.11 60.57
N TYR E 52 -0.45 26.51 60.11
CA TYR E 52 0.65 25.56 60.04
C TYR E 52 1.40 25.52 61.38
N ALA E 53 1.45 24.35 62.00
CA ALA E 53 2.02 24.20 63.36
C ALA E 53 3.48 24.59 63.47
N SER E 54 4.26 24.41 62.41
CA SER E 54 5.68 24.74 62.45
C SER E 54 6.01 26.13 61.93
N GLY E 55 5.00 26.91 61.52
CA GLY E 55 5.30 28.22 60.95
C GLY E 55 4.41 29.39 61.40
N GLY E 56 3.16 29.11 61.79
CA GLY E 56 2.23 30.15 62.20
C GLY E 56 1.46 30.73 61.03
N ALA E 57 1.76 30.23 59.83
CA ALA E 57 1.11 30.67 58.61
C ALA E 57 -0.34 30.29 58.64
N THR E 58 -1.23 31.13 58.10
CA THR E 58 -2.64 30.77 58.07
C THR E 58 -3.32 30.94 56.71
N ALA E 59 -4.50 30.34 56.61
CA ALA E 59 -5.39 30.44 55.47
C ALA E 59 -6.85 30.40 55.95
N TYR E 60 -7.74 31.10 55.24
CA TYR E 60 -9.17 31.11 55.58
C TYR E 60 -10.09 30.93 54.40
N ALA E 61 -11.29 30.39 54.67
CA ALA E 61 -12.35 30.31 53.66
C ALA E 61 -12.99 31.68 53.53
N ASP E 62 -13.47 32.04 52.33
CA ASP E 62 -14.06 33.37 52.17
C ASP E 62 -15.21 33.70 53.12
N SER E 63 -16.01 32.71 53.48
CA SER E 63 -17.20 32.88 54.32
C SER E 63 -16.90 33.33 55.74
N VAL E 64 -15.64 33.19 56.17
CA VAL E 64 -15.24 33.60 57.50
C VAL E 64 -14.11 34.64 57.49
N LYS E 65 -13.75 35.17 56.32
CA LYS E 65 -12.68 36.14 56.32
C LYS E 65 -13.18 37.40 56.97
N GLY E 66 -12.36 37.94 57.88
CA GLY E 66 -12.70 39.15 58.59
C GLY E 66 -13.62 38.85 59.77
N ARG E 67 -13.91 37.58 59.99
CA ARG E 67 -14.81 37.19 61.07
C ARG E 67 -14.13 36.22 62.02
N PHE E 68 -13.56 35.14 61.47
CA PHE E 68 -12.99 34.12 62.34
C PHE E 68 -11.47 34.17 62.30
N THR E 69 -10.83 33.88 63.43
CA THR E 69 -9.36 33.79 63.53
C THR E 69 -8.88 32.43 64.04
N ILE E 70 -7.88 31.87 63.37
CA ILE E 70 -7.35 30.57 63.77
C ILE E 70 -5.98 30.72 64.40
N SER E 71 -5.75 29.96 65.45
CA SER E 71 -4.47 29.96 66.14
C SER E 71 -4.20 28.62 66.79
N ALA E 72 -2.97 28.42 67.26
CA ALA E 72 -2.60 27.18 67.94
C ALA E 72 -1.54 27.48 68.96
N ASP E 73 -1.44 26.61 69.96
CA ASP E 73 -0.45 26.74 71.01
C ASP E 73 0.24 25.41 71.27
N THR E 74 1.49 25.32 70.86
CA THR E 74 2.22 24.06 70.90
C THR E 74 2.86 23.84 72.27
N SER E 75 2.78 24.84 73.15
CA SER E 75 3.32 24.70 74.51
C SER E 75 2.23 24.04 75.33
N LYS E 76 0.98 24.35 74.96
CA LYS E 76 -0.21 23.79 75.61
C LYS E 76 -0.65 22.50 74.92
N ASN E 77 -0.21 22.30 73.68
CA ASN E 77 -0.59 21.17 72.85
C ASN E 77 -2.08 21.21 72.57
N THR E 78 -2.55 22.40 72.20
CA THR E 78 -3.95 22.71 71.87
C THR E 78 -4.11 23.50 70.55
N ALA E 79 -5.37 23.62 70.11
CA ALA E 79 -5.74 24.41 68.92
C ALA E 79 -6.97 25.25 69.21
N TYR E 80 -7.06 26.44 68.57
CA TYR E 80 -8.16 27.38 68.81
C TYR E 80 -8.84 27.99 67.59
N LEU E 81 -10.10 28.39 67.77
CA LEU E 81 -10.80 29.20 66.77
C LEU E 81 -11.64 30.28 67.46
N GLN E 82 -11.36 31.52 67.11
CA GLN E 82 -12.10 32.66 67.63
C GLN E 82 -13.12 33.05 66.59
N MET E 83 -14.39 32.82 66.87
CA MET E 83 -15.38 33.10 65.85
C MET E 83 -16.21 34.34 66.18
N ASN E 84 -16.06 35.44 65.42
CA ASN E 84 -16.82 36.63 65.77
C ASN E 84 -17.99 36.89 64.82
N SER E 85 -18.81 37.89 65.18
CA SER E 85 -19.95 38.35 64.38
C SER E 85 -20.85 37.22 63.92
N LEU E 86 -21.27 36.35 64.85
CA LEU E 86 -22.11 35.18 64.56
C LEU E 86 -23.59 35.41 64.27
N ARG E 87 -24.09 34.60 63.36
CA ARG E 87 -25.47 34.62 62.88
C ARG E 87 -26.18 33.26 62.98
N ALA E 88 -27.49 33.24 62.74
CA ALA E 88 -28.24 31.97 62.78
C ALA E 88 -27.66 30.95 61.81
N GLU E 89 -27.15 31.44 60.71
CA GLU E 89 -26.56 30.66 59.64
C GLU E 89 -25.25 29.97 60.02
N ASP E 90 -24.66 30.37 61.16
CA ASP E 90 -23.40 29.81 61.62
C ASP E 90 -23.63 28.67 62.62
N THR E 91 -24.90 28.27 62.83
CA THR E 91 -25.11 27.13 63.70
C THR E 91 -24.49 25.95 63.01
N ALA E 92 -23.61 25.29 63.71
CA ALA E 92 -22.91 24.16 63.16
C ALA E 92 -22.15 23.40 64.18
N VAL E 93 -21.81 22.18 63.83
CA VAL E 93 -20.92 21.44 64.65
C VAL E 93 -19.51 21.75 64.16
N TYR E 94 -18.66 22.21 65.03
CA TYR E 94 -17.32 22.58 64.65
C TYR E 94 -16.34 21.51 65.03
N TYR E 95 -15.51 21.16 64.04
CA TYR E 95 -14.51 20.13 64.14
C TYR E 95 -13.07 20.59 64.03
N CYS E 96 -12.17 19.90 64.75
CA CYS E 96 -10.72 19.98 64.52
C CYS E 96 -10.30 18.77 63.72
N ALA E 97 -9.35 19.00 62.84
CA ALA E 97 -8.79 17.95 62.05
C ALA E 97 -7.38 18.30 61.61
N ARG E 98 -6.58 17.29 61.27
CA ARG E 98 -5.23 17.54 60.76
C ARG E 98 -4.87 16.81 59.46
N SER E 99 -4.01 17.50 58.69
CA SER E 99 -3.39 17.12 57.39
C SER E 99 -1.95 17.62 57.44
N TYR E 100 -1.16 17.44 56.38
CA TYR E 100 0.24 17.88 56.41
C TYR E 100 0.57 19.09 55.54
N TYR E 101 1.59 19.80 56.00
CA TYR E 101 2.21 20.92 55.29
C TYR E 101 1.22 21.96 54.82
N TYR E 102 1.26 22.22 53.51
CA TYR E 102 0.47 23.25 52.90
C TYR E 102 -0.55 22.77 51.86
N GLY E 103 -0.94 21.50 51.94
CA GLY E 103 -1.91 20.95 50.97
C GLY E 103 -1.32 19.78 50.17
N GLY E 104 -2.18 19.12 49.39
CA GLY E 104 -1.82 17.94 48.57
C GLY E 104 -2.11 16.61 49.27
N PHE E 105 -2.51 16.71 50.52
CA PHE E 105 -2.82 15.57 51.38
C PHE E 105 -4.15 15.86 52.10
N GLY E 106 -5.03 14.87 52.21
CA GLY E 106 -6.32 15.11 52.87
C GLY E 106 -6.18 15.01 54.37
N MET E 107 -7.27 15.08 55.11
CA MET E 107 -7.09 15.06 56.57
C MET E 107 -6.98 13.64 57.12
N ASP E 108 -5.96 13.44 57.95
CA ASP E 108 -5.58 12.20 58.62
C ASP E 108 -6.48 11.88 59.82
N TYR E 109 -6.87 12.91 60.56
CA TYR E 109 -7.68 12.72 61.78
C TYR E 109 -8.75 13.76 61.97
N TRP E 110 -9.92 13.30 62.46
CA TRP E 110 -11.05 14.15 62.82
C TRP E 110 -11.54 14.02 64.25
N GLY E 111 -11.94 15.13 64.83
CA GLY E 111 -12.55 15.13 66.15
C GLY E 111 -14.00 14.73 65.97
N GLN E 112 -14.79 14.73 67.04
CA GLN E 112 -16.17 14.25 66.94
C GLN E 112 -17.14 15.37 66.60
N GLY E 113 -16.77 16.57 66.98
CA GLY E 113 -17.52 17.78 66.71
C GLY E 113 -18.29 18.35 67.90
N THR E 114 -18.22 19.68 68.09
CA THR E 114 -18.94 20.33 69.18
C THR E 114 -19.92 21.36 68.62
N LEU E 115 -21.16 21.36 69.09
CA LEU E 115 -22.14 22.29 68.54
C LEU E 115 -22.07 23.70 69.09
N VAL E 116 -22.07 24.62 68.16
CA VAL E 116 -22.17 26.04 68.41
C VAL E 116 -23.41 26.50 67.72
N THR E 117 -24.24 27.20 68.44
CA THR E 117 -25.49 27.64 67.87
C THR E 117 -25.78 29.08 68.13
N VAL E 118 -26.65 29.64 67.31
CA VAL E 118 -27.11 30.99 67.48
C VAL E 118 -28.63 31.02 67.52
N SER E 119 -29.18 31.64 68.56
CA SER E 119 -30.63 31.77 68.69
C SER E 119 -31.04 32.93 69.58
N SER E 120 -32.19 33.49 69.22
CA SER E 120 -32.88 34.57 69.91
C SER E 120 -33.61 34.12 71.18
N ALA E 121 -33.74 32.83 71.36
CA ALA E 121 -34.48 32.27 72.48
C ALA E 121 -33.74 31.07 73.06
N SER E 122 -32.62 31.36 73.69
CA SER E 122 -31.63 30.40 74.18
C SER E 122 -31.97 29.46 75.34
N THR E 123 -33.00 29.76 76.13
CA THR E 123 -33.32 28.91 77.28
C THR E 123 -34.81 28.65 77.50
N LYS E 124 -35.33 27.57 76.94
CA LYS E 124 -36.76 27.29 77.10
C LYS E 124 -37.08 25.83 77.44
N GLY E 125 -38.09 25.64 78.28
CA GLY E 125 -38.54 24.29 78.54
C GLY E 125 -39.55 23.97 77.45
N PRO E 126 -40.06 22.75 77.39
CA PRO E 126 -41.04 22.25 76.45
C PRO E 126 -42.45 22.66 76.75
N SER E 127 -43.28 22.63 75.72
CA SER E 127 -44.72 22.73 75.84
C SER E 127 -45.28 21.53 75.07
N VAL E 128 -45.89 20.59 75.79
CA VAL E 128 -46.30 19.32 75.17
C VAL E 128 -47.80 19.10 75.17
N PHE E 129 -48.31 18.75 74.00
CA PHE E 129 -49.73 18.48 73.83
C PHE E 129 -49.97 17.15 73.10
N PRO E 130 -51.05 16.40 73.44
CA PRO E 130 -51.45 15.11 72.87
C PRO E 130 -52.03 15.13 71.46
N LEU E 131 -51.91 13.99 70.81
CA LEU E 131 -52.54 13.69 69.53
C LEU E 131 -53.59 12.62 69.77
N ALA E 132 -54.85 12.95 69.48
CA ALA E 132 -55.98 12.04 69.64
C ALA E 132 -55.77 10.90 68.66
N PRO E 133 -56.19 9.66 68.95
CA PRO E 133 -56.02 8.52 68.10
C PRO E 133 -56.98 8.59 66.97
N SER E 134 -56.74 7.84 65.92
CA SER E 134 -57.74 7.72 64.89
C SER E 134 -58.95 7.02 65.46
N SER E 135 -60.12 7.38 64.96
CA SER E 135 -61.39 6.77 65.35
C SER E 135 -61.50 5.32 64.88
N LYS E 136 -60.68 4.93 63.90
CA LYS E 136 -60.68 3.58 63.35
C LYS E 136 -59.27 2.99 63.31
N SER E 137 -59.19 1.67 63.50
CA SER E 137 -57.93 0.94 63.45
C SER E 137 -57.36 0.88 62.03
N THR E 138 -56.05 0.74 61.95
CA THR E 138 -55.32 0.59 60.69
C THR E 138 -54.95 -0.88 60.50
N SER E 139 -54.22 -1.17 59.44
CA SER E 139 -53.84 -2.53 59.14
C SER E 139 -53.09 -3.14 60.32
N GLY E 140 -53.46 -4.36 60.68
CA GLY E 140 -52.86 -5.06 61.82
C GLY E 140 -53.73 -4.92 63.07
N GLY E 141 -54.73 -4.03 63.00
CA GLY E 141 -55.67 -3.81 64.11
C GLY E 141 -55.15 -2.78 65.10
N THR E 142 -54.06 -2.11 64.74
CA THR E 142 -53.44 -1.14 65.59
C THR E 142 -53.96 0.27 65.43
N ALA E 143 -53.58 1.09 66.39
CA ALA E 143 -53.93 2.49 66.40
C ALA E 143 -52.88 3.22 67.20
N ALA E 144 -52.78 4.54 67.04
CA ALA E 144 -51.76 5.21 67.83
C ALA E 144 -52.17 6.50 68.46
N LEU E 145 -51.59 6.71 69.62
CA LEU E 145 -51.67 7.94 70.41
C LEU E 145 -50.38 8.67 70.27
N GLY E 146 -50.39 9.96 70.42
CA GLY E 146 -49.12 10.66 70.35
C GLY E 146 -49.08 12.00 71.04
N CYS E 147 -48.00 12.76 70.78
CA CYS E 147 -47.75 14.07 71.34
C CYS E 147 -46.86 14.90 70.41
N LEU E 148 -46.94 16.20 70.59
CA LEU E 148 -46.06 17.13 69.94
C LEU E 148 -45.29 17.86 71.00
N VAL E 149 -44.01 18.02 70.77
CA VAL E 149 -43.15 18.71 71.72
C VAL E 149 -42.72 20.00 71.05
N LYS E 150 -43.18 21.13 71.58
CA LYS E 150 -42.93 22.40 70.93
C LYS E 150 -42.18 23.43 71.78
N ASP E 151 -41.45 24.30 71.08
CA ASP E 151 -40.77 25.47 71.62
C ASP E 151 -39.78 25.30 72.78
N TYR E 152 -38.86 24.36 72.66
CA TYR E 152 -37.83 24.16 73.71
C TYR E 152 -36.42 24.48 73.21
N PHE E 153 -35.49 24.78 74.12
CA PHE E 153 -34.14 25.05 73.65
C PHE E 153 -33.11 25.01 74.78
N PRO E 154 -31.92 24.42 74.55
CA PRO E 154 -31.36 23.68 73.41
C PRO E 154 -31.75 22.21 73.27
N GLU E 155 -31.41 21.68 72.11
CA GLU E 155 -31.47 20.29 71.71
C GLU E 155 -30.14 19.68 72.20
N PRO E 156 -30.01 18.37 72.46
CA PRO E 156 -30.92 17.21 72.36
C PRO E 156 -32.07 17.07 73.33
N VAL E 157 -33.14 16.45 72.86
CA VAL E 157 -34.24 16.02 73.73
C VAL E 157 -34.49 14.54 73.52
N THR E 158 -34.70 13.82 74.61
CA THR E 158 -35.00 12.41 74.51
C THR E 158 -36.48 12.19 74.74
N VAL E 159 -37.14 11.53 73.79
CA VAL E 159 -38.58 11.30 73.94
C VAL E 159 -38.92 9.82 73.89
N SER E 160 -39.70 9.40 74.86
CA SER E 160 -40.19 8.04 75.05
C SER E 160 -41.54 8.09 75.73
N TRP E 161 -42.19 6.94 75.97
CA TRP E 161 -43.53 6.94 76.55
C TRP E 161 -43.65 6.29 77.92
N ASN E 162 -44.84 6.35 78.52
CA ASN E 162 -45.10 5.76 79.84
C ASN E 162 -44.08 6.23 80.84
N SER E 163 -43.82 7.53 80.83
CA SER E 163 -42.90 8.18 81.74
C SER E 163 -41.49 7.56 81.70
N GLY E 164 -41.08 7.11 80.51
CA GLY E 164 -39.76 6.53 80.26
C GLY E 164 -39.75 4.99 80.17
N ALA E 165 -40.83 4.35 80.59
CA ALA E 165 -40.91 2.89 80.57
C ALA E 165 -41.29 2.24 79.22
N LEU E 166 -41.87 3.00 78.29
CA LEU E 166 -42.38 2.40 77.06
C LEU E 166 -41.59 2.82 75.82
N THR E 167 -40.95 1.82 75.20
CA THR E 167 -40.18 1.98 73.97
C THR E 167 -40.78 1.12 72.83
N SER E 168 -41.64 0.18 73.19
CA SER E 168 -42.20 -0.74 72.21
C SER E 168 -43.31 -0.07 71.44
N GLY E 169 -43.18 -0.04 70.12
CA GLY E 169 -44.17 0.59 69.28
C GLY E 169 -43.95 2.09 69.21
N VAL E 170 -42.83 2.57 69.77
CA VAL E 170 -42.61 3.99 69.77
C VAL E 170 -41.88 4.49 68.54
N HIS E 171 -42.51 5.47 67.92
CA HIS E 171 -41.98 6.12 66.75
C HIS E 171 -41.77 7.59 67.02
N THR E 172 -40.52 8.02 67.04
CA THR E 172 -40.23 9.42 67.32
C THR E 172 -39.53 9.99 66.14
N PHE E 173 -39.64 11.29 66.00
CA PHE E 173 -38.98 12.07 64.98
C PHE E 173 -37.89 12.94 65.58
N PRO E 174 -36.86 13.31 64.83
CA PRO E 174 -35.83 14.23 65.24
C PRO E 174 -36.43 15.60 65.34
N ALA E 175 -35.85 16.42 66.19
CA ALA E 175 -36.30 17.79 66.29
C ALA E 175 -35.70 18.62 65.20
N VAL E 176 -36.44 19.64 64.85
CA VAL E 176 -36.00 20.61 63.88
C VAL E 176 -36.12 21.97 64.52
N LEU E 177 -35.40 22.96 64.00
CA LEU E 177 -35.46 24.30 64.58
C LEU E 177 -36.48 25.14 63.81
N GLN E 178 -37.40 25.75 64.55
CA GLN E 178 -38.46 26.58 64.00
C GLN E 178 -38.13 28.07 64.02
N SER E 179 -39.01 28.86 63.42
CA SER E 179 -38.87 30.32 63.29
C SER E 179 -38.93 31.05 64.62
N SER E 180 -39.41 30.35 65.64
CA SER E 180 -39.51 30.85 67.00
C SER E 180 -38.14 30.93 67.66
N GLY E 181 -37.14 30.26 67.06
CA GLY E 181 -35.78 30.19 67.58
C GLY E 181 -35.66 28.99 68.51
N LEU E 182 -36.75 28.23 68.57
CA LEU E 182 -36.89 27.07 69.41
C LEU E 182 -37.11 25.78 68.61
N TYR E 183 -36.79 24.65 69.23
CA TYR E 183 -36.92 23.32 68.62
C TYR E 183 -38.26 22.65 68.82
N SER E 184 -38.62 21.79 67.86
CA SER E 184 -39.83 20.98 67.98
C SER E 184 -39.73 19.62 67.29
N LEU E 185 -40.52 18.67 67.79
CA LEU E 185 -40.60 17.30 67.25
C LEU E 185 -41.93 16.66 67.59
N SER E 186 -42.13 15.43 67.12
CA SER E 186 -43.34 14.68 67.41
C SER E 186 -43.08 13.20 67.60
N SER E 187 -44.05 12.52 68.24
CA SER E 187 -44.02 11.08 68.40
C SER E 187 -45.39 10.44 68.59
N VAL E 188 -45.47 9.15 68.22
CA VAL E 188 -46.64 8.28 68.43
C VAL E 188 -46.30 6.90 68.95
N VAL E 189 -47.28 6.22 69.53
CA VAL E 189 -47.11 4.84 69.93
C VAL E 189 -48.15 3.97 69.25
N THR E 190 -47.71 2.98 68.45
CA THR E 190 -48.67 2.16 67.70
C THR E 190 -48.75 0.75 68.26
N VAL E 191 -49.94 0.42 68.78
CA VAL E 191 -50.25 -0.85 69.43
C VAL E 191 -51.61 -1.34 68.97
N PRO E 192 -52.01 -2.60 69.19
CA PRO E 192 -53.37 -3.06 68.92
C PRO E 192 -54.21 -2.01 69.60
N SER E 193 -55.26 -1.53 68.94
CA SER E 193 -56.01 -0.39 69.45
C SER E 193 -56.64 -0.54 70.82
N SER E 194 -56.97 -1.76 71.24
CA SER E 194 -57.59 -1.91 72.56
C SER E 194 -56.59 -1.62 73.68
N SER E 195 -55.29 -1.64 73.35
CA SER E 195 -54.26 -1.42 74.33
C SER E 195 -54.13 0.06 74.63
N LEU E 196 -54.73 0.91 73.80
CA LEU E 196 -54.61 2.34 74.02
C LEU E 196 -55.42 2.76 75.23
N GLY E 197 -56.39 1.93 75.64
CA GLY E 197 -57.22 2.24 76.80
C GLY E 197 -56.81 1.41 78.01
N THR E 198 -55.69 0.68 77.90
CA THR E 198 -55.24 -0.21 78.98
C THR E 198 -53.89 0.22 79.53
N GLN E 199 -52.95 0.44 78.61
CA GLN E 199 -51.58 0.82 78.92
C GLN E 199 -51.50 2.32 79.17
N THR E 200 -50.49 2.75 79.91
CA THR E 200 -50.24 4.15 80.17
C THR E 200 -49.36 4.77 79.09
N TYR E 201 -49.80 5.90 78.55
CA TYR E 201 -49.06 6.58 77.51
C TYR E 201 -48.75 8.01 77.88
N ILE E 202 -47.77 8.19 78.74
CA ILE E 202 -47.37 9.52 79.14
C ILE E 202 -46.13 9.90 78.35
N CYS E 203 -46.21 11.01 77.58
CA CYS E 203 -45.14 11.50 76.71
C CYS E 203 -44.04 12.01 77.65
N ASN E 204 -42.93 11.28 77.64
CA ASN E 204 -41.81 11.51 78.53
C ASN E 204 -40.79 12.31 77.77
N VAL E 205 -40.75 13.60 78.02
CA VAL E 205 -39.86 14.45 77.27
C VAL E 205 -38.76 14.98 78.19
N ASN E 206 -37.55 14.48 77.98
CA ASN E 206 -36.42 14.80 78.85
C ASN E 206 -35.43 15.77 78.24
N HIS E 207 -35.11 16.85 78.97
CA HIS E 207 -34.22 17.87 78.46
C HIS E 207 -33.05 18.14 79.38
N LYS E 208 -32.09 17.23 79.42
CA LYS E 208 -30.96 17.48 80.29
C LYS E 208 -30.31 18.86 79.97
N PRO E 209 -30.14 19.28 78.69
CA PRO E 209 -29.54 20.55 78.30
C PRO E 209 -30.23 21.82 78.81
N SER E 210 -31.51 21.72 79.23
CA SER E 210 -32.21 22.89 79.74
C SER E 210 -32.66 22.66 81.18
N ASN E 211 -32.12 21.59 81.79
CA ASN E 211 -32.38 21.15 83.15
C ASN E 211 -33.86 20.92 83.46
N THR E 212 -34.61 20.38 82.51
CA THR E 212 -36.03 20.14 82.78
C THR E 212 -36.57 18.87 82.14
N LYS E 213 -37.84 18.62 82.41
CA LYS E 213 -38.57 17.48 81.83
C LYS E 213 -40.06 17.69 81.98
N VAL E 214 -40.82 17.14 81.05
CA VAL E 214 -42.29 17.15 81.17
C VAL E 214 -42.90 15.80 80.91
N ASP E 215 -43.85 15.43 81.76
CA ASP E 215 -44.60 14.20 81.60
C ASP E 215 -46.04 14.54 81.22
N LYS E 216 -46.38 14.38 79.94
CA LYS E 216 -47.71 14.77 79.49
C LYS E 216 -48.58 13.55 79.22
N LYS E 217 -49.63 13.36 80.00
CA LYS E 217 -50.43 12.16 79.81
C LYS E 217 -51.29 12.25 78.56
N VAL E 218 -51.24 11.21 77.73
CA VAL E 218 -52.03 11.17 76.51
C VAL E 218 -53.06 10.07 76.61
N GLU E 219 -54.31 10.43 76.39
CA GLU E 219 -55.40 9.48 76.47
C GLU E 219 -56.20 9.45 75.17
N PRO E 220 -56.89 8.34 74.86
CA PRO E 220 -57.83 8.21 73.77
C PRO E 220 -58.97 9.16 73.96
N LYS E 221 -59.53 9.63 72.87
CA LYS E 221 -60.66 10.53 72.93
C LYS E 221 -61.84 9.83 72.34
N SER E 222 -63.02 10.15 72.82
CA SER E 222 -64.20 9.57 72.20
C SER E 222 -64.23 10.14 70.79
N CYS E 223 -64.54 9.28 69.77
CA CYS E 223 -64.61 9.64 68.35
C CYS E 223 -64.76 8.38 67.50
N ASP F 1 -55.42 -13.13 32.56
CA ASP F 1 -55.74 -11.70 32.62
C ASP F 1 -54.50 -10.87 32.22
N ILE F 2 -54.45 -10.47 30.93
CA ILE F 2 -53.38 -9.69 30.32
C ILE F 2 -53.86 -8.31 29.92
N GLN F 3 -53.41 -7.30 30.63
CA GLN F 3 -53.81 -5.94 30.35
C GLN F 3 -52.84 -5.35 29.34
N MET F 4 -53.30 -4.37 28.57
CA MET F 4 -52.41 -3.77 27.59
C MET F 4 -52.36 -2.26 27.69
N THR F 5 -51.22 -1.69 27.36
CA THR F 5 -51.06 -0.24 27.36
C THR F 5 -50.89 0.36 25.97
N GLN F 6 -51.70 1.38 25.69
CA GLN F 6 -51.60 2.12 24.45
C GLN F 6 -50.97 3.47 24.62
N SER F 7 -50.35 3.93 23.55
CA SER F 7 -49.78 5.25 23.50
C SER F 7 -49.68 5.68 22.04
N PRO F 8 -49.67 6.98 21.75
CA PRO F 8 -49.78 8.17 22.60
C PRO F 8 -51.21 8.31 23.04
N SER F 9 -51.52 9.23 23.95
CA SER F 9 -52.93 9.45 24.31
C SER F 9 -53.68 10.08 23.13
N SER F 10 -52.93 10.83 22.33
CA SER F 10 -53.44 11.45 21.12
C SER F 10 -52.28 11.62 20.15
N LEU F 11 -52.60 11.60 18.88
CA LEU F 11 -51.65 11.80 17.80
C LEU F 11 -52.13 12.92 16.90
N SER F 12 -51.21 13.75 16.42
CA SER F 12 -51.60 14.82 15.52
C SER F 12 -51.17 14.56 14.07
N ALA F 13 -52.15 14.47 13.15
CA ALA F 13 -51.89 14.19 11.74
C ALA F 13 -52.96 14.86 10.87
N SER F 14 -52.55 15.36 9.72
CA SER F 14 -53.46 16.00 8.78
C SER F 14 -54.09 14.99 7.86
N VAL F 15 -55.06 15.42 7.08
CA VAL F 15 -55.55 14.52 6.07
C VAL F 15 -54.40 14.30 5.09
N GLY F 16 -54.12 13.04 4.81
CA GLY F 16 -53.05 12.59 3.94
C GLY F 16 -51.77 12.22 4.70
N ASP F 17 -51.69 12.53 6.01
CA ASP F 17 -50.51 12.19 6.77
C ASP F 17 -50.54 10.79 7.33
N ARG F 18 -49.46 10.44 8.00
CA ARG F 18 -49.36 9.13 8.61
C ARG F 18 -49.70 9.18 10.09
N VAL F 19 -50.40 8.16 10.54
CA VAL F 19 -50.76 7.95 11.94
C VAL F 19 -50.10 6.73 12.48
N THR F 20 -49.43 6.86 13.62
CA THR F 20 -48.82 5.70 14.27
C THR F 20 -49.31 5.57 15.72
N ILE F 21 -49.95 4.46 16.02
CA ILE F 21 -50.50 4.18 17.36
C ILE F 21 -49.98 2.83 17.83
N THR F 22 -49.45 2.75 19.05
CA THR F 22 -48.93 1.45 19.47
C THR F 22 -49.71 0.88 20.67
N CYS F 23 -49.59 -0.45 20.87
CA CYS F 23 -50.17 -1.21 22.00
C CYS F 23 -49.20 -2.30 22.45
N ARG F 24 -48.98 -2.34 23.75
CA ARG F 24 -48.09 -3.29 24.40
C ARG F 24 -48.74 -4.16 25.45
N ALA F 25 -48.89 -5.42 25.14
CA ALA F 25 -49.45 -6.34 26.12
C ALA F 25 -48.41 -6.57 27.21
N SER F 26 -48.85 -6.69 28.46
CA SER F 26 -47.94 -6.99 29.57
C SER F 26 -47.39 -8.41 29.54
N GLN F 27 -48.06 -9.27 28.79
CA GLN F 27 -47.72 -10.67 28.62
C GLN F 27 -47.88 -10.98 27.15
N SER F 28 -47.17 -11.97 26.66
CA SER F 28 -47.40 -12.34 25.27
C SER F 28 -48.80 -12.85 25.06
N VAL F 29 -49.38 -12.38 23.98
CA VAL F 29 -50.71 -12.74 23.52
C VAL F 29 -50.58 -13.25 22.11
N SER F 30 -49.38 -13.75 21.78
CA SER F 30 -49.07 -14.14 20.43
C SER F 30 -49.32 -12.91 19.59
N SER F 31 -49.93 -13.07 18.46
CA SER F 31 -50.21 -11.97 17.56
C SER F 31 -51.67 -11.59 17.64
N ALA F 32 -52.40 -12.14 18.63
CA ALA F 32 -53.85 -11.97 18.70
C ALA F 32 -54.29 -10.63 19.28
N VAL F 33 -53.85 -9.55 18.63
CA VAL F 33 -54.24 -8.21 19.00
C VAL F 33 -54.97 -7.55 17.84
N ALA F 34 -56.22 -7.23 18.11
CA ALA F 34 -57.15 -6.64 17.19
C ALA F 34 -57.24 -5.16 17.42
N TRP F 35 -57.64 -4.41 16.41
CA TRP F 35 -57.80 -2.97 16.54
C TRP F 35 -59.14 -2.48 16.07
N TYR F 36 -59.62 -1.46 16.77
CA TYR F 36 -60.86 -0.82 16.47
C TYR F 36 -60.78 0.67 16.24
N GLN F 37 -61.68 1.16 15.39
CA GLN F 37 -61.84 2.58 15.07
C GLN F 37 -63.17 3.15 15.56
N GLN F 38 -63.18 3.99 16.59
CA GLN F 38 -64.46 4.48 17.11
C GLN F 38 -64.74 5.96 16.99
N LYS F 39 -65.91 6.28 16.45
CA LYS F 39 -66.34 7.67 16.33
C LYS F 39 -67.40 7.89 17.40
N PRO F 40 -67.58 9.09 17.94
CA PRO F 40 -68.60 9.37 18.91
C PRO F 40 -69.95 8.98 18.35
N GLY F 41 -70.75 8.30 19.16
CA GLY F 41 -72.08 7.89 18.75
C GLY F 41 -72.14 6.55 18.02
N LYS F 42 -70.97 5.95 17.72
CA LYS F 42 -70.91 4.70 16.97
C LYS F 42 -70.10 3.60 17.65
N ALA F 43 -70.41 2.35 17.28
CA ALA F 43 -69.62 1.22 17.75
C ALA F 43 -68.25 1.32 17.15
N PRO F 44 -67.19 0.84 17.81
CA PRO F 44 -65.89 0.76 17.22
C PRO F 44 -65.98 -0.17 16.02
N LYS F 45 -65.36 0.20 14.92
CA LYS F 45 -65.31 -0.65 13.74
C LYS F 45 -64.13 -1.57 13.87
N LEU F 46 -64.30 -2.82 13.48
CA LEU F 46 -63.17 -3.71 13.53
C LEU F 46 -62.29 -3.43 12.35
N LEU F 47 -61.05 -3.07 12.62
CA LEU F 47 -60.08 -2.78 11.59
C LEU F 47 -59.24 -4.01 11.32
N ILE F 48 -58.71 -4.52 12.42
CA ILE F 48 -57.74 -5.62 12.47
C ILE F 48 -58.13 -6.74 13.42
N TYR F 49 -57.99 -8.00 13.00
CA TYR F 49 -58.29 -9.15 13.87
C TYR F 49 -57.10 -9.66 14.65
N SER F 50 -55.92 -9.49 14.07
CA SER F 50 -54.65 -9.93 14.66
C SER F 50 -53.60 -9.04 14.07
N ALA F 51 -52.36 -9.09 14.52
CA ALA F 51 -51.36 -8.13 14.06
C ALA F 51 -51.20 -8.03 12.54
N SER F 52 -51.31 -9.14 11.82
CA SER F 52 -51.13 -9.10 10.37
C SER F 52 -52.41 -9.51 9.63
N ASP F 53 -53.54 -9.49 10.33
CA ASP F 53 -54.82 -9.89 9.75
C ASP F 53 -55.82 -8.73 9.71
N LEU F 54 -55.92 -8.12 8.53
CA LEU F 54 -56.75 -6.94 8.28
C LEU F 54 -58.17 -7.37 7.90
N TYR F 55 -59.18 -6.63 8.36
CA TYR F 55 -60.54 -6.93 8.00
C TYR F 55 -61.00 -6.33 6.67
N SER F 56 -61.61 -7.16 5.84
CA SER F 56 -62.14 -6.65 4.58
C SER F 56 -63.16 -5.57 4.90
N GLY F 57 -63.15 -4.48 4.13
CA GLY F 57 -64.07 -3.37 4.38
C GLY F 57 -63.36 -2.22 5.10
N VAL F 58 -62.15 -2.50 5.56
CA VAL F 58 -61.26 -1.57 6.21
C VAL F 58 -60.36 -1.02 5.13
N PRO F 59 -60.16 0.29 5.05
CA PRO F 59 -59.31 0.88 4.06
C PRO F 59 -57.95 0.24 4.05
N SER F 60 -57.35 0.13 2.87
CA SER F 60 -56.03 -0.49 2.61
C SER F 60 -54.90 0.32 3.24
N ARG F 61 -55.26 1.49 3.71
CA ARG F 61 -54.43 2.43 4.39
C ARG F 61 -53.95 1.83 5.71
N PHE F 62 -54.75 0.92 6.28
CA PHE F 62 -54.45 0.28 7.55
C PHE F 62 -53.54 -0.92 7.41
N SER F 63 -52.45 -0.86 8.16
CA SER F 63 -51.41 -1.89 8.16
C SER F 63 -50.64 -1.80 9.46
N GLY F 64 -49.72 -2.72 9.71
CA GLY F 64 -48.92 -2.63 10.91
C GLY F 64 -47.88 -3.74 11.00
N SER F 65 -47.12 -3.72 12.09
CA SER F 65 -46.05 -4.69 12.32
C SER F 65 -45.69 -4.81 13.79
N ARG F 66 -44.87 -5.81 14.12
CA ARG F 66 -44.47 -5.99 15.51
C ARG F 66 -42.98 -5.90 15.71
N SER F 67 -42.61 -5.46 16.91
CA SER F 67 -41.23 -5.41 17.34
C SER F 67 -41.16 -5.96 18.74
N GLY F 68 -40.65 -7.18 18.88
CA GLY F 68 -40.73 -7.83 20.18
C GLY F 68 -42.21 -8.04 20.47
N THR F 69 -42.65 -7.65 21.66
CA THR F 69 -44.05 -7.80 22.06
C THR F 69 -45.00 -6.76 21.43
N ASP F 70 -44.54 -5.51 21.36
CA ASP F 70 -45.36 -4.38 20.93
C ASP F 70 -45.86 -4.46 19.49
N PHE F 71 -47.10 -4.04 19.29
CA PHE F 71 -47.65 -3.93 17.93
C PHE F 71 -47.87 -2.48 17.56
N THR F 72 -47.45 -2.14 16.36
CA THR F 72 -47.63 -0.80 15.84
C THR F 72 -48.66 -0.76 14.72
N LEU F 73 -49.67 0.07 14.92
CA LEU F 73 -50.75 0.29 13.98
C LEU F 73 -50.53 1.55 13.19
N THR F 74 -50.59 1.48 11.88
CA THR F 74 -50.47 2.71 11.13
C THR F 74 -51.53 2.92 10.06
N ILE F 75 -51.71 4.20 9.72
CA ILE F 75 -52.55 4.64 8.62
C ILE F 75 -51.63 5.38 7.67
N SER F 76 -51.53 4.92 6.41
CA SER F 76 -50.61 5.53 5.45
C SER F 76 -51.00 6.87 4.82
N SER F 77 -52.28 7.20 4.85
CA SER F 77 -52.79 8.43 4.23
C SER F 77 -54.13 8.78 4.84
N LEU F 78 -54.11 9.37 6.00
CA LEU F 78 -55.30 9.56 6.82
C LEU F 78 -56.43 10.34 6.16
N GLN F 79 -57.64 9.79 6.18
CA GLN F 79 -58.78 10.50 5.57
C GLN F 79 -59.72 11.02 6.65
N PRO F 80 -60.61 12.00 6.39
CA PRO F 80 -61.58 12.51 7.36
C PRO F 80 -62.38 11.40 8.06
N GLU F 81 -62.66 10.32 7.33
CA GLU F 81 -63.40 9.17 7.84
C GLU F 81 -62.62 8.38 8.90
N ASP F 82 -61.32 8.64 9.00
CA ASP F 82 -60.46 7.94 9.93
C ASP F 82 -60.17 8.75 11.21
N PHE F 83 -60.84 9.86 11.42
CA PHE F 83 -60.56 10.55 12.69
C PHE F 83 -61.50 9.95 13.69
N ALA F 84 -60.89 9.14 14.54
CA ALA F 84 -61.55 8.27 15.49
C ALA F 84 -60.59 7.94 16.61
N THR F 85 -61.11 7.41 17.70
CA THR F 85 -60.27 6.93 18.78
C THR F 85 -59.93 5.48 18.48
N TYR F 86 -58.65 5.14 18.49
CA TYR F 86 -58.26 3.78 18.18
C TYR F 86 -57.97 2.95 19.40
N TYR F 87 -58.51 1.75 19.42
CA TYR F 87 -58.32 0.84 20.56
C TYR F 87 -57.72 -0.48 20.15
N CYS F 88 -56.92 -1.10 21.03
CA CYS F 88 -56.38 -2.46 20.85
C CYS F 88 -57.18 -3.45 21.72
N GLN F 89 -57.31 -4.69 21.25
CA GLN F 89 -57.96 -5.81 21.96
C GLN F 89 -57.15 -7.09 21.94
N GLN F 90 -56.97 -7.76 23.08
CA GLN F 90 -56.27 -9.05 22.99
C GLN F 90 -57.26 -10.14 23.29
N SER F 91 -57.20 -11.18 22.45
CA SER F 91 -58.07 -12.34 22.54
C SER F 91 -57.33 -13.63 22.89
N HIS F 92 -56.14 -13.54 23.47
CA HIS F 92 -55.36 -14.75 23.78
C HIS F 92 -55.76 -15.40 25.10
N THR F 93 -55.78 -14.61 26.18
CA THR F 93 -56.06 -15.16 27.52
C THR F 93 -57.21 -14.40 28.15
N TYR F 94 -58.11 -15.12 28.81
CA TYR F 94 -59.24 -14.47 29.44
C TYR F 94 -58.88 -13.86 30.80
N PRO F 95 -59.55 -12.76 31.17
CA PRO F 95 -60.54 -11.96 30.46
C PRO F 95 -59.99 -11.30 29.21
N ILE F 96 -60.86 -11.06 28.25
CA ILE F 96 -60.48 -10.32 27.07
C ILE F 96 -60.26 -8.91 27.50
N THR F 97 -59.20 -8.30 27.04
CA THR F 97 -58.94 -6.95 27.48
C THR F 97 -58.78 -6.01 26.31
N PHE F 98 -58.88 -4.74 26.62
CA PHE F 98 -58.69 -3.68 25.66
C PHE F 98 -57.73 -2.64 26.21
N GLY F 99 -57.15 -1.87 25.31
CA GLY F 99 -56.26 -0.77 25.68
C GLY F 99 -57.11 0.46 26.01
N GLN F 100 -56.48 1.61 26.15
CA GLN F 100 -57.19 2.81 26.60
C GLN F 100 -57.88 3.66 25.53
N GLY F 101 -57.37 3.63 24.30
CA GLY F 101 -57.90 4.45 23.23
C GLY F 101 -57.02 5.67 22.90
N THR F 102 -56.63 5.81 21.63
CA THR F 102 -55.81 6.94 21.17
C THR F 102 -56.53 7.83 20.18
N LYS F 103 -56.63 9.11 20.51
CA LYS F 103 -57.32 10.11 19.67
C LYS F 103 -56.45 10.62 18.53
N VAL F 104 -57.06 11.05 17.42
CA VAL F 104 -56.28 11.67 16.35
C VAL F 104 -56.82 13.09 16.07
N GLU F 105 -55.91 14.05 16.05
CA GLU F 105 -56.14 15.49 15.84
C GLU F 105 -55.82 15.79 14.38
N ILE F 106 -56.29 16.92 13.82
CA ILE F 106 -56.06 17.25 12.40
C ILE F 106 -54.80 18.10 12.11
N LYS F 107 -53.95 18.28 13.13
CA LYS F 107 -52.63 18.94 13.05
C LYS F 107 -52.60 20.35 12.43
N ARG F 108 -53.44 21.25 12.91
CA ARG F 108 -53.42 22.59 12.34
C ARG F 108 -52.71 23.61 13.24
N THR F 109 -53.10 24.87 13.12
CA THR F 109 -52.45 26.01 13.76
C THR F 109 -52.58 26.09 15.28
N VAL F 110 -51.43 26.35 15.91
CA VAL F 110 -51.28 26.57 17.34
C VAL F 110 -51.63 28.00 17.68
N ALA F 111 -52.46 28.18 18.71
CA ALA F 111 -52.88 29.51 19.11
C ALA F 111 -53.21 29.59 20.59
N ALA F 112 -52.93 30.75 21.19
CA ALA F 112 -53.28 31.00 22.58
C ALA F 112 -54.79 31.18 22.66
N PRO F 113 -55.45 30.83 23.78
CA PRO F 113 -56.85 31.04 24.04
C PRO F 113 -57.22 32.45 24.31
N SER F 114 -58.45 32.74 24.00
CA SER F 114 -59.06 33.96 24.45
C SER F 114 -59.59 33.60 25.81
N VAL F 115 -59.09 34.25 26.85
CA VAL F 115 -59.49 33.79 28.19
C VAL F 115 -60.59 34.63 28.78
N PHE F 116 -61.71 33.99 29.03
CA PHE F 116 -62.90 34.64 29.58
C PHE F 116 -63.15 34.20 30.99
N ILE F 117 -63.08 35.12 31.94
CA ILE F 117 -63.34 34.72 33.32
C ILE F 117 -64.71 35.34 33.62
N PHE F 118 -65.60 34.51 34.16
CA PHE F 118 -66.97 34.82 34.47
C PHE F 118 -67.24 34.64 35.97
N PRO F 119 -67.10 35.69 36.78
CA PRO F 119 -67.31 35.63 38.22
C PRO F 119 -68.73 35.10 38.40
N PRO F 120 -69.05 34.42 39.51
CA PRO F 120 -70.38 33.90 39.78
C PRO F 120 -71.38 35.06 39.66
N SER F 121 -72.47 34.82 38.97
CA SER F 121 -73.51 35.83 38.77
C SER F 121 -74.48 35.90 39.92
N ASP F 122 -75.24 36.98 40.02
CA ASP F 122 -76.22 37.10 41.08
C ASP F 122 -77.28 36.01 41.00
N GLU F 123 -77.63 35.63 39.78
CA GLU F 123 -78.67 34.61 39.58
C GLU F 123 -78.13 33.23 39.95
N GLN F 124 -76.89 32.92 39.57
CA GLN F 124 -76.34 31.62 39.89
C GLN F 124 -76.21 31.44 41.38
N LEU F 125 -75.91 32.52 42.07
CA LEU F 125 -75.71 32.51 43.51
C LEU F 125 -77.01 32.27 44.29
N LYS F 126 -78.17 32.34 43.62
CA LYS F 126 -79.45 32.09 44.27
C LYS F 126 -79.58 30.61 44.60
N SER F 127 -78.73 29.79 43.99
CA SER F 127 -78.72 28.35 44.22
C SER F 127 -78.15 28.01 45.58
N GLY F 128 -77.48 28.96 46.23
CA GLY F 128 -76.86 28.72 47.52
C GLY F 128 -75.38 28.34 47.36
N THR F 129 -74.94 28.21 46.12
CA THR F 129 -73.57 27.85 45.78
C THR F 129 -72.97 28.93 44.92
N ALA F 130 -71.68 28.85 44.68
CA ALA F 130 -70.99 29.77 43.81
C ALA F 130 -70.07 29.06 42.84
N SER F 131 -70.26 29.31 41.56
CA SER F 131 -69.43 28.68 40.55
C SER F 131 -68.66 29.70 39.77
N VAL F 132 -67.35 29.65 39.93
CA VAL F 132 -66.48 30.59 39.25
C VAL F 132 -66.18 29.92 37.93
N VAL F 133 -66.45 30.59 36.82
CA VAL F 133 -66.29 29.92 35.54
C VAL F 133 -65.25 30.59 34.67
N CYS F 134 -64.33 29.82 34.05
CA CYS F 134 -63.34 30.35 33.10
C CYS F 134 -63.30 29.47 31.88
N LEU F 135 -63.44 30.12 30.74
CA LEU F 135 -63.43 29.40 29.50
C LEU F 135 -62.27 29.83 28.64
N LEU F 136 -61.59 28.85 28.11
CA LEU F 136 -60.48 29.12 27.24
C LEU F 136 -61.01 28.91 25.86
N ASN F 137 -61.14 29.97 25.07
CA ASN F 137 -61.74 29.77 23.75
C ASN F 137 -60.77 29.76 22.59
N ASN F 138 -61.07 28.87 21.64
CA ASN F 138 -60.37 28.75 20.36
C ASN F 138 -58.84 28.58 20.39
N PHE F 139 -58.35 27.60 21.15
CA PHE F 139 -56.90 27.39 21.25
C PHE F 139 -56.44 25.99 20.85
N TYR F 140 -55.16 25.87 20.54
CA TYR F 140 -54.52 24.60 20.15
C TYR F 140 -53.05 24.70 20.52
N PRO F 141 -52.36 23.64 20.99
CA PRO F 141 -52.60 22.19 21.09
C PRO F 141 -53.73 21.74 21.99
N ARG F 142 -54.07 20.46 21.85
CA ARG F 142 -55.15 19.83 22.59
C ARG F 142 -54.99 19.83 24.12
N GLU F 143 -53.78 19.75 24.64
CA GLU F 143 -53.64 19.71 26.09
C GLU F 143 -53.50 21.09 26.74
N ALA F 144 -54.46 21.43 27.62
CA ALA F 144 -54.51 22.71 28.33
C ALA F 144 -55.23 22.56 29.65
N LYS F 145 -54.82 23.39 30.62
CA LYS F 145 -55.40 23.39 31.95
C LYS F 145 -55.53 24.79 32.56
N VAL F 146 -56.44 24.91 33.51
CA VAL F 146 -56.54 26.13 34.27
C VAL F 146 -56.06 25.91 35.68
N GLN F 147 -55.13 26.74 36.07
CA GLN F 147 -54.56 26.72 37.38
C GLN F 147 -55.40 27.70 38.18
N TRP F 148 -56.35 27.15 38.91
CA TRP F 148 -57.31 27.97 39.62
C TRP F 148 -56.81 28.48 40.93
N LYS F 149 -57.02 29.77 41.17
CA LYS F 149 -56.59 30.31 42.43
C LYS F 149 -57.69 30.99 43.24
N VAL F 150 -57.59 30.79 44.55
CA VAL F 150 -58.45 31.42 45.56
C VAL F 150 -57.54 32.14 46.56
N ASP F 151 -57.69 33.47 46.65
CA ASP F 151 -56.82 34.35 47.44
C ASP F 151 -55.39 34.15 47.02
N ASN F 152 -55.23 33.98 45.72
CA ASN F 152 -53.98 33.76 45.01
C ASN F 152 -53.27 32.46 45.37
N ALA F 153 -53.93 31.57 46.12
CA ALA F 153 -53.37 30.27 46.42
C ALA F 153 -53.79 29.33 45.33
N LEU F 154 -52.93 28.42 44.91
CA LEU F 154 -53.40 27.46 43.93
C LEU F 154 -54.24 26.44 44.65
N GLN F 155 -55.44 26.21 44.13
CA GLN F 155 -56.37 25.28 44.73
C GLN F 155 -56.54 24.04 43.88
N SER F 156 -56.59 22.87 44.53
CA SER F 156 -56.71 21.63 43.79
C SER F 156 -57.66 20.61 44.41
N GLY F 157 -58.72 20.29 43.66
CA GLY F 157 -59.78 19.39 44.12
C GLY F 157 -61.17 20.03 44.15
N ASN F 158 -61.25 21.36 44.09
CA ASN F 158 -62.57 22.01 44.09
C ASN F 158 -63.01 22.38 42.68
N SER F 159 -62.21 21.98 41.68
CA SER F 159 -62.55 22.31 40.31
C SER F 159 -63.26 21.18 39.57
N GLN F 160 -63.92 21.58 38.49
CA GLN F 160 -64.64 20.69 37.58
C GLN F 160 -64.28 21.03 36.15
N GLU F 161 -64.28 20.04 35.24
CA GLU F 161 -63.98 20.32 33.84
C GLU F 161 -64.84 19.57 32.81
N SER F 162 -64.99 20.19 31.65
CA SER F 162 -65.60 19.60 30.44
C SER F 162 -64.92 20.20 29.23
N VAL F 163 -64.71 19.40 28.20
CA VAL F 163 -64.01 19.92 27.02
C VAL F 163 -64.78 19.72 25.73
N THR F 164 -64.77 20.72 24.85
CA THR F 164 -65.50 20.61 23.61
C THR F 164 -64.64 20.04 22.48
N GLU F 165 -65.26 19.92 21.32
CA GLU F 165 -64.66 19.31 20.15
C GLU F 165 -63.80 20.30 19.36
N GLN F 166 -62.89 19.76 18.57
CA GLN F 166 -62.01 20.57 17.75
C GLN F 166 -62.61 20.97 16.41
N ASP F 167 -62.30 22.21 16.03
CA ASP F 167 -62.66 22.83 14.77
C ASP F 167 -62.02 22.11 13.59
N SER F 168 -62.81 21.85 12.56
CA SER F 168 -62.34 21.13 11.37
C SER F 168 -61.30 21.85 10.51
N LYS F 169 -61.12 23.16 10.69
CA LYS F 169 -60.11 23.86 9.90
C LYS F 169 -58.92 24.32 10.75
N ASP F 170 -59.18 24.74 12.00
CA ASP F 170 -58.12 25.24 12.86
C ASP F 170 -57.55 24.29 13.93
N SER F 171 -58.23 23.17 14.25
CA SER F 171 -57.86 22.22 15.33
C SER F 171 -58.05 22.79 16.71
N THR F 172 -58.57 23.99 16.79
CA THR F 172 -58.76 24.60 18.06
C THR F 172 -60.02 24.13 18.71
N TYR F 173 -60.07 24.33 20.00
CA TYR F 173 -61.23 23.92 20.77
C TYR F 173 -61.30 24.78 21.99
N SER F 174 -62.40 24.70 22.70
CA SER F 174 -62.49 25.45 23.93
C SER F 174 -62.47 24.53 25.16
N LEU F 175 -62.00 25.05 26.28
CA LEU F 175 -61.96 24.30 27.54
C LEU F 175 -62.81 24.96 28.61
N SER F 176 -63.67 24.20 29.25
CA SER F 176 -64.48 24.73 30.33
C SER F 176 -64.03 24.27 31.68
N SER F 177 -63.73 25.19 32.57
CA SER F 177 -63.35 24.79 33.90
C SER F 177 -64.02 25.70 34.90
N THR F 178 -64.37 25.13 36.04
CA THR F 178 -65.00 25.88 37.11
C THR F 178 -64.47 25.56 38.49
N LEU F 179 -64.75 26.45 39.44
CA LEU F 179 -64.53 26.21 40.86
C LEU F 179 -65.82 26.27 41.63
N THR F 180 -66.08 25.27 42.47
CA THR F 180 -67.31 25.33 43.24
C THR F 180 -67.00 25.55 44.70
N LEU F 181 -67.59 26.62 45.18
CA LEU F 181 -67.52 27.10 46.54
C LEU F 181 -68.97 27.16 46.99
N SER F 182 -69.29 27.00 48.28
CA SER F 182 -70.69 27.26 48.60
C SER F 182 -70.78 28.77 48.54
N LYS F 183 -71.97 29.37 48.50
CA LYS F 183 -72.00 30.84 48.47
C LYS F 183 -71.27 31.40 49.67
N ALA F 184 -71.43 30.73 50.81
CA ALA F 184 -70.81 31.11 52.06
C ALA F 184 -69.28 31.07 51.98
N ASP F 185 -68.69 30.17 51.16
CA ASP F 185 -67.25 30.10 51.10
C ASP F 185 -66.78 31.16 50.14
N TYR F 186 -67.57 31.39 49.10
CA TYR F 186 -67.23 32.38 48.10
C TYR F 186 -67.03 33.73 48.77
N GLU F 187 -67.97 34.07 49.64
CA GLU F 187 -67.99 35.34 50.37
C GLU F 187 -66.80 35.53 51.32
N LYS F 188 -66.10 34.46 51.67
CA LYS F 188 -64.99 34.52 52.61
C LYS F 188 -63.65 34.74 51.93
N HIS F 189 -63.62 34.78 50.58
CA HIS F 189 -62.37 34.99 49.87
C HIS F 189 -62.47 36.30 49.12
N LYS F 190 -61.35 36.96 48.87
CA LYS F 190 -61.37 38.24 48.16
C LYS F 190 -60.92 38.15 46.72
N VAL F 191 -59.91 37.33 46.46
CA VAL F 191 -59.36 37.31 45.09
C VAL F 191 -59.49 35.99 44.37
N TYR F 192 -60.02 36.05 43.17
CA TYR F 192 -60.14 34.85 42.37
C TYR F 192 -59.41 34.99 41.06
N ALA F 193 -58.84 33.90 40.58
CA ALA F 193 -58.16 34.00 39.30
C ALA F 193 -58.11 32.67 38.52
N CYS F 194 -57.96 32.81 37.18
CA CYS F 194 -57.81 31.77 36.16
C CYS F 194 -56.43 31.91 35.51
N GLU F 195 -55.47 31.07 35.91
CA GLU F 195 -54.14 31.13 35.30
C GLU F 195 -54.08 30.09 34.21
N VAL F 196 -54.01 30.55 32.98
CA VAL F 196 -54.09 29.65 31.87
C VAL F 196 -52.79 29.21 31.29
N THR F 197 -52.60 27.90 31.28
CA THR F 197 -51.39 27.33 30.75
C THR F 197 -51.74 26.24 29.76
N HIS F 198 -50.87 25.99 28.80
CA HIS F 198 -51.06 24.88 27.88
C HIS F 198 -49.75 24.53 27.21
N GLN F 199 -49.75 23.45 26.44
CA GLN F 199 -48.49 23.01 25.83
C GLN F 199 -47.85 23.99 24.85
N GLY F 200 -48.61 24.88 24.21
CA GLY F 200 -48.03 25.82 23.26
C GLY F 200 -47.90 27.24 23.82
N LEU F 201 -48.15 27.43 25.12
CA LEU F 201 -48.14 28.78 25.66
C LEU F 201 -46.95 29.08 26.56
N SER F 202 -46.05 29.93 26.06
CA SER F 202 -44.83 30.30 26.76
C SER F 202 -45.02 31.38 27.81
N SER F 203 -46.19 32.00 27.78
CA SER F 203 -46.52 33.11 28.65
C SER F 203 -47.94 32.97 29.18
N PRO F 204 -48.12 32.38 30.36
CA PRO F 204 -49.43 32.09 30.96
C PRO F 204 -50.29 33.33 31.01
N VAL F 205 -51.55 33.14 30.70
CA VAL F 205 -52.51 34.25 30.67
C VAL F 205 -53.35 34.24 31.90
N THR F 206 -53.31 35.30 32.71
CA THR F 206 -54.11 35.25 33.91
C THR F 206 -55.18 36.31 33.95
N LYS F 207 -56.40 35.87 34.21
CA LYS F 207 -57.54 36.75 34.35
C LYS F 207 -57.99 36.67 35.80
N SER F 208 -58.49 37.77 36.34
CA SER F 208 -58.92 37.76 37.74
C SER F 208 -60.03 38.72 38.05
N PHE F 209 -60.63 38.53 39.22
CA PHE F 209 -61.67 39.40 39.73
C PHE F 209 -61.71 39.44 41.25
N ASN F 210 -62.35 40.46 41.79
CA ASN F 210 -62.54 40.53 43.23
C ASN F 210 -63.91 39.97 43.56
N ARG F 211 -64.04 39.45 44.76
CA ARG F 211 -65.31 38.90 45.16
C ARG F 211 -66.42 39.95 45.10
N GLY F 212 -67.55 39.57 44.50
CA GLY F 212 -68.71 40.44 44.38
C GLY F 212 -68.81 41.18 43.04
N GLU F 213 -67.74 41.17 42.25
CA GLU F 213 -67.77 41.85 40.96
C GLU F 213 -68.53 41.02 39.93
N CYS F 214 -69.21 41.70 38.95
CA CYS F 214 -69.91 41.13 37.79
C CYS F 214 -71.05 40.21 38.22
N GLU G 1 -73.71 -9.56 4.09
CA GLU G 1 -73.68 -8.61 5.19
C GLU G 1 -74.25 -9.27 6.46
N VAL G 2 -73.53 -9.10 7.59
CA VAL G 2 -73.88 -9.59 8.92
C VAL G 2 -74.00 -8.43 9.90
N GLN G 3 -75.11 -8.42 10.62
CA GLN G 3 -75.40 -7.40 11.60
C GLN G 3 -75.68 -8.02 12.96
N LEU G 4 -75.47 -7.23 13.99
CA LEU G 4 -75.79 -7.58 15.37
C LEU G 4 -76.58 -6.42 15.95
N VAL G 5 -77.80 -6.68 16.41
CA VAL G 5 -78.64 -5.59 16.87
C VAL G 5 -79.09 -5.70 18.32
N GLU G 6 -78.73 -4.68 19.09
CA GLU G 6 -79.02 -4.59 20.52
C GLU G 6 -80.34 -3.92 20.89
N SER G 7 -80.85 -4.29 22.06
CA SER G 7 -82.00 -3.66 22.69
C SER G 7 -82.03 -3.89 24.21
N GLY G 8 -83.07 -3.36 24.86
CA GLY G 8 -83.27 -3.55 26.30
C GLY G 8 -82.57 -2.55 27.25
N GLY G 9 -82.16 -1.37 26.78
CA GLY G 9 -81.46 -0.45 27.67
C GLY G 9 -82.46 0.29 28.58
N GLY G 10 -81.99 1.29 29.32
CA GLY G 10 -82.86 1.99 30.27
C GLY G 10 -82.22 2.15 31.66
N LEU G 11 -82.91 2.84 32.56
CA LEU G 11 -82.40 3.06 33.91
C LEU G 11 -82.84 2.02 34.91
N VAL G 12 -81.90 1.68 35.77
CA VAL G 12 -82.07 0.77 36.87
C VAL G 12 -81.79 1.52 38.16
N GLN G 13 -82.67 1.40 39.13
CA GLN G 13 -82.43 2.09 40.39
C GLN G 13 -81.19 1.43 41.00
N PRO G 14 -80.37 2.09 41.80
CA PRO G 14 -79.23 1.47 42.41
C PRO G 14 -79.72 0.23 43.18
N GLY G 15 -79.02 -0.87 42.99
CA GLY G 15 -79.30 -2.15 43.63
C GLY G 15 -80.27 -3.02 42.82
N GLY G 16 -80.79 -2.49 41.71
CA GLY G 16 -81.74 -3.21 40.88
C GLY G 16 -81.08 -4.01 39.78
N SER G 17 -81.88 -4.43 38.79
CA SER G 17 -81.34 -5.26 37.71
C SER G 17 -82.00 -4.95 36.37
N LEU G 18 -81.30 -5.32 35.31
CA LEU G 18 -81.78 -5.17 33.94
C LEU G 18 -81.32 -6.26 32.98
N ARG G 19 -82.25 -6.71 32.13
CA ARG G 19 -81.93 -7.69 31.09
C ARG G 19 -81.72 -7.08 29.72
N LEU G 20 -80.53 -7.30 29.15
CA LEU G 20 -80.20 -6.84 27.80
C LEU G 20 -80.20 -7.99 26.84
N SER G 21 -80.45 -7.68 25.58
CA SER G 21 -80.38 -8.72 24.58
C SER G 21 -79.95 -8.16 23.23
N CYS G 22 -79.40 -9.06 22.37
CA CYS G 22 -79.02 -8.79 20.99
C CYS G 22 -79.44 -9.92 20.08
N ALA G 23 -79.85 -9.58 18.87
CA ALA G 23 -80.16 -10.60 17.88
C ALA G 23 -79.13 -10.62 16.77
N ALA G 24 -78.83 -11.81 16.26
CA ALA G 24 -77.94 -11.93 15.13
C ALA G 24 -78.76 -11.84 13.85
N SER G 25 -78.19 -11.25 12.81
CA SER G 25 -78.88 -11.21 11.53
C SER G 25 -77.93 -11.42 10.36
N GLY G 26 -78.19 -12.46 9.58
CA GLY G 26 -77.30 -12.81 8.46
C GLY G 26 -76.23 -13.80 8.89
N PHE G 27 -76.21 -14.12 10.18
CA PHE G 27 -75.23 -15.02 10.75
C PHE G 27 -75.84 -15.89 11.83
N ASP G 28 -75.49 -17.17 11.78
CA ASP G 28 -75.84 -18.20 12.75
C ASP G 28 -74.88 -18.12 13.91
N LEU G 29 -75.35 -17.84 15.10
CA LEU G 29 -74.45 -17.68 16.24
C LEU G 29 -73.60 -18.91 16.51
N GLY G 30 -74.08 -20.12 16.20
CA GLY G 30 -73.31 -21.30 16.53
C GLY G 30 -71.95 -21.30 15.85
N GLY G 31 -70.93 -21.69 16.61
CA GLY G 31 -69.54 -21.75 16.17
C GLY G 31 -68.75 -20.55 16.71
N TYR G 32 -69.47 -19.50 17.10
CA TYR G 32 -68.89 -18.29 17.68
C TYR G 32 -69.17 -18.14 19.14
N SER G 33 -68.26 -17.44 19.80
CA SER G 33 -68.50 -17.02 21.15
C SER G 33 -69.09 -15.64 21.07
N MET G 34 -70.19 -15.46 21.77
CA MET G 34 -70.88 -14.20 21.80
C MET G 34 -70.41 -13.45 23.03
N HIS G 35 -70.06 -12.19 22.86
CA HIS G 35 -69.52 -11.41 23.95
C HIS G 35 -70.25 -10.13 24.25
N TRP G 36 -70.22 -9.78 25.52
CA TRP G 36 -70.73 -8.53 26.00
C TRP G 36 -69.56 -7.69 26.44
N VAL G 37 -69.60 -6.44 26.06
CA VAL G 37 -68.56 -5.49 26.44
C VAL G 37 -69.24 -4.20 26.96
N ARG G 38 -68.51 -3.38 27.68
CA ARG G 38 -69.04 -2.17 28.28
C ARG G 38 -68.24 -0.88 28.01
N GLN G 39 -68.96 0.23 27.79
CA GLN G 39 -68.34 1.56 27.62
C GLN G 39 -68.95 2.64 28.52
N ALA G 40 -68.42 2.82 29.73
CA ALA G 40 -68.95 3.81 30.67
C ALA G 40 -68.71 5.19 30.08
N PRO G 41 -69.55 6.21 30.31
CA PRO G 41 -69.32 7.54 29.78
C PRO G 41 -67.96 8.04 30.22
N GLY G 42 -67.19 8.57 29.28
CA GLY G 42 -65.88 9.12 29.57
C GLY G 42 -64.77 8.06 29.66
N LYS G 43 -65.14 6.80 29.49
CA LYS G 43 -64.22 5.68 29.60
C LYS G 43 -64.04 4.92 28.30
N GLY G 44 -63.02 4.07 28.28
CA GLY G 44 -62.74 3.24 27.14
C GLY G 44 -63.57 1.97 27.20
N LEU G 45 -63.17 0.97 26.46
CA LEU G 45 -63.89 -0.27 26.33
C LEU G 45 -63.39 -1.40 27.25
N GLU G 46 -64.32 -1.98 28.00
CA GLU G 46 -64.08 -3.06 28.95
C GLU G 46 -64.80 -4.35 28.56
N TRP G 47 -64.15 -5.51 28.63
CA TRP G 47 -64.89 -6.74 28.33
C TRP G 47 -65.67 -7.20 29.54
N VAL G 48 -66.89 -7.68 29.32
CA VAL G 48 -67.71 -8.21 30.41
C VAL G 48 -67.76 -9.73 30.46
N ALA G 49 -68.14 -10.34 29.35
CA ALA G 49 -68.35 -11.78 29.39
C ALA G 49 -68.47 -12.39 28.02
N GLY G 50 -68.25 -13.69 27.92
CA GLY G 50 -68.49 -14.39 26.67
C GLY G 50 -69.06 -15.77 26.87
N ILE G 51 -69.90 -16.19 25.93
CA ILE G 51 -70.55 -17.50 25.94
C ILE G 51 -70.38 -18.21 24.61
N TYR G 52 -70.09 -19.49 24.65
CA TYR G 52 -69.97 -20.16 23.37
C TYR G 52 -71.35 -20.57 22.93
N ALA G 53 -71.79 -20.04 21.79
CA ALA G 53 -73.16 -20.25 21.33
C ALA G 53 -73.52 -21.70 21.14
N SER G 54 -72.57 -22.51 20.71
CA SER G 54 -72.79 -23.93 20.45
C SER G 54 -72.48 -24.83 21.63
N GLY G 55 -72.08 -24.27 22.78
CA GLY G 55 -71.68 -25.13 23.90
C GLY G 55 -72.21 -24.73 25.28
N GLY G 56 -72.48 -23.45 25.51
CA GLY G 56 -73.00 -22.98 26.79
C GLY G 56 -71.89 -22.61 27.78
N ALA G 57 -70.65 -22.84 27.38
CA ALA G 57 -69.49 -22.53 28.21
C ALA G 57 -69.36 -21.03 28.33
N THR G 58 -68.92 -20.52 29.48
CA THR G 58 -68.70 -19.08 29.63
C THR G 58 -67.40 -18.67 30.30
N ALA G 59 -67.10 -17.39 30.14
CA ALA G 59 -66.02 -16.70 30.84
C ALA G 59 -66.48 -15.30 31.17
N TYR G 60 -66.01 -14.79 32.31
CA TYR G 60 -66.35 -13.44 32.77
C TYR G 60 -65.13 -12.66 33.18
N ALA G 61 -65.21 -11.34 33.08
CA ALA G 61 -64.15 -10.48 33.57
C ALA G 61 -64.19 -10.51 35.08
N ASP G 62 -63.05 -10.42 35.76
CA ASP G 62 -63.11 -10.41 37.22
C ASP G 62 -63.98 -9.29 37.77
N SER G 63 -63.97 -8.15 37.08
CA SER G 63 -64.67 -6.96 37.46
C SER G 63 -66.19 -7.07 37.48
N VAL G 64 -66.73 -8.12 36.82
CA VAL G 64 -68.17 -8.32 36.78
C VAL G 64 -68.60 -9.65 37.42
N LYS G 65 -67.65 -10.40 38.00
CA LYS G 65 -68.04 -11.70 38.52
C LYS G 65 -68.96 -11.58 39.69
N GLY G 66 -70.00 -12.39 39.66
CA GLY G 66 -71.01 -12.44 40.70
C GLY G 66 -72.10 -11.39 40.49
N ARG G 67 -71.94 -10.55 39.46
CA ARG G 67 -72.90 -9.50 39.22
C ARG G 67 -73.54 -9.62 37.83
N PHE G 68 -72.71 -9.88 36.81
CA PHE G 68 -73.21 -9.97 35.43
C PHE G 68 -73.17 -11.41 34.93
N THR G 69 -74.33 -11.92 34.50
CA THR G 69 -74.50 -13.29 34.01
C THR G 69 -74.98 -13.34 32.57
N ILE G 70 -74.41 -14.22 31.74
CA ILE G 70 -74.86 -14.27 30.36
C ILE G 70 -75.35 -15.64 29.90
N SER G 71 -76.12 -15.62 28.80
CA SER G 71 -76.67 -16.82 28.18
C SER G 71 -76.88 -16.62 26.67
N ALA G 72 -77.19 -17.70 25.96
CA ALA G 72 -77.46 -17.59 24.53
C ALA G 72 -78.45 -18.64 24.09
N ASP G 73 -79.16 -18.34 23.01
CA ASP G 73 -80.15 -19.22 22.42
C ASP G 73 -80.07 -19.26 20.90
N THR G 74 -79.58 -20.37 20.35
CA THR G 74 -79.35 -20.48 18.92
C THR G 74 -80.63 -20.83 18.16
N SER G 75 -81.71 -21.15 18.89
CA SER G 75 -82.97 -21.46 18.23
C SER G 75 -83.61 -20.13 17.89
N LYS G 76 -83.31 -19.13 18.74
CA LYS G 76 -83.77 -17.77 18.56
C LYS G 76 -82.71 -16.97 17.80
N ASN G 77 -81.47 -17.45 17.86
CA ASN G 77 -80.28 -16.85 17.27
C ASN G 77 -80.04 -15.46 17.86
N THR G 78 -80.19 -15.42 19.19
CA THR G 78 -80.03 -14.26 20.07
C THR G 78 -79.12 -14.56 21.26
N ALA G 79 -78.75 -13.51 21.99
CA ALA G 79 -77.95 -13.66 23.20
C ALA G 79 -78.35 -12.65 24.26
N TYR G 80 -78.11 -13.01 25.53
CA TYR G 80 -78.57 -12.24 26.67
C TYR G 80 -77.55 -11.91 27.76
N LEU G 81 -77.76 -10.77 28.42
CA LEU G 81 -77.03 -10.35 29.62
C LEU G 81 -77.94 -9.89 30.75
N GLN G 82 -77.82 -10.56 31.88
CA GLN G 82 -78.57 -10.26 33.08
C GLN G 82 -77.68 -9.54 34.07
N MET G 83 -77.94 -8.26 34.28
CA MET G 83 -77.09 -7.49 35.17
C MET G 83 -77.77 -7.24 36.49
N ASN G 84 -77.21 -7.80 37.56
CA ASN G 84 -77.81 -7.68 38.88
C ASN G 84 -77.06 -6.68 39.74
N SER G 85 -77.71 -6.17 40.77
CA SER G 85 -77.07 -5.28 41.75
C SER G 85 -76.31 -4.15 41.08
N LEU G 86 -76.96 -3.50 40.13
CA LEU G 86 -76.37 -2.40 39.40
C LEU G 86 -76.12 -1.15 40.24
N ARG G 87 -74.96 -0.56 40.05
CA ARG G 87 -74.53 0.64 40.77
C ARG G 87 -74.33 1.83 39.84
N ALA G 88 -74.17 3.03 40.39
CA ALA G 88 -73.95 4.23 39.57
C ALA G 88 -72.73 4.07 38.67
N GLU G 89 -71.73 3.34 39.17
CA GLU G 89 -70.48 3.06 38.50
C GLU G 89 -70.65 2.17 37.27
N ASP G 90 -71.82 1.52 37.14
CA ASP G 90 -72.10 0.62 36.05
C ASP G 90 -72.84 1.33 34.92
N THR G 91 -73.01 2.65 35.01
CA THR G 91 -73.64 3.33 33.89
C THR G 91 -72.71 3.14 32.72
N ALA G 92 -73.26 2.64 31.63
CA ALA G 92 -72.46 2.40 30.45
C ALA G 92 -73.29 2.08 29.27
N VAL G 93 -72.66 2.19 28.12
CA VAL G 93 -73.32 1.70 26.95
C VAL G 93 -72.88 0.26 26.82
N TYR G 94 -73.85 -0.63 26.74
CA TYR G 94 -73.55 -2.04 26.65
C TYR G 94 -73.67 -2.50 25.22
N TYR G 95 -72.62 -3.19 24.81
CA TYR G 95 -72.45 -3.69 23.47
C TYR G 95 -72.42 -5.20 23.35
N CYS G 96 -72.88 -5.69 22.20
CA CYS G 96 -72.79 -7.08 21.77
C CYS G 96 -71.72 -7.14 20.70
N ALA G 97 -70.91 -8.18 20.75
CA ALA G 97 -69.88 -8.41 19.78
C ALA G 97 -69.60 -9.91 19.65
N ARG G 98 -69.02 -10.37 18.54
CA ARG G 98 -68.69 -11.80 18.45
C ARG G 98 -67.31 -12.17 17.88
N SER G 99 -66.82 -13.37 18.22
CA SER G 99 -65.55 -13.90 17.67
C SER G 99 -65.53 -15.42 17.51
N TYR G 100 -64.60 -15.93 16.72
CA TYR G 100 -64.47 -17.36 16.50
C TYR G 100 -64.07 -18.17 17.70
N TYR G 101 -64.74 -19.31 17.86
CA TYR G 101 -64.43 -20.28 18.88
C TYR G 101 -64.31 -19.67 20.25
N TYR G 102 -63.19 -19.94 20.88
CA TYR G 102 -62.91 -19.49 22.22
C TYR G 102 -61.79 -18.48 22.28
N GLY G 103 -61.42 -17.88 21.16
CA GLY G 103 -60.33 -16.91 21.21
C GLY G 103 -59.24 -17.11 20.16
N GLY G 104 -58.27 -16.19 20.21
CA GLY G 104 -57.11 -16.08 19.30
C GLY G 104 -57.43 -15.19 18.11
N PHE G 105 -58.64 -14.66 18.10
CA PHE G 105 -59.16 -13.81 17.04
C PHE G 105 -59.97 -12.65 17.66
N GLY G 106 -59.84 -11.42 17.14
CA GLY G 106 -60.63 -10.31 17.69
C GLY G 106 -62.10 -10.35 17.28
N MET G 107 -62.90 -9.45 17.85
CA MET G 107 -64.34 -9.50 17.54
C MET G 107 -64.71 -8.80 16.25
N ASP G 108 -65.44 -9.52 15.37
CA ASP G 108 -65.85 -9.09 14.02
C ASP G 108 -67.14 -8.32 13.92
N TYR G 109 -68.22 -8.88 14.42
CA TYR G 109 -69.50 -8.21 14.28
C TYR G 109 -69.83 -7.52 15.58
N TRP G 110 -70.32 -6.29 15.48
CA TRP G 110 -70.67 -5.43 16.60
C TRP G 110 -72.02 -4.76 16.49
N GLY G 111 -72.68 -4.61 17.63
CA GLY G 111 -73.92 -3.85 17.67
C GLY G 111 -73.54 -2.40 17.89
N GLN G 112 -74.52 -1.50 18.00
CA GLN G 112 -74.19 -0.09 18.16
C GLN G 112 -74.11 0.39 19.59
N GLY G 113 -74.70 -0.36 20.50
CA GLY G 113 -74.66 -0.06 21.92
C GLY G 113 -75.92 0.57 22.48
N THR G 114 -76.39 0.04 23.60
CA THR G 114 -77.58 0.59 24.25
C THR G 114 -77.21 1.05 25.65
N LEU G 115 -77.65 2.25 25.99
CA LEU G 115 -77.30 2.79 27.29
C LEU G 115 -78.16 2.31 28.45
N VAL G 116 -77.46 1.88 29.48
CA VAL G 116 -78.03 1.47 30.74
C VAL G 116 -77.48 2.40 31.78
N THR G 117 -78.37 2.99 32.55
CA THR G 117 -77.87 3.93 33.53
C THR G 117 -78.32 3.55 34.90
N VAL G 118 -77.61 4.02 35.90
CA VAL G 118 -78.05 3.82 37.26
C VAL G 118 -77.99 5.14 37.99
N SER G 119 -79.09 5.52 38.63
CA SER G 119 -79.11 6.77 39.38
C SER G 119 -80.21 6.81 40.41
N SER G 120 -79.91 7.47 41.52
CA SER G 120 -80.82 7.73 42.63
C SER G 120 -81.79 8.86 42.33
N ALA G 121 -81.54 9.57 41.24
CA ALA G 121 -82.32 10.73 40.83
C ALA G 121 -82.55 10.64 39.32
N SER G 122 -83.33 9.64 38.95
CA SER G 122 -83.60 9.20 37.58
C SER G 122 -84.41 10.10 36.65
N THR G 123 -85.14 11.07 37.20
CA THR G 123 -85.98 11.93 36.37
C THR G 123 -85.91 13.40 36.75
N LYS G 124 -85.01 14.16 36.15
CA LYS G 124 -84.87 15.58 36.53
C LYS G 124 -84.80 16.53 35.33
N GLY G 125 -85.37 17.72 35.48
CA GLY G 125 -85.21 18.75 34.46
C GLY G 125 -83.95 19.51 34.82
N PRO G 126 -83.49 20.44 34.00
CA PRO G 126 -82.31 21.25 34.21
C PRO G 126 -82.59 22.40 35.14
N SER G 127 -81.53 22.88 35.76
CA SER G 127 -81.52 24.12 36.49
C SER G 127 -80.54 24.99 35.74
N VAL G 128 -81.00 26.12 35.20
CA VAL G 128 -80.13 26.89 34.32
C VAL G 128 -79.87 28.30 34.86
N PHE G 129 -78.59 28.67 34.91
CA PHE G 129 -78.21 29.99 35.40
C PHE G 129 -77.29 30.71 34.41
N PRO G 130 -77.44 32.03 34.19
CA PRO G 130 -76.67 32.87 33.31
C PRO G 130 -75.28 33.19 33.84
N LEU G 131 -74.37 33.51 32.94
CA LEU G 131 -73.03 34.02 33.24
C LEU G 131 -72.87 35.40 32.63
N ALA G 132 -72.59 36.39 33.49
CA ALA G 132 -72.40 37.78 33.08
C ALA G 132 -71.19 37.88 32.17
N PRO G 133 -71.22 38.68 31.09
CA PRO G 133 -70.13 38.84 30.16
C PRO G 133 -69.09 39.70 30.79
N SER G 134 -67.87 39.56 30.35
CA SER G 134 -66.89 40.56 30.72
C SER G 134 -67.31 41.86 30.08
N SER G 135 -67.13 42.96 30.79
CA SER G 135 -67.46 44.28 30.26
C SER G 135 -66.37 44.81 29.35
N LYS G 136 -65.23 44.13 29.35
CA LYS G 136 -64.11 44.54 28.52
C LYS G 136 -63.95 43.52 27.41
N SER G 137 -63.77 44.02 26.21
CA SER G 137 -63.61 43.19 25.03
C SER G 137 -62.28 42.46 25.02
N THR G 138 -62.30 41.29 24.37
CA THR G 138 -61.13 40.45 24.14
C THR G 138 -60.67 40.63 22.70
N SER G 139 -59.67 39.86 22.31
CA SER G 139 -59.13 39.96 20.96
C SER G 139 -60.24 39.76 19.94
N GLY G 140 -60.29 40.62 18.93
CA GLY G 140 -61.31 40.55 17.90
C GLY G 140 -62.47 41.51 18.22
N GLY G 141 -62.48 42.06 19.43
CA GLY G 141 -63.50 43.00 19.88
C GLY G 141 -64.73 42.31 20.47
N THR G 142 -64.61 41.01 20.68
CA THR G 142 -65.71 40.21 21.17
C THR G 142 -65.83 40.12 22.68
N ALA G 143 -66.98 39.62 23.09
CA ALA G 143 -67.33 39.37 24.47
C ALA G 143 -68.35 38.24 24.48
N ALA G 144 -68.56 37.59 25.61
CA ALA G 144 -69.52 36.49 25.55
C ALA G 144 -70.44 36.36 26.73
N LEU G 145 -71.64 35.91 26.43
CA LEU G 145 -72.68 35.58 27.42
C LEU G 145 -72.81 34.10 27.57
N GLY G 146 -73.13 33.62 28.77
CA GLY G 146 -73.30 32.18 28.91
C GLY G 146 -74.34 31.68 29.90
N CYS G 147 -74.38 30.33 30.02
CA CYS G 147 -75.22 29.53 30.91
C CYS G 147 -74.47 28.34 31.48
N LEU G 148 -74.89 27.98 32.67
CA LEU G 148 -74.53 26.73 33.30
C LEU G 148 -75.80 25.93 33.42
N VAL G 149 -75.78 24.70 32.94
CA VAL G 149 -76.93 23.82 32.96
C VAL G 149 -76.61 22.68 33.91
N LYS G 150 -77.41 22.51 34.94
CA LYS G 150 -77.07 21.47 35.90
C LYS G 150 -78.21 20.64 36.42
N ASP G 151 -77.83 19.53 37.02
CA ASP G 151 -78.70 18.61 37.72
C ASP G 151 -79.91 18.03 36.96
N TYR G 152 -79.71 17.62 35.72
CA TYR G 152 -80.79 17.01 34.92
C TYR G 152 -80.53 15.53 34.66
N PHE G 153 -81.57 14.77 34.35
CA PHE G 153 -81.33 13.37 34.08
C PHE G 153 -82.50 12.70 33.37
N PRO G 154 -82.23 11.86 32.36
CA PRO G 154 -80.98 11.45 31.70
C PRO G 154 -80.49 12.39 30.62
N GLU G 155 -79.29 12.10 30.14
CA GLU G 155 -78.66 12.67 28.97
C GLU G 155 -79.23 11.85 27.80
N PRO G 156 -79.30 12.37 26.56
CA PRO G 156 -78.89 13.64 25.96
C PRO G 156 -79.66 14.89 26.27
N VAL G 157 -78.93 16.01 26.23
CA VAL G 157 -79.56 17.33 26.27
C VAL G 157 -79.07 18.13 25.06
N THR G 158 -79.97 18.82 24.41
CA THR G 158 -79.57 19.68 23.30
C THR G 158 -79.58 21.11 23.75
N VAL G 159 -78.45 21.81 23.57
CA VAL G 159 -78.39 23.20 23.98
C VAL G 159 -78.03 24.10 22.81
N SER G 160 -78.85 25.12 22.63
CA SER G 160 -78.73 26.11 21.56
C SER G 160 -79.16 27.48 22.07
N TRP G 161 -78.91 28.55 21.31
CA TRP G 161 -79.22 29.89 21.80
C TRP G 161 -80.32 30.62 21.06
N ASN G 162 -80.95 31.60 21.71
CA ASN G 162 -82.01 32.40 21.09
C ASN G 162 -83.09 31.49 20.58
N SER G 163 -83.44 30.57 21.44
CA SER G 163 -84.49 29.57 21.22
C SER G 163 -84.13 28.55 20.13
N GLY G 164 -82.89 28.57 19.66
CA GLY G 164 -82.38 27.69 18.62
C GLY G 164 -82.03 28.47 17.35
N ALA G 165 -82.34 29.77 17.32
CA ALA G 165 -82.02 30.62 16.18
C ALA G 165 -80.54 30.99 16.09
N LEU G 166 -79.85 31.02 17.25
CA LEU G 166 -78.46 31.43 17.34
C LEU G 166 -77.53 30.22 17.48
N THR G 167 -76.67 30.10 16.47
CA THR G 167 -75.69 29.05 16.31
C THR G 167 -74.38 29.77 16.09
N SER G 168 -74.53 31.02 15.70
CA SER G 168 -73.40 31.86 15.35
C SER G 168 -72.71 32.30 16.61
N GLY G 169 -71.43 31.96 16.73
CA GLY G 169 -70.64 32.31 17.90
C GLY G 169 -70.91 31.33 19.05
N VAL G 170 -71.68 30.28 18.79
CA VAL G 170 -72.02 29.39 19.88
C VAL G 170 -70.99 28.30 20.15
N HIS G 171 -70.56 28.25 21.40
CA HIS G 171 -69.59 27.28 21.90
C HIS G 171 -70.20 26.47 23.03
N THR G 172 -70.42 25.18 22.78
CA THR G 172 -71.03 24.34 23.80
C THR G 172 -70.10 23.22 24.19
N PHE G 173 -70.22 22.82 25.44
CA PHE G 173 -69.45 21.74 26.01
C PHE G 173 -70.35 20.54 26.21
N PRO G 174 -69.82 19.31 26.20
CA PRO G 174 -70.54 18.10 26.44
C PRO G 174 -70.92 18.00 27.89
N ALA G 175 -71.97 17.27 28.16
CA ALA G 175 -72.37 17.01 29.52
C ALA G 175 -71.55 15.91 30.13
N VAL G 176 -71.38 16.01 31.42
CA VAL G 176 -70.71 15.00 32.19
C VAL G 176 -71.62 14.62 33.35
N LEU G 177 -71.40 13.46 33.94
CA LEU G 177 -72.22 13.04 35.07
C LEU G 177 -71.53 13.43 36.38
N GLN G 178 -72.27 14.12 37.23
CA GLN G 178 -71.78 14.59 38.52
C GLN G 178 -72.11 13.65 39.66
N SER G 179 -71.58 13.97 40.84
CA SER G 179 -71.74 13.20 42.07
C SER G 179 -73.17 13.21 42.60
N SER G 180 -73.96 14.14 42.10
CA SER G 180 -75.36 14.27 42.46
C SER G 180 -76.21 13.17 41.80
N GLY G 181 -75.63 12.45 40.82
CA GLY G 181 -76.31 11.39 40.09
C GLY G 181 -77.02 11.99 38.89
N LEU G 182 -76.76 13.27 38.69
CA LEU G 182 -77.32 14.10 37.65
C LEU G 182 -76.25 14.68 36.72
N TYR G 183 -76.65 15.03 35.51
CA TYR G 183 -75.77 15.58 34.47
C TYR G 183 -75.66 17.11 34.45
N SER G 184 -74.51 17.61 33.98
CA SER G 184 -74.31 19.05 33.81
C SER G 184 -73.36 19.41 32.65
N LEU G 185 -73.53 20.63 32.11
CA LEU G 185 -72.73 21.19 31.00
C LEU G 185 -72.81 22.71 31.00
N SER G 186 -72.09 23.35 30.09
CA SER G 186 -72.14 24.80 29.95
C SER G 186 -71.95 25.26 28.51
N SER G 187 -72.32 26.52 28.27
CA SER G 187 -72.13 27.16 26.97
C SER G 187 -72.06 28.69 26.99
N VAL G 188 -71.39 29.25 25.97
CA VAL G 188 -71.34 30.70 25.72
C VAL G 188 -71.55 31.11 24.28
N VAL G 189 -71.88 32.39 24.07
CA VAL G 189 -71.92 32.91 22.71
C VAL G 189 -70.94 34.07 22.58
N THR G 190 -69.95 33.93 21.68
CA THR G 190 -68.92 34.97 21.53
C THR G 190 -69.10 35.74 20.22
N VAL G 191 -69.42 37.01 20.36
CA VAL G 191 -69.72 37.95 19.28
C VAL G 191 -69.06 39.29 19.56
N PRO G 192 -68.95 40.23 18.60
CA PRO G 192 -68.47 41.58 18.86
C PRO G 192 -69.31 42.01 20.04
N SER G 193 -68.70 42.62 21.04
CA SER G 193 -69.38 42.90 22.30
C SER G 193 -70.61 43.79 22.23
N SER G 194 -70.72 44.67 21.24
CA SER G 194 -71.90 45.52 21.17
C SER G 194 -73.15 44.72 20.79
N SER G 195 -72.93 43.52 20.24
CA SER G 195 -74.04 42.68 19.80
C SER G 195 -74.69 42.01 20.98
N LEU G 196 -74.03 42.03 22.15
CA LEU G 196 -74.59 41.34 23.29
C LEU G 196 -75.78 42.12 23.83
N GLY G 197 -75.88 43.42 23.49
CA GLY G 197 -76.99 44.24 23.94
C GLY G 197 -78.02 44.44 22.83
N THR G 198 -77.86 43.73 21.71
CA THR G 198 -78.74 43.90 20.55
C THR G 198 -79.49 42.62 20.22
N GLN G 199 -78.75 41.52 20.14
CA GLN G 199 -79.29 40.22 19.83
C GLN G 199 -79.87 39.59 21.09
N THR G 200 -80.80 38.67 20.91
CA THR G 200 -81.39 37.93 22.02
C THR G 200 -80.54 36.71 22.32
N TYR G 201 -80.30 36.45 23.60
CA TYR G 201 -79.48 35.32 23.99
C TYR G 201 -80.17 34.43 25.02
N ILE G 202 -81.09 33.62 24.55
CA ILE G 202 -81.82 32.73 25.45
C ILE G 202 -81.31 31.31 25.28
N CYS G 203 -80.91 30.64 26.38
CA CYS G 203 -80.40 29.28 26.37
C CYS G 203 -81.58 28.35 26.29
N ASN G 204 -81.64 27.62 25.21
CA ASN G 204 -82.70 26.68 24.95
C ASN G 204 -82.17 25.33 25.34
N VAL G 205 -82.60 24.85 26.49
CA VAL G 205 -82.09 23.61 26.99
C VAL G 205 -83.18 22.56 26.88
N ASN G 206 -83.04 21.66 25.92
CA ASN G 206 -84.04 20.65 25.57
C ASN G 206 -83.76 19.25 26.08
N HIS G 207 -84.74 18.65 26.76
CA HIS G 207 -84.58 17.32 27.30
C HIS G 207 -85.69 16.41 26.87
N LYS G 208 -85.59 15.89 25.65
CA LYS G 208 -86.63 15.02 25.18
C LYS G 208 -86.85 13.86 26.16
N PRO G 209 -85.79 13.19 26.71
CA PRO G 209 -85.90 12.08 27.64
C PRO G 209 -86.63 12.39 28.95
N SER G 210 -86.77 13.67 29.32
CA SER G 210 -87.44 14.04 30.55
C SER G 210 -88.75 14.77 30.26
N ASN G 211 -89.10 14.86 28.98
CA ASN G 211 -90.28 15.57 28.51
C ASN G 211 -90.29 17.02 28.96
N THR G 212 -89.14 17.66 29.01
CA THR G 212 -89.10 19.05 29.47
C THR G 212 -88.09 19.90 28.74
N LYS G 213 -88.09 21.18 29.09
CA LYS G 213 -87.15 22.15 28.57
C LYS G 213 -87.15 23.45 29.40
N VAL G 214 -86.04 24.18 29.32
CA VAL G 214 -85.89 25.51 29.92
C VAL G 214 -85.41 26.57 28.94
N ASP G 215 -86.07 27.73 28.97
CA ASP G 215 -85.69 28.88 28.16
C ASP G 215 -85.09 29.94 29.10
N LYS G 216 -83.77 30.07 29.17
CA LYS G 216 -83.20 31.02 30.14
C LYS G 216 -82.56 32.23 29.47
N LYS G 217 -83.07 33.42 29.74
CA LYS G 217 -82.49 34.60 29.10
C LYS G 217 -81.22 35.06 29.78
N VAL G 218 -80.20 35.34 28.98
CA VAL G 218 -78.92 35.82 29.47
C VAL G 218 -78.69 37.20 28.84
N GLU G 219 -78.30 38.18 29.63
CA GLU G 219 -78.07 39.50 29.06
C GLU G 219 -76.96 40.19 29.86
N PRO G 220 -76.28 41.21 29.31
CA PRO G 220 -75.26 41.98 29.99
C PRO G 220 -75.76 42.65 31.26
N LYS G 221 -74.89 42.63 32.26
CA LYS G 221 -75.11 43.20 33.58
C LYS G 221 -73.88 44.03 33.88
N SER G 222 -73.97 44.98 34.80
CA SER G 222 -72.77 45.74 35.12
C SER G 222 -71.67 44.73 35.52
N CYS G 223 -70.44 44.94 35.00
CA CYS G 223 -69.27 44.09 35.19
C CYS G 223 -67.98 44.88 34.92
N ASP H 1 -16.69 27.92 38.49
CA ASP H 1 -16.57 29.12 39.30
C ASP H 1 -15.11 29.64 39.22
N ILE H 2 -14.90 30.77 38.51
CA ILE H 2 -13.59 31.40 38.29
C ILE H 2 -13.49 32.72 39.05
N GLN H 3 -12.54 32.83 39.97
CA GLN H 3 -12.43 34.06 40.77
C GLN H 3 -11.39 35.02 40.24
N MET H 4 -11.57 36.31 40.52
CA MET H 4 -10.59 37.29 40.09
C MET H 4 -9.90 38.05 41.22
N THR H 5 -8.59 38.23 41.04
CA THR H 5 -7.75 38.96 41.97
C THR H 5 -7.07 40.16 41.32
N GLN H 6 -7.10 41.29 42.03
CA GLN H 6 -6.45 42.52 41.60
C GLN H 6 -5.34 42.97 42.55
N SER H 7 -4.39 43.72 41.99
CA SER H 7 -3.30 44.33 42.75
C SER H 7 -2.73 45.55 41.99
N PRO H 8 -2.39 46.65 42.67
CA PRO H 8 -2.48 46.99 44.09
C PRO H 8 -3.90 47.32 44.47
N SER H 9 -4.22 47.38 45.77
CA SER H 9 -5.56 47.81 46.19
C SER H 9 -5.79 49.31 45.96
N SER H 10 -4.70 50.06 45.83
CA SER H 10 -4.75 51.48 45.54
C SER H 10 -3.49 51.90 44.80
N LEU H 11 -3.60 52.94 44.00
CA LEU H 11 -2.48 53.49 43.26
C LEU H 11 -2.43 55.02 43.38
N SER H 12 -1.25 55.60 43.48
CA SER H 12 -1.12 57.05 43.54
C SER H 12 -0.60 57.63 42.22
N ALA H 13 -1.39 58.50 41.58
CA ALA H 13 -1.02 59.12 40.31
C ALA H 13 -1.68 60.50 40.24
N SER H 14 -0.96 61.50 39.77
CA SER H 14 -1.52 62.84 39.69
C SER H 14 -2.16 63.03 38.33
N VAL H 15 -2.81 64.17 38.12
CA VAL H 15 -3.40 64.36 36.82
C VAL H 15 -2.30 64.45 35.77
N GLY H 16 -2.47 63.66 34.72
CA GLY H 16 -1.55 63.52 33.61
C GLY H 16 -0.66 62.29 33.74
N ASP H 17 -0.64 61.64 34.92
CA ASP H 17 0.20 60.46 35.09
C ASP H 17 -0.50 59.19 34.63
N ARG H 18 0.22 58.08 34.72
CA ARG H 18 -0.34 56.81 34.31
C ARG H 18 -0.77 55.96 35.50
N VAL H 19 -1.90 55.28 35.34
CA VAL H 19 -2.41 54.33 36.32
C VAL H 19 -2.42 52.93 35.80
N THR H 20 -1.70 52.03 36.45
CA THR H 20 -1.72 50.66 36.01
C THR H 20 -2.26 49.75 37.10
N ILE H 21 -3.20 48.92 36.70
CA ILE H 21 -3.87 47.95 37.53
C ILE H 21 -3.62 46.55 36.98
N THR H 22 -3.20 45.61 37.81
CA THR H 22 -3.02 44.26 37.27
C THR H 22 -4.17 43.40 37.81
N CYS H 23 -4.87 42.67 36.89
CA CYS H 23 -5.95 41.75 37.26
C CYS H 23 -5.82 40.43 36.52
N ARG H 24 -6.16 39.36 37.24
CA ARG H 24 -6.14 38.04 36.65
C ARG H 24 -7.23 37.13 37.17
N ALA H 25 -7.72 36.29 36.28
CA ALA H 25 -8.67 35.26 36.65
C ALA H 25 -7.89 34.04 37.15
N SER H 26 -8.47 33.28 38.08
CA SER H 26 -7.87 32.05 38.61
C SER H 26 -7.74 30.92 37.58
N GLN H 27 -8.54 31.03 36.53
CA GLN H 27 -8.59 30.10 35.40
C GLN H 27 -8.70 30.95 34.16
N SER H 28 -8.25 30.45 33.02
CA SER H 28 -8.37 31.27 31.84
C SER H 28 -9.81 31.57 31.47
N VAL H 29 -10.02 32.81 31.06
CA VAL H 29 -11.28 33.35 30.59
C VAL H 29 -11.03 33.95 29.20
N SER H 30 -9.91 33.53 28.62
CA SER H 30 -9.43 34.01 27.34
C SER H 30 -9.34 35.52 27.32
N SER H 31 -9.88 36.14 26.27
CA SER H 31 -9.88 37.57 26.01
C SER H 31 -11.02 38.36 26.66
N ALA H 32 -11.93 37.69 27.36
CA ALA H 32 -13.12 38.36 27.90
C ALA H 32 -12.93 39.07 29.21
N VAL H 33 -12.07 40.10 29.24
CA VAL H 33 -11.94 40.81 30.51
C VAL H 33 -12.26 42.31 30.38
N ALA H 34 -13.28 42.73 31.10
CA ALA H 34 -13.86 44.07 31.12
C ALA H 34 -13.30 44.93 32.25
N TRP H 35 -13.67 46.22 32.22
CA TRP H 35 -13.23 47.24 33.19
C TRP H 35 -14.32 48.26 33.45
N TYR H 36 -14.62 48.55 34.73
CA TYR H 36 -15.61 49.56 35.12
C TYR H 36 -15.08 50.69 36.03
N GLN H 37 -15.66 51.89 35.89
CA GLN H 37 -15.33 53.05 36.74
C GLN H 37 -16.43 53.50 37.72
N GLN H 38 -16.19 53.46 39.02
CA GLN H 38 -17.23 53.84 39.98
C GLN H 38 -16.96 55.03 40.91
N LYS H 39 -17.89 55.97 40.90
CA LYS H 39 -17.84 57.12 41.76
C LYS H 39 -18.88 56.86 42.85
N PRO H 40 -18.75 57.36 44.07
CA PRO H 40 -19.73 57.18 45.11
C PRO H 40 -21.09 57.66 44.65
N GLY H 41 -22.11 56.85 44.91
CA GLY H 41 -23.49 57.20 44.55
C GLY H 41 -23.89 56.82 43.12
N LYS H 42 -22.95 56.33 42.32
CA LYS H 42 -23.25 55.99 40.92
C LYS H 42 -22.92 54.55 40.56
N ALA H 43 -23.63 54.05 39.54
CA ALA H 43 -23.34 52.75 38.99
C ALA H 43 -21.96 52.80 38.37
N PRO H 44 -21.15 51.74 38.39
CA PRO H 44 -19.89 51.71 37.70
C PRO H 44 -20.16 51.89 36.20
N LYS H 45 -19.34 52.68 35.51
CA LYS H 45 -19.45 52.87 34.07
C LYS H 45 -18.60 51.86 33.32
N LEU H 46 -19.14 51.20 32.31
CA LEU H 46 -18.29 50.27 31.59
C LEU H 46 -17.28 51.01 30.75
N LEU H 47 -16.02 50.62 30.84
CA LEU H 47 -14.95 51.24 30.09
C LEU H 47 -14.41 50.32 29.00
N ILE H 48 -14.20 49.06 29.37
CA ILE H 48 -13.67 47.99 28.51
C ILE H 48 -14.69 46.87 28.57
N TYR H 49 -15.05 46.27 27.43
CA TYR H 49 -16.03 45.19 27.54
C TYR H 49 -15.33 43.84 27.45
N SER H 50 -14.18 43.80 26.82
CA SER H 50 -13.43 42.57 26.76
C SER H 50 -12.00 43.00 26.78
N ALA H 51 -11.06 42.14 27.16
CA ALA H 51 -9.68 42.59 27.24
C ALA H 51 -9.21 43.12 25.93
N SER H 52 -9.70 42.47 24.91
CA SER H 52 -9.41 42.81 23.55
C SER H 52 -10.10 44.08 23.03
N ASP H 53 -11.18 44.55 23.66
CA ASP H 53 -11.95 45.66 23.11
C ASP H 53 -12.49 46.72 24.07
N LEU H 54 -12.19 47.97 23.71
CA LEU H 54 -12.62 49.15 24.46
C LEU H 54 -14.10 49.41 24.13
N TYR H 55 -14.86 49.80 25.13
CA TYR H 55 -16.27 50.07 24.96
C TYR H 55 -16.60 51.38 24.27
N SER H 56 -17.57 51.33 23.36
CA SER H 56 -17.97 52.53 22.64
C SER H 56 -18.38 53.63 23.61
N GLY H 57 -17.95 54.85 23.33
CA GLY H 57 -18.28 56.00 24.17
C GLY H 57 -17.25 56.25 25.27
N VAL H 58 -16.25 55.40 25.34
CA VAL H 58 -15.21 55.51 26.34
C VAL H 58 -13.96 56.21 25.79
N PRO H 59 -13.41 57.22 26.49
CA PRO H 59 -12.22 57.93 26.10
C PRO H 59 -11.05 57.00 25.85
N SER H 60 -10.20 57.38 24.90
CA SER H 60 -9.01 56.67 24.44
C SER H 60 -7.93 56.54 25.51
N ARG H 61 -8.13 57.28 26.59
CA ARG H 61 -7.27 57.30 27.75
C ARG H 61 -7.25 55.91 28.37
N PHE H 62 -8.37 55.20 28.23
CA PHE H 62 -8.56 53.89 28.79
C PHE H 62 -8.18 52.81 27.78
N SER H 63 -7.27 51.93 28.18
CA SER H 63 -6.76 50.86 27.32
C SER H 63 -6.17 49.71 28.14
N GLY H 64 -5.71 48.66 27.46
CA GLY H 64 -5.06 47.56 28.15
C GLY H 64 -4.57 46.50 27.17
N SER H 65 -3.87 45.50 27.70
CA SER H 65 -3.32 44.41 26.88
C SER H 65 -3.09 43.13 27.67
N ARG H 66 -2.89 42.01 26.96
CA ARG H 66 -2.65 40.76 27.67
C ARG H 66 -1.25 40.24 27.46
N SER H 67 -0.74 39.61 28.51
CA SER H 67 0.57 38.95 28.48
C SER H 67 0.50 37.69 29.31
N GLY H 68 0.69 36.53 28.67
CA GLY H 68 0.54 35.31 29.42
C GLY H 68 -0.92 35.24 29.87
N THR H 69 -1.13 35.13 31.16
CA THR H 69 -2.45 35.04 31.75
C THR H 69 -3.03 36.35 32.26
N ASP H 70 -2.19 37.37 32.39
CA ASP H 70 -2.60 38.59 33.07
C ASP H 70 -3.12 39.69 32.16
N PHE H 71 -3.94 40.56 32.73
CA PHE H 71 -4.44 41.73 32.01
C PHE H 71 -3.92 43.01 32.62
N THR H 72 -3.18 43.76 31.79
CA THR H 72 -2.65 45.04 32.24
C THR H 72 -3.69 46.04 31.85
N LEU H 73 -4.22 46.69 32.86
CA LEU H 73 -5.31 47.58 32.70
C LEU H 73 -4.86 49.01 32.99
N THR H 74 -5.04 49.94 32.05
CA THR H 74 -4.47 51.25 32.32
C THR H 74 -5.15 52.52 31.84
N ILE H 75 -4.81 53.60 32.55
CA ILE H 75 -5.19 54.96 32.20
C ILE H 75 -3.90 55.65 31.76
N SER H 76 -3.78 56.04 30.50
CA SER H 76 -2.51 56.62 30.03
C SER H 76 -2.20 58.04 30.50
N SER H 77 -3.23 58.84 30.74
CA SER H 77 -3.11 60.24 31.17
C SER H 77 -4.29 60.59 32.04
N LEU H 78 -4.15 60.36 33.33
CA LEU H 78 -5.23 60.46 34.31
C LEU H 78 -5.85 61.84 34.44
N GLN H 79 -7.18 61.92 34.36
CA GLN H 79 -7.91 63.18 34.48
C GLN H 79 -8.68 63.29 35.80
N PRO H 80 -9.08 64.50 36.27
CA PRO H 80 -9.88 64.69 37.48
C PRO H 80 -11.17 63.83 37.52
N GLU H 81 -11.75 63.53 36.36
CA GLU H 81 -12.98 62.74 36.30
C GLU H 81 -12.73 61.25 36.33
N ASP H 82 -11.46 60.88 36.38
CA ASP H 82 -11.04 59.50 36.42
C ASP H 82 -10.71 59.09 37.86
N PHE H 83 -10.93 59.96 38.86
CA PHE H 83 -10.60 59.52 40.21
C PHE H 83 -11.79 58.81 40.81
N ALA H 84 -11.73 57.50 40.62
CA ALA H 84 -12.79 56.55 40.91
C ALA H 84 -12.24 55.19 41.31
N THR H 85 -13.10 54.35 41.87
CA THR H 85 -12.70 52.98 42.19
C THR H 85 -12.94 52.15 40.95
N TYR H 86 -11.94 51.42 40.51
CA TYR H 86 -12.14 50.64 39.31
C TYR H 86 -12.28 49.16 39.56
N TYR H 87 -13.11 48.50 38.75
CA TYR H 87 -13.27 47.04 38.89
C TYR H 87 -12.91 46.33 37.58
N CYS H 88 -12.27 45.15 37.69
CA CYS H 88 -11.90 44.27 36.56
C CYS H 88 -12.88 43.09 36.62
N GLN H 89 -13.42 42.72 35.46
CA GLN H 89 -14.44 41.65 35.31
C GLN H 89 -14.15 40.57 34.28
N GLN H 90 -14.37 39.30 34.61
CA GLN H 90 -14.23 38.29 33.56
C GLN H 90 -15.63 37.93 33.13
N SER H 91 -15.89 37.77 31.83
CA SER H 91 -17.25 37.40 31.43
C SER H 91 -17.33 36.21 30.48
N HIS H 92 -16.37 35.28 30.58
CA HIS H 92 -16.28 34.05 29.78
C HIS H 92 -17.35 33.07 30.22
N THR H 93 -17.45 32.88 31.54
CA THR H 93 -18.40 31.91 32.09
C THR H 93 -19.22 32.46 33.23
N TYR H 94 -20.20 31.69 33.68
CA TYR H 94 -20.99 32.11 34.84
C TYR H 94 -20.52 31.33 36.08
N PRO H 95 -20.57 31.95 37.26
CA PRO H 95 -20.93 33.32 37.57
C PRO H 95 -19.89 34.26 37.01
N ILE H 96 -20.32 35.46 36.69
CA ILE H 96 -19.41 36.49 36.26
C ILE H 96 -18.89 37.18 37.49
N THR H 97 -17.58 37.14 37.62
CA THR H 97 -16.95 37.65 38.79
C THR H 97 -16.12 38.86 38.49
N PHE H 98 -15.88 39.57 39.56
CA PHE H 98 -15.17 40.81 39.57
C PHE H 98 -14.10 40.77 40.64
N GLY H 99 -13.10 41.63 40.48
CA GLY H 99 -12.05 41.77 41.46
C GLY H 99 -12.56 42.63 42.63
N GLN H 100 -11.64 43.06 43.47
CA GLN H 100 -11.95 43.76 44.71
C GLN H 100 -12.23 45.26 44.59
N GLY H 101 -11.68 45.89 43.57
CA GLY H 101 -11.81 47.33 43.37
C GLY H 101 -10.49 48.03 43.69
N THR H 102 -9.97 48.79 42.74
CA THR H 102 -8.70 49.49 42.94
C THR H 102 -8.94 50.99 43.01
N LYS H 103 -8.46 51.61 44.07
CA LYS H 103 -8.68 53.05 44.24
C LYS H 103 -7.54 53.88 43.69
N VAL H 104 -7.81 55.13 43.33
CA VAL H 104 -6.73 55.98 42.84
C VAL H 104 -6.66 57.31 43.62
N GLU H 105 -5.48 57.63 44.11
CA GLU H 105 -5.19 58.86 44.83
C GLU H 105 -4.53 59.81 43.85
N ILE H 106 -4.56 61.11 44.17
CA ILE H 106 -4.02 62.17 43.30
C ILE H 106 -2.67 62.78 43.77
N LYS H 107 -1.90 62.02 44.57
CA LYS H 107 -0.56 62.41 45.03
C LYS H 107 -0.47 63.77 45.74
N ARG H 108 -1.33 63.94 46.72
CA ARG H 108 -1.42 65.17 47.50
C ARG H 108 -0.38 65.24 48.59
N THR H 109 -0.25 66.44 49.14
CA THR H 109 0.65 66.65 50.24
C THR H 109 0.23 65.79 51.43
N VAL H 110 1.21 65.10 51.97
CA VAL H 110 1.03 64.24 53.12
C VAL H 110 0.99 65.06 54.40
N ALA H 111 -0.02 64.79 55.22
CA ALA H 111 -0.16 65.54 56.45
C ALA H 111 -0.87 64.78 57.56
N ALA H 112 -0.52 65.15 58.79
CA ALA H 112 -1.05 64.62 60.04
C ALA H 112 -2.53 64.99 60.21
N PRO H 113 -3.33 64.14 60.88
CA PRO H 113 -4.70 64.38 61.25
C PRO H 113 -4.83 65.34 62.37
N SER H 114 -5.97 65.99 62.38
CA SER H 114 -6.33 66.76 63.52
C SER H 114 -7.02 65.75 64.41
N VAL H 115 -6.44 65.49 65.58
CA VAL H 115 -7.00 64.46 66.44
C VAL H 115 -7.86 65.06 67.52
N PHE H 116 -9.13 64.70 67.50
CA PHE H 116 -10.03 65.23 68.49
C PHE H 116 -10.63 64.09 69.29
N ILE H 117 -10.74 64.29 70.59
CA ILE H 117 -11.35 63.28 71.44
C ILE H 117 -12.66 63.81 71.92
N PHE H 118 -13.67 62.99 71.81
CA PHE H 118 -15.03 63.26 72.18
C PHE H 118 -15.42 62.18 73.23
N PRO H 119 -14.98 62.29 74.51
CA PRO H 119 -15.15 61.30 75.56
C PRO H 119 -16.64 61.18 75.79
N PRO H 120 -17.14 60.13 76.45
CA PRO H 120 -18.55 59.94 76.66
C PRO H 120 -19.11 61.17 77.31
N SER H 121 -20.21 61.68 76.77
CA SER H 121 -20.84 62.85 77.33
C SER H 121 -21.88 62.43 78.35
N ASP H 122 -22.35 63.39 79.15
CA ASP H 122 -23.36 63.09 80.15
C ASP H 122 -24.63 62.56 79.49
N GLU H 123 -24.96 63.09 78.31
CA GLU H 123 -26.14 62.66 77.57
C GLU H 123 -25.98 61.24 77.04
N GLN H 124 -24.82 60.94 76.47
CA GLN H 124 -24.61 59.61 75.91
C GLN H 124 -24.68 58.53 76.98
N LEU H 125 -24.22 58.84 78.18
CA LEU H 125 -24.18 57.91 79.29
C LEU H 125 -25.57 57.58 79.85
N LYS H 126 -26.60 58.33 79.41
CA LYS H 126 -27.97 58.08 79.86
C LYS H 126 -28.47 56.74 79.32
N SER H 127 -27.80 56.22 78.28
CA SER H 127 -28.17 54.95 77.66
C SER H 127 -27.82 53.76 78.54
N GLY H 128 -26.96 53.97 79.55
CA GLY H 128 -26.50 52.89 80.40
C GLY H 128 -25.19 52.31 79.89
N THR H 129 -24.67 52.89 78.81
CA THR H 129 -23.41 52.48 78.19
C THR H 129 -22.49 53.70 78.10
N ALA H 130 -21.24 53.46 77.74
CA ALA H 130 -20.28 54.52 77.54
C ALA H 130 -19.61 54.33 76.20
N SER H 131 -19.51 55.42 75.45
CA SER H 131 -18.89 55.37 74.13
C SER H 131 -17.84 56.44 74.03
N VAL H 132 -16.61 55.99 73.90
CA VAL H 132 -15.48 56.91 73.86
C VAL H 132 -15.13 57.10 72.40
N VAL H 133 -15.17 58.33 71.89
CA VAL H 133 -14.95 58.50 70.45
C VAL H 133 -13.72 59.37 70.07
N CYS H 134 -12.81 58.85 69.20
CA CYS H 134 -11.62 59.54 68.68
C CYS H 134 -11.76 59.72 67.17
N LEU H 135 -11.75 60.96 66.73
CA LEU H 135 -11.92 61.18 65.29
C LEU H 135 -10.69 61.85 64.73
N LEU H 136 -10.21 61.29 63.63
CA LEU H 136 -9.04 61.82 62.97
C LEU H 136 -9.50 62.57 61.78
N ASN H 137 -9.33 63.89 61.76
CA ASN H 137 -9.87 64.61 60.63
C ASN H 137 -8.86 65.18 59.65
N ASN H 138 -9.30 65.22 58.40
CA ASN H 138 -8.60 65.88 57.29
C ASN H 138 -7.15 65.45 57.04
N PHE H 139 -6.87 64.14 56.92
CA PHE H 139 -5.48 63.70 56.69
C PHE H 139 -5.28 62.89 55.40
N TYR H 140 -4.01 62.80 54.96
CA TYR H 140 -3.62 62.10 53.71
C TYR H 140 -2.23 61.49 53.88
N PRO H 141 -1.94 60.27 53.36
CA PRO H 141 -2.64 59.31 52.47
C PRO H 141 -3.77 58.53 53.10
N ARG H 142 -4.40 57.69 52.27
CA ARG H 142 -5.53 56.83 52.64
C ARG H 142 -5.26 55.82 53.78
N GLU H 143 -4.01 55.42 54.00
CA GLU H 143 -3.72 54.40 55.04
C GLU H 143 -3.43 54.97 56.43
N ALA H 144 -4.32 54.63 57.39
CA ALA H 144 -4.24 55.09 58.79
C ALA H 144 -4.98 54.17 59.74
N LYS H 145 -4.57 54.18 61.02
CA LYS H 145 -5.22 53.39 62.08
C LYS H 145 -5.30 54.10 63.44
N VAL H 146 -6.31 53.72 64.23
CA VAL H 146 -6.41 54.22 65.61
C VAL H 146 -6.43 53.10 66.63
N GLN H 147 -5.51 53.18 67.59
CA GLN H 147 -5.44 52.20 68.65
C GLN H 147 -5.96 52.80 69.95
N TRP H 148 -6.45 51.96 70.84
CA TRP H 148 -6.88 52.46 72.13
C TRP H 148 -6.30 51.75 73.30
N LYS H 149 -6.05 52.52 74.34
CA LYS H 149 -5.61 51.96 75.59
C LYS H 149 -6.59 52.30 76.71
N VAL H 150 -6.72 51.38 77.64
CA VAL H 150 -7.49 51.63 78.85
C VAL H 150 -6.58 51.26 80.01
N ASP H 151 -6.42 52.20 80.94
CA ASP H 151 -5.54 52.10 82.09
C ASP H 151 -4.13 51.76 81.61
N ASN H 152 -3.75 52.42 80.51
CA ASN H 152 -2.48 52.34 79.81
C ASN H 152 -2.15 50.97 79.20
N ALA H 153 -3.15 50.10 79.08
CA ALA H 153 -2.95 48.81 78.43
C ALA H 153 -3.70 48.78 77.11
N LEU H 154 -3.16 48.12 76.10
CA LEU H 154 -3.90 48.09 74.85
C LEU H 154 -5.20 47.33 75.06
N GLN H 155 -6.31 47.91 74.61
CA GLN H 155 -7.59 47.26 74.76
C GLN H 155 -8.07 46.75 73.41
N SER H 156 -8.61 45.54 73.39
CA SER H 156 -9.12 44.95 72.16
C SER H 156 -10.36 44.11 72.43
N GLY H 157 -11.24 44.04 71.43
CA GLY H 157 -12.48 43.27 71.52
C GLY H 157 -13.66 44.15 71.95
N ASN H 158 -13.35 45.38 72.31
CA ASN H 158 -14.33 46.36 72.78
C ASN H 158 -14.29 47.61 71.91
N SER H 159 -14.02 47.45 70.61
CA SER H 159 -13.89 48.61 69.75
C SER H 159 -14.46 48.44 68.35
N GLN H 160 -14.73 49.59 67.73
CA GLN H 160 -15.30 49.72 66.39
C GLN H 160 -14.54 50.74 65.54
N GLU H 161 -14.58 50.57 64.21
CA GLU H 161 -13.95 51.55 63.31
C GLU H 161 -14.75 51.78 62.02
N SER H 162 -14.79 53.04 61.58
CA SER H 162 -15.44 53.50 60.35
C SER H 162 -14.58 54.52 59.60
N VAL H 163 -14.70 54.52 58.26
CA VAL H 163 -13.94 55.42 57.40
C VAL H 163 -14.79 56.24 56.44
N THR H 164 -14.45 57.52 56.27
CA THR H 164 -15.19 58.37 55.34
C THR H 164 -14.59 58.46 53.94
N GLU H 165 -15.27 59.22 53.09
CA GLU H 165 -14.89 59.42 51.70
C GLU H 165 -13.78 60.46 51.59
N GLN H 166 -12.98 60.35 50.55
CA GLN H 166 -11.93 61.32 50.32
C GLN H 166 -12.42 62.60 49.65
N ASP H 167 -11.85 63.72 50.09
CA ASP H 167 -12.11 65.07 49.59
C ASP H 167 -11.80 65.17 48.10
N SER H 168 -12.71 65.75 47.34
CA SER H 168 -12.56 65.86 45.90
C SER H 168 -11.35 66.69 45.40
N LYS H 169 -10.77 67.54 46.24
CA LYS H 169 -9.64 68.33 45.80
C LYS H 169 -8.34 67.93 46.51
N ASP H 170 -8.42 67.74 47.83
CA ASP H 170 -7.20 67.41 48.59
C ASP H 170 -7.03 65.93 48.96
N SER H 171 -7.99 65.07 48.59
CA SER H 171 -8.01 63.63 48.87
C SER H 171 -7.80 63.26 50.32
N THR H 172 -8.15 64.13 51.23
CA THR H 172 -8.02 63.83 52.62
C THR H 172 -9.23 63.13 53.09
N TYR H 173 -9.13 62.49 54.23
CA TYR H 173 -10.29 61.80 54.75
C TYR H 173 -10.17 61.69 56.24
N SER H 174 -11.21 61.18 56.84
CA SER H 174 -11.25 61.00 58.26
C SER H 174 -11.55 59.55 58.72
N LEU H 175 -11.08 59.24 59.93
CA LEU H 175 -11.41 57.99 60.61
C LEU H 175 -12.17 58.20 61.88
N SER H 176 -13.00 57.22 62.18
CA SER H 176 -13.76 57.21 63.41
C SER H 176 -13.57 55.93 64.17
N SER H 177 -12.96 56.04 65.34
CA SER H 177 -12.68 54.86 66.14
C SER H 177 -13.25 55.03 67.53
N THR H 178 -13.95 54.00 67.98
CA THR H 178 -14.60 54.10 69.27
C THR H 178 -14.37 52.90 70.18
N LEU H 179 -14.60 53.16 71.48
CA LEU H 179 -14.63 52.10 72.49
C LEU H 179 -15.99 52.00 73.10
N THR H 180 -16.49 50.77 73.24
CA THR H 180 -17.79 50.59 73.88
C THR H 180 -17.64 49.77 75.14
N LEU H 181 -18.10 50.38 76.21
CA LEU H 181 -18.07 49.81 77.54
C LEU H 181 -19.49 49.90 78.08
N SER H 182 -19.94 49.00 78.96
CA SER H 182 -21.24 49.30 79.54
C SER H 182 -20.90 50.40 80.54
N LYS H 183 -21.86 51.16 81.05
CA LYS H 183 -21.48 52.20 82.01
C LYS H 183 -20.80 51.55 83.21
N ALA H 184 -21.26 50.36 83.56
CA ALA H 184 -20.71 49.58 84.67
C ALA H 184 -19.24 49.23 84.43
N ASP H 185 -18.82 49.03 83.17
CA ASP H 185 -17.43 48.66 82.93
C ASP H 185 -16.63 49.94 82.91
N TYR H 186 -17.23 51.01 82.41
CA TYR H 186 -16.59 52.32 82.29
C TYR H 186 -16.13 52.73 83.68
N GLU H 187 -17.03 52.59 84.65
CA GLU H 187 -16.82 52.96 86.05
C GLU H 187 -15.70 52.19 86.77
N LYS H 188 -15.26 51.06 86.22
CA LYS H 188 -14.21 50.30 86.87
C LYS H 188 -12.82 50.72 86.41
N HIS H 189 -12.77 51.61 85.41
CA HIS H 189 -11.52 52.08 84.82
C HIS H 189 -11.19 53.50 85.26
N LYS H 190 -9.93 53.90 85.12
CA LYS H 190 -9.55 55.26 85.48
C LYS H 190 -9.07 56.11 84.30
N VAL H 191 -8.31 55.51 83.37
CA VAL H 191 -7.73 56.30 82.27
C VAL H 191 -7.99 55.79 80.85
N TYR H 192 -8.43 56.68 79.98
CA TYR H 192 -8.65 56.29 78.58
C TYR H 192 -7.75 57.07 77.65
N ALA H 193 -7.24 56.41 76.59
CA ALA H 193 -6.41 57.16 75.64
C ALA H 193 -6.48 56.63 74.19
N CYS H 194 -6.41 57.58 73.23
CA CYS H 194 -6.38 57.37 71.77
C CYS H 194 -4.97 57.55 71.22
N GLU H 195 -4.47 56.51 70.54
CA GLU H 195 -3.16 56.55 69.90
C GLU H 195 -3.33 56.58 68.38
N VAL H 196 -2.85 57.65 67.76
CA VAL H 196 -3.06 57.85 66.34
C VAL H 196 -1.83 57.77 65.46
N THR H 197 -1.87 56.86 64.47
CA THR H 197 -0.77 56.73 63.53
C THR H 197 -1.27 56.65 62.10
N HIS H 198 -0.42 56.98 61.15
CA HIS H 198 -0.74 56.80 59.74
C HIS H 198 0.56 56.67 59.00
N GLN H 199 0.49 56.30 57.74
CA GLN H 199 1.71 56.07 56.96
C GLN H 199 2.65 57.27 56.88
N GLY H 200 2.11 58.49 56.86
CA GLY H 200 2.96 59.67 56.74
C GLY H 200 3.29 60.36 58.07
N LEU H 201 2.93 59.79 59.21
CA LEU H 201 3.16 60.48 60.47
C LEU H 201 4.36 60.00 61.25
N SER H 202 5.35 60.88 61.36
CA SER H 202 6.61 60.62 62.05
C SER H 202 6.52 60.79 63.57
N SER H 203 5.42 61.38 64.01
CA SER H 203 5.21 61.69 65.43
C SER H 203 3.79 61.33 65.86
N PRO H 204 3.55 60.10 66.35
CA PRO H 204 2.25 59.58 66.74
C PRO H 204 1.61 60.51 67.73
N VAL H 205 0.30 60.66 67.62
CA VAL H 205 -0.41 61.56 68.49
C VAL H 205 -1.20 60.85 69.57
N THR H 206 -0.93 61.19 70.82
CA THR H 206 -1.67 60.55 71.90
C THR H 206 -2.45 61.58 72.70
N LYS H 207 -3.73 61.29 72.85
CA LYS H 207 -4.65 62.15 73.61
C LYS H 207 -5.33 61.30 74.69
N SER H 208 -5.63 61.90 75.84
CA SER H 208 -6.26 61.13 76.91
C SER H 208 -7.18 61.94 77.81
N PHE H 209 -7.99 61.20 78.58
CA PHE H 209 -8.89 61.78 79.57
C PHE H 209 -9.11 60.82 80.72
N ASN H 210 -9.60 61.34 81.85
CA ASN H 210 -9.88 60.48 82.99
C ASN H 210 -11.31 60.00 82.93
N ARG H 211 -11.59 58.87 83.53
CA ARG H 211 -12.95 58.40 83.52
C ARG H 211 -13.84 59.40 84.25
N GLY H 212 -14.97 59.74 83.62
CA GLY H 212 -15.93 60.68 84.20
C GLY H 212 -15.72 62.11 83.70
N GLU H 213 -14.62 62.33 82.98
CA GLU H 213 -14.29 63.63 82.42
C GLU H 213 -15.13 63.88 81.16
N CYS H 214 -15.37 65.17 80.83
CA CYS H 214 -16.08 65.70 79.65
C CYS H 214 -17.49 65.09 79.55
N GLU I 1 -26.35 56.96 21.37
CA GLU I 1 -26.27 56.82 22.82
C GLU I 1 -27.24 55.71 23.27
N VAL I 2 -26.71 54.65 23.92
CA VAL I 2 -27.47 53.48 24.42
C VAL I 2 -27.36 53.35 25.93
N GLN I 3 -28.51 53.24 26.58
CA GLN I 3 -28.62 53.15 28.04
C GLN I 3 -29.67 52.13 28.48
N LEU I 4 -29.50 51.59 29.67
CA LEU I 4 -30.55 50.74 30.21
C LEU I 4 -31.21 51.39 31.42
N VAL I 5 -32.51 51.18 31.64
CA VAL I 5 -33.14 51.76 32.82
C VAL I 5 -33.85 50.78 33.75
N GLU I 6 -33.36 50.68 35.00
CA GLU I 6 -33.90 49.81 36.04
C GLU I 6 -35.10 50.41 36.73
N SER I 7 -35.99 49.53 37.17
CA SER I 7 -37.11 49.90 38.00
C SER I 7 -37.49 48.73 38.88
N GLY I 8 -38.54 48.92 39.68
CA GLY I 8 -39.02 47.87 40.55
C GLY I 8 -38.23 47.66 41.84
N GLY I 9 -37.50 48.66 42.32
CA GLY I 9 -36.72 48.45 43.54
C GLY I 9 -37.69 48.54 44.72
N GLY I 10 -37.17 48.49 45.95
CA GLY I 10 -38.09 48.46 47.09
C GLY I 10 -37.60 47.60 48.25
N LEU I 11 -38.51 47.34 49.19
CA LEU I 11 -38.21 46.60 50.42
C LEU I 11 -38.91 45.26 50.58
N VAL I 12 -38.11 44.25 50.92
CA VAL I 12 -38.54 42.88 51.16
C VAL I 12 -38.34 42.42 52.61
N GLN I 13 -39.32 41.74 53.18
CA GLN I 13 -39.15 41.21 54.53
C GLN I 13 -38.32 39.93 54.35
N PRO I 14 -37.49 39.47 55.30
CA PRO I 14 -36.75 38.25 55.16
C PRO I 14 -37.67 37.12 54.83
N GLY I 15 -37.31 36.30 53.86
CA GLY I 15 -38.05 35.17 53.37
C GLY I 15 -39.03 35.56 52.26
N GLY I 16 -39.13 36.86 51.98
CA GLY I 16 -40.03 37.41 50.99
C GLY I 16 -39.42 37.53 49.60
N SER I 17 -40.05 38.35 48.76
CA SER I 17 -39.61 38.48 47.38
C SER I 17 -39.83 39.85 46.76
N LEU I 18 -39.08 40.08 45.69
CA LEU I 18 -39.21 41.29 44.88
C LEU I 18 -38.92 41.02 43.40
N ARG I 19 -39.68 41.66 42.52
CA ARG I 19 -39.45 41.51 41.10
C ARG I 19 -38.91 42.79 40.48
N LEU I 20 -37.76 42.68 39.85
CA LEU I 20 -37.12 43.80 39.17
C LEU I 20 -37.38 43.78 37.70
N SER I 21 -37.34 44.96 37.11
CA SER I 21 -37.48 45.07 35.68
C SER I 21 -36.51 46.11 35.16
N CYS I 22 -36.17 46.01 33.85
CA CYS I 22 -35.33 46.98 33.14
C CYS I 22 -35.73 47.05 31.65
N ALA I 23 -35.79 48.28 31.15
CA ALA I 23 -36.08 48.51 29.74
C ALA I 23 -34.83 48.96 29.02
N ALA I 24 -34.67 48.51 27.78
CA ALA I 24 -33.56 48.94 26.96
C ALA I 24 -33.93 50.18 26.17
N SER I 25 -32.97 51.08 25.95
CA SER I 25 -33.20 52.24 25.11
C SER I 25 -32.03 52.53 24.18
N GLY I 26 -32.35 52.72 22.90
CA GLY I 26 -31.35 53.05 21.87
C GLY I 26 -30.84 51.86 21.06
N PHE I 27 -31.20 50.64 21.47
CA PHE I 27 -30.74 49.47 20.73
C PHE I 27 -31.72 48.33 20.86
N ASP I 28 -31.57 47.36 19.95
CA ASP I 28 -32.32 46.11 19.87
C ASP I 28 -31.69 45.02 20.74
N LEU I 29 -32.44 44.47 21.70
CA LEU I 29 -31.90 43.43 22.59
C LEU I 29 -31.50 42.14 21.90
N GLY I 30 -32.09 41.85 20.76
CA GLY I 30 -31.80 40.57 20.15
C GLY I 30 -30.32 40.46 19.82
N GLY I 31 -29.80 39.27 20.01
CA GLY I 31 -28.39 38.99 19.76
C GLY I 31 -27.52 39.07 21.03
N TYR I 32 -28.10 39.61 22.11
CA TYR I 32 -27.40 39.79 23.40
C TYR I 32 -28.12 39.08 24.55
N SER I 33 -27.37 38.66 25.58
CA SER I 33 -28.00 38.20 26.80
C SER I 33 -28.21 39.35 27.70
N MET I 34 -29.26 39.25 28.48
CA MET I 34 -29.58 40.20 29.49
C MET I 34 -29.10 39.67 30.81
N HIS I 35 -28.47 40.52 31.59
CA HIS I 35 -27.87 40.17 32.84
C HIS I 35 -28.27 41.08 33.98
N TRP I 36 -28.30 40.49 35.17
CA TRP I 36 -28.47 41.25 36.39
C TRP I 36 -27.18 41.14 37.19
N VAL I 37 -26.74 42.27 37.74
CA VAL I 37 -25.52 42.38 38.56
C VAL I 37 -25.84 43.08 39.88
N ARG I 38 -25.30 42.57 40.97
CA ARG I 38 -25.55 43.12 42.29
C ARG I 38 -24.36 43.80 42.98
N GLN I 39 -24.64 44.88 43.73
CA GLN I 39 -23.62 45.48 44.59
C GLN I 39 -24.10 45.77 46.01
N ALA I 40 -23.78 44.87 46.94
CA ALA I 40 -24.23 45.03 48.32
C ALA I 40 -23.44 46.18 48.92
N PRO I 41 -23.97 46.94 49.89
CA PRO I 41 -23.22 47.99 50.54
C PRO I 41 -21.92 47.42 51.08
N GLY I 42 -20.81 48.11 50.83
CA GLY I 42 -19.49 47.68 51.29
C GLY I 42 -18.79 46.68 50.36
N LYS I 43 -19.49 46.27 49.29
CA LYS I 43 -18.98 45.28 48.34
C LYS I 43 -18.84 45.86 46.95
N GLY I 44 -18.11 45.14 46.09
CA GLY I 44 -17.97 45.49 44.68
C GLY I 44 -19.04 44.75 43.92
N LEU I 45 -18.89 44.61 42.62
CA LEU I 45 -19.94 43.95 41.83
C LEU I 45 -19.85 42.42 41.90
N GLU I 46 -21.02 41.78 41.86
CA GLU I 46 -21.18 40.33 41.75
C GLU I 46 -22.27 40.04 40.72
N TRP I 47 -22.02 39.19 39.74
CA TRP I 47 -23.08 38.91 38.79
C TRP I 47 -24.13 37.98 39.41
N VAL I 48 -25.40 38.18 39.08
CA VAL I 48 -26.50 37.38 39.61
C VAL I 48 -27.18 36.39 38.65
N ALA I 49 -27.58 36.87 37.48
CA ALA I 49 -28.37 35.99 36.59
C ALA I 49 -28.37 36.48 35.16
N GLY I 50 -28.61 35.59 34.18
CA GLY I 50 -28.77 36.10 32.81
C GLY I 50 -29.36 35.10 31.80
N ILE I 51 -30.04 35.70 30.81
CA ILE I 51 -30.81 35.03 29.73
C ILE I 51 -30.51 35.51 28.33
N TYR I 52 -30.45 34.61 27.37
CA TYR I 52 -30.21 35.09 26.00
C TYR I 52 -31.47 35.61 25.32
N ALA I 53 -31.46 36.88 24.90
CA ALA I 53 -32.65 37.52 24.33
C ALA I 53 -33.18 36.82 23.09
N SER I 54 -32.30 36.26 22.28
CA SER I 54 -32.70 35.59 21.05
C SER I 54 -32.78 34.07 21.17
N GLY I 55 -32.65 33.51 22.38
CA GLY I 55 -32.67 32.03 22.51
C GLY I 55 -33.48 31.50 23.69
N GLY I 56 -33.54 32.24 24.80
CA GLY I 56 -34.31 31.84 25.97
C GLY I 56 -33.52 31.02 26.99
N ALA I 57 -32.30 30.65 26.67
CA ALA I 57 -31.49 29.87 27.60
C ALA I 57 -31.13 30.70 28.80
N THR I 58 -31.14 30.10 29.99
CA THR I 58 -30.77 30.81 31.21
C THR I 58 -29.75 30.09 32.05
N ALA I 59 -29.05 30.87 32.86
CA ALA I 59 -28.19 30.35 33.91
C ALA I 59 -28.08 31.41 35.00
N TYR I 60 -27.73 30.96 36.20
CA TYR I 60 -27.67 31.80 37.40
C TYR I 60 -26.36 31.65 38.16
N ALA I 61 -25.99 32.67 38.94
CA ALA I 61 -24.82 32.60 39.80
C ALA I 61 -25.04 31.59 40.88
N ASP I 62 -23.99 30.89 41.32
CA ASP I 62 -24.15 29.87 42.37
C ASP I 62 -24.84 30.41 43.62
N SER I 63 -24.57 31.65 43.98
CA SER I 63 -25.12 32.28 45.17
C SER I 63 -26.64 32.48 45.16
N VAL I 64 -27.27 32.37 43.99
CA VAL I 64 -28.71 32.53 43.86
C VAL I 64 -29.40 31.32 43.18
N LYS I 65 -28.66 30.22 42.94
CA LYS I 65 -29.29 29.13 42.19
C LYS I 65 -30.43 28.49 42.95
N GLY I 66 -31.55 28.32 42.24
CA GLY I 66 -32.74 27.69 42.77
C GLY I 66 -33.63 28.71 43.49
N ARG I 67 -33.14 29.94 43.61
CA ARG I 67 -33.87 30.98 44.30
C ARG I 67 -34.35 32.06 43.34
N PHE I 68 -33.50 32.43 42.39
CA PHE I 68 -33.84 33.47 41.42
C PHE I 68 -34.31 32.87 40.08
N THR I 69 -35.24 33.57 39.42
CA THR I 69 -35.76 33.23 38.08
C THR I 69 -35.73 34.44 37.13
N ILE I 70 -35.31 34.26 35.88
CA ILE I 70 -35.29 35.39 34.94
C ILE I 70 -36.00 35.17 33.62
N SER I 71 -36.28 36.28 32.94
CA SER I 71 -36.89 36.27 31.63
C SER I 71 -36.51 37.50 30.81
N ALA I 72 -36.77 37.43 29.50
CA ALA I 72 -36.54 38.57 28.61
C ALA I 72 -37.55 38.53 27.48
N ASP I 73 -37.86 39.70 26.95
CA ASP I 73 -38.82 39.86 25.88
C ASP I 73 -38.41 40.91 24.85
N THR I 74 -38.01 40.44 23.66
CA THR I 74 -37.52 41.32 22.60
C THR I 74 -38.62 42.09 21.86
N SER I 75 -39.90 41.73 22.07
CA SER I 75 -40.95 42.50 21.38
C SER I 75 -41.21 43.74 22.24
N LYS I 76 -40.93 43.61 23.53
CA LYS I 76 -41.09 44.71 24.48
C LYS I 76 -39.76 45.43 24.61
N ASN I 77 -38.69 44.70 24.30
CA ASN I 77 -37.30 45.12 24.38
C ASN I 77 -36.94 45.44 25.85
N THR I 78 -37.46 44.57 26.75
CA THR I 78 -37.31 44.62 28.22
C THR I 78 -36.90 43.27 28.82
N ALA I 79 -36.58 43.28 30.13
CA ALA I 79 -36.25 42.05 30.86
C ALA I 79 -36.59 42.13 32.34
N TYR I 80 -36.73 40.94 32.96
CA TYR I 80 -37.11 40.80 34.37
C TYR I 80 -36.29 39.82 35.23
N LEU I 81 -36.26 40.10 36.54
CA LEU I 81 -35.69 39.20 37.57
C LEU I 81 -36.62 39.01 38.76
N GLN I 82 -36.95 37.75 39.02
CA GLN I 82 -37.79 37.35 40.13
C GLN I 82 -36.90 36.86 41.25
N MET I 83 -36.85 37.57 42.35
CA MET I 83 -35.96 37.17 43.44
C MET I 83 -36.72 36.68 44.64
N ASN I 84 -36.75 35.36 44.92
CA ASN I 84 -37.52 34.93 46.07
C ASN I 84 -36.62 34.61 47.26
N SER I 85 -37.23 34.30 48.41
CA SER I 85 -36.52 33.87 49.62
C SER I 85 -35.31 34.73 49.97
N LEU I 86 -35.50 36.04 49.96
CA LEU I 86 -34.42 37.00 50.24
C LEU I 86 -34.07 37.20 51.69
N ARG I 87 -32.81 37.51 51.96
CA ARG I 87 -32.29 37.74 53.31
C ARG I 87 -31.64 39.12 53.39
N ALA I 88 -31.37 39.62 54.60
CA ALA I 88 -30.78 40.95 54.78
C ALA I 88 -29.47 41.13 54.00
N GLU I 89 -28.71 40.07 53.84
CA GLU I 89 -27.45 40.05 53.13
C GLU I 89 -27.60 40.33 51.63
N ASP I 90 -28.82 40.27 51.10
CA ASP I 90 -29.11 40.48 49.69
C ASP I 90 -29.44 41.94 49.43
N THR I 91 -29.32 42.79 50.46
CA THR I 91 -29.51 44.22 50.23
C THR I 91 -28.43 44.66 49.29
N ALA I 92 -28.83 45.28 48.20
CA ALA I 92 -27.88 45.70 47.20
C ALA I 92 -28.49 46.58 46.16
N VAL I 93 -27.64 47.26 45.41
CA VAL I 93 -28.16 47.91 44.23
C VAL I 93 -28.09 46.90 43.11
N TYR I 94 -29.19 46.70 42.43
CA TYR I 94 -29.25 45.76 41.34
C TYR I 94 -29.19 46.55 40.05
N TYR I 95 -28.36 46.08 39.14
CA TYR I 95 -28.13 46.74 37.87
C TYR I 95 -28.52 45.79 36.76
N CYS I 96 -29.01 46.34 35.63
CA CYS I 96 -29.27 45.61 34.40
C CYS I 96 -28.13 45.87 33.42
N ALA I 97 -27.83 44.85 32.64
CA ALA I 97 -26.75 44.91 31.67
C ALA I 97 -26.98 43.97 30.50
N ARG I 98 -26.39 44.24 29.34
CA ARG I 98 -26.51 43.30 28.20
C ARG I 98 -25.16 43.04 27.55
N SER I 99 -24.96 41.81 27.04
CA SER I 99 -23.70 41.46 26.34
C SER I 99 -23.92 40.46 25.20
N TYR I 100 -22.99 40.35 24.26
CA TYR I 100 -23.21 39.41 23.14
C TYR I 100 -23.28 37.92 23.49
N TYR I 101 -24.14 37.23 22.74
CA TYR I 101 -24.33 35.79 22.89
C TYR I 101 -24.68 35.44 24.31
N TYR I 102 -24.13 34.35 24.79
CA TYR I 102 -24.40 33.76 26.06
C TYR I 102 -23.18 33.95 26.96
N GLY I 103 -22.24 34.80 26.52
CA GLY I 103 -21.01 35.01 27.26
C GLY I 103 -19.82 35.28 26.34
N GLY I 104 -18.73 35.75 26.97
CA GLY I 104 -17.46 36.11 26.35
C GLY I 104 -17.31 37.59 26.09
N PHE I 105 -18.39 38.31 26.17
CA PHE I 105 -18.39 39.72 25.92
C PHE I 105 -18.81 40.44 27.19
N GLY I 106 -18.37 41.67 27.36
CA GLY I 106 -18.73 42.41 28.55
C GLY I 106 -20.05 43.09 28.38
N MET I 107 -20.41 43.88 29.37
CA MET I 107 -21.71 44.50 29.37
C MET I 107 -21.87 45.69 28.45
N ASP I 108 -22.06 45.43 27.16
CA ASP I 108 -22.16 46.45 26.13
C ASP I 108 -23.22 47.47 26.50
N TYR I 109 -24.24 47.04 27.21
CA TYR I 109 -25.23 48.00 27.63
C TYR I 109 -25.23 47.91 29.15
N TRP I 110 -25.42 49.04 29.83
CA TRP I 110 -25.41 49.07 31.29
C TRP I 110 -26.37 50.17 31.82
N GLY I 111 -27.04 49.89 32.93
CA GLY I 111 -27.95 50.85 33.54
C GLY I 111 -27.40 51.71 34.70
N GLN I 112 -28.31 52.26 35.51
CA GLN I 112 -27.94 53.16 36.61
C GLN I 112 -28.09 52.50 37.97
N GLY I 113 -28.95 51.50 38.04
CA GLY I 113 -29.23 50.70 39.22
C GLY I 113 -30.42 51.13 40.06
N THR I 114 -30.99 50.17 40.76
CA THR I 114 -32.10 50.45 41.68
C THR I 114 -31.84 49.70 42.99
N LEU I 115 -32.16 50.33 44.12
CA LEU I 115 -31.89 49.70 45.40
C LEU I 115 -33.01 48.81 45.92
N VAL I 116 -32.61 47.61 46.28
CA VAL I 116 -33.44 46.60 46.90
C VAL I 116 -32.89 46.34 48.27
N THR I 117 -33.74 46.47 49.27
CA THR I 117 -33.27 46.22 50.61
C THR I 117 -34.09 45.10 51.17
N VAL I 118 -33.51 44.38 52.11
CA VAL I 118 -34.24 43.31 52.75
C VAL I 118 -34.03 43.50 54.25
N SER I 119 -35.09 43.50 55.06
CA SER I 119 -34.85 43.69 56.50
C SER I 119 -35.95 43.27 57.45
N SER I 120 -35.50 42.79 58.61
CA SER I 120 -36.31 42.39 59.76
C SER I 120 -36.89 43.58 60.54
N ALA I 121 -36.41 44.77 60.24
CA ALA I 121 -36.79 46.00 60.89
C ALA I 121 -37.02 47.05 59.81
N SER I 122 -38.14 46.86 59.11
CA SER I 122 -38.54 47.54 57.89
C SER I 122 -38.83 49.06 57.87
N THR I 123 -39.26 49.64 58.98
CA THR I 123 -39.59 51.07 58.97
C THR I 123 -39.11 51.81 60.21
N LYS I 124 -37.93 52.42 60.17
CA LYS I 124 -37.41 53.08 61.37
C LYS I 124 -36.85 54.49 61.12
N GLY I 125 -37.09 55.38 62.08
CA GLY I 125 -36.47 56.69 62.01
C GLY I 125 -35.12 56.54 62.72
N PRO I 126 -34.28 57.56 62.70
CA PRO I 126 -32.96 57.63 63.31
C PRO I 126 -32.95 57.89 64.80
N SER I 127 -31.82 57.56 65.41
CA SER I 127 -31.46 57.96 66.76
C SER I 127 -30.10 58.65 66.66
N VAL I 128 -30.05 59.95 66.95
CA VAL I 128 -28.80 60.67 66.74
C VAL I 128 -28.19 61.15 68.06
N PHE I 129 -26.93 60.80 68.25
CA PHE I 129 -26.21 61.14 69.47
C PHE I 129 -25.21 62.23 69.15
N PRO I 130 -25.02 63.24 70.01
CA PRO I 130 -24.04 64.30 69.84
C PRO I 130 -22.67 63.80 70.23
N LEU I 131 -21.64 64.42 69.69
CA LEU I 131 -20.26 64.21 70.12
C LEU I 131 -19.66 65.51 70.63
N ALA I 132 -19.37 65.56 71.94
CA ALA I 132 -18.82 66.75 72.61
C ALA I 132 -17.40 66.99 72.09
N PRO I 133 -16.93 68.23 71.93
CA PRO I 133 -15.63 68.58 71.40
C PRO I 133 -14.51 68.29 72.34
N SER I 134 -13.31 68.25 71.79
CA SER I 134 -12.08 68.10 72.51
C SER I 134 -11.78 69.30 73.38
N SER I 135 -11.12 69.04 74.50
CA SER I 135 -10.66 70.03 75.46
C SER I 135 -9.53 70.92 74.92
N LYS I 136 -8.85 70.45 73.88
CA LYS I 136 -7.73 71.14 73.27
C LYS I 136 -7.88 71.27 71.77
N SER I 137 -7.32 72.34 71.20
CA SER I 137 -7.30 72.52 69.76
C SER I 137 -6.20 71.68 69.12
N THR I 138 -6.27 71.59 67.80
CA THR I 138 -5.33 70.86 66.97
C THR I 138 -4.62 71.77 65.98
N SER I 139 -3.72 71.19 65.18
CA SER I 139 -2.97 71.97 64.21
C SER I 139 -3.96 72.71 63.32
N GLY I 140 -3.65 73.98 63.06
CA GLY I 140 -4.51 74.84 62.24
C GLY I 140 -5.41 75.70 63.12
N GLY I 141 -5.45 75.38 64.44
CA GLY I 141 -6.25 76.10 65.41
C GLY I 141 -7.69 75.61 65.48
N THR I 142 -7.96 74.47 64.85
CA THR I 142 -9.28 73.91 64.79
C THR I 142 -9.72 73.07 65.96
N ALA I 143 -11.02 72.83 65.96
CA ALA I 143 -11.76 72.02 66.91
C ALA I 143 -12.93 71.43 66.14
N ALA I 144 -13.56 70.41 66.68
CA ALA I 144 -14.66 69.85 65.93
C ALA I 144 -15.78 69.37 66.82
N LEU I 145 -16.96 69.37 66.23
CA LEU I 145 -18.20 68.85 66.82
C LEU I 145 -18.73 67.77 65.91
N GLY I 146 -19.43 66.81 66.45
CA GLY I 146 -20.00 65.81 65.56
C GLY I 146 -21.20 65.09 66.12
N CYS I 147 -21.62 64.02 65.41
CA CYS I 147 -22.77 63.19 65.73
C CYS I 147 -22.60 61.75 65.24
N LEU I 148 -23.39 60.88 65.83
CA LEU I 148 -23.50 59.49 65.43
C LEU I 148 -24.92 59.25 65.03
N VAL I 149 -25.13 58.72 63.84
CA VAL I 149 -26.49 58.49 63.35
C VAL I 149 -26.75 56.98 63.31
N LYS I 150 -27.63 56.51 64.17
CA LYS I 150 -27.83 55.07 64.28
C LYS I 150 -29.26 54.58 64.06
N ASP I 151 -29.34 53.30 63.70
CA ASP I 151 -30.57 52.53 63.60
C ASP I 151 -31.74 53.09 62.78
N TYR I 152 -31.48 53.53 61.56
CA TYR I 152 -32.56 54.03 60.68
C TYR I 152 -32.76 53.10 59.49
N PHE I 153 -33.94 53.10 58.88
CA PHE I 153 -34.13 52.21 57.73
C PHE I 153 -35.36 52.50 56.89
N PRO I 154 -35.25 52.44 55.54
CA PRO I 154 -34.13 52.21 54.61
C PRO I 154 -33.21 53.39 54.29
N GLU I 155 -32.10 53.04 53.62
CA GLU I 155 -31.07 53.90 53.01
C GLU I 155 -31.61 54.27 51.61
N PRO I 156 -31.18 55.38 50.97
CA PRO I 156 -30.21 56.45 51.29
C PRO I 156 -30.52 57.45 52.38
N VAL I 157 -29.47 57.92 53.05
CA VAL I 157 -29.58 59.04 53.99
C VAL I 157 -28.63 60.16 53.61
N THR I 158 -29.10 61.39 53.70
CA THR I 158 -28.23 62.54 53.45
C THR I 158 -27.91 63.27 54.74
N VAL I 159 -26.63 63.50 55.00
CA VAL I 159 -26.24 64.19 56.22
C VAL I 159 -25.43 65.45 55.95
N SER I 160 -25.82 66.52 56.62
CA SER I 160 -25.17 67.83 56.53
C SER I 160 -25.31 68.57 57.85
N TRP I 161 -24.68 69.75 57.99
CA TRP I 161 -24.73 70.48 59.26
C TRP I 161 -25.43 71.84 59.22
N ASN I 162 -25.61 72.47 60.38
CA ASN I 162 -26.29 73.76 60.49
C ASN I 162 -27.63 73.71 59.79
N SER I 163 -28.36 72.64 60.04
CA SER I 163 -29.69 72.40 59.50
C SER I 163 -29.73 72.45 57.97
N GLY I 164 -28.62 72.05 57.33
CA GLY I 164 -28.50 71.98 55.88
C GLY I 164 -27.68 73.11 55.27
N ALA I 165 -27.40 74.16 56.05
CA ALA I 165 -26.62 75.29 55.56
C ALA I 165 -25.09 75.09 55.56
N LEU I 166 -24.56 74.14 56.34
CA LEU I 166 -23.12 74.00 56.47
C LEU I 166 -22.59 72.71 55.81
N THR I 167 -21.74 72.93 54.80
CA THR I 167 -21.07 71.86 54.04
C THR I 167 -19.55 72.06 54.20
N SER I 168 -19.18 73.25 54.66
CA SER I 168 -17.79 73.62 54.80
C SER I 168 -17.20 72.96 56.03
N GLY I 169 -16.14 72.20 55.83
CA GLY I 169 -15.52 71.49 56.95
C GLY I 169 -16.26 70.19 57.27
N VAL I 170 -17.22 69.82 56.42
CA VAL I 170 -18.01 68.63 56.71
C VAL I 170 -17.46 67.34 56.13
N HIS I 171 -17.33 66.38 57.03
CA HIS I 171 -16.85 65.04 56.72
C HIS I 171 -17.92 64.03 57.13
N THR I 172 -18.60 63.44 56.15
CA THR I 172 -19.65 62.47 56.44
C THR I 172 -19.25 61.10 56.01
N PHE I 173 -19.41 60.15 56.89
CA PHE I 173 -19.06 58.77 56.68
C PHE I 173 -20.21 58.11 55.93
N PRO I 174 -19.97 57.11 55.07
CA PRO I 174 -20.99 56.39 54.33
C PRO I 174 -21.77 55.53 55.28
N ALA I 175 -23.01 55.26 54.93
CA ALA I 175 -23.81 54.38 55.74
C ALA I 175 -23.53 52.93 55.43
N VAL I 176 -23.61 52.10 56.46
CA VAL I 176 -23.46 50.67 56.33
C VAL I 176 -24.61 49.98 57.03
N LEU I 177 -24.87 48.72 56.67
CA LEU I 177 -25.96 48.00 57.32
C LEU I 177 -25.43 47.25 58.55
N GLN I 178 -26.14 47.41 59.66
CA GLN I 178 -25.85 46.81 60.96
C GLN I 178 -26.65 45.54 61.19
N SER I 179 -26.20 44.73 62.17
CA SER I 179 -26.84 43.47 62.54
C SER I 179 -28.26 43.64 63.09
N SER I 180 -28.60 44.88 63.46
CA SER I 180 -29.90 45.26 63.96
C SER I 180 -30.95 45.24 62.85
N GLY I 181 -30.49 45.21 61.58
CA GLY I 181 -31.34 45.23 60.40
C GLY I 181 -31.53 46.66 59.94
N LEU I 182 -30.87 47.56 60.65
CA LEU I 182 -30.92 48.98 60.42
C LEU I 182 -29.56 49.54 59.99
N TYR I 183 -29.56 50.72 59.38
CA TYR I 183 -28.34 51.39 58.91
C TYR I 183 -27.75 52.40 59.89
N SER I 184 -26.43 52.63 59.78
CA SER I 184 -25.76 53.65 60.59
C SER I 184 -24.60 54.34 59.87
N LEU I 185 -24.29 55.56 60.33
CA LEU I 185 -23.20 56.42 59.82
C LEU I 185 -22.85 57.48 60.85
N SER I 186 -21.83 58.29 60.58
CA SER I 186 -21.45 59.37 61.49
C SER I 186 -20.86 60.57 60.76
N SER I 187 -20.76 61.72 61.45
CA SER I 187 -20.16 62.88 60.81
C SER I 187 -19.61 63.96 61.77
N VAL I 188 -18.71 64.77 61.23
CA VAL I 188 -18.15 65.93 61.92
C VAL I 188 -18.06 67.20 61.12
N VAL I 189 -17.90 68.30 61.86
CA VAL I 189 -17.55 69.58 61.27
C VAL I 189 -16.25 70.08 61.91
N THR I 190 -15.20 70.30 61.09
CA THR I 190 -13.94 70.81 61.66
C THR I 190 -13.67 72.23 61.17
N VAL I 191 -13.64 73.16 62.13
CA VAL I 191 -13.48 74.59 61.93
C VAL I 191 -12.51 75.19 62.95
N PRO I 192 -12.00 76.43 62.76
CA PRO I 192 -11.21 77.13 63.77
C PRO I 192 -12.07 77.05 65.02
N SER I 193 -11.44 76.75 66.16
CA SER I 193 -12.19 76.48 67.37
C SER I 193 -13.09 77.55 67.92
N SER I 194 -12.81 78.82 67.65
CA SER I 194 -13.68 79.85 68.20
C SER I 194 -15.06 79.83 67.53
N SER I 195 -15.13 79.20 66.35
CA SER I 195 -16.37 79.16 65.59
C SER I 195 -17.33 78.17 66.22
N LEU I 196 -16.85 77.28 67.08
CA LEU I 196 -17.77 76.29 67.60
C LEU I 196 -18.76 76.92 68.57
N GLY I 197 -18.41 78.05 69.18
CA GLY I 197 -19.32 78.70 70.12
C GLY I 197 -20.09 79.83 69.46
N THR I 198 -19.96 79.97 68.13
CA THR I 198 -20.58 81.08 67.41
C THR I 198 -21.63 80.58 66.42
N GLN I 199 -21.23 79.61 65.61
CA GLN I 199 -22.09 79.03 64.58
C GLN I 199 -22.98 77.94 65.17
N THR I 200 -24.11 77.68 64.52
CA THR I 200 -25.00 76.60 64.91
C THR I 200 -24.64 75.29 64.22
N TYR I 201 -24.51 74.23 64.99
CA TYR I 201 -24.13 72.94 64.41
C TYR I 201 -25.16 71.86 64.69
N ILE I 202 -26.23 71.88 63.91
CA ILE I 202 -27.28 70.90 64.04
C ILE I 202 -27.07 69.82 62.99
N CYS I 203 -26.95 68.55 63.43
CA CYS I 203 -26.73 67.36 62.59
C CYS I 203 -28.06 67.12 61.89
N ASN I 204 -28.05 67.41 60.60
CA ASN I 204 -29.21 67.35 59.75
C ASN I 204 -29.26 66.03 59.07
N VAL I 205 -30.15 65.16 59.52
CA VAL I 205 -30.17 63.86 58.90
C VAL I 205 -31.51 63.68 58.19
N ASN I 206 -31.43 63.61 56.86
CA ASN I 206 -32.59 63.52 55.97
C ASN I 206 -32.87 62.10 55.50
N HIS I 207 -34.09 61.63 55.70
CA HIS I 207 -34.43 60.26 55.30
C HIS I 207 -35.66 60.21 54.42
N LYS I 208 -35.55 60.67 53.18
CA LYS I 208 -36.71 60.64 52.33
C LYS I 208 -37.33 59.22 52.24
N PRO I 209 -36.54 58.11 52.12
CA PRO I 209 -37.03 56.73 52.03
C PRO I 209 -37.87 56.23 53.21
N SER I 210 -37.77 56.89 54.38
CA SER I 210 -38.54 56.46 55.55
C SER I 210 -39.51 57.57 55.97
N ASN I 211 -39.64 58.60 55.12
CA ASN I 211 -40.48 59.77 55.31
C ASN I 211 -40.19 60.55 56.59
N THR I 212 -38.91 60.67 56.98
CA THR I 212 -38.62 61.43 58.20
C THR I 212 -37.39 62.31 58.12
N LYS I 213 -37.18 63.06 59.21
CA LYS I 213 -36.07 63.99 59.36
C LYS I 213 -35.75 64.24 60.84
N VAL I 214 -34.46 64.29 61.17
CA VAL I 214 -34.07 64.67 62.54
C VAL I 214 -33.09 65.82 62.57
N ASP I 215 -33.35 66.76 63.47
CA ASP I 215 -32.47 67.91 63.70
C ASP I 215 -31.84 67.80 65.07
N LYS I 216 -30.58 67.37 65.13
CA LYS I 216 -29.95 67.17 66.44
C LYS I 216 -28.85 68.18 66.75
N LYS I 217 -29.11 69.07 67.70
CA LYS I 217 -28.15 70.12 68.01
C LYS I 217 -26.95 69.62 68.77
N VAL I 218 -25.76 69.99 68.27
CA VAL I 218 -24.51 69.66 68.89
C VAL I 218 -23.84 70.98 69.22
N GLU I 219 -23.37 71.14 70.45
CA GLU I 219 -22.76 72.40 70.84
C GLU I 219 -21.60 72.08 71.75
N PRO I 220 -20.62 72.97 71.89
CA PRO I 220 -19.50 72.78 72.77
C PRO I 220 -19.92 72.79 74.22
N LYS I 221 -19.23 71.96 74.99
CA LYS I 221 -19.41 71.79 76.42
C LYS I 221 -18.06 71.92 77.05
N SER I 222 -18.01 72.28 78.33
CA SER I 222 -16.71 72.29 78.98
C SER I 222 -16.18 70.86 78.90
N CYS I 223 -14.87 70.69 78.62
CA CYS I 223 -14.19 69.40 78.48
C CYS I 223 -12.74 69.60 78.90
C1 NAG J . 33.46 -20.26 28.78
C2 NAG J . 34.80 -20.23 29.48
C3 NAG J . 35.48 -21.57 29.30
C4 NAG J . 34.53 -22.77 29.47
C5 NAG J . 33.04 -22.50 29.24
C6 NAG J . 32.18 -23.41 30.10
C7 NAG J . 36.00 -18.12 29.64
C8 NAG J . 35.53 -18.06 31.07
N2 NAG J . 35.62 -19.18 28.92
O3 NAG J . 36.54 -21.68 30.25
O4 NAG J . 34.95 -23.76 28.53
O5 NAG J . 32.65 -21.16 29.51
O6 NAG J . 32.90 -23.74 31.31
O7 NAG J . 36.69 -17.23 29.16
C1 NAG J . 35.56 -24.84 29.24
C2 NAG J . 35.30 -26.15 28.50
C3 NAG J . 35.96 -27.32 29.24
C4 NAG J . 37.37 -27.01 29.74
C5 NAG J . 37.48 -25.59 30.32
C6 NAG J . 38.92 -25.21 30.63
C7 NAG J . 33.16 -25.96 27.35
C8 NAG J . 31.71 -26.32 27.38
N2 NAG J . 33.88 -26.42 28.37
O3 NAG J . 36.00 -28.45 28.34
O4 NAG J . 37.72 -27.95 30.76
O5 NAG J . 36.96 -24.66 29.38
O6 NAG J . 39.71 -25.39 29.44
O7 NAG J . 33.63 -25.28 26.46
C1 BMA J . 38.72 -28.86 30.25
C2 BMA J . 39.71 -29.19 31.36
C3 BMA J . 40.75 -30.20 30.89
C4 BMA J . 40.10 -31.38 30.16
C5 BMA J . 39.09 -30.89 29.13
C6 BMA J . 38.37 -32.06 28.46
O2 BMA J . 39.01 -29.71 32.49
O3 BMA J . 41.49 -30.69 32.01
O4 BMA J . 41.11 -32.16 29.52
O5 BMA J . 38.13 -30.06 29.77
O6 BMA J . 37.00 -31.72 28.28
C1 NAG K . -33.28 -32.60 -26.60
C2 NAG K . -32.59 -33.12 -27.87
C3 NAG K . -33.57 -33.30 -29.01
C4 NAG K . -34.53 -34.36 -28.49
C5 NAG K . -35.37 -33.56 -27.52
C6 NAG K . -36.63 -34.29 -27.10
C7 NAG K . -30.34 -32.95 -28.68
C8 NAG K . -29.22 -32.09 -29.17
N2 NAG K . -31.46 -32.32 -28.33
O3 NAG K . -32.90 -33.68 -30.22
O4 NAG K . -35.31 -34.97 -29.54
O5 NAG K . -34.57 -33.22 -26.38
O6 NAG K . -37.72 -33.88 -27.94
O7 NAG K . -30.24 -34.17 -28.61
C1 NAG K . -34.72 -36.26 -29.84
C2 NAG K . -35.77 -37.24 -30.31
C3 NAG K . -35.16 -38.59 -30.72
C4 NAG K . -33.97 -38.38 -31.65
C5 NAG K . -33.03 -37.34 -31.06
C6 NAG K . -31.79 -37.08 -31.90
C7 NAG K . -38.03 -36.99 -29.49
C8 NAG K . -39.00 -37.25 -28.38
N2 NAG K . -36.79 -37.44 -29.29
O3 NAG K . -36.16 -39.38 -31.36
O4 NAG K . -33.29 -39.63 -31.83
O5 NAG K . -33.75 -36.13 -30.88
O6 NAG K . -32.19 -36.53 -33.16
O7 NAG K . -38.34 -36.39 -30.51
C1 BMA K . -33.32 -40.01 -33.22
C2 BMA K . -33.71 -41.48 -33.36
C3 BMA K . -33.78 -41.89 -34.83
C4 BMA K . -34.57 -40.89 -35.65
C5 BMA K . -34.11 -39.46 -35.38
C6 BMA K . -34.94 -38.44 -36.14
O2 BMA K . -34.97 -41.71 -32.74
O3 BMA K . -34.38 -43.18 -34.93
O4 BMA K . -34.41 -41.18 -37.04
O5 BMA K . -34.21 -39.20 -33.98
O6 BMA K . -35.21 -37.33 -35.28
C1 NAG L . -48.62 -25.93 -13.24
C2 NAG L . -47.23 -26.19 -13.82
C3 NAG L . -46.92 -25.11 -14.82
C4 NAG L . -47.85 -25.32 -16.00
C5 NAG L . -49.32 -25.33 -15.55
C6 NAG L . -50.05 -26.59 -16.02
C7 NAG L . -45.46 -27.32 -12.62
C8 NAG L . -45.71 -28.46 -13.56
N2 NAG L . -46.22 -26.24 -12.79
O3 NAG L . -45.54 -25.18 -15.22
O4 NAG L . -47.65 -24.30 -16.98
O5 NAG L . -49.46 -25.16 -14.13
O6 NAG L . -51.36 -26.63 -15.45
O7 NAG L . -44.61 -27.37 -11.76
C1 NAG L . -47.13 -24.92 -18.16
C2 NAG L . -47.61 -24.19 -19.40
C3 NAG L . -47.02 -24.79 -20.67
C4 NAG L . -45.53 -25.07 -20.54
C5 NAG L . -45.22 -25.78 -19.22
C6 NAG L . -43.73 -26.02 -19.05
C7 NAG L . -49.80 -23.19 -19.14
C8 NAG L . -51.28 -23.39 -19.25
N2 NAG L . -49.05 -24.24 -19.46
O3 NAG L . -47.25 -23.90 -21.77
O4 NAG L . -45.09 -25.88 -21.63
O5 NAG L . -45.70 -24.99 -18.15
O6 NAG L . -43.41 -25.99 -17.65
O7 NAG L . -49.31 -22.14 -18.77
C1 NAG M . -10.00 -48.17 -32.04
C2 NAG M . -11.13 -47.51 -32.81
C3 NAG M . -11.52 -48.30 -34.05
C4 NAG M . -10.29 -48.72 -34.85
C5 NAG M . -9.25 -49.36 -33.94
C6 NAG M . -8.00 -49.74 -34.71
C7 NAG M . -12.59 -46.29 -31.24
C8 NAG M . -13.85 -46.35 -30.45
N2 NAG M . -12.31 -47.38 -31.97
O3 NAG M . -12.37 -47.50 -34.88
O4 NAG M . -10.67 -49.65 -35.86
O5 NAG M . -8.90 -48.43 -32.92
O6 NAG M . -6.90 -48.92 -34.27
O7 NAG M . -11.85 -45.31 -31.22
C1 NAG N . 19.38 -9.99 44.06
C2 NAG N . 19.60 -10.93 42.88
C3 NAG N . 18.52 -12.00 42.88
C4 NAG N . 18.48 -12.69 44.24
C5 NAG N . 18.43 -11.69 45.38
C6 NAG N . 18.56 -12.40 46.72
C7 NAG N . 20.75 -9.97 40.97
C8 NAG N . 20.62 -9.22 39.68
N2 NAG N . 19.61 -10.20 41.63
O3 NAG N . 18.79 -12.96 41.86
O4 NAG N . 17.31 -13.52 44.31
O5 NAG N . 19.49 -10.74 45.26
O6 NAG N . 19.58 -13.42 46.61
O7 NAG N . 21.82 -10.36 41.38
C1 NAG O . -17.57 10.10 -50.46
C2 NAG O . -16.81 9.66 -51.70
C3 NAG O . -17.74 9.62 -52.90
C4 NAG O . -19.01 8.84 -52.59
C5 NAG O . -19.61 9.29 -51.26
C6 NAG O . -20.82 8.42 -50.90
C7 NAG O . -14.44 10.17 -51.67
C8 NAG O . -13.36 11.16 -51.96
N2 NAG O . -15.68 10.54 -51.93
O3 NAG O . -17.06 9.00 -54.00
O4 NAG O . -19.97 9.04 -53.63
O5 NAG O . -18.64 9.19 -50.22
O6 NAG O . -22.02 9.13 -51.22
O7 NAG O . -14.18 9.06 -51.22
C1 NAG P . -12.68 -21.55 -46.63
C2 NAG P . -12.38 -22.17 -45.27
C3 NAG P . -12.45 -23.69 -45.31
C4 NAG P . -13.73 -24.16 -46.00
C5 NAG P . -13.92 -23.44 -47.33
C6 NAG P . -15.23 -23.86 -47.98
C7 NAG P . -10.91 -21.05 -43.71
C8 NAG P . -9.50 -20.70 -43.37
N2 NAG P . -11.06 -21.77 -44.82
O3 NAG P . -12.42 -24.20 -43.97
O4 NAG P . -13.66 -25.57 -46.22
O5 NAG P . -13.93 -22.03 -47.10
O6 NAG P . -15.18 -23.52 -49.37
O7 NAG P . -11.85 -20.72 -43.03
C1 NAG Q . 43.34 26.34 33.35
C2 NAG Q . 42.37 26.62 34.49
C3 NAG Q . 40.94 26.78 33.96
C4 NAG Q . 40.90 27.76 32.80
C5 NAG Q . 41.97 27.43 31.77
C6 NAG Q . 41.99 28.46 30.65
C7 NAG Q . 42.95 25.76 36.68
C8 NAG Q . 42.94 24.57 37.60
N2 NAG Q . 42.41 25.56 35.47
O3 NAG Q . 40.09 27.23 35.02
O4 NAG Q . 39.61 27.72 32.18
O5 NAG Q . 43.25 27.39 32.40
O6 NAG Q . 43.31 28.98 30.51
O7 NAG Q . 43.41 26.84 37.00
C1 NAG R . 51.62 18.60 4.52
C2 NAG R . 50.51 19.18 5.40
C3 NAG R . 49.75 20.19 4.56
C4 NAG R . 50.71 21.25 4.04
C5 NAG R . 51.96 20.65 3.40
C6 NAG R . 53.01 21.72 3.14
C7 NAG R . 49.79 17.67 7.17
C8 NAG R . 48.79 16.62 7.58
N2 NAG R . 49.63 18.16 5.94
O3 NAG R . 48.73 20.80 5.36
O4 NAG R . 50.03 22.08 3.09
O5 NAG R . 52.53 19.65 4.23
O6 NAG R . 54.06 21.57 4.10
O7 NAG R . 50.67 18.05 7.92
C1 NAG S . 51.99 -19.73 9.76
C2 NAG S . 51.31 -20.58 10.81
C3 NAG S . 52.39 -21.23 11.66
C4 NAG S . 53.35 -22.02 10.79
C5 NAG S . 53.85 -21.18 9.62
C6 NAG S . 54.66 -22.03 8.65
C7 NAG S . 49.09 -19.85 11.43
C8 NAG S . 48.27 -19.00 12.36
N2 NAG S . 50.41 -19.81 11.63
O3 NAG S . 51.79 -22.09 12.64
O4 NAG S . 54.47 -22.44 11.58
O5 NAG S . 52.75 -20.60 8.91
O6 NAG S . 54.07 -23.34 8.59
O7 NAG S . 48.59 -20.51 10.54
#